data_6QXE
#
_entry.id   6QXE
#
_cell.length_a   1
_cell.length_b   1
_cell.length_c   1
_cell.angle_alpha   90
_cell.angle_beta   90
_cell.angle_gamma   90
#
_symmetry.space_group_name_H-M   'P 1'
#
loop_
_entity.id
_entity.type
_entity.pdbx_description
1 polymer Nb8205
2 polymer 'Polymerase acidic protein'
3 polymer 'RNA-directed RNA polymerase catalytic subunit'
4 polymer 'Polymerase basic protein 2'
5 polymer "RNA (5'-R(P*AP*GP*CP*AP*AP*AP*AP*GP*CP*AP*GP*G)-3')"
#
loop_
_entity_poly.entity_id
_entity_poly.type
_entity_poly.pdbx_seq_one_letter_code
_entity_poly.pdbx_strand_id
1 'polypeptide(L)'
;QVQLQESGGGMVQPGGSLRLSCLASGFTFSNYAMTWVRQAPGKGPEWVSMVSNNGADTTYTDSVKGRFTISRDNAKNTLY
LRMNNVKPEDSAVYYCAKRRYGGIWTGQPTDYDYLGQGTVTVSSHHHHHHEPEA
;
M,O
2 'polypeptide(L)'
;MEDFVRQCFNPMIVELAEKAMKEYGEDLKIETNKFAAICTHLEVCFMYSDFHFINEQGESIVVELDDPNALLKHRFEIIE
GRDRTMAWTVVNSICNTTGAEKPKFLPDLYDYKENRFIEIGVTRREVHIYYLEKANKIKSENTHIHIFSFTGEEMATKAD
YTLDEESRARIKTRLFTIRQEMANRGLWDSFRQSERGEETIEERFEITGTMRRLADQSLPPNFSCLENFRAYVDGFEPNG
YIEGKLSQMSKEVNAKIEPFLKTTPRPIRLPDGPPCFQRSKFLLMDALKLSIEDPSHEGEGIPLYDAIKCMRTFFGWKEP
YIVKPHEKGINPNYLLSWKQVLAELQDIENEEKIPRTKNMKKTSQLKWALGENMAPEKVDFDNCRDVSDLKQYDSDEPEL
RSLSSWIQNEFNKACELTDSTWIELDEIGEDVAPIEYIASMRRNYFTAEVSHCRATEYIMKGVYINTALLNASCAAMDDF
QLIPMISKCRTKEGRRKTNLYGFIIKGRSHLRNDTDVVNFVSMEFSLTDPRLEPHKWEKYCVLEIGDMLLRSAIGQMSRP
MFLYVRTNGTSKIKMKWGMEMRRCLLQSLQQIESMIEAESSVKEKDMTKEFFENKSETWPIGESPKGVEDGSIGKVCRTL
LAKSVFNSLYASPQLEGFSAESRKLLLVVQALRDNLEPGTFDLEGLYEAIEECLINDPWVLLNASWFNSFLTHALR
;
A,E
3 'polypeptide(L)'
;MDVNPTLLFLKVPAQNAISTTFPYTGDPPYSHGTGTGYTMDTVNRTHQYSEKGKWTTNTETGAPQLNPIDGPLPEDNEPS
GYAQTDCVLEAMAFLEESHPGIFENSCLETMEVVQQTRVDRLTQGRQTYDWTLNRNQPAATALANTIEVFRSNGLTANES
GRLIDFLKDVMESMDKEEMEITTHFQRKRRVRDNMTKKMVTQRTIGKKKQRVNKRSYLIRALTLNTMTKDAERGKLKRRA
IATPGMQIRGFVYFVETLARSICEKLEQSGLPVGGNEKKAKLANVVRKMMTNSQDTELSFTITGDNTKWNENQNPRMFLA
MITYITKNQPEWFRNVLSIAPIMFSNKMARLGKGYMFESKSMKLRTQIPAEMLASIDLKYFNESTRKKIEKIRPLLIDGT
ASLSPGMMMGMFNMLSTVLGVSILNLGQKRYTKTTYWWDGLQSSDDFALIVNAPNHEGIQAGVDRFYRTCKLVGINMSKK
KSYINRTGTFEFTSFFYRYGFVANFSMELPSFGVSGINESADMSIGVTVIKNNMINNDLGPATAQMALQLFIKDYRYTYR
CHRGDTQIQTRRSFELKKLWEQTRSKAGLLVSDGGPNLYNIRNLHIPEVCLKWELMDEDYQGRLCNPLNPFVSHKEIESV
NNAVVMPAHGPAKSMEYDAVATTHSWIPKRNRSILNTSQRGILEDEQMYQKCCNLFEKFFPSSSYRRPVGISSMVEAMVS
RARIDARIDFESGRIKKEEFAEIMKICSTIEELRRQK
;
B,F
4 'polypeptide(L)'
;MERIKELRNLMSQSRTREILTKTTVDHMAIIKKYTSGRQEKNPSLRMKWMMAMKYPITADKRITEMVPERNEQGQTLWSK
MSDAGSDRVMVSPLAVTWWNRNGPMTSTVHYPKVYKTYFEKVERLKHGTFGPVHFRNQVKIRRRVDINPGHADLSAKEAQ
DVIMEVVFPNEVGARILTSESQLTITKEKKEELQDCKISPLMVAYMLERELVRKTRFLPVAGGTSSVYIEVLHLTQGTCW
EQMYTPGGEVRNDDVDQSLIIAARNIVRRAAVSADPLASLLEMCHSTQIGGTRMVDILRQNPTEEQAVDICKAAMGLRIS
SSFSFGGFTFKRTSGSSIKREEELLTGNLQTLKIRVHDGYEEFTMVGKRATAILRKATRRLVQLIVSGRDEQSVAEAIIV
AMVFSQEDCMIKAVRGDLNFVNRANQRLNPMHQLLRHFQKDAKVLFQNWGIEHIDNVMGMIGVLPDMTPSTEMSMRGIRV
SKMGVDEYSSTERVVVSIDRFLRVRDQRGNVLLSPEEVSETQGTEKLTITYSSSMMWEINGPESVLVNTYQWIIRNWETV
KIQWSQNPTMLYNKMEFEPFQSLVPKAIRGQYSGFVRTLFQQMRDVLGTFDTTQIIKLLPFAAAPPKQSRMQFSSLTVNV
RGSGMRILVRGNSPAFNYNKTTKRLTILGKDAGTLIEDPDEGTSGVESAVLRGFLILGKEDRRYGPALSINELSNLAKGE
KANVLIGQGDVVLVMKRKRDSSILTDSQTATKRIRMAIN
;
C,G
5 'polyribonucleotide' (P)AGCAAAAGCAGGCC D,H
#
# COMPACT_ATOMS: atom_id res chain seq x y z
N GLN A 1 47.71 -5.60 25.57
CA GLN A 1 46.85 -4.73 26.36
C GLN A 1 45.62 -4.32 25.55
N VAL A 2 44.57 -3.86 26.24
CA VAL A 2 43.31 -3.55 25.57
C VAL A 2 43.49 -2.31 24.72
N GLN A 3 43.25 -2.47 23.41
CA GLN A 3 43.27 -1.36 22.47
C GLN A 3 42.22 -1.64 21.39
N LEU A 4 41.54 -0.58 20.97
CA LEU A 4 40.49 -0.64 19.96
C LEU A 4 40.88 0.30 18.82
N GLN A 5 41.27 -0.28 17.69
CA GLN A 5 41.60 0.50 16.51
C GLN A 5 40.54 0.26 15.45
N GLU A 6 39.88 1.33 15.03
CA GLU A 6 38.80 1.26 14.06
C GLU A 6 39.25 1.89 12.75
N SER A 7 38.53 1.55 11.69
CA SER A 7 38.85 2.04 10.35
C SER A 7 37.66 1.73 9.44
N GLY A 8 37.84 2.01 8.15
CA GLY A 8 36.80 1.83 7.15
C GLY A 8 36.05 3.10 6.83
N GLY A 9 36.27 4.17 7.60
CA GLY A 9 35.57 5.41 7.38
C GLY A 9 36.17 6.24 6.25
N GLY A 10 35.43 7.28 5.89
CA GLY A 10 35.89 8.20 4.87
C GLY A 10 34.77 9.13 4.46
N MET A 11 35.02 9.87 3.38
CA MET A 11 34.00 10.71 2.78
C MET A 11 33.04 9.86 1.96
N VAL A 12 31.76 10.21 2.01
CA VAL A 12 30.71 9.58 1.21
C VAL A 12 29.72 10.67 0.80
N GLN A 13 28.75 10.30 -0.02
CA GLN A 13 27.68 11.21 -0.40
C GLN A 13 26.38 10.88 0.31
N PRO A 14 25.51 11.85 0.52
CA PRO A 14 24.25 11.60 1.26
C PRO A 14 23.39 10.55 0.58
N GLY A 15 22.86 9.63 1.40
CA GLY A 15 22.09 8.52 0.89
C GLY A 15 22.90 7.31 0.48
N GLY A 16 24.17 7.25 0.84
CA GLY A 16 25.05 6.17 0.50
C GLY A 16 25.18 5.15 1.61
N SER A 17 26.33 4.47 1.63
CA SER A 17 26.58 3.42 2.61
C SER A 17 28.01 3.52 3.11
N LEU A 18 28.26 2.83 4.22
CA LEU A 18 29.59 2.78 4.81
C LEU A 18 29.67 1.54 5.71
N ARG A 19 30.88 0.98 5.79
CA ARG A 19 31.11 -0.26 6.54
C ARG A 19 32.26 -0.01 7.50
N LEU A 20 31.94 0.25 8.77
CA LEU A 20 32.93 0.57 9.78
C LEU A 20 33.39 -0.70 10.48
N SER A 21 34.71 -0.84 10.63
CA SER A 21 35.31 -2.00 11.26
C SER A 21 36.06 -1.56 12.52
N CYS A 22 36.05 -2.43 13.53
CA CYS A 22 36.72 -2.16 14.80
C CYS A 22 37.46 -3.42 15.23
N LEU A 23 38.78 -3.32 15.34
CA LEU A 23 39.62 -4.41 15.81
C LEU A 23 40.02 -4.17 17.25
N ALA A 24 39.72 -5.14 18.11
CA ALA A 24 40.04 -5.07 19.53
C ALA A 24 41.08 -6.12 19.88
N SER A 25 42.03 -5.75 20.73
CA SER A 25 43.05 -6.70 21.18
C SER A 25 43.37 -6.44 22.64
N GLY A 26 43.79 -7.50 23.34
CA GLY A 26 44.24 -7.39 24.71
C GLY A 26 43.35 -8.02 25.75
N PHE A 27 42.12 -8.39 25.42
CA PHE A 27 41.19 -8.95 26.40
C PHE A 27 40.41 -10.10 25.78
N THR A 28 39.53 -10.70 26.58
CA THR A 28 38.66 -11.78 26.12
C THR A 28 37.50 -11.15 25.36
N PHE A 29 37.49 -11.31 24.04
CA PHE A 29 36.54 -10.58 23.21
C PHE A 29 35.13 -11.16 23.32
N SER A 30 35.00 -12.48 23.20
CA SER A 30 33.69 -13.13 23.13
C SER A 30 32.85 -12.92 24.39
N ASN A 31 33.44 -12.41 25.47
CA ASN A 31 32.71 -12.30 26.73
C ASN A 31 31.95 -11.00 26.88
N TYR A 32 32.48 -9.89 26.33
CA TYR A 32 31.91 -8.57 26.56
C TYR A 32 31.09 -8.11 25.36
N ALA A 33 30.00 -7.42 25.65
CA ALA A 33 29.18 -6.78 24.63
C ALA A 33 29.89 -5.51 24.15
N MET A 34 29.51 -5.04 22.96
CA MET A 34 30.20 -3.91 22.35
C MET A 34 29.22 -2.81 22.03
N THR A 35 29.75 -1.59 21.84
CA THR A 35 28.92 -0.43 21.57
C THR A 35 29.57 0.48 20.55
N TRP A 36 28.74 1.07 19.69
CA TRP A 36 29.10 2.19 18.85
C TRP A 36 28.49 3.44 19.45
N VAL A 37 29.32 4.45 19.69
CA VAL A 37 28.90 5.73 20.26
C VAL A 37 29.52 6.84 19.42
N ARG A 38 28.70 7.74 18.91
CA ARG A 38 29.20 8.82 18.06
C ARG A 38 29.17 10.14 18.81
N GLN A 39 29.91 11.10 18.27
CA GLN A 39 29.94 12.46 18.80
C GLN A 39 30.06 13.43 17.64
N ALA A 40 29.06 14.31 17.51
CA ALA A 40 29.13 15.39 16.54
C ALA A 40 29.95 16.55 17.10
N PRO A 41 30.69 17.25 16.24
CA PRO A 41 31.47 18.42 16.72
C PRO A 41 30.55 19.48 17.29
N GLY A 42 30.69 19.73 18.59
CA GLY A 42 29.88 20.70 19.31
C GLY A 42 28.93 20.07 20.31
N LYS A 43 28.39 18.90 20.00
CA LYS A 43 27.44 18.21 20.86
C LYS A 43 28.13 17.03 21.53
N GLY A 44 27.81 16.81 22.81
CA GLY A 44 28.29 15.65 23.54
C GLY A 44 27.92 14.35 22.87
N PRO A 45 28.61 13.27 23.21
CA PRO A 45 28.39 12.00 22.51
C PRO A 45 26.99 11.46 22.72
N GLU A 46 26.58 10.58 21.82
CA GLU A 46 25.34 9.83 21.93
C GLU A 46 25.59 8.40 21.47
N TRP A 47 25.09 7.44 22.24
CA TRP A 47 25.30 6.04 21.89
C TRP A 47 24.56 5.72 20.59
N VAL A 48 25.22 4.99 19.70
CA VAL A 48 24.65 4.62 18.41
C VAL A 48 24.00 3.24 18.47
N SER A 49 24.71 2.27 19.03
CA SER A 49 24.20 0.90 19.03
C SER A 49 24.91 0.08 20.11
N MET A 50 24.20 -0.93 20.61
CA MET A 50 24.73 -1.86 21.59
C MET A 50 24.44 -3.29 21.12
N VAL A 51 25.48 -4.12 21.07
CA VAL A 51 25.41 -5.48 20.53
C VAL A 51 25.91 -6.46 21.57
N SER A 52 25.30 -7.64 21.59
CA SER A 52 25.45 -8.63 22.67
C SER A 52 26.74 -9.43 22.48
N ASN A 53 26.92 -10.45 23.34
CA ASN A 53 28.02 -11.39 23.16
C ASN A 53 27.67 -12.44 22.12
N ASN A 54 26.43 -12.95 22.15
CA ASN A 54 25.99 -13.92 21.16
C ASN A 54 25.79 -13.28 19.79
N GLY A 55 25.69 -11.95 19.73
CA GLY A 55 25.30 -11.30 18.49
C GLY A 55 23.83 -11.43 18.15
N ALA A 56 23.00 -11.81 19.12
CA ALA A 56 21.57 -11.96 18.91
C ALA A 56 20.75 -10.82 19.46
N ASP A 57 21.19 -10.20 20.56
CA ASP A 57 20.50 -9.07 21.16
C ASP A 57 21.18 -7.78 20.69
N THR A 58 20.48 -7.01 19.87
CA THR A 58 20.99 -5.76 19.33
C THR A 58 20.01 -4.64 19.61
N THR A 59 20.53 -3.44 19.85
CA THR A 59 19.68 -2.29 20.13
C THR A 59 20.28 -1.03 19.50
N TYR A 60 19.42 -0.23 18.88
CA TYR A 60 19.81 1.00 18.21
C TYR A 60 19.07 2.19 18.82
N THR A 61 19.53 3.39 18.44
CA THR A 61 18.89 4.62 18.86
C THR A 61 17.53 4.78 18.18
N ASP A 62 16.68 5.63 18.75
CA ASP A 62 15.33 5.84 18.25
C ASP A 62 15.30 6.53 16.88
N SER A 63 16.42 7.03 16.39
CA SER A 63 16.46 7.76 15.12
C SER A 63 17.25 7.04 14.03
N VAL A 64 17.68 5.80 14.26
CA VAL A 64 18.52 5.12 13.28
C VAL A 64 17.99 3.73 12.96
N LYS A 65 16.78 3.42 13.39
CA LYS A 65 16.21 2.11 13.12
C LYS A 65 15.90 1.94 11.64
N GLY A 66 16.25 0.77 11.10
CA GLY A 66 16.06 0.45 9.70
C GLY A 66 17.21 0.87 8.81
N ARG A 67 17.98 1.88 9.20
CA ARG A 67 19.10 2.36 8.40
C ARG A 67 20.40 1.65 8.74
N PHE A 68 20.55 1.17 9.98
CA PHE A 68 21.80 0.60 10.46
C PHE A 68 21.69 -0.90 10.66
N THR A 69 22.84 -1.56 10.71
CA THR A 69 22.93 -2.99 11.00
C THR A 69 24.26 -3.25 11.68
N ILE A 70 24.23 -3.60 12.97
CA ILE A 70 25.43 -3.86 13.74
C ILE A 70 25.63 -5.37 13.82
N SER A 71 26.89 -5.80 13.82
CA SER A 71 27.21 -7.22 13.91
C SER A 71 28.66 -7.36 14.38
N ARG A 72 29.07 -8.61 14.59
CA ARG A 72 30.41 -8.89 15.08
C ARG A 72 30.84 -10.28 14.63
N ASP A 73 32.15 -10.45 14.46
CA ASP A 73 32.74 -11.73 14.11
C ASP A 73 33.74 -12.10 15.20
N ASN A 74 33.50 -13.24 15.85
CA ASN A 74 34.31 -13.65 16.99
C ASN A 74 35.64 -14.28 16.60
N ALA A 75 35.79 -14.71 15.34
CA ALA A 75 37.04 -15.33 14.92
C ALA A 75 38.20 -14.34 14.99
N LYS A 76 38.12 -13.26 14.24
CA LYS A 76 39.14 -12.22 14.28
C LYS A 76 38.91 -11.22 15.41
N ASN A 77 37.94 -11.47 16.28
CA ASN A 77 37.60 -10.60 17.40
C ASN A 77 37.36 -9.17 16.92
N THR A 78 36.40 -9.03 16.00
CA THR A 78 36.18 -7.78 15.31
C THR A 78 34.70 -7.42 15.30
N LEU A 79 34.45 -6.13 15.08
CA LEU A 79 33.12 -5.55 15.16
C LEU A 79 32.79 -4.82 13.86
N TYR A 80 31.66 -5.17 13.25
CA TYR A 80 31.22 -4.59 11.98
C TYR A 80 29.99 -3.71 12.19
N LEU A 81 29.93 -2.61 11.46
CA LEU A 81 28.74 -1.76 11.48
C LEU A 81 28.44 -1.30 10.06
N ARG A 82 27.24 -1.63 9.57
CA ARG A 82 26.80 -1.24 8.24
C ARG A 82 25.84 -0.06 8.39
N MET A 83 26.22 1.08 7.83
CA MET A 83 25.36 2.26 7.82
C MET A 83 24.86 2.46 6.41
N ASN A 84 23.54 2.41 6.24
CA ASN A 84 22.91 2.67 4.95
C ASN A 84 21.98 3.88 5.07
N ASN A 85 21.72 4.50 3.93
CA ASN A 85 20.87 5.70 3.86
C ASN A 85 21.39 6.77 4.82
N VAL A 86 22.63 7.18 4.58
CA VAL A 86 23.31 8.13 5.46
C VAL A 86 22.58 9.47 5.37
N LYS A 87 21.94 9.89 6.46
CA LYS A 87 21.37 11.22 6.52
C LYS A 87 22.46 12.24 6.81
N PRO A 88 22.23 13.51 6.45
CA PRO A 88 23.24 14.54 6.73
C PRO A 88 23.52 14.74 8.21
N GLU A 89 22.60 14.38 9.10
CA GLU A 89 22.81 14.61 10.52
C GLU A 89 23.61 13.50 11.18
N ASP A 90 23.74 12.34 10.53
CA ASP A 90 24.63 11.30 11.02
C ASP A 90 26.11 11.65 10.83
N SER A 91 26.38 12.87 10.36
CA SER A 91 27.74 13.33 10.12
C SER A 91 28.42 13.63 11.44
N ALA A 92 29.13 12.64 11.99
CA ALA A 92 29.76 12.76 13.30
C ALA A 92 30.93 11.80 13.35
N VAL A 93 31.68 11.86 14.45
CA VAL A 93 32.85 11.00 14.64
C VAL A 93 32.38 9.77 15.42
N TYR A 94 32.57 8.60 14.82
CA TYR A 94 32.04 7.36 15.39
C TYR A 94 33.09 6.68 16.25
N TYR A 95 32.64 5.98 17.28
CA TYR A 95 33.49 5.45 18.33
C TYR A 95 33.10 4.00 18.63
N CYS A 96 34.11 3.16 18.81
CA CYS A 96 33.92 1.76 19.14
C CYS A 96 34.42 1.52 20.56
N ALA A 97 33.57 0.92 21.40
CA ALA A 97 33.88 0.81 22.81
C ALA A 97 33.37 -0.52 23.36
N LYS A 98 33.93 -0.91 24.50
CA LYS A 98 33.75 -2.24 25.08
C LYS A 98 33.05 -2.10 26.43
N ARG A 99 31.83 -2.62 26.52
CA ARG A 99 30.98 -2.42 27.69
C ARG A 99 31.66 -2.85 28.98
N ARG A 100 31.20 -2.26 30.08
CA ARG A 100 31.69 -2.68 31.41
C ARG A 100 31.38 -4.16 31.64
N TYR A 101 30.13 -4.55 31.49
CA TYR A 101 29.68 -5.91 31.68
C TYR A 101 29.44 -6.59 30.34
N GLY A 102 29.15 -7.88 30.39
CA GLY A 102 28.79 -8.62 29.20
C GLY A 102 27.35 -8.44 28.76
N GLY A 103 26.61 -7.56 29.44
CA GLY A 103 25.22 -7.30 29.11
C GLY A 103 25.06 -6.07 28.23
N ILE A 104 23.79 -5.77 27.93
CA ILE A 104 23.41 -4.66 27.07
C ILE A 104 22.51 -3.67 27.80
N TRP A 105 21.52 -4.18 28.53
CA TRP A 105 20.49 -3.39 29.20
C TRP A 105 20.82 -3.13 30.65
N THR A 106 21.63 -3.98 31.27
CA THR A 106 22.00 -3.83 32.68
C THR A 106 22.89 -2.59 32.80
N GLY A 107 22.29 -1.48 33.21
CA GLY A 107 23.02 -0.24 33.29
C GLY A 107 22.87 0.60 32.03
N GLN A 108 22.99 1.91 32.21
CA GLN A 108 22.84 2.87 31.14
C GLN A 108 24.11 2.91 30.29
N PRO A 109 24.00 3.30 29.01
CA PRO A 109 25.17 3.19 28.12
C PRO A 109 26.31 4.13 28.52
N THR A 110 27.35 3.53 29.10
CA THR A 110 28.58 4.22 29.48
C THR A 110 29.72 3.23 29.40
N ASP A 111 30.90 3.71 29.02
CA ASP A 111 32.04 2.84 28.79
C ASP A 111 33.23 3.29 29.63
N TYR A 112 34.24 2.41 29.71
CA TYR A 112 35.40 2.61 30.57
C TYR A 112 36.70 2.26 29.85
N ASP A 113 36.83 2.60 28.57
CA ASP A 113 38.04 2.21 27.85
C ASP A 113 38.37 3.27 26.79
N TYR A 114 39.32 2.92 25.92
CA TYR A 114 39.94 3.86 25.00
C TYR A 114 39.17 3.94 23.69
N LEU A 115 39.77 4.56 22.67
CA LEU A 115 39.09 4.84 21.42
C LEU A 115 40.09 4.92 20.28
N GLY A 116 39.57 4.81 19.05
CA GLY A 116 40.37 4.97 17.84
C GLY A 116 40.06 6.25 17.07
N GLN A 117 39.38 6.14 15.92
CA GLN A 117 39.12 7.32 15.08
C GLN A 117 37.72 7.24 14.49
N GLY A 118 37.36 8.25 13.69
CA GLY A 118 36.07 8.29 13.04
C GLY A 118 35.94 9.41 12.02
N THR A 119 35.37 9.12 10.84
CA THR A 119 35.29 10.08 9.76
C THR A 119 33.92 10.76 9.74
N VAL A 120 33.77 11.73 8.84
CA VAL A 120 32.66 12.69 8.87
C VAL A 120 32.19 12.95 7.45
N THR A 121 30.87 12.97 7.26
CA THR A 121 30.27 13.30 5.97
C THR A 121 28.99 14.11 6.13
N GLN B 1 39.83 22.92 -29.78
CA GLN B 1 39.37 21.71 -30.46
C GLN B 1 38.40 20.93 -29.60
N VAL B 2 37.62 20.06 -30.22
CA VAL B 2 36.58 19.31 -29.51
C VAL B 2 37.24 18.27 -28.62
N GLN B 3 36.97 18.34 -27.32
CA GLN B 3 37.45 17.33 -26.38
C GLN B 3 36.41 17.14 -25.28
N LEU B 4 36.26 15.89 -24.85
CA LEU B 4 35.32 15.50 -23.81
C LEU B 4 36.14 14.82 -22.71
N GLN B 5 36.33 15.52 -21.58
CA GLN B 5 37.05 14.97 -20.43
C GLN B 5 36.07 14.82 -19.27
N GLU B 6 35.90 13.59 -18.80
CA GLU B 6 34.98 13.29 -17.72
C GLU B 6 35.76 12.84 -16.48
N SER B 7 35.06 12.88 -15.34
CA SER B 7 35.64 12.50 -14.05
C SER B 7 34.49 12.36 -13.06
N GLY B 8 34.84 12.19 -11.78
CA GLY B 8 33.87 12.00 -10.71
C GLY B 8 33.64 10.56 -10.33
N GLY B 9 34.18 9.61 -11.08
CA GLY B 9 33.99 8.21 -10.78
C GLY B 9 34.92 7.71 -9.69
N GLY B 10 34.66 6.49 -9.26
CA GLY B 10 35.50 5.85 -8.26
C GLY B 10 34.85 4.58 -7.74
N MET B 11 35.47 4.03 -6.70
CA MET B 11 34.89 2.88 -6.02
C MET B 11 33.75 3.31 -5.13
N VAL B 12 32.70 2.48 -5.07
CA VAL B 12 31.58 2.66 -4.16
C VAL B 12 31.13 1.28 -3.71
N GLN B 13 30.19 1.24 -2.77
CA GLN B 13 29.63 -0.03 -2.37
C GLN B 13 28.23 -0.18 -2.95
N PRO B 14 27.76 -1.42 -3.17
CA PRO B 14 26.45 -1.62 -3.78
C PRO B 14 25.33 -0.95 -2.98
N GLY B 15 24.44 -0.27 -3.70
CA GLY B 15 23.41 0.52 -3.09
C GLY B 15 23.79 1.94 -2.77
N GLY B 16 24.91 2.43 -3.29
CA GLY B 16 25.39 3.77 -3.05
C GLY B 16 25.02 4.73 -4.16
N SER B 17 25.85 5.76 -4.33
CA SER B 17 25.61 6.79 -5.32
C SER B 17 26.92 7.18 -5.98
N LEU B 18 26.80 7.88 -7.10
CA LEU B 18 27.95 8.38 -7.84
C LEU B 18 27.52 9.56 -8.70
N ARG B 19 28.41 10.53 -8.86
CA ARG B 19 28.09 11.75 -9.60
C ARG B 19 29.17 11.98 -10.66
N LEU B 20 28.86 11.60 -11.90
CA LEU B 20 29.81 11.72 -12.99
C LEU B 20 29.65 13.07 -13.70
N SER B 21 30.77 13.73 -13.94
CA SER B 21 30.81 15.02 -14.61
C SER B 21 31.58 14.88 -15.91
N CYS B 22 31.15 15.65 -16.92
CA CYS B 22 31.78 15.61 -18.24
C CYS B 22 31.92 17.05 -18.74
N LEU B 23 33.15 17.49 -18.93
CA LEU B 23 33.45 18.81 -19.46
C LEU B 23 33.81 18.69 -20.93
N ALA B 24 33.08 19.41 -21.77
CA ALA B 24 33.30 19.41 -23.21
C ALA B 24 33.75 20.80 -23.65
N SER B 25 34.71 20.85 -24.57
CA SER B 25 35.18 22.15 -25.07
C SER B 25 35.47 22.05 -26.56
N GLY B 26 35.33 23.20 -27.23
CA GLY B 26 35.66 23.34 -28.64
C GLY B 26 34.48 23.60 -29.55
N PHE B 27 33.24 23.45 -29.10
CA PHE B 27 32.07 23.65 -29.95
C PHE B 27 30.98 24.34 -29.16
N THR B 28 29.84 24.57 -29.82
CA THR B 28 28.68 25.20 -29.21
C THR B 28 27.93 24.15 -28.39
N PHE B 29 27.96 24.32 -27.06
CA PHE B 29 27.45 23.28 -26.16
C PHE B 29 25.93 23.23 -26.18
N SER B 30 25.28 24.38 -26.01
CA SER B 30 23.83 24.43 -25.85
C SER B 30 23.06 23.92 -27.07
N ASN B 31 23.73 23.72 -28.20
CA ASN B 31 23.04 23.37 -29.44
C ASN B 31 22.86 21.86 -29.62
N TYR B 32 23.80 21.05 -29.15
CA TYR B 32 23.81 19.62 -29.41
C TYR B 32 23.32 18.85 -28.19
N ALA B 33 22.57 17.78 -28.43
CA ALA B 33 22.14 16.90 -27.37
C ALA B 33 23.31 16.01 -26.95
N MET B 34 23.23 15.47 -25.74
CA MET B 34 24.33 14.70 -25.19
C MET B 34 23.86 13.31 -24.78
N THR B 35 24.82 12.40 -24.62
CA THR B 35 24.51 11.03 -24.25
C THR B 35 25.54 10.48 -23.29
N TRP B 36 25.07 9.70 -22.33
CA TRP B 36 25.89 8.85 -21.49
C TRP B 36 25.72 7.42 -21.98
N VAL B 37 26.84 6.76 -22.27
CA VAL B 37 26.86 5.38 -22.75
C VAL B 37 27.91 4.62 -21.95
N ARG B 38 27.51 3.51 -21.36
CA ARG B 38 28.46 2.73 -20.58
C ARG B 38 28.85 1.48 -21.37
N GLN B 39 29.96 0.87 -20.95
CA GLN B 39 30.44 -0.36 -21.58
C GLN B 39 31.03 -1.26 -20.52
N ALA B 40 30.46 -2.45 -20.37
CA ALA B 40 31.05 -3.43 -19.47
C ALA B 40 32.22 -4.13 -20.15
N PRO B 41 33.27 -4.48 -19.41
CA PRO B 41 34.41 -5.20 -20.00
C PRO B 41 33.98 -6.54 -20.57
N GLY B 42 34.13 -6.69 -21.89
CA GLY B 42 33.76 -7.88 -22.62
C GLY B 42 32.58 -7.67 -23.55
N LYS B 43 31.63 -6.82 -23.17
CA LYS B 43 30.44 -6.54 -23.95
C LYS B 43 30.58 -5.15 -24.57
N GLY B 44 30.13 -5.00 -25.82
CA GLY B 44 30.10 -3.72 -26.47
C GLY B 44 29.28 -2.72 -25.68
N PRO B 45 29.49 -1.44 -25.93
CA PRO B 45 28.82 -0.42 -25.11
C PRO B 45 27.30 -0.50 -25.20
N GLU B 46 26.65 0.10 -24.21
CA GLU B 46 25.20 0.22 -24.20
C GLU B 46 24.85 1.62 -23.74
N TRP B 47 23.93 2.27 -24.45
CA TRP B 47 23.55 3.63 -24.13
C TRP B 47 22.85 3.67 -22.77
N VAL B 48 23.23 4.63 -21.94
CA VAL B 48 22.65 4.81 -20.61
C VAL B 48 21.56 5.86 -20.64
N SER B 49 21.83 7.01 -21.26
CA SER B 49 20.87 8.11 -21.22
C SER B 49 21.12 9.06 -22.36
N MET B 50 20.04 9.73 -22.78
CA MET B 50 20.06 10.75 -23.82
C MET B 50 19.38 11.99 -23.27
N VAL B 51 20.05 13.14 -23.37
CA VAL B 51 19.60 14.39 -22.79
C VAL B 51 19.55 15.46 -23.88
N SER B 52 18.57 16.35 -23.79
CA SER B 52 18.23 17.29 -24.85
C SER B 52 19.12 18.53 -24.80
N ASN B 53 18.80 19.47 -25.69
CA ASN B 53 19.43 20.79 -25.64
C ASN B 53 18.77 21.67 -24.58
N ASN B 54 17.45 21.62 -24.50
CA ASN B 54 16.72 22.36 -23.49
C ASN B 54 16.93 21.80 -22.10
N GLY B 55 17.42 20.56 -21.99
CA GLY B 55 17.49 19.89 -20.71
C GLY B 55 16.17 19.42 -20.17
N ALA B 56 15.13 19.39 -21.01
CA ALA B 56 13.80 18.96 -20.60
C ALA B 56 13.45 17.55 -21.04
N ASP B 57 13.96 17.09 -22.19
CA ASP B 57 13.70 15.74 -22.69
C ASP B 57 14.86 14.83 -22.32
N THR B 58 14.61 13.88 -21.42
CA THR B 58 15.62 12.93 -20.98
C THR B 58 15.06 11.53 -21.12
N THR B 59 15.92 10.58 -21.49
CA THR B 59 15.50 9.19 -21.62
C THR B 59 16.63 8.26 -21.15
N TYR B 60 16.25 7.22 -20.42
CA TYR B 60 17.20 6.26 -19.86
C TYR B 60 16.93 4.86 -20.40
N THR B 61 17.85 3.95 -20.12
CA THR B 61 17.70 2.56 -20.51
C THR B 61 16.57 1.91 -19.73
N ASP B 62 16.06 0.80 -20.26
CA ASP B 62 14.92 0.13 -19.65
C ASP B 62 15.26 -0.50 -18.29
N SER B 63 16.54 -0.55 -17.92
CA SER B 63 16.96 -1.18 -16.67
C SER B 63 17.53 -0.18 -15.68
N VAL B 64 17.46 1.11 -15.97
CA VAL B 64 18.06 2.13 -15.10
C VAL B 64 17.03 3.21 -14.80
N LYS B 65 15.77 2.96 -15.17
CA LYS B 65 14.72 3.94 -14.91
C LYS B 65 14.46 4.08 -13.42
N GLY B 66 14.37 5.32 -12.95
CA GLY B 66 14.15 5.61 -11.55
C GLY B 66 15.41 5.67 -10.71
N ARG B 67 16.47 5.00 -11.14
CA ARG B 67 17.70 4.97 -10.37
C ARG B 67 18.66 6.09 -10.74
N PHE B 68 18.59 6.59 -11.97
CA PHE B 68 19.53 7.57 -12.48
C PHE B 68 18.83 8.91 -12.69
N THR B 69 19.63 9.97 -12.78
CA THR B 69 19.12 11.31 -13.03
C THR B 69 20.18 12.07 -13.82
N ILE B 70 19.88 12.37 -15.08
CA ILE B 70 20.81 13.08 -15.96
C ILE B 70 20.42 14.55 -16.00
N SER B 71 21.42 15.42 -16.11
CA SER B 71 21.18 16.85 -16.18
C SER B 71 22.40 17.50 -16.83
N ARG B 72 22.30 18.81 -17.06
CA ARG B 72 23.36 19.54 -17.75
C ARG B 72 23.34 21.00 -17.33
N ASP B 73 24.51 21.62 -17.34
CA ASP B 73 24.66 23.03 -17.04
C ASP B 73 25.32 23.72 -18.22
N ASN B 74 24.63 24.72 -18.79
CA ASN B 74 25.10 25.41 -19.97
C ASN B 74 26.18 26.45 -19.66
N ALA B 75 26.32 26.85 -18.40
CA ALA B 75 27.31 27.87 -18.04
C ALA B 75 28.73 27.36 -18.29
N LYS B 76 29.11 26.28 -17.59
CA LYS B 76 30.42 25.68 -17.79
C LYS B 76 30.44 24.69 -18.95
N ASN B 77 29.34 24.59 -19.70
CA ASN B 77 29.22 23.65 -20.82
C ASN B 77 29.53 22.23 -20.36
N THR B 78 28.80 21.78 -19.35
CA THR B 78 29.11 20.52 -18.68
C THR B 78 27.87 19.66 -18.50
N LEU B 79 28.12 18.37 -18.31
CA LEU B 79 27.06 17.35 -18.24
C LEU B 79 27.22 16.54 -16.95
N TYR B 80 26.13 16.46 -16.17
CA TYR B 80 26.14 15.77 -14.88
C TYR B 80 25.24 14.54 -14.94
N LEU B 81 25.65 13.48 -14.25
CA LEU B 81 24.83 12.27 -14.12
C LEU B 81 24.91 11.77 -12.70
N ARG B 82 23.75 11.71 -12.02
CA ARG B 82 23.65 11.23 -10.65
C ARG B 82 23.06 9.82 -10.66
N MET B 83 23.83 8.85 -10.18
CA MET B 83 23.41 7.46 -10.11
C MET B 83 23.16 7.10 -8.64
N ASN B 84 21.93 6.67 -8.34
CA ASN B 84 21.58 6.18 -7.02
C ASN B 84 21.18 4.72 -7.13
N ASN B 85 21.24 4.01 -6.00
CA ASN B 85 20.93 2.58 -5.94
C ASN B 85 21.77 1.79 -6.94
N VAL B 86 23.09 1.87 -6.75
CA VAL B 86 24.04 1.25 -7.66
C VAL B 86 23.87 -0.27 -7.57
N LYS B 87 23.41 -0.88 -8.66
CA LYS B 87 23.37 -2.34 -8.73
C LYS B 87 24.76 -2.89 -9.02
N PRO B 88 25.01 -4.15 -8.64
CA PRO B 88 26.33 -4.73 -8.94
C PRO B 88 26.61 -4.87 -10.42
N GLU B 89 25.58 -4.93 -11.26
CA GLU B 89 25.75 -5.12 -12.68
C GLU B 89 25.94 -3.81 -13.43
N ASP B 90 25.64 -2.66 -12.82
CA ASP B 90 25.93 -1.36 -13.42
C ASP B 90 27.40 -1.04 -13.43
N SER B 91 28.21 -2.02 -13.00
CA SER B 91 29.66 -1.88 -12.94
C SER B 91 30.25 -1.93 -14.34
N ALA B 92 30.46 -0.77 -14.95
CA ALA B 92 30.93 -0.71 -16.33
C ALA B 92 31.66 0.61 -16.54
N VAL B 93 32.24 0.76 -17.72
CA VAL B 93 33.02 1.94 -18.07
C VAL B 93 32.10 2.92 -18.78
N TYR B 94 31.99 4.13 -18.24
CA TYR B 94 31.01 5.11 -18.72
C TYR B 94 31.64 6.02 -19.74
N TYR B 95 30.82 6.48 -20.69
CA TYR B 95 31.28 7.25 -21.84
C TYR B 95 30.37 8.46 -22.01
N CYS B 96 30.97 9.62 -22.26
CA CYS B 96 30.25 10.86 -22.46
C CYS B 96 30.44 11.29 -23.92
N ALA B 97 29.33 11.54 -24.61
CA ALA B 97 29.43 11.77 -26.05
C ALA B 97 28.38 12.79 -26.48
N LYS B 98 28.61 13.38 -27.66
CA LYS B 98 27.85 14.52 -28.15
C LYS B 98 27.14 14.12 -29.44
N ARG B 99 25.81 14.08 -29.40
CA ARG B 99 25.00 13.52 -30.47
C ARG B 99 25.30 14.18 -31.82
N ARG B 100 25.00 13.44 -32.89
CA ARG B 100 25.11 14.01 -34.23
C ARG B 100 24.22 15.24 -34.37
N TYR B 101 22.95 15.09 -34.04
CA TYR B 101 21.99 16.18 -34.08
C TYR B 101 21.72 16.71 -32.68
N GLY B 102 20.97 17.80 -32.60
CA GLY B 102 20.54 18.30 -31.33
C GLY B 102 19.33 17.58 -30.75
N GLY B 103 18.87 16.54 -31.43
CA GLY B 103 17.72 15.78 -31.00
C GLY B 103 18.10 14.52 -30.23
N ILE B 104 17.06 13.77 -29.85
CA ILE B 104 17.21 12.56 -29.06
C ILE B 104 16.63 11.35 -29.76
N TRP B 105 15.45 11.49 -30.35
CA TRP B 105 14.70 10.38 -30.94
C TRP B 105 14.93 10.24 -32.43
N THR B 106 15.29 11.33 -33.10
CA THR B 106 15.57 11.33 -34.54
C THR B 106 16.88 10.58 -34.76
N GLY B 107 16.78 9.32 -35.15
CA GLY B 107 17.97 8.51 -35.34
C GLY B 107 18.33 7.70 -34.12
N GLN B 108 18.98 6.56 -34.36
CA GLN B 108 19.35 5.64 -33.31
C GLN B 108 20.59 6.15 -32.57
N PRO B 109 20.74 5.78 -31.28
CA PRO B 109 21.84 6.35 -30.50
C PRO B 109 23.22 5.89 -30.96
N THR B 110 23.93 6.78 -31.64
CA THR B 110 25.30 6.57 -32.08
C THR B 110 26.00 7.92 -32.11
N ASP B 111 27.29 7.91 -31.81
CA ASP B 111 28.03 9.16 -31.68
C ASP B 111 29.28 9.15 -32.56
N TYR B 112 29.88 10.33 -32.70
CA TYR B 112 30.99 10.57 -33.60
C TYR B 112 32.10 11.39 -32.92
N ASP B 113 32.41 11.11 -31.66
CA ASP B 113 33.38 11.96 -30.97
C ASP B 113 34.20 11.14 -29.98
N TYR B 114 34.92 11.85 -29.11
CA TYR B 114 35.99 11.31 -28.28
C TYR B 114 35.46 10.77 -26.95
N LEU B 115 36.38 10.50 -26.01
CA LEU B 115 36.01 9.84 -24.77
C LEU B 115 36.96 10.26 -23.64
N GLY B 116 36.49 10.07 -22.42
CA GLY B 116 37.25 10.30 -21.20
C GLY B 116 37.55 9.04 -20.41
N GLN B 117 36.85 8.85 -19.29
CA GLN B 117 37.07 7.71 -18.40
C GLN B 117 35.75 7.18 -17.87
N GLY B 118 35.83 6.13 -17.06
CA GLY B 118 34.68 5.53 -16.40
C GLY B 118 35.12 4.50 -15.39
N THR B 119 34.56 4.54 -14.18
CA THR B 119 34.99 3.68 -13.09
C THR B 119 34.06 2.48 -12.94
N VAL B 120 34.42 1.59 -12.02
CA VAL B 120 33.86 0.24 -11.94
C VAL B 120 33.63 -0.10 -10.47
N THR B 121 32.44 -0.66 -10.18
CA THR B 121 32.11 -1.12 -8.84
C THR B 121 31.28 -2.40 -8.88
N GLU C 203 -37.55 51.39 -51.47
CA GLU C 203 -38.19 51.79 -50.23
C GLU C 203 -38.04 50.72 -49.17
N ARG C 204 -37.52 51.11 -48.01
CA ARG C 204 -37.27 50.20 -46.89
C ARG C 204 -37.88 50.68 -45.58
N PHE C 205 -37.89 51.98 -45.34
CA PHE C 205 -38.32 52.51 -44.04
C PHE C 205 -39.78 52.20 -43.79
N GLU C 206 -40.06 51.65 -42.61
CA GLU C 206 -41.38 51.18 -42.19
C GLU C 206 -41.69 51.69 -40.79
N ILE C 207 -41.53 53.00 -40.60
CA ILE C 207 -41.36 53.58 -39.28
C ILE C 207 -42.66 53.49 -38.46
N THR C 208 -43.81 53.52 -39.12
CA THR C 208 -45.13 53.41 -38.51
C THR C 208 -45.53 54.64 -37.69
N GLY C 209 -44.75 55.71 -37.72
CA GLY C 209 -45.15 56.94 -37.05
C GLY C 209 -45.03 56.97 -35.55
N THR C 210 -45.57 55.94 -34.88
CA THR C 210 -45.37 55.82 -33.42
C THR C 210 -43.90 55.86 -33.06
N MET C 211 -43.04 55.33 -33.90
CA MET C 211 -41.62 55.55 -33.68
C MET C 211 -41.23 56.98 -33.98
N ARG C 212 -41.91 57.62 -34.93
CA ARG C 212 -41.69 59.04 -35.11
C ARG C 212 -42.21 59.80 -33.90
N ARG C 213 -43.26 59.30 -33.24
CA ARG C 213 -43.72 59.93 -32.00
C ARG C 213 -42.64 59.82 -30.93
N LEU C 214 -42.17 58.59 -30.66
CA LEU C 214 -41.13 58.38 -29.67
C LEU C 214 -39.88 59.18 -30.00
N ALA C 215 -39.53 59.25 -31.29
CA ALA C 215 -38.36 59.98 -31.71
C ALA C 215 -38.51 61.45 -31.41
N ASP C 216 -39.62 62.06 -31.84
CA ASP C 216 -39.86 63.47 -31.57
C ASP C 216 -39.88 63.76 -30.08
N GLN C 217 -40.24 62.76 -29.27
CA GLN C 217 -40.15 62.93 -27.82
C GLN C 217 -38.75 62.70 -27.28
N SER C 218 -37.88 62.03 -28.04
CA SER C 218 -36.52 61.78 -27.60
C SER C 218 -35.57 62.95 -27.81
N LEU C 219 -35.96 63.94 -28.61
CA LEU C 219 -35.04 64.97 -29.05
C LEU C 219 -34.83 65.99 -27.94
N PRO C 220 -33.91 66.93 -28.13
CA PRO C 220 -33.76 68.00 -27.15
C PRO C 220 -34.99 68.89 -27.12
N PRO C 221 -35.14 69.73 -26.09
CA PRO C 221 -36.35 70.54 -25.98
C PRO C 221 -36.52 71.57 -27.10
N ASN C 222 -35.43 72.12 -27.62
CA ASN C 222 -35.53 73.20 -28.61
C ASN C 222 -36.29 72.74 -29.84
N PHE C 223 -36.04 71.52 -30.31
CA PHE C 223 -36.64 70.99 -31.52
C PHE C 223 -37.68 69.97 -31.11
N SER C 224 -38.86 70.06 -31.72
CA SER C 224 -40.01 69.27 -31.32
C SER C 224 -40.37 68.17 -32.31
N CYS C 225 -39.64 68.05 -33.42
CA CYS C 225 -39.95 67.06 -34.45
C CYS C 225 -38.67 66.44 -34.97
N LEU C 226 -38.80 65.25 -35.55
CA LEU C 226 -37.66 64.60 -36.19
C LEU C 226 -37.28 65.35 -37.46
N GLU C 227 -38.28 65.80 -38.21
CA GLU C 227 -38.02 66.37 -39.52
C GLU C 227 -37.32 67.72 -39.41
N ASN C 228 -37.74 68.57 -38.46
CA ASN C 228 -37.04 69.83 -38.28
C ASN C 228 -35.62 69.60 -37.80
N PHE C 229 -35.44 68.58 -36.96
CA PHE C 229 -34.10 68.19 -36.53
C PHE C 229 -33.23 67.79 -37.72
N ARG C 230 -33.76 66.92 -38.59
CA ARG C 230 -33.00 66.45 -39.74
C ARG C 230 -32.67 67.61 -40.67
N ALA C 231 -33.62 68.51 -40.88
CA ALA C 231 -33.37 69.65 -41.75
C ALA C 231 -32.34 70.59 -41.14
N TYR C 232 -32.39 70.78 -39.83
CA TYR C 232 -31.39 71.60 -39.15
C TYR C 232 -30.01 71.01 -39.32
N VAL C 233 -29.87 69.71 -39.08
CA VAL C 233 -28.58 69.06 -39.17
C VAL C 233 -28.06 69.09 -40.60
N ASP C 234 -28.90 68.68 -41.55
CA ASP C 234 -28.49 68.65 -42.94
C ASP C 234 -28.16 70.05 -43.45
N GLY C 235 -28.89 71.05 -42.94
CA GLY C 235 -28.62 72.43 -43.29
C GLY C 235 -27.71 73.12 -42.29
N PHE C 236 -26.95 72.35 -41.53
CA PHE C 236 -26.14 72.91 -40.46
C PHE C 236 -24.79 73.39 -41.00
N GLU C 237 -24.22 74.35 -40.29
CA GLU C 237 -22.86 74.82 -40.51
C GLU C 237 -22.31 75.27 -39.17
N PRO C 238 -20.99 75.27 -38.99
CA PRO C 238 -20.42 75.81 -37.75
C PRO C 238 -20.24 77.32 -37.85
N ASN C 239 -20.56 78.02 -36.76
CA ASN C 239 -20.48 79.48 -36.70
C ASN C 239 -19.68 79.95 -35.50
N GLY C 240 -18.81 79.10 -34.95
CA GLY C 240 -18.02 79.49 -33.80
C GLY C 240 -18.86 79.63 -32.54
N TYR C 241 -19.80 78.72 -32.32
CA TYR C 241 -20.61 78.77 -31.12
C TYR C 241 -19.77 78.48 -29.88
N ILE C 242 -18.73 77.66 -30.05
CA ILE C 242 -18.00 77.10 -28.92
C ILE C 242 -17.36 78.20 -28.08
N GLU C 243 -16.88 79.26 -28.73
CA GLU C 243 -16.24 80.34 -27.99
C GLU C 243 -17.26 81.10 -27.17
N GLY C 244 -18.46 81.31 -27.73
CA GLY C 244 -19.53 81.93 -26.96
C GLY C 244 -19.92 81.08 -25.78
N LYS C 245 -19.96 79.76 -25.96
CA LYS C 245 -20.27 78.87 -24.85
C LYS C 245 -19.21 78.98 -23.75
N LEU C 246 -17.94 78.99 -24.14
CA LEU C 246 -16.85 79.06 -23.17
C LEU C 246 -16.90 80.36 -22.39
N SER C 247 -16.92 81.50 -23.10
CA SER C 247 -17.00 82.79 -22.42
C SER C 247 -18.26 82.90 -21.58
N GLN C 248 -19.35 82.26 -22.02
CA GLN C 248 -20.58 82.26 -21.25
C GLN C 248 -20.43 81.55 -19.91
N MET C 249 -19.52 80.58 -19.84
CA MET C 249 -19.52 79.65 -18.72
C MET C 249 -19.00 80.28 -17.45
N SER C 250 -19.46 79.74 -16.32
CA SER C 250 -18.88 80.04 -15.04
C SER C 250 -17.41 79.66 -15.02
N LYS C 251 -16.59 80.51 -14.41
CA LYS C 251 -15.18 80.20 -14.28
C LYS C 251 -14.93 79.18 -13.18
N GLU C 252 -15.91 78.98 -12.29
CA GLU C 252 -15.79 77.94 -11.27
C GLU C 252 -15.56 76.57 -11.89
N VAL C 253 -16.22 76.31 -13.02
CA VAL C 253 -16.14 75.00 -13.66
C VAL C 253 -14.88 74.94 -14.51
N ASN C 254 -13.79 74.50 -13.90
CA ASN C 254 -12.50 74.44 -14.57
C ASN C 254 -11.53 73.66 -13.72
N ALA C 255 -10.71 72.85 -14.38
CA ALA C 255 -9.80 71.93 -13.72
C ALA C 255 -8.42 72.54 -13.65
N LYS C 256 -8.01 72.88 -12.44
CA LYS C 256 -6.80 73.64 -12.19
C LYS C 256 -5.68 72.69 -11.78
N ILE C 257 -4.54 72.77 -12.47
CA ILE C 257 -3.42 71.92 -12.13
C ILE C 257 -2.72 72.47 -10.90
N GLU C 258 -1.90 71.63 -10.29
CA GLU C 258 -1.10 72.01 -9.14
C GLU C 258 0.21 71.25 -9.17
N PRO C 259 1.23 71.72 -8.45
CA PRO C 259 2.48 70.97 -8.41
C PRO C 259 2.39 69.86 -7.35
N PHE C 260 2.43 68.62 -7.81
CA PHE C 260 2.40 67.48 -6.90
C PHE C 260 3.77 67.41 -6.25
N LEU C 261 3.92 68.21 -5.20
CA LEU C 261 5.25 68.51 -4.70
C LEU C 261 5.84 67.31 -3.94
N LYS C 262 7.15 67.38 -3.74
CA LYS C 262 7.87 66.32 -3.05
C LYS C 262 7.34 66.08 -1.66
N THR C 263 7.16 67.15 -0.87
CA THR C 263 6.68 67.04 0.50
C THR C 263 5.17 66.92 0.61
N THR C 264 4.43 67.00 -0.50
CA THR C 264 2.98 66.97 -0.42
C THR C 264 2.44 65.65 0.09
N PRO C 265 2.75 64.49 -0.50
CA PRO C 265 2.02 63.27 -0.13
C PRO C 265 2.33 62.80 1.28
N ARG C 266 1.38 63.01 2.18
CA ARG C 266 1.52 62.59 3.55
C ARG C 266 1.58 61.06 3.62
N PRO C 267 2.13 60.49 4.69
CA PRO C 267 2.06 59.04 4.83
C PRO C 267 0.62 58.60 5.00
N ILE C 268 0.21 57.67 4.14
CA ILE C 268 -1.14 57.11 4.23
C ILE C 268 -1.31 56.50 5.61
N ARG C 269 -2.38 56.89 6.28
CA ARG C 269 -2.66 56.42 7.63
C ARG C 269 -3.43 55.12 7.53
N LEU C 270 -2.86 54.07 8.10
CA LEU C 270 -3.54 52.80 8.16
C LEU C 270 -4.71 52.92 9.12
N PRO C 271 -5.79 52.15 8.91
CA PRO C 271 -6.89 52.19 9.86
C PRO C 271 -6.44 51.68 11.22
N ASP C 272 -7.16 52.11 12.25
CA ASP C 272 -6.92 51.70 13.61
C ASP C 272 -8.17 51.01 14.16
N GLY C 273 -7.97 50.16 15.15
CA GLY C 273 -9.00 49.27 15.61
C GLY C 273 -8.39 48.03 16.22
N PRO C 274 -9.12 46.93 16.26
CA PRO C 274 -8.55 45.69 16.80
C PRO C 274 -7.38 45.22 15.97
N PRO C 275 -6.60 44.26 16.46
CA PRO C 275 -5.50 43.71 15.64
C PRO C 275 -6.00 42.90 14.46
N CYS C 276 -5.19 42.87 13.40
CA CYS C 276 -5.51 42.05 12.25
C CYS C 276 -5.36 40.57 12.61
N PHE C 277 -6.25 39.75 12.04
CA PHE C 277 -6.30 38.32 12.33
C PHE C 277 -6.25 37.51 11.05
N GLN C 278 -5.61 36.35 11.13
CA GLN C 278 -5.45 35.48 9.98
C GLN C 278 -6.77 34.88 9.56
N ARG C 279 -6.91 34.62 8.26
CA ARG C 279 -8.09 33.99 7.70
C ARG C 279 -7.75 32.96 6.62
N SER C 280 -6.50 32.54 6.53
CA SER C 280 -6.13 31.60 5.50
C SER C 280 -6.79 30.27 5.74
N LYS C 281 -7.02 29.53 4.66
CA LYS C 281 -7.72 28.26 4.76
C LYS C 281 -6.81 27.19 5.36
N PHE C 282 -5.52 27.47 5.44
CA PHE C 282 -4.57 26.56 6.02
C PHE C 282 -3.37 27.39 6.46
N LEU C 283 -2.96 27.21 7.70
CA LEU C 283 -1.78 27.92 8.18
C LEU C 283 -0.57 27.57 7.36
N LEU C 284 0.45 28.41 7.49
CA LEU C 284 1.46 28.56 6.45
C LEU C 284 2.88 28.39 6.96
N MET C 285 3.20 28.94 8.14
CA MET C 285 4.55 28.79 8.68
C MET C 285 4.59 27.69 9.72
N ASP C 286 3.56 27.61 10.55
CA ASP C 286 3.64 26.77 11.75
C ASP C 286 3.26 25.32 11.44
N ALA C 287 2.73 25.05 10.27
CA ALA C 287 2.36 23.68 9.94
C ALA C 287 3.59 22.80 9.79
N LEU C 288 3.36 21.50 9.87
CA LEU C 288 4.38 20.50 9.64
C LEU C 288 3.74 19.30 8.96
N LYS C 289 4.58 18.40 8.47
CA LYS C 289 4.13 17.31 7.61
C LYS C 289 4.72 15.99 8.10
N LEU C 290 3.84 15.03 8.34
CA LEU C 290 4.25 13.68 8.66
C LEU C 290 4.58 12.93 7.38
N SER C 291 5.88 12.76 7.14
CA SER C 291 6.34 12.12 5.91
C SER C 291 5.85 10.68 5.82
N ILE C 292 6.01 10.10 4.63
CA ILE C 292 5.72 8.70 4.38
C ILE C 292 7.00 7.86 4.31
N GLU C 293 8.16 8.51 4.20
CA GLU C 293 9.45 7.84 4.08
C GLU C 293 9.54 7.04 2.77
N ASP C 294 9.27 7.72 1.66
CA ASP C 294 9.72 7.29 0.34
C ASP C 294 9.21 5.91 -0.08
N PRO C 295 7.92 5.79 -0.38
CA PRO C 295 7.37 4.52 -0.88
C PRO C 295 7.92 4.16 -2.25
N SER C 296 7.45 3.02 -2.74
CA SER C 296 7.86 2.51 -4.04
C SER C 296 7.27 3.36 -5.16
N HIS C 297 7.58 2.99 -6.39
CA HIS C 297 7.18 3.76 -7.55
C HIS C 297 5.96 3.17 -8.26
N GLU C 298 5.68 1.88 -8.07
CA GLU C 298 4.52 1.25 -8.70
C GLU C 298 3.29 1.28 -7.82
N GLY C 299 3.44 1.45 -6.51
CA GLY C 299 2.31 1.39 -5.62
C GLY C 299 1.55 2.68 -5.56
N GLU C 300 0.44 2.73 -6.28
CA GLU C 300 -0.48 3.85 -6.17
C GLU C 300 -1.17 3.77 -4.81
N GLY C 301 -1.76 4.88 -4.40
CA GLY C 301 -2.43 4.93 -3.11
C GLY C 301 -3.65 5.81 -3.10
N ILE C 302 -4.79 5.22 -2.73
CA ILE C 302 -5.94 6.04 -2.38
C ILE C 302 -5.56 6.86 -1.15
N PRO C 303 -5.71 8.19 -1.18
CA PRO C 303 -4.91 9.05 -0.29
C PRO C 303 -5.11 8.78 1.18
N LEU C 304 -6.29 8.29 1.58
CA LEU C 304 -6.54 8.03 3.00
C LEU C 304 -5.51 7.07 3.56
N TYR C 305 -5.13 6.06 2.81
CA TYR C 305 -4.24 5.04 3.35
C TYR C 305 -2.83 5.58 3.48
N ASP C 306 -2.40 6.45 2.57
CA ASP C 306 -1.11 7.08 2.72
C ASP C 306 -1.10 7.99 3.94
N ALA C 307 -2.16 8.77 4.12
CA ALA C 307 -2.29 9.58 5.31
C ALA C 307 -2.23 8.72 6.56
N ILE C 308 -3.08 7.70 6.63
CA ILE C 308 -3.15 6.81 7.78
C ILE C 308 -1.81 6.20 8.08
N LYS C 309 -1.08 5.81 7.04
CA LYS C 309 0.27 5.29 7.22
C LYS C 309 1.15 6.35 7.88
N CYS C 310 0.97 7.61 7.51
CA CYS C 310 1.84 8.64 8.07
C CYS C 310 1.43 9.01 9.49
N MET C 311 0.12 9.01 9.77
CA MET C 311 -0.34 9.25 11.13
C MET C 311 0.06 8.07 12.02
N ARG C 312 0.04 6.88 11.44
CA ARG C 312 0.49 5.68 12.14
C ARG C 312 1.98 5.76 12.45
N THR C 313 2.73 6.53 11.66
CA THR C 313 4.17 6.63 11.89
C THR C 313 4.47 7.36 13.20
N PHE C 314 3.66 8.34 13.56
CA PHE C 314 3.98 9.20 14.69
C PHE C 314 3.37 8.68 15.98
N PHE C 315 4.19 8.67 17.03
CA PHE C 315 3.77 8.42 18.39
C PHE C 315 4.24 9.58 19.25
N GLY C 316 3.48 9.87 20.31
CA GLY C 316 3.59 11.15 20.98
C GLY C 316 2.27 11.85 21.17
N TRP C 317 1.21 11.05 21.27
CA TRP C 317 -0.15 11.54 21.43
C TRP C 317 -0.51 11.55 22.91
N LYS C 318 -0.56 12.74 23.51
CA LYS C 318 -1.07 12.88 24.86
C LYS C 318 -2.60 12.94 24.82
N GLU C 319 -3.20 13.03 26.00
CA GLU C 319 -4.61 13.25 26.09
C GLU C 319 -4.95 14.64 25.54
N PRO C 320 -6.07 14.80 24.85
CA PRO C 320 -6.44 16.14 24.36
C PRO C 320 -7.03 17.01 25.46
N TYR C 321 -6.40 18.15 25.71
CA TYR C 321 -6.98 19.22 26.49
C TYR C 321 -6.66 20.55 25.83
N ILE C 322 -7.68 21.42 25.73
CA ILE C 322 -7.55 22.67 25.01
C ILE C 322 -6.47 23.53 25.64
N VAL C 323 -5.77 24.27 24.79
CA VAL C 323 -4.70 25.16 25.21
C VAL C 323 -5.05 26.62 25.01
N LYS C 324 -5.96 26.94 24.10
CA LYS C 324 -6.36 28.31 23.80
C LYS C 324 -7.85 28.41 24.06
N PRO C 325 -8.31 29.33 24.90
CA PRO C 325 -9.76 29.57 24.97
C PRO C 325 -10.23 30.27 23.70
N HIS C 326 -11.16 29.63 22.99
CA HIS C 326 -11.73 30.24 21.80
C HIS C 326 -12.33 31.61 22.11
N GLU C 327 -12.92 31.77 23.30
CA GLU C 327 -13.66 32.95 23.75
C GLU C 327 -15.03 33.07 23.07
N LYS C 328 -15.37 32.18 22.14
CA LYS C 328 -16.67 32.12 21.50
C LYS C 328 -16.88 30.69 21.07
N GLY C 329 -18.12 30.32 20.78
CA GLY C 329 -18.35 28.94 20.45
C GLY C 329 -18.13 28.06 21.68
N ILE C 330 -17.77 26.80 21.42
CA ILE C 330 -17.61 25.79 22.47
C ILE C 330 -16.38 24.93 22.17
N ASN C 331 -15.28 25.22 22.87
CA ASN C 331 -14.03 24.47 22.69
C ASN C 331 -14.15 22.97 22.92
N PRO C 332 -14.81 22.48 23.99
CA PRO C 332 -14.89 21.03 24.17
C PRO C 332 -15.47 20.29 22.99
N ASN C 333 -16.37 20.93 22.26
CA ASN C 333 -17.02 20.24 21.16
C ASN C 333 -16.02 19.95 20.04
N TYR C 334 -15.08 20.87 19.81
CA TYR C 334 -14.07 20.63 18.79
C TYR C 334 -13.07 19.58 19.26
N LEU C 335 -12.78 19.57 20.56
CA LEU C 335 -11.99 18.47 21.11
C LEU C 335 -12.62 17.12 20.79
N LEU C 336 -13.92 16.98 21.08
CA LEU C 336 -14.57 15.71 20.85
C LEU C 336 -14.70 15.41 19.35
N SER C 337 -14.73 16.45 18.52
CA SER C 337 -14.68 16.23 17.07
C SER C 337 -13.39 15.53 16.68
N TRP C 338 -12.26 16.07 17.13
CA TRP C 338 -10.96 15.45 16.86
C TRP C 338 -10.92 14.01 17.37
N LYS C 339 -11.49 13.79 18.55
CA LYS C 339 -11.59 12.43 19.08
C LYS C 339 -12.33 11.51 18.13
N GLN C 340 -13.49 11.98 17.64
CA GLN C 340 -14.25 11.20 16.67
C GLN C 340 -13.41 10.88 15.47
N VAL C 341 -12.58 11.82 15.04
CA VAL C 341 -11.76 11.59 13.85
C VAL C 341 -10.82 10.42 14.08
N LEU C 342 -10.00 10.51 15.12
CA LEU C 342 -9.05 9.45 15.40
C LEU C 342 -9.73 8.10 15.55
N ALA C 343 -10.85 8.08 16.27
CA ALA C 343 -11.54 6.83 16.51
C ALA C 343 -12.08 6.24 15.22
N GLU C 344 -12.70 7.09 14.39
CA GLU C 344 -13.24 6.63 13.13
C GLU C 344 -12.16 6.05 12.25
N LEU C 345 -11.00 6.69 12.23
CA LEU C 345 -9.91 6.24 11.35
C LEU C 345 -9.37 4.90 11.80
N GLN C 346 -9.07 4.76 13.10
CA GLN C 346 -8.57 3.47 13.56
C GLN C 346 -9.61 2.37 13.35
N ASP C 347 -10.89 2.71 13.55
CA ASP C 347 -11.93 1.69 13.51
C ASP C 347 -12.19 1.22 12.09
N ILE C 348 -12.22 2.15 11.14
CA ILE C 348 -12.44 1.74 9.75
C ILE C 348 -11.29 0.88 9.28
N GLU C 349 -10.05 1.32 9.50
CA GLU C 349 -8.94 0.66 8.82
C GLU C 349 -8.63 -0.68 9.45
N ASN C 350 -8.79 -0.81 10.76
CA ASN C 350 -8.42 -2.06 11.40
C ASN C 350 -9.40 -3.18 11.03
N GLU C 351 -10.70 -2.88 10.99
CA GLU C 351 -11.73 -3.91 10.97
C GLU C 351 -12.86 -3.61 9.99
N GLU C 352 -12.53 -3.20 8.78
CA GLU C 352 -13.52 -3.14 7.71
C GLU C 352 -12.83 -3.46 6.38
N LYS C 353 -13.63 -3.56 5.32
CA LYS C 353 -13.15 -3.98 4.01
C LYS C 353 -12.53 -2.85 3.20
N ILE C 354 -11.66 -2.08 3.86
CA ILE C 354 -10.79 -1.12 3.19
C ILE C 354 -11.57 -0.16 2.31
N PRO C 355 -12.45 0.69 2.86
CA PRO C 355 -13.16 1.63 1.99
C PRO C 355 -12.22 2.70 1.44
N ARG C 356 -12.36 2.97 0.14
CA ARG C 356 -11.50 3.94 -0.52
C ARG C 356 -11.62 5.32 0.12
N THR C 357 -12.85 5.79 0.32
CA THR C 357 -13.12 7.07 0.92
C THR C 357 -14.10 6.90 2.06
N LYS C 358 -13.83 7.58 3.17
CA LYS C 358 -14.61 7.47 4.39
C LYS C 358 -15.29 8.80 4.67
N ASN C 359 -16.58 8.72 4.98
CA ASN C 359 -17.34 9.86 5.44
C ASN C 359 -17.73 9.64 6.89
N MET C 360 -17.56 10.67 7.71
CA MET C 360 -17.70 10.55 9.15
C MET C 360 -19.12 10.19 9.55
N LYS C 361 -19.30 9.93 10.84
CA LYS C 361 -20.62 9.71 11.40
C LYS C 361 -21.17 11.01 11.98
N LYS C 362 -22.47 11.23 11.81
CA LYS C 362 -23.11 12.43 12.32
C LYS C 362 -23.09 12.42 13.84
N THR C 363 -22.73 13.55 14.43
CA THR C 363 -22.60 13.68 15.88
C THR C 363 -23.02 15.08 16.29
N SER C 364 -23.05 15.28 17.61
CA SER C 364 -23.25 16.62 18.13
C SER C 364 -22.11 17.53 17.73
N GLN C 365 -20.89 17.00 17.73
CA GLN C 365 -19.72 17.84 17.57
C GLN C 365 -19.66 18.44 16.18
N LEU C 366 -19.57 17.59 15.17
CA LEU C 366 -19.40 18.08 13.81
C LEU C 366 -20.63 18.83 13.36
N LYS C 367 -21.81 18.28 13.68
CA LYS C 367 -23.04 18.93 13.28
C LYS C 367 -23.19 20.30 13.94
N TRP C 368 -22.61 20.49 15.11
CA TRP C 368 -22.52 21.83 15.68
C TRP C 368 -21.56 22.69 14.89
N ALA C 369 -20.37 22.16 14.63
CA ALA C 369 -19.33 22.96 13.98
C ALA C 369 -19.60 23.25 12.52
N LEU C 370 -20.65 22.66 11.94
CA LEU C 370 -21.08 22.98 10.59
C LEU C 370 -22.51 23.46 10.50
N GLY C 371 -23.31 23.30 11.54
CA GLY C 371 -24.60 23.95 11.63
C GLY C 371 -25.58 23.49 10.57
N GLU C 372 -25.83 22.19 10.52
CA GLU C 372 -26.83 21.69 9.58
C GLU C 372 -28.23 22.13 9.99
N ASN C 373 -28.40 22.57 11.23
CA ASN C 373 -29.67 23.15 11.66
C ASN C 373 -29.68 24.67 11.50
N MET C 374 -28.53 25.29 11.19
CA MET C 374 -28.45 26.74 11.21
C MET C 374 -29.25 27.37 10.06
N ALA C 375 -29.67 26.57 9.10
CA ALA C 375 -30.35 27.13 7.95
C ALA C 375 -31.75 27.61 8.32
N PRO C 376 -32.17 28.80 7.87
CA PRO C 376 -33.60 29.09 7.80
C PRO C 376 -34.15 28.66 6.45
N GLU C 377 -35.47 28.76 6.32
CA GLU C 377 -36.18 28.19 5.19
C GLU C 377 -36.89 29.28 4.39
N LYS C 378 -36.95 29.08 3.08
CA LYS C 378 -37.71 29.98 2.22
C LYS C 378 -39.19 29.94 2.60
N VAL C 379 -39.86 31.08 2.45
CA VAL C 379 -41.28 31.21 2.71
C VAL C 379 -41.80 32.34 1.83
N ASP C 380 -43.12 32.42 1.71
CA ASP C 380 -43.74 33.50 0.95
C ASP C 380 -43.76 34.79 1.78
N PHE C 381 -44.06 35.90 1.10
CA PHE C 381 -44.03 37.20 1.76
C PHE C 381 -45.24 37.41 2.64
N ASP C 382 -46.42 37.03 2.16
CA ASP C 382 -47.67 37.39 2.83
C ASP C 382 -47.74 36.79 4.24
N ASN C 383 -47.14 35.61 4.43
CA ASN C 383 -47.25 34.92 5.70
C ASN C 383 -46.35 35.53 6.76
N CYS C 384 -45.29 36.23 6.34
CA CYS C 384 -44.29 36.78 7.25
C CYS C 384 -44.32 38.30 7.33
N ARG C 385 -45.00 38.97 6.39
CA ARG C 385 -45.10 40.42 6.44
C ARG C 385 -45.72 40.89 7.75
N ASP C 386 -46.61 40.07 8.33
CA ASP C 386 -47.18 40.38 9.63
C ASP C 386 -46.09 40.48 10.69
N VAL C 387 -44.99 39.75 10.53
CA VAL C 387 -43.92 39.79 11.50
C VAL C 387 -43.15 41.10 11.36
N SER C 388 -42.71 41.66 12.49
CA SER C 388 -41.91 42.87 12.52
C SER C 388 -40.43 42.61 12.84
N ASP C 389 -40.07 41.37 13.19
CA ASP C 389 -38.67 41.06 13.46
C ASP C 389 -37.82 41.14 12.21
N LEU C 390 -38.45 41.09 11.03
CA LEU C 390 -37.70 40.94 9.80
C LEU C 390 -36.88 42.18 9.48
N LYS C 391 -35.73 41.95 8.87
CA LYS C 391 -34.88 43.00 8.32
C LYS C 391 -34.38 42.52 6.97
N GLN C 392 -34.09 43.48 6.08
CA GLN C 392 -33.55 43.15 4.77
C GLN C 392 -32.29 42.31 4.91
N TYR C 393 -31.25 42.91 5.47
CA TYR C 393 -30.09 42.19 5.95
C TYR C 393 -29.19 43.17 6.69
N ASP C 394 -28.33 42.64 7.54
CA ASP C 394 -27.23 43.39 8.14
C ASP C 394 -26.15 43.63 7.08
N SER C 395 -26.51 44.45 6.11
CA SER C 395 -25.63 44.80 4.99
C SER C 395 -24.94 46.11 5.33
N ASP C 396 -23.74 46.02 5.89
CA ASP C 396 -23.03 47.19 6.37
C ASP C 396 -21.54 46.89 6.34
N GLU C 397 -20.74 47.93 6.55
CA GLU C 397 -19.31 47.73 6.60
C GLU C 397 -18.94 46.87 7.80
N PRO C 398 -17.88 46.10 7.74
CA PRO C 398 -17.47 45.29 8.89
C PRO C 398 -16.52 46.05 9.80
N GLU C 399 -16.06 45.34 10.81
CA GLU C 399 -15.19 45.94 11.81
C GLU C 399 -13.84 46.30 11.21
N LEU C 400 -13.34 47.47 11.56
CA LEU C 400 -11.99 47.86 11.21
C LEU C 400 -10.98 46.88 11.81
N ARG C 401 -9.77 46.90 11.25
CA ARG C 401 -8.66 46.16 11.82
C ARG C 401 -7.39 46.98 11.70
N SER C 402 -6.46 46.71 12.62
CA SER C 402 -5.15 47.35 12.64
C SER C 402 -4.09 46.38 12.18
N LEU C 403 -3.06 46.92 11.55
CA LEU C 403 -1.92 46.12 11.17
C LEU C 403 -1.20 45.64 12.42
N SER C 404 -0.62 44.45 12.32
CA SER C 404 0.22 43.89 13.37
C SER C 404 1.41 43.22 12.71
N SER C 405 2.26 42.61 13.53
CA SER C 405 3.51 42.06 13.07
C SER C 405 3.40 40.63 12.56
N TRP C 406 2.30 39.93 12.88
CA TRP C 406 2.25 38.49 12.63
C TRP C 406 2.33 38.18 11.14
N ILE C 407 1.55 38.89 10.33
CA ILE C 407 1.52 38.60 8.90
C ILE C 407 2.87 38.86 8.27
N GLN C 408 3.60 39.85 8.78
CA GLN C 408 4.94 40.11 8.27
C GLN C 408 5.84 38.91 8.52
N ASN C 409 5.72 38.31 9.71
CA ASN C 409 6.53 37.15 10.02
C ASN C 409 6.13 35.97 9.14
N GLU C 410 4.82 35.79 8.95
CA GLU C 410 4.36 34.71 8.07
C GLU C 410 4.91 34.88 6.66
N PHE C 411 4.95 36.11 6.17
CA PHE C 411 5.46 36.34 4.83
C PHE C 411 6.95 36.07 4.77
N ASN C 412 7.71 36.61 5.72
CA ASN C 412 9.14 36.36 5.77
C ASN C 412 9.45 34.87 5.77
N LYS C 413 8.74 34.09 6.58
CA LYS C 413 8.92 32.65 6.55
C LYS C 413 8.52 32.07 5.21
N ALA C 414 7.54 32.69 4.54
CA ALA C 414 6.95 32.09 3.35
C ALA C 414 7.75 32.40 2.10
N CYS C 415 8.61 33.41 2.15
CA CYS C 415 9.57 33.62 1.08
C CYS C 415 10.77 32.70 1.22
N GLU C 416 11.03 32.21 2.43
CA GLU C 416 12.27 31.50 2.72
C GLU C 416 12.32 30.17 1.97
N LEU C 417 13.55 29.69 1.76
CA LEU C 417 13.79 28.43 1.08
C LEU C 417 13.48 27.27 2.00
N THR C 418 12.59 26.38 1.57
CA THR C 418 12.53 25.05 2.13
C THR C 418 13.58 24.17 1.46
N ASP C 419 13.73 22.95 1.94
CA ASP C 419 14.84 22.12 1.51
C ASP C 419 14.53 21.31 0.27
N SER C 420 13.32 20.77 0.17
CA SER C 420 12.98 19.84 -0.90
C SER C 420 12.90 20.56 -2.24
N THR C 421 12.51 19.81 -3.27
CA THR C 421 12.44 20.30 -4.64
C THR C 421 11.03 20.72 -5.03
N TRP C 422 10.02 19.96 -4.63
CA TRP C 422 8.62 20.39 -4.65
C TRP C 422 7.98 20.47 -6.03
N ILE C 423 8.75 20.32 -7.10
CA ILE C 423 8.15 20.32 -8.43
C ILE C 423 9.16 19.77 -9.43
N GLU C 424 8.67 18.93 -10.32
CA GLU C 424 9.44 18.42 -11.44
C GLU C 424 9.02 19.15 -12.71
N LEU C 425 9.70 18.84 -13.81
CA LEU C 425 9.34 19.43 -15.08
C LEU C 425 9.90 18.58 -16.20
N ASP C 426 9.07 18.29 -17.19
CA ASP C 426 9.37 17.29 -18.21
C ASP C 426 10.01 17.95 -19.43
N GLU C 427 10.10 17.19 -20.52
CA GLU C 427 10.77 17.62 -21.74
C GLU C 427 9.76 18.05 -22.80
N ILE C 428 10.27 18.82 -23.76
CA ILE C 428 9.51 19.40 -24.85
C ILE C 428 10.40 19.32 -26.08
N GLY C 429 9.81 19.49 -27.25
CA GLY C 429 10.51 19.48 -28.51
C GLY C 429 11.79 20.27 -28.52
N GLU C 430 12.72 19.88 -29.37
CA GLU C 430 14.08 20.40 -29.32
C GLU C 430 14.08 21.88 -29.67
N ASP C 431 15.28 22.47 -29.65
CA ASP C 431 15.48 23.91 -29.79
C ASP C 431 16.44 24.15 -30.95
N VAL C 432 15.93 24.82 -31.99
CA VAL C 432 16.71 25.14 -33.19
C VAL C 432 16.78 26.65 -33.40
N ALA C 433 15.63 27.31 -33.47
CA ALA C 433 15.58 28.74 -33.66
C ALA C 433 16.14 29.47 -32.43
N PRO C 434 16.52 30.74 -32.58
CA PRO C 434 17.15 31.44 -31.43
C PRO C 434 16.20 31.62 -30.26
N ILE C 435 15.03 32.20 -30.55
CA ILE C 435 14.04 32.55 -29.53
C ILE C 435 13.68 31.33 -28.69
N GLU C 436 13.76 30.14 -29.28
CA GLU C 436 13.58 28.91 -28.54
C GLU C 436 14.64 28.77 -27.44
N TYR C 437 15.90 29.00 -27.78
CA TYR C 437 16.97 28.89 -26.79
C TYR C 437 16.79 29.90 -25.67
N ILE C 438 16.43 31.13 -26.03
CA ILE C 438 16.25 32.15 -25.00
C ILE C 438 15.10 31.78 -24.07
N ALA C 439 13.99 31.29 -24.63
CA ALA C 439 12.88 30.85 -23.79
C ALA C 439 13.31 29.71 -22.88
N SER C 440 14.06 28.75 -23.43
CA SER C 440 14.50 27.60 -22.66
C SER C 440 15.34 28.02 -21.47
N MET C 441 16.34 28.88 -21.71
CA MET C 441 17.23 29.25 -20.62
C MET C 441 16.48 30.06 -19.57
N ARG C 442 15.58 30.94 -20.00
CA ARG C 442 14.83 31.73 -19.04
C ARG C 442 13.96 30.84 -18.15
N ARG C 443 13.23 29.91 -18.76
CA ARG C 443 12.34 29.08 -17.95
C ARG C 443 13.13 28.14 -17.05
N ASN C 444 14.29 27.65 -17.52
CA ASN C 444 15.09 26.77 -16.68
C ASN C 444 15.60 27.50 -15.46
N TYR C 445 16.23 28.66 -15.65
CA TYR C 445 16.60 29.54 -14.54
C TYR C 445 15.43 29.71 -13.59
N PHE C 446 14.27 30.02 -14.15
CA PHE C 446 13.12 30.38 -13.33
C PHE C 446 12.68 29.21 -12.46
N THR C 447 12.40 28.06 -13.07
CA THR C 447 11.85 26.96 -12.31
C THR C 447 12.88 26.42 -11.33
N ALA C 448 14.15 26.44 -11.69
CA ALA C 448 15.17 25.97 -10.76
C ALA C 448 15.23 26.86 -9.54
N GLU C 449 15.05 28.17 -9.74
CA GLU C 449 15.08 29.08 -8.61
C GLU C 449 13.82 28.94 -7.77
N VAL C 450 12.69 28.65 -8.40
CA VAL C 450 11.40 28.69 -7.71
C VAL C 450 11.18 27.41 -6.92
N SER C 451 11.66 26.29 -7.44
CA SER C 451 11.20 25.00 -6.98
C SER C 451 11.48 24.78 -5.50
N HIS C 452 12.57 25.37 -4.99
CA HIS C 452 12.92 25.19 -3.59
C HIS C 452 12.22 26.18 -2.68
N CYS C 453 11.18 26.84 -3.16
CA CYS C 453 10.42 27.76 -2.33
C CYS C 453 9.55 27.01 -1.32
N ARG C 454 9.08 27.76 -0.32
CA ARG C 454 7.93 27.35 0.47
C ARG C 454 6.63 27.87 -0.12
N ALA C 455 6.74 28.89 -0.96
CA ALA C 455 5.59 29.33 -1.73
C ALA C 455 5.08 28.23 -2.63
N THR C 456 5.99 27.59 -3.36
CA THR C 456 5.59 26.49 -4.24
C THR C 456 5.03 25.34 -3.42
N GLU C 457 5.52 25.18 -2.20
CA GLU C 457 4.92 24.19 -1.31
C GLU C 457 3.47 24.54 -1.04
N TYR C 458 3.20 25.80 -0.69
CA TYR C 458 1.82 26.25 -0.52
C TYR C 458 1.03 26.03 -1.80
N ILE C 459 1.69 26.18 -2.94
CA ILE C 459 0.99 26.07 -4.22
C ILE C 459 0.47 24.66 -4.42
N MET C 460 1.36 23.68 -4.36
CA MET C 460 0.94 22.31 -4.61
C MET C 460 -0.02 21.86 -3.52
N LYS C 461 0.21 22.30 -2.30
CA LYS C 461 -0.70 21.99 -1.20
C LYS C 461 -2.10 22.50 -1.50
N GLY C 462 -2.18 23.77 -1.89
CA GLY C 462 -3.47 24.36 -2.18
C GLY C 462 -4.15 23.67 -3.34
N VAL C 463 -3.38 23.37 -4.38
CA VAL C 463 -3.96 22.76 -5.56
C VAL C 463 -4.54 21.40 -5.22
N TYR C 464 -3.80 20.59 -4.48
CA TYR C 464 -4.31 19.27 -4.14
C TYR C 464 -5.52 19.37 -3.22
N ILE C 465 -5.47 20.31 -2.27
CA ILE C 465 -6.59 20.51 -1.36
C ILE C 465 -7.84 20.89 -2.13
N ASN C 466 -7.72 21.84 -3.04
CA ASN C 466 -8.90 22.34 -3.74
C ASN C 466 -9.42 21.32 -4.73
N THR C 467 -8.52 20.60 -5.42
CA THR C 467 -8.96 19.54 -6.31
C THR C 467 -9.72 18.48 -5.55
N ALA C 468 -9.20 18.08 -4.39
CA ALA C 468 -9.86 17.07 -3.60
C ALA C 468 -11.24 17.55 -3.16
N LEU C 469 -11.32 18.80 -2.72
CA LEU C 469 -12.59 19.31 -2.24
C LEU C 469 -13.59 19.43 -3.37
N LEU C 470 -13.15 19.81 -4.56
CA LEU C 470 -14.08 19.99 -5.66
C LEU C 470 -14.54 18.65 -6.19
N ASN C 471 -13.63 17.68 -6.28
CA ASN C 471 -14.00 16.30 -6.58
C ASN C 471 -15.07 15.83 -5.63
N ALA C 472 -14.85 16.04 -4.32
CA ALA C 472 -15.81 15.60 -3.32
C ALA C 472 -17.14 16.30 -3.49
N SER C 473 -17.13 17.63 -3.55
CA SER C 473 -18.37 18.38 -3.53
C SER C 473 -19.20 18.13 -4.78
N CYS C 474 -18.57 18.08 -5.94
CA CYS C 474 -19.30 17.73 -7.15
C CYS C 474 -19.76 16.28 -7.10
N ALA C 475 -19.01 15.43 -6.40
CA ALA C 475 -19.30 14.01 -6.32
C ALA C 475 -19.97 13.59 -5.02
N ALA C 476 -20.03 14.46 -4.02
CA ALA C 476 -20.53 14.06 -2.72
C ALA C 476 -20.89 15.30 -1.92
N MET C 477 -22.16 15.39 -1.52
CA MET C 477 -22.68 16.57 -0.86
C MET C 477 -23.24 16.26 0.52
N ASP C 478 -23.97 15.15 0.67
CA ASP C 478 -24.78 14.95 1.87
C ASP C 478 -23.97 14.34 3.01
N ASP C 479 -22.65 14.25 2.85
CA ASP C 479 -21.85 13.41 3.73
C ASP C 479 -20.60 14.15 4.21
N PHE C 480 -20.45 14.24 5.53
CA PHE C 480 -19.19 14.73 6.10
C PHE C 480 -18.06 13.83 5.66
N GLN C 481 -17.14 14.39 4.89
CA GLN C 481 -16.03 13.63 4.34
C GLN C 481 -14.76 13.95 5.09
N LEU C 482 -13.93 12.94 5.26
CA LEU C 482 -12.55 13.12 5.69
C LEU C 482 -11.72 13.19 4.44
N ILE C 483 -10.82 14.16 4.39
CA ILE C 483 -9.84 14.27 3.33
C ILE C 483 -8.54 14.73 3.98
N PRO C 484 -7.38 14.28 3.52
CA PRO C 484 -6.13 14.86 3.98
C PRO C 484 -5.73 16.07 3.17
N MET C 485 -4.85 16.89 3.76
CA MET C 485 -4.19 17.98 3.03
C MET C 485 -2.94 17.43 2.35
N ILE C 486 -3.12 16.36 1.59
CA ILE C 486 -2.03 15.53 1.13
C ILE C 486 -1.43 16.15 -0.12
N SER C 487 -0.11 16.05 -0.24
CA SER C 487 0.64 16.61 -1.35
C SER C 487 1.79 15.68 -1.71
N LYS C 488 2.07 15.58 -3.00
CA LYS C 488 3.13 14.72 -3.51
C LYS C 488 4.37 15.54 -3.79
N CYS C 489 5.47 15.20 -3.12
CA CYS C 489 6.74 15.89 -3.31
C CYS C 489 7.85 14.87 -3.48
N ARG C 490 8.69 15.09 -4.49
CA ARG C 490 9.87 14.26 -4.66
C ARG C 490 11.01 14.80 -3.83
N THR C 491 11.61 13.93 -3.02
CA THR C 491 12.79 14.30 -2.29
C THR C 491 13.92 14.59 -3.25
N LYS C 492 14.79 15.54 -2.85
CA LYS C 492 15.92 15.91 -3.69
C LYS C 492 16.86 14.73 -3.93
N GLU C 493 16.85 13.75 -3.04
CA GLU C 493 17.83 12.66 -3.04
C GLU C 493 17.20 11.27 -2.91
N GLY C 494 15.88 11.18 -2.84
CA GLY C 494 15.19 9.90 -2.69
C GLY C 494 14.06 9.69 -3.67
N ARG C 495 12.96 9.13 -3.17
CA ARG C 495 11.78 8.82 -3.96
C ARG C 495 10.69 9.84 -3.73
N ARG C 496 9.62 9.70 -4.51
CA ARG C 496 8.41 10.46 -4.28
C ARG C 496 7.91 10.29 -2.86
N LYS C 497 7.51 11.40 -2.25
CA LYS C 497 7.05 11.43 -0.87
C LYS C 497 5.68 12.08 -0.80
N THR C 498 4.70 11.34 -0.31
CA THR C 498 3.38 11.87 0.00
C THR C 498 3.40 12.40 1.43
N ASN C 499 3.41 13.72 1.56
CA ASN C 499 3.35 14.34 2.86
C ASN C 499 1.90 14.50 3.32
N LEU C 500 1.68 14.25 4.61
CA LEU C 500 0.40 14.50 5.27
C LEU C 500 0.56 15.77 6.07
N TYR C 501 0.00 16.85 5.54
CA TYR C 501 -0.04 18.10 6.26
C TYR C 501 -1.06 18.05 7.37
N GLY C 502 -2.31 17.78 7.03
CA GLY C 502 -3.36 17.81 8.01
C GLY C 502 -4.64 17.23 7.45
N PHE C 503 -5.47 16.79 8.36
CA PHE C 503 -6.76 16.23 8.03
C PHE C 503 -7.75 17.34 7.73
N ILE C 504 -8.83 16.99 7.05
CA ILE C 504 -9.94 17.89 6.79
C ILE C 504 -11.21 17.12 7.10
N ILE C 505 -12.20 17.82 7.63
CA ILE C 505 -13.56 17.31 7.75
C ILE C 505 -14.46 18.22 6.93
N LYS C 506 -14.71 17.82 5.70
CA LYS C 506 -15.50 18.61 4.77
C LYS C 506 -16.95 18.62 5.21
N GLY C 507 -17.57 19.79 5.13
CA GLY C 507 -18.97 19.91 5.45
C GLY C 507 -19.84 19.86 4.21
N ARG C 508 -21.11 19.55 4.42
CA ARG C 508 -22.00 19.21 3.32
C ARG C 508 -22.14 20.37 2.35
N SER C 509 -22.25 20.05 1.07
CA SER C 509 -22.02 20.99 -0.01
C SER C 509 -22.94 20.71 -1.18
N HIS C 510 -24.06 21.42 -1.24
CA HIS C 510 -24.91 21.46 -2.41
C HIS C 510 -24.82 22.85 -3.00
N LEU C 511 -24.21 22.93 -4.18
CA LEU C 511 -23.85 24.21 -4.81
C LEU C 511 -24.84 24.50 -5.92
N ARG C 512 -25.95 25.15 -5.57
CA ARG C 512 -26.91 25.57 -6.57
C ARG C 512 -26.30 26.64 -7.47
N ASN C 513 -25.38 27.43 -6.92
CA ASN C 513 -24.58 28.37 -7.69
C ASN C 513 -23.12 28.22 -7.26
N ASP C 514 -22.23 28.61 -8.17
CA ASP C 514 -20.80 28.52 -7.89
C ASP C 514 -20.39 29.49 -6.78
N THR C 515 -21.12 30.60 -6.65
CA THR C 515 -20.73 31.62 -5.68
C THR C 515 -20.87 31.13 -4.25
N ASP C 516 -21.77 30.17 -4.02
CA ASP C 516 -22.16 29.74 -2.68
C ASP C 516 -20.96 29.31 -1.84
N VAL C 517 -21.04 29.57 -0.53
CA VAL C 517 -20.01 29.10 0.39
C VAL C 517 -20.29 27.66 0.78
N VAL C 518 -19.23 26.92 1.01
CA VAL C 518 -19.27 25.62 1.66
C VAL C 518 -18.42 25.76 2.91
N ASN C 519 -18.91 25.23 4.03
CA ASN C 519 -18.21 25.33 5.30
C ASN C 519 -17.63 23.97 5.67
N PHE C 520 -16.61 24.01 6.51
CA PHE C 520 -15.97 22.77 6.94
C PHE C 520 -15.09 23.03 8.15
N VAL C 521 -14.38 21.99 8.55
CA VAL C 521 -13.42 22.03 9.65
C VAL C 521 -12.09 21.53 9.12
N SER C 522 -11.02 22.06 9.68
CA SER C 522 -9.68 21.81 9.19
C SER C 522 -8.73 21.57 10.36
N MET C 523 -8.01 20.46 10.30
CA MET C 523 -7.04 20.08 11.31
C MET C 523 -5.68 20.00 10.67
N GLU C 524 -4.80 20.90 11.07
CA GLU C 524 -3.43 20.93 10.59
C GLU C 524 -2.51 21.00 11.80
N PHE C 525 -1.59 20.06 11.90
CA PHE C 525 -0.76 19.91 13.07
C PHE C 525 0.15 21.10 13.23
N SER C 526 0.74 21.25 14.41
CA SER C 526 1.54 22.42 14.72
C SER C 526 2.46 22.17 15.90
N LEU C 527 3.70 22.62 15.74
CA LEU C 527 4.68 22.55 16.82
C LEU C 527 4.66 23.81 17.67
N THR C 528 4.81 24.97 17.04
CA THR C 528 4.94 26.22 17.77
C THR C 528 3.71 26.48 18.62
N ASP C 529 3.95 26.91 19.83
CA ASP C 529 2.85 27.07 20.74
C ASP C 529 2.02 28.29 20.35
N PRO C 530 0.74 28.33 20.74
CA PRO C 530 0.06 29.61 20.80
C PRO C 530 0.55 30.44 21.97
N ARG C 531 -0.19 31.50 22.25
CA ARG C 531 -0.03 32.47 23.34
C ARG C 531 1.26 33.29 23.21
N LEU C 532 2.11 32.98 22.24
CA LEU C 532 3.18 33.88 21.83
C LEU C 532 2.62 35.01 20.98
N GLU C 533 1.56 34.73 20.22
CA GLU C 533 0.94 35.68 19.29
C GLU C 533 -0.55 35.38 19.29
N PRO C 534 -1.24 35.58 20.41
CA PRO C 534 -2.67 35.24 20.45
C PRO C 534 -3.53 36.14 19.60
N HIS C 535 -2.97 37.24 19.11
CA HIS C 535 -3.71 38.11 18.20
C HIS C 535 -3.84 37.48 16.83
N LYS C 536 -2.86 36.65 16.43
CA LYS C 536 -2.83 36.07 15.09
C LYS C 536 -4.08 35.23 14.82
N TRP C 537 -4.57 34.56 15.85
CA TRP C 537 -5.80 33.79 15.77
C TRP C 537 -6.71 34.23 16.92
N GLU C 538 -7.86 34.77 16.56
CA GLU C 538 -8.98 34.81 17.48
C GLU C 538 -9.98 33.72 17.12
N LYS C 539 -9.58 32.83 16.22
CA LYS C 539 -10.53 31.96 15.52
C LYS C 539 -10.19 30.50 15.72
N TYR C 540 -8.92 30.19 15.89
CA TYR C 540 -8.48 28.81 16.08
C TYR C 540 -9.09 28.24 17.35
N CYS C 541 -8.93 26.93 17.54
CA CYS C 541 -9.28 26.25 18.77
C CYS C 541 -8.21 25.22 19.07
N VAL C 542 -7.19 25.63 19.81
CA VAL C 542 -6.00 24.81 19.87
C VAL C 542 -6.14 23.71 20.91
N LEU C 543 -5.77 22.49 20.51
CA LEU C 543 -5.70 21.34 21.37
C LEU C 543 -4.24 21.06 21.67
N GLU C 544 -4.00 20.26 22.71
CA GLU C 544 -2.70 19.65 22.93
C GLU C 544 -2.76 18.20 22.53
N ILE C 545 -1.72 17.75 21.83
CA ILE C 545 -1.64 16.37 21.38
C ILE C 545 -0.28 15.78 21.72
N GLY C 546 0.35 16.33 22.75
CA GLY C 546 1.53 15.70 23.30
C GLY C 546 2.79 16.13 22.62
N ASP C 547 3.80 15.29 22.70
CA ASP C 547 5.15 15.65 22.34
C ASP C 547 5.49 15.05 20.99
N MET C 548 6.41 15.71 20.30
CA MET C 548 7.11 15.14 19.18
C MET C 548 8.59 15.33 19.45
N LEU C 549 9.35 14.26 19.25
CA LEU C 549 10.73 14.22 19.71
C LEU C 549 11.61 14.63 18.54
N LEU C 550 11.70 15.94 18.32
CA LEU C 550 12.60 16.48 17.31
C LEU C 550 14.06 16.24 17.72
N ARG C 551 14.91 16.08 16.72
CA ARG C 551 16.33 15.84 16.92
C ARG C 551 17.12 17.02 16.37
N SER C 552 17.75 17.77 17.26
CA SER C 552 18.66 18.84 16.89
C SER C 552 20.08 18.30 16.93
N ALA C 553 21.05 19.17 16.62
CA ALA C 553 22.45 18.75 16.54
C ALA C 553 22.94 18.21 17.88
N ILE C 554 22.47 18.80 18.98
CA ILE C 554 22.79 18.34 20.33
C ILE C 554 21.50 17.97 21.02
N GLY C 555 21.48 16.81 21.67
CA GLY C 555 20.35 16.40 22.47
C GLY C 555 19.10 16.13 21.64
N GLN C 556 17.97 16.41 22.29
CA GLN C 556 16.65 16.16 21.72
C GLN C 556 15.71 17.23 22.25
N MET C 557 14.86 17.76 21.38
CA MET C 557 14.08 18.95 21.74
C MET C 557 12.88 18.58 22.60
N SER C 558 12.09 17.59 22.16
CA SER C 558 10.92 17.12 22.90
C SER C 558 9.94 18.26 23.16
N ARG C 559 9.65 19.02 22.13
CA ARG C 559 8.66 20.08 22.25
C ARG C 559 7.27 19.49 22.21
N PRO C 560 6.28 20.13 22.82
CA PRO C 560 4.93 19.62 22.73
C PRO C 560 4.40 19.76 21.32
N MET C 561 3.21 19.21 21.11
CA MET C 561 2.54 19.24 19.83
C MET C 561 1.13 19.72 20.08
N PHE C 562 0.73 20.74 19.35
CA PHE C 562 -0.62 21.26 19.42
C PHE C 562 -1.26 21.16 18.05
N LEU C 563 -2.57 21.27 18.04
CA LEU C 563 -3.38 21.09 16.85
C LEU C 563 -4.29 22.29 16.75
N TYR C 564 -4.51 22.79 15.54
CA TYR C 564 -5.36 23.96 15.32
C TYR C 564 -6.59 23.52 14.56
N VAL C 565 -7.58 23.03 15.30
CA VAL C 565 -8.84 22.64 14.70
C VAL C 565 -9.69 23.90 14.63
N ARG C 566 -9.43 24.69 13.62
CA ARG C 566 -10.31 25.79 13.29
C ARG C 566 -11.42 25.29 12.38
N THR C 567 -12.40 26.14 12.17
CA THR C 567 -13.44 25.91 11.17
C THR C 567 -13.27 26.93 10.07
N ASN C 568 -14.07 26.81 9.03
CA ASN C 568 -13.91 27.64 7.85
C ASN C 568 -15.06 27.48 6.89
N GLY C 569 -14.97 28.20 5.77
CA GLY C 569 -15.74 27.89 4.60
C GLY C 569 -15.25 28.66 3.39
N THR C 570 -14.96 27.97 2.29
CA THR C 570 -14.27 28.62 1.19
C THR C 570 -15.20 29.09 0.06
N SER C 571 -15.61 28.19 -0.84
CA SER C 571 -16.46 28.50 -1.98
C SER C 571 -16.43 27.34 -2.96
N LYS C 572 -17.12 27.48 -4.08
CA LYS C 572 -16.72 26.77 -5.30
C LYS C 572 -15.65 27.56 -6.06
N ILE C 573 -15.85 28.87 -6.15
CA ILE C 573 -15.03 29.71 -7.01
C ILE C 573 -13.60 29.75 -6.50
N LYS C 574 -13.44 30.04 -5.22
CA LYS C 574 -12.12 30.14 -4.65
C LYS C 574 -11.41 28.80 -4.74
N MET C 575 -12.16 27.70 -4.70
CA MET C 575 -11.56 26.40 -4.90
C MET C 575 -11.02 26.25 -6.32
N LYS C 576 -11.78 26.71 -7.30
CA LYS C 576 -11.28 26.68 -8.68
C LYS C 576 -10.02 27.50 -8.83
N TRP C 577 -10.02 28.70 -8.27
CA TRP C 577 -8.90 29.59 -8.51
C TRP C 577 -7.71 29.23 -7.64
N GLY C 578 -7.93 28.42 -6.61
CA GLY C 578 -6.81 27.84 -5.90
C GLY C 578 -6.32 26.57 -6.57
N MET C 579 -7.16 25.96 -7.40
CA MET C 579 -6.67 24.88 -8.24
C MET C 579 -5.73 25.43 -9.30
N GLU C 580 -6.04 26.61 -9.82
CA GLU C 580 -5.26 27.22 -10.90
C GLU C 580 -4.23 28.21 -10.37
N MET C 581 -3.37 27.77 -9.44
CA MET C 581 -2.24 28.58 -9.02
C MET C 581 -0.97 28.26 -9.82
N ARG C 582 -0.96 27.21 -10.62
CA ARG C 582 0.15 27.03 -11.52
C ARG C 582 0.20 28.19 -12.50
N ARG C 583 -0.98 28.71 -12.85
CA ARG C 583 -1.07 29.98 -13.58
C ARG C 583 -0.40 31.11 -12.83
N CYS C 584 -0.46 31.10 -11.51
CA CYS C 584 0.11 32.18 -10.74
C CYS C 584 1.63 32.15 -10.78
N LEU C 585 2.19 30.95 -10.65
CA LEU C 585 3.61 30.74 -10.92
C LEU C 585 4.00 31.26 -12.30
N LEU C 586 3.27 30.82 -13.32
CA LEU C 586 3.47 31.29 -14.69
C LEU C 586 3.43 32.81 -14.77
N GLN C 587 2.53 33.44 -14.02
CA GLN C 587 2.37 34.88 -14.08
C GLN C 587 3.57 35.57 -13.47
N SER C 588 4.16 34.98 -12.43
CA SER C 588 5.41 35.52 -11.91
C SER C 588 6.49 35.49 -12.97
N LEU C 589 6.55 34.39 -13.71
CA LEU C 589 7.52 34.31 -14.82
C LEU C 589 7.25 35.39 -15.86
N GLN C 590 5.99 35.58 -16.21
CA GLN C 590 5.60 36.62 -17.16
C GLN C 590 6.10 37.98 -16.70
N GLN C 591 5.99 38.27 -15.41
CA GLN C 591 6.41 39.57 -14.90
C GLN C 591 7.91 39.74 -15.01
N ILE C 592 8.66 38.73 -14.58
CA ILE C 592 10.12 38.82 -14.66
C ILE C 592 10.56 38.98 -16.11
N GLU C 593 9.96 38.22 -17.01
CA GLU C 593 10.31 38.31 -18.42
C GLU C 593 9.98 39.69 -18.96
N SER C 594 8.90 40.30 -18.47
CA SER C 594 8.57 41.65 -18.89
C SER C 594 9.62 42.64 -18.44
N MET C 595 10.07 42.51 -17.18
CA MET C 595 11.17 43.33 -16.70
C MET C 595 12.39 43.20 -17.61
N ILE C 596 12.73 41.98 -17.97
CA ILE C 596 13.97 41.77 -18.72
C ILE C 596 13.82 42.25 -20.15
N GLU C 597 12.64 42.12 -20.73
CA GLU C 597 12.44 42.65 -22.08
C GLU C 597 12.47 44.16 -22.07
N ALA C 598 12.02 44.79 -20.98
CA ALA C 598 12.16 46.22 -20.86
C ALA C 598 13.63 46.62 -20.82
N GLU C 599 14.41 45.94 -19.97
CA GLU C 599 15.83 46.23 -19.90
C GLU C 599 16.55 45.91 -21.22
N SER C 600 15.95 45.02 -22.02
CA SER C 600 16.49 44.72 -23.34
C SER C 600 16.12 45.78 -24.36
N SER C 601 15.00 46.48 -24.14
CA SER C 601 14.62 47.56 -25.04
C SER C 601 15.40 48.83 -24.73
N VAL C 602 15.67 49.09 -23.45
CA VAL C 602 16.44 50.29 -23.10
C VAL C 602 17.92 50.08 -23.39
N LYS C 603 18.38 48.83 -23.38
CA LYS C 603 19.74 48.47 -23.74
C LYS C 603 19.70 47.29 -24.69
N GLU C 604 20.34 47.46 -25.85
CA GLU C 604 20.30 46.45 -26.91
C GLU C 604 21.15 45.23 -26.62
N LYS C 605 21.78 45.14 -25.44
CA LYS C 605 22.51 43.94 -25.07
C LYS C 605 21.60 42.72 -25.10
N ASP C 606 20.36 42.88 -24.64
CA ASP C 606 19.34 41.84 -24.71
C ASP C 606 19.77 40.61 -23.92
N MET C 607 20.51 40.85 -22.83
CA MET C 607 21.22 39.79 -22.11
C MET C 607 20.40 39.37 -20.90
N THR C 608 19.72 38.23 -21.03
CA THR C 608 19.13 37.56 -19.86
C THR C 608 20.20 37.16 -18.86
N LYS C 609 21.26 36.52 -19.35
CA LYS C 609 22.37 36.07 -18.49
C LYS C 609 23.00 37.23 -17.72
N GLU C 610 22.80 38.48 -18.17
CA GLU C 610 23.33 39.63 -17.47
C GLU C 610 22.79 39.72 -16.04
N PHE C 611 21.60 39.19 -15.79
CA PHE C 611 20.96 39.29 -14.48
C PHE C 611 20.68 37.94 -13.84
N PHE C 612 20.40 36.89 -14.64
CA PHE C 612 19.82 35.67 -14.08
C PHE C 612 20.75 35.00 -13.07
N GLU C 613 22.07 35.08 -13.28
CA GLU C 613 23.02 34.29 -12.52
C GLU C 613 24.16 35.08 -11.88
N ASN C 614 24.41 36.32 -12.31
CA ASN C 614 25.57 37.04 -11.81
C ASN C 614 25.43 37.37 -10.34
N LYS C 615 26.55 37.36 -9.63
CA LYS C 615 26.59 37.76 -8.23
C LYS C 615 26.71 39.28 -8.21
N SER C 616 25.57 39.96 -8.20
CA SER C 616 25.55 41.42 -8.26
C SER C 616 24.37 41.92 -7.45
N GLU C 617 24.66 42.73 -6.44
CA GLU C 617 23.64 43.31 -5.59
C GLU C 617 22.98 44.42 -6.38
N THR C 618 21.80 44.11 -6.93
CA THR C 618 21.08 45.01 -7.81
C THR C 618 19.60 45.13 -7.47
N TRP C 619 19.11 44.37 -6.50
CA TRP C 619 17.70 44.30 -6.19
C TRP C 619 17.46 44.50 -4.69
N PRO C 620 16.85 45.61 -4.25
CA PRO C 620 16.48 45.73 -2.83
C PRO C 620 15.08 45.21 -2.54
N ILE C 621 14.95 44.33 -1.56
CA ILE C 621 13.66 43.86 -1.08
C ILE C 621 13.57 43.86 0.44
N GLY C 622 14.60 44.35 1.14
CA GLY C 622 14.67 44.24 2.57
C GLY C 622 14.89 45.59 3.22
N GLU C 623 14.11 45.81 4.28
CA GLU C 623 14.25 46.97 5.14
C GLU C 623 14.66 46.53 6.53
N SER C 624 15.77 47.07 6.99
CA SER C 624 16.35 46.74 8.28
C SER C 624 16.41 48.00 9.12
N PRO C 625 16.65 47.87 10.44
CA PRO C 625 16.85 49.07 11.26
C PRO C 625 18.01 49.91 10.76
N LYS C 626 17.70 51.10 10.27
CA LYS C 626 18.69 52.04 9.77
C LYS C 626 19.48 51.43 8.60
N GLY C 627 18.82 50.62 7.79
CA GLY C 627 19.48 49.99 6.67
C GLY C 627 18.48 49.50 5.65
N VAL C 628 18.99 49.25 4.45
CA VAL C 628 18.25 48.61 3.38
C VAL C 628 19.13 47.49 2.84
N GLU C 629 18.56 46.30 2.72
CA GLU C 629 19.29 45.16 2.21
C GLU C 629 19.08 45.04 0.71
N ASP C 630 20.06 44.43 0.04
CA ASP C 630 19.98 44.15 -1.37
C ASP C 630 20.19 42.66 -1.60
N GLY C 631 19.44 42.10 -2.55
CA GLY C 631 19.52 40.69 -2.85
C GLY C 631 19.64 40.49 -4.34
N SER C 632 19.76 39.22 -4.72
CA SER C 632 19.90 38.84 -6.11
C SER C 632 18.55 38.45 -6.69
N ILE C 633 18.58 38.03 -7.95
CA ILE C 633 17.34 37.68 -8.66
C ILE C 633 16.66 36.48 -8.01
N GLY C 634 17.43 35.66 -7.28
CA GLY C 634 16.83 34.48 -6.67
C GLY C 634 15.78 34.85 -5.64
N LYS C 635 16.18 35.62 -4.62
CA LYS C 635 15.26 36.06 -3.58
C LYS C 635 14.09 36.83 -4.17
N VAL C 636 14.31 37.54 -5.27
CA VAL C 636 13.27 38.41 -5.81
C VAL C 636 12.25 37.61 -6.59
N CYS C 637 12.72 36.62 -7.36
CA CYS C 637 11.78 35.72 -8.00
C CYS C 637 10.93 35.00 -6.96
N ARG C 638 11.58 34.52 -5.89
CA ARG C 638 10.85 33.91 -4.78
C ARG C 638 9.79 34.87 -4.24
N THR C 639 10.17 36.12 -4.01
CA THR C 639 9.28 37.08 -3.38
C THR C 639 8.11 37.44 -4.28
N LEU C 640 8.37 37.73 -5.56
CA LEU C 640 7.29 38.01 -6.49
C LEU C 640 6.32 36.85 -6.55
N LEU C 641 6.86 35.63 -6.55
CA LEU C 641 5.98 34.47 -6.53
C LEU C 641 5.10 34.50 -5.30
N ALA C 642 5.70 34.60 -4.12
CA ALA C 642 4.94 34.52 -2.88
C ALA C 642 3.92 35.65 -2.78
N LYS C 643 4.26 36.81 -3.33
CA LYS C 643 3.29 37.89 -3.40
C LYS C 643 2.09 37.48 -4.21
N SER C 644 2.33 36.85 -5.36
CA SER C 644 1.23 36.44 -6.19
C SER C 644 0.43 35.32 -5.54
N VAL C 645 1.11 34.45 -4.79
CA VAL C 645 0.42 33.36 -4.11
C VAL C 645 -0.48 33.93 -3.03
N PHE C 646 -0.02 34.94 -2.30
CA PHE C 646 -0.84 35.52 -1.26
C PHE C 646 -1.97 36.32 -1.87
N ASN C 647 -1.73 36.92 -3.03
CA ASN C 647 -2.82 37.50 -3.81
C ASN C 647 -3.86 36.43 -4.11
N SER C 648 -3.41 35.20 -4.36
CA SER C 648 -4.33 34.13 -4.65
C SER C 648 -5.00 33.59 -3.40
N LEU C 649 -4.40 33.86 -2.22
CA LEU C 649 -4.95 33.35 -0.97
C LEU C 649 -5.80 34.39 -0.27
N TYR C 650 -5.31 35.62 -0.19
CA TYR C 650 -6.04 36.73 0.40
C TYR C 650 -6.65 37.64 -0.65
N ALA C 651 -7.10 37.08 -1.76
CA ALA C 651 -7.82 37.85 -2.75
C ALA C 651 -9.08 38.42 -2.13
N SER C 652 -9.26 39.72 -2.28
CA SER C 652 -10.36 40.40 -1.64
C SER C 652 -10.47 41.79 -2.26
N PRO C 653 -11.69 42.28 -2.51
CA PRO C 653 -11.85 43.55 -3.23
C PRO C 653 -11.03 44.69 -2.67
N GLN C 654 -10.76 44.66 -1.36
CA GLN C 654 -9.80 45.56 -0.75
C GLN C 654 -8.48 45.56 -1.50
N LEU C 655 -8.00 44.37 -1.85
CA LEU C 655 -6.75 44.26 -2.58
C LEU C 655 -6.84 44.94 -3.93
N GLU C 656 -7.93 44.71 -4.66
CA GLU C 656 -8.01 45.23 -6.02
C GLU C 656 -8.11 46.75 -6.03
N GLY C 657 -8.93 47.29 -5.13
CA GLY C 657 -8.97 48.73 -4.96
C GLY C 657 -7.61 49.31 -4.63
N PHE C 658 -6.93 48.74 -3.62
CA PHE C 658 -5.60 49.20 -3.27
C PHE C 658 -4.69 49.10 -4.47
N SER C 659 -4.82 48.04 -5.25
CA SER C 659 -3.89 47.82 -6.34
C SER C 659 -4.02 48.93 -7.37
N ALA C 660 -5.24 49.23 -7.77
CA ALA C 660 -5.45 50.32 -8.73
C ALA C 660 -4.91 51.64 -8.20
N GLU C 661 -5.20 51.92 -6.93
CA GLU C 661 -4.94 53.26 -6.41
C GLU C 661 -3.46 53.46 -6.10
N SER C 662 -2.84 52.47 -5.45
CA SER C 662 -1.40 52.48 -5.30
C SER C 662 -0.70 52.50 -6.65
N ARG C 663 -1.29 51.85 -7.66
CA ARG C 663 -0.69 51.85 -8.99
C ARG C 663 -0.62 53.26 -9.54
N LYS C 664 -1.75 53.96 -9.49
CA LYS C 664 -1.81 55.31 -10.03
C LYS C 664 -0.89 56.25 -9.26
N LEU C 665 -0.89 56.16 -7.93
CA LEU C 665 -0.06 57.06 -7.15
C LEU C 665 1.42 56.75 -7.32
N LEU C 666 1.79 55.48 -7.38
CA LEU C 666 3.19 55.11 -7.58
C LEU C 666 3.67 55.55 -8.95
N LEU C 667 2.80 55.43 -9.95
CA LEU C 667 3.14 55.94 -11.27
C LEU C 667 3.40 57.43 -11.22
N VAL C 668 2.55 58.16 -10.50
CA VAL C 668 2.76 59.60 -10.33
C VAL C 668 4.08 59.84 -9.60
N VAL C 669 4.45 58.96 -8.67
CA VAL C 669 5.64 59.18 -7.87
C VAL C 669 6.89 58.88 -8.68
N GLN C 670 6.82 57.92 -9.59
CA GLN C 670 7.92 57.72 -10.53
C GLN C 670 8.03 58.91 -11.45
N ALA C 671 6.89 59.42 -11.92
CA ALA C 671 6.89 60.61 -12.74
C ALA C 671 7.53 61.78 -12.00
N LEU C 672 7.33 61.83 -10.69
CA LEU C 672 7.92 62.88 -9.89
C LEU C 672 9.42 62.68 -9.72
N ARG C 673 9.81 61.47 -9.32
CA ARG C 673 11.19 61.22 -8.95
C ARG C 673 12.13 61.35 -10.13
N ASP C 674 11.63 61.15 -11.34
CA ASP C 674 12.41 61.37 -12.56
C ASP C 674 12.28 62.79 -13.09
N ASN C 675 11.70 63.70 -12.31
CA ASN C 675 11.67 65.12 -12.64
C ASN C 675 10.84 65.39 -13.90
N LEU C 676 9.68 64.74 -13.97
CA LEU C 676 8.79 64.87 -15.12
C LEU C 676 7.63 65.80 -14.87
N GLU C 677 7.76 66.73 -13.93
CA GLU C 677 6.79 67.77 -13.61
C GLU C 677 5.35 67.27 -13.53
N PRO C 678 5.08 66.24 -12.73
CA PRO C 678 3.73 65.69 -12.69
C PRO C 678 2.76 66.61 -11.97
N GLY C 679 1.50 66.42 -12.28
CA GLY C 679 0.44 67.15 -11.61
C GLY C 679 -0.72 66.24 -11.30
N THR C 680 -1.46 66.58 -10.25
CA THR C 680 -2.68 65.88 -9.89
C THR C 680 -3.72 66.90 -9.46
N PHE C 681 -4.94 66.72 -9.94
CA PHE C 681 -5.98 67.70 -9.69
C PHE C 681 -6.56 67.52 -8.28
N ASP C 682 -7.04 66.32 -7.97
CA ASP C 682 -7.56 65.98 -6.64
C ASP C 682 -6.81 64.78 -6.11
N LEU C 683 -6.18 64.95 -4.96
CA LEU C 683 -5.29 63.97 -4.36
C LEU C 683 -5.86 63.33 -3.11
N GLU C 684 -6.49 64.13 -2.26
CA GLU C 684 -7.11 63.59 -1.06
C GLU C 684 -8.23 62.63 -1.42
N GLY C 685 -8.78 62.74 -2.64
CA GLY C 685 -9.65 61.70 -3.14
C GLY C 685 -8.96 60.36 -3.22
N LEU C 686 -7.73 60.35 -3.74
CA LEU C 686 -6.96 59.11 -3.76
C LEU C 686 -6.75 58.59 -2.35
N TYR C 687 -6.43 59.49 -1.43
CA TYR C 687 -6.09 59.04 -0.09
C TYR C 687 -7.32 58.50 0.62
N GLU C 688 -8.46 59.17 0.50
CA GLU C 688 -9.66 58.68 1.16
C GLU C 688 -10.14 57.39 0.54
N ALA C 689 -9.96 57.24 -0.78
CA ALA C 689 -10.43 56.00 -1.41
C ALA C 689 -9.53 54.83 -1.02
N ILE C 690 -8.22 55.07 -0.95
CA ILE C 690 -7.32 54.07 -0.39
C ILE C 690 -7.77 53.69 1.01
N GLU C 691 -7.95 54.68 1.88
CA GLU C 691 -8.41 54.41 3.24
C GLU C 691 -9.76 53.70 3.25
N GLU C 692 -10.54 53.89 2.20
CA GLU C 692 -11.81 53.17 2.08
C GLU C 692 -11.54 51.70 1.81
N CYS C 693 -10.48 51.42 1.05
CA CYS C 693 -10.24 50.05 0.62
C CYS C 693 -9.36 49.28 1.59
N LEU C 694 -8.90 49.94 2.66
CA LEU C 694 -8.00 49.31 3.61
C LEU C 694 -8.74 48.68 4.78
N ILE C 695 -9.96 48.20 4.58
CA ILE C 695 -10.90 47.95 5.66
C ILE C 695 -10.31 47.05 6.74
N ASN C 696 -10.02 45.80 6.40
CA ASN C 696 -9.58 44.84 7.40
C ASN C 696 -8.51 43.85 6.95
N ASP C 697 -8.21 43.79 5.67
CA ASP C 697 -7.42 42.67 5.17
C ASP C 697 -5.95 42.85 5.55
N PRO C 698 -5.34 41.91 6.28
CA PRO C 698 -3.95 42.10 6.70
C PRO C 698 -2.97 42.24 5.55
N TRP C 699 -3.16 41.47 4.49
CA TRP C 699 -2.27 41.56 3.35
C TRP C 699 -2.36 42.93 2.72
N VAL C 700 -3.59 43.44 2.58
CA VAL C 700 -3.79 44.81 2.13
C VAL C 700 -3.05 45.76 3.07
N LEU C 701 -3.21 45.54 4.37
CA LEU C 701 -2.61 46.42 5.35
C LEU C 701 -1.10 46.42 5.23
N LEU C 702 -0.52 45.26 4.95
CA LEU C 702 0.93 45.18 4.92
C LEU C 702 1.45 45.78 3.63
N ASN C 703 0.69 45.65 2.56
CA ASN C 703 1.06 46.36 1.35
C ASN C 703 0.99 47.85 1.57
N ALA C 704 0.13 48.28 2.48
CA ALA C 704 -0.01 49.70 2.76
C ALA C 704 1.12 50.21 3.63
N SER C 705 1.49 49.45 4.67
CA SER C 705 2.65 49.84 5.46
C SER C 705 3.92 49.80 4.62
N TRP C 706 3.96 48.89 3.66
CA TRP C 706 5.09 48.82 2.75
C TRP C 706 5.13 50.05 1.87
N PHE C 707 3.97 50.42 1.33
CA PHE C 707 3.85 51.68 0.61
C PHE C 707 4.38 52.84 1.47
N ASN C 708 3.98 52.88 2.72
CA ASN C 708 4.37 53.98 3.61
C ASN C 708 5.88 54.04 3.75
N SER C 709 6.50 52.94 4.17
CA SER C 709 7.94 52.93 4.37
C SER C 709 8.67 53.14 3.05
N PHE C 710 8.03 52.79 1.93
CA PHE C 710 8.61 53.07 0.65
C PHE C 710 8.66 54.57 0.40
N LEU C 711 7.54 55.26 0.66
CA LEU C 711 7.53 56.71 0.55
C LEU C 711 8.64 57.32 1.40
N THR C 712 8.82 56.78 2.61
CA THR C 712 9.77 57.39 3.53
C THR C 712 11.20 57.17 3.05
N HIS C 713 11.52 55.94 2.62
CA HIS C 713 12.91 55.65 2.27
C HIS C 713 13.24 56.13 0.87
N ALA C 714 12.27 56.09 -0.03
CA ALA C 714 12.41 56.79 -1.30
C ALA C 714 12.58 58.29 -1.07
N LEU C 715 11.87 58.82 -0.07
CA LEU C 715 11.62 60.24 0.07
C LEU C 715 10.91 60.81 -1.16
N ARG C 716 10.26 59.95 -1.94
CA ARG C 716 9.63 60.31 -3.20
C ARG C 716 10.66 60.94 -4.14
N MET D 1 14.84 40.67 10.57
CA MET D 1 14.78 41.43 9.29
C MET D 1 13.37 41.45 8.71
N ASP D 2 13.00 42.61 8.17
CA ASP D 2 11.75 42.78 7.45
C ASP D 2 12.00 42.71 5.95
N VAL D 3 10.92 42.58 5.19
CA VAL D 3 10.98 42.37 3.75
C VAL D 3 9.90 43.21 3.07
N ASN D 4 10.14 43.56 1.81
CA ASN D 4 9.24 44.41 1.05
C ASN D 4 9.47 44.30 -0.44
N PRO D 5 8.46 44.03 -1.28
CA PRO D 5 8.63 44.20 -2.72
C PRO D 5 8.47 45.63 -3.20
N THR D 6 8.07 46.53 -2.33
CA THR D 6 7.86 47.89 -2.76
C THR D 6 9.17 48.59 -3.07
N LEU D 7 10.29 48.14 -2.50
CA LEU D 7 11.55 48.80 -2.72
C LEU D 7 12.27 48.32 -3.98
N LEU D 8 12.06 47.07 -4.41
CA LEU D 8 12.37 46.77 -5.79
C LEU D 8 11.55 47.64 -6.72
N PHE D 9 10.33 47.98 -6.30
CA PHE D 9 9.56 48.92 -7.12
C PHE D 9 10.04 50.35 -6.96
N LEU D 10 10.78 50.65 -5.90
CA LEU D 10 11.40 51.96 -5.74
C LEU D 10 12.40 52.17 -6.85
N LYS D 11 13.45 51.35 -6.87
CA LYS D 11 14.51 51.56 -7.85
C LYS D 11 14.00 51.35 -9.26
N VAL D 12 13.32 50.24 -9.49
CA VAL D 12 12.99 49.78 -10.84
C VAL D 12 12.06 50.81 -11.49
N PRO D 13 12.10 51.00 -12.81
CA PRO D 13 11.11 51.90 -13.43
C PRO D 13 9.71 51.35 -13.25
N ALA D 14 8.77 52.26 -13.04
CA ALA D 14 7.44 51.87 -12.64
C ALA D 14 6.71 51.15 -13.77
N GLN D 15 6.81 51.68 -14.98
CA GLN D 15 6.04 51.14 -16.08
C GLN D 15 6.50 49.74 -16.46
N ASN D 16 7.79 49.48 -16.33
CA ASN D 16 8.29 48.15 -16.65
C ASN D 16 7.87 47.14 -15.58
N ALA D 17 8.00 47.53 -14.32
CA ALA D 17 7.61 46.70 -13.19
C ALA D 17 6.15 46.87 -12.82
N ILE D 18 5.37 47.49 -13.69
CA ILE D 18 3.99 47.84 -13.36
C ILE D 18 3.16 46.60 -13.09
N SER D 19 3.55 45.47 -13.67
CA SER D 19 2.78 44.25 -13.50
C SER D 19 2.74 43.80 -12.05
N THR D 20 3.72 44.25 -11.25
CA THR D 20 3.71 43.96 -9.83
C THR D 20 2.50 44.60 -9.15
N THR D 21 1.95 45.66 -9.74
CA THR D 21 0.67 46.18 -9.29
C THR D 21 -0.49 45.57 -10.05
N PHE D 22 -0.22 44.46 -10.74
CA PHE D 22 -1.26 43.75 -11.43
C PHE D 22 -1.49 42.63 -10.45
N PRO D 23 -2.58 42.70 -9.67
CA PRO D 23 -2.78 41.66 -8.67
C PRO D 23 -3.74 40.58 -9.11
N TYR D 24 -4.14 40.55 -10.36
CA TYR D 24 -5.12 39.55 -10.79
C TYR D 24 -4.61 38.14 -11.16
N THR D 25 -4.05 37.43 -10.20
CA THR D 25 -3.70 36.03 -10.39
C THR D 25 -4.56 35.13 -9.50
N GLY D 26 -5.63 35.70 -8.92
CA GLY D 26 -6.52 35.00 -8.01
C GLY D 26 -7.94 35.33 -8.40
N ASP D 27 -8.88 34.58 -7.87
CA ASP D 27 -10.28 34.76 -8.22
C ASP D 27 -10.77 36.18 -7.98
N PRO D 28 -11.58 36.73 -8.90
CA PRO D 28 -12.13 38.09 -8.69
C PRO D 28 -13.16 38.10 -7.56
N PRO D 29 -13.40 39.27 -6.97
CA PRO D 29 -14.30 39.24 -5.81
C PRO D 29 -15.73 38.74 -6.07
N TYR D 30 -16.38 39.14 -7.17
CA TYR D 30 -17.76 38.76 -7.60
C TYR D 30 -18.85 39.50 -6.76
N SER D 31 -20.11 39.25 -7.09
CA SER D 31 -21.21 39.83 -6.35
C SER D 31 -22.08 38.70 -5.80
N HIS D 32 -21.83 38.27 -4.56
CA HIS D 32 -22.61 37.18 -3.99
C HIS D 32 -24.07 37.61 -3.86
N GLY D 33 -24.25 38.84 -3.38
CA GLY D 33 -25.57 39.41 -3.21
C GLY D 33 -26.13 39.91 -4.52
N THR D 34 -27.45 40.06 -4.58
CA THR D 34 -28.10 40.57 -5.79
C THR D 34 -27.64 42.01 -5.99
N GLY D 35 -27.49 42.40 -7.24
CA GLY D 35 -27.07 43.55 -8.02
C GLY D 35 -28.03 44.74 -8.01
N THR D 36 -29.27 44.54 -7.57
CA THR D 36 -30.26 45.60 -7.56
C THR D 36 -29.82 46.79 -6.72
N GLY D 37 -29.19 46.58 -5.56
CA GLY D 37 -28.77 47.74 -4.80
C GLY D 37 -27.78 48.60 -5.57
N TYR D 38 -26.79 47.97 -6.20
CA TYR D 38 -25.83 48.70 -7.02
C TYR D 38 -26.52 49.37 -8.20
N THR D 39 -27.52 48.69 -8.77
CA THR D 39 -28.30 49.26 -9.86
C THR D 39 -28.99 50.53 -9.41
N MET D 40 -29.70 50.44 -8.29
CA MET D 40 -30.40 51.59 -7.74
C MET D 40 -29.43 52.73 -7.48
N ASP D 41 -28.23 52.41 -7.00
CA ASP D 41 -27.27 53.47 -6.72
C ASP D 41 -26.77 54.11 -8.00
N THR D 42 -26.55 53.32 -9.04
CA THR D 42 -26.12 53.88 -10.31
C THR D 42 -27.19 54.79 -10.89
N VAL D 43 -28.45 54.36 -10.82
CA VAL D 43 -29.54 55.16 -11.37
C VAL D 43 -29.70 56.43 -10.55
N ASN D 44 -29.61 56.31 -9.23
CA ASN D 44 -29.63 57.47 -8.36
C ASN D 44 -28.53 58.44 -8.73
N ARG D 45 -27.34 57.92 -9.03
CA ARG D 45 -26.20 58.77 -9.31
C ARG D 45 -26.38 59.52 -10.62
N THR D 46 -26.80 58.80 -11.67
CA THR D 46 -26.95 59.48 -12.96
C THR D 46 -28.11 60.47 -12.94
N HIS D 47 -29.22 60.13 -12.26
CA HIS D 47 -30.33 61.08 -12.19
C HIS D 47 -29.97 62.27 -11.32
N GLN D 48 -29.05 62.07 -10.36
CA GLN D 48 -28.49 63.20 -9.64
C GLN D 48 -27.56 64.03 -10.51
N TYR D 49 -26.89 63.36 -11.47
CA TYR D 49 -25.97 64.07 -12.35
C TYR D 49 -26.71 65.02 -13.27
N SER D 50 -27.97 64.69 -13.59
CA SER D 50 -28.79 65.46 -14.51
C SER D 50 -29.98 66.11 -13.82
N GLU D 51 -29.89 66.36 -12.52
CA GLU D 51 -31.03 66.89 -11.78
C GLU D 51 -31.45 68.26 -12.27
N LYS D 52 -30.49 69.06 -12.75
CA LYS D 52 -30.83 70.35 -13.35
C LYS D 52 -31.68 70.15 -14.60
N GLY D 53 -31.43 69.07 -15.33
CA GLY D 53 -32.19 68.81 -16.54
C GLY D 53 -33.66 68.54 -16.22
N LYS D 54 -34.52 69.13 -17.02
CA LYS D 54 -35.94 68.86 -16.92
C LYS D 54 -36.26 67.48 -17.48
N TRP D 55 -37.40 66.94 -17.06
CA TRP D 55 -37.92 65.71 -17.60
C TRP D 55 -39.39 65.90 -17.94
N THR D 56 -39.87 65.16 -18.93
CA THR D 56 -41.28 65.09 -19.27
C THR D 56 -41.66 63.63 -19.48
N THR D 57 -42.86 63.26 -19.09
CA THR D 57 -43.28 61.87 -19.20
C THR D 57 -43.42 61.46 -20.65
N ASN D 58 -43.04 60.23 -20.95
CA ASN D 58 -43.21 59.68 -22.28
C ASN D 58 -44.64 59.20 -22.48
N THR D 59 -45.11 59.29 -23.72
CA THR D 59 -46.45 58.84 -24.04
C THR D 59 -46.54 57.33 -23.99
N GLU D 60 -47.63 56.83 -23.40
CA GLU D 60 -47.98 55.41 -23.35
C GLU D 60 -47.14 54.61 -22.37
N THR D 61 -46.12 55.21 -21.75
CA THR D 61 -45.23 54.53 -20.83
C THR D 61 -45.57 54.81 -19.38
N GLY D 62 -45.94 56.05 -19.07
CA GLY D 62 -46.13 56.47 -17.71
C GLY D 62 -44.85 56.86 -17.00
N ALA D 63 -43.75 56.97 -17.73
CA ALA D 63 -42.42 56.99 -17.15
C ALA D 63 -41.78 58.36 -17.33
N PRO D 64 -41.20 58.96 -16.28
CA PRO D 64 -40.40 60.16 -16.49
C PRO D 64 -39.13 59.83 -17.24
N GLN D 65 -38.87 60.59 -18.31
CA GLN D 65 -37.62 60.53 -19.05
C GLN D 65 -36.98 61.92 -19.02
N LEU D 66 -35.71 61.97 -18.68
CA LEU D 66 -34.98 63.22 -18.54
C LEU D 66 -34.13 63.45 -19.79
N ASN D 67 -34.15 64.69 -20.28
CA ASN D 67 -33.36 65.09 -21.45
C ASN D 67 -32.35 66.14 -21.00
N PRO D 68 -31.11 65.78 -20.71
CA PRO D 68 -30.18 66.78 -20.16
C PRO D 68 -29.79 67.84 -21.16
N ILE D 69 -29.84 67.48 -22.46
CA ILE D 69 -29.30 68.38 -23.47
C ILE D 69 -30.16 69.62 -23.55
N ASP D 70 -29.53 70.75 -23.88
CA ASP D 70 -30.07 72.10 -23.72
C ASP D 70 -30.33 72.46 -22.26
N GLY D 71 -29.83 71.68 -21.31
CA GLY D 71 -29.82 72.09 -19.95
C GLY D 71 -28.86 73.24 -19.73
N PRO D 72 -28.80 73.72 -18.51
CA PRO D 72 -27.91 74.84 -18.20
C PRO D 72 -26.46 74.40 -18.29
N LEU D 73 -25.58 75.39 -18.18
CA LEU D 73 -24.18 75.09 -17.99
C LEU D 73 -23.98 74.67 -16.52
N PRO D 74 -23.10 73.70 -16.26
CA PRO D 74 -22.93 73.22 -14.89
C PRO D 74 -22.41 74.33 -13.99
N GLU D 75 -22.60 74.14 -12.68
CA GLU D 75 -22.22 75.17 -11.72
C GLU D 75 -20.84 74.91 -11.15
N ASP D 76 -20.55 73.65 -10.82
CA ASP D 76 -19.38 73.27 -10.05
C ASP D 76 -18.60 72.20 -10.82
N ASN D 77 -17.34 72.06 -10.45
CA ASN D 77 -16.47 71.09 -11.10
C ASN D 77 -16.90 69.65 -10.86
N GLU D 78 -17.76 69.41 -9.88
CA GLU D 78 -18.35 68.08 -9.73
C GLU D 78 -19.01 67.69 -11.04
N PRO D 79 -18.86 66.45 -11.50
CA PRO D 79 -19.26 66.14 -12.88
C PRO D 79 -20.77 66.24 -13.05
N SER D 80 -21.21 66.39 -14.30
CA SER D 80 -22.61 66.48 -14.65
C SER D 80 -22.75 66.36 -16.16
N GLY D 81 -23.71 65.57 -16.61
CA GLY D 81 -23.86 65.30 -18.02
C GLY D 81 -24.65 66.36 -18.76
N TYR D 82 -24.17 67.60 -18.70
CA TYR D 82 -24.80 68.72 -19.40
C TYR D 82 -24.03 69.03 -20.66
N ALA D 83 -24.74 69.06 -21.79
CA ALA D 83 -24.11 69.30 -23.08
C ALA D 83 -25.06 70.10 -23.96
N GLN D 84 -24.56 70.46 -25.13
CA GLN D 84 -25.30 71.23 -26.12
C GLN D 84 -25.07 70.58 -27.48
N THR D 85 -26.17 70.30 -28.19
CA THR D 85 -26.07 69.57 -29.45
C THR D 85 -25.22 70.32 -30.47
N ASP D 86 -25.22 71.65 -30.42
CA ASP D 86 -24.48 72.43 -31.39
C ASP D 86 -23.00 72.11 -31.33
N CYS D 87 -22.48 71.87 -30.14
CA CYS D 87 -21.10 71.45 -29.99
C CYS D 87 -20.84 70.18 -30.77
N VAL D 88 -21.77 69.23 -30.65
CA VAL D 88 -21.61 67.95 -31.31
C VAL D 88 -21.61 68.13 -32.82
N LEU D 89 -22.52 68.97 -33.31
CA LEU D 89 -22.63 69.13 -34.76
C LEU D 89 -21.42 69.84 -35.33
N GLU D 90 -20.95 70.90 -34.67
CA GLU D 90 -19.77 71.58 -35.19
C GLU D 90 -18.55 70.69 -35.07
N ALA D 91 -18.51 69.83 -34.06
CA ALA D 91 -17.42 68.87 -33.95
C ALA D 91 -17.40 67.94 -35.16
N MET D 92 -18.56 67.35 -35.47
CA MET D 92 -18.61 66.44 -36.61
C MET D 92 -18.33 67.18 -37.92
N ALA D 93 -18.72 68.45 -37.98
CA ALA D 93 -18.46 69.21 -39.20
C ALA D 93 -16.97 69.42 -39.39
N PHE D 94 -16.28 69.83 -38.33
CA PHE D 94 -14.83 69.94 -38.41
C PHE D 94 -14.18 68.61 -38.71
N LEU D 95 -14.78 67.52 -38.23
CA LEU D 95 -14.24 66.20 -38.51
C LEU D 95 -14.30 65.87 -40.00
N GLU D 96 -15.49 66.00 -40.58
CA GLU D 96 -15.64 65.70 -42.00
C GLU D 96 -14.81 66.65 -42.85
N GLU D 97 -14.69 67.90 -42.42
CA GLU D 97 -13.80 68.83 -43.12
C GLU D 97 -12.36 68.35 -43.05
N SER D 98 -11.97 67.76 -41.91
CA SER D 98 -10.62 67.23 -41.79
C SER D 98 -10.45 65.98 -42.61
N HIS D 99 -11.43 65.07 -42.56
CA HIS D 99 -11.37 63.77 -43.20
C HIS D 99 -12.43 63.74 -44.29
N PRO D 100 -12.15 64.31 -45.46
CA PRO D 100 -13.17 64.35 -46.51
C PRO D 100 -13.37 63.00 -47.17
N GLY D 101 -14.61 62.73 -47.55
CA GLY D 101 -14.96 61.50 -48.23
C GLY D 101 -15.07 60.28 -47.34
N ILE D 102 -14.62 60.36 -46.09
CA ILE D 102 -14.62 59.22 -45.20
C ILE D 102 -16.06 58.82 -44.85
N PHE D 103 -16.92 59.82 -44.65
CA PHE D 103 -18.30 59.55 -44.25
C PHE D 103 -19.04 58.79 -45.34
N GLU D 104 -18.96 59.29 -46.58
CA GLU D 104 -19.70 58.67 -47.66
C GLU D 104 -19.19 57.25 -47.94
N ASN D 105 -17.88 57.04 -47.82
CA ASN D 105 -17.33 55.72 -48.08
C ASN D 105 -17.80 54.73 -47.03
N SER D 106 -17.74 55.12 -45.76
CA SER D 106 -18.23 54.25 -44.71
C SER D 106 -19.74 54.02 -44.87
N CYS D 107 -20.46 55.04 -45.35
CA CYS D 107 -21.88 54.89 -45.58
C CYS D 107 -22.16 53.86 -46.67
N LEU D 108 -21.38 53.89 -47.75
CA LEU D 108 -21.56 52.92 -48.82
C LEU D 108 -21.21 51.52 -48.35
N GLU D 109 -20.19 51.41 -47.49
CA GLU D 109 -19.89 50.11 -46.91
C GLU D 109 -21.06 49.62 -46.06
N THR D 110 -21.74 50.54 -45.38
CA THR D 110 -22.90 50.13 -44.61
C THR D 110 -24.03 49.71 -45.54
N MET D 111 -24.17 50.37 -46.68
CA MET D 111 -25.20 49.99 -47.64
C MET D 111 -24.96 48.58 -48.15
N GLU D 112 -23.74 48.30 -48.59
CA GLU D 112 -23.48 46.98 -49.16
C GLU D 112 -23.58 45.90 -48.10
N VAL D 113 -23.19 46.18 -46.86
CA VAL D 113 -23.29 45.14 -45.85
C VAL D 113 -24.75 44.88 -45.50
N VAL D 114 -25.57 45.94 -45.36
CA VAL D 114 -26.97 45.70 -45.03
C VAL D 114 -27.65 44.97 -46.17
N GLN D 115 -27.21 45.19 -47.41
CA GLN D 115 -27.80 44.46 -48.52
C GLN D 115 -27.35 43.00 -48.53
N GLN D 116 -26.10 42.74 -48.08
CA GLN D 116 -25.58 41.38 -48.13
C GLN D 116 -25.83 40.63 -46.82
N THR D 117 -26.05 41.35 -45.72
CA THR D 117 -26.16 40.73 -44.41
C THR D 117 -27.28 39.71 -44.34
N ARG D 118 -27.25 38.86 -43.31
CA ARG D 118 -28.28 37.87 -43.12
C ARG D 118 -28.47 37.62 -41.63
N VAL D 119 -29.68 37.22 -41.26
CA VAL D 119 -30.05 36.98 -39.88
C VAL D 119 -29.17 35.93 -39.21
N ASP D 120 -28.55 35.05 -39.99
CA ASP D 120 -27.82 33.91 -39.44
C ASP D 120 -26.66 34.32 -38.55
N ARG D 121 -26.17 35.55 -38.66
CA ARG D 121 -24.96 35.94 -37.94
C ARG D 121 -25.25 36.35 -36.50
N LEU D 122 -26.35 37.06 -36.26
CA LEU D 122 -26.58 37.64 -34.95
C LEU D 122 -26.76 36.58 -33.87
N THR D 123 -27.34 35.43 -34.23
CA THR D 123 -27.69 34.43 -33.23
C THR D 123 -26.49 33.84 -32.53
N GLN D 124 -25.28 34.02 -33.07
CA GLN D 124 -24.06 33.56 -32.41
C GLN D 124 -23.59 34.63 -31.44
N GLY D 125 -24.44 34.90 -30.44
CA GLY D 125 -24.11 35.78 -29.35
C GLY D 125 -24.12 35.03 -28.03
N ARG D 126 -24.00 35.80 -26.95
CA ARG D 126 -23.99 35.26 -25.60
C ARG D 126 -24.97 36.05 -24.75
N GLN D 127 -25.99 35.37 -24.24
CA GLN D 127 -26.90 35.91 -23.24
C GLN D 127 -27.54 37.22 -23.71
N THR D 128 -28.28 37.11 -24.80
CA THR D 128 -29.28 38.11 -25.13
C THR D 128 -30.50 37.89 -24.24
N TYR D 129 -31.18 38.98 -23.91
CA TYR D 129 -32.31 38.91 -23.00
C TYR D 129 -33.57 38.52 -23.75
N ASP D 130 -34.18 37.40 -23.36
CA ASP D 130 -35.49 37.01 -23.85
C ASP D 130 -36.57 37.69 -23.01
N TRP D 131 -37.74 37.86 -23.63
CA TRP D 131 -38.85 38.56 -23.00
C TRP D 131 -39.94 37.61 -22.50
N THR D 132 -40.03 36.40 -23.05
CA THR D 132 -41.04 35.44 -22.59
C THR D 132 -40.82 35.06 -21.13
N LEU D 133 -39.71 34.38 -20.85
CA LEU D 133 -39.42 33.97 -19.48
C LEU D 133 -39.02 35.15 -18.60
N ASN D 134 -38.76 36.31 -19.18
CA ASN D 134 -38.33 37.50 -18.44
C ASN D 134 -37.04 37.20 -17.66
N ARG D 135 -36.02 36.80 -18.42
CA ARG D 135 -34.75 36.38 -17.87
C ARG D 135 -33.77 36.25 -19.02
N ASN D 136 -32.50 36.49 -18.74
CA ASN D 136 -31.48 36.38 -19.78
C ASN D 136 -31.23 34.92 -20.12
N GLN D 137 -31.23 34.63 -21.42
CA GLN D 137 -31.08 33.27 -21.93
C GLN D 137 -30.17 33.27 -23.15
N PRO D 138 -29.79 32.10 -23.68
CA PRO D 138 -28.94 32.08 -24.88
C PRO D 138 -29.58 32.74 -26.09
N ALA D 139 -28.81 32.85 -27.18
CA ALA D 139 -29.23 33.56 -28.37
C ALA D 139 -29.92 32.68 -29.40
N ALA D 140 -29.55 31.40 -29.48
CA ALA D 140 -30.22 30.50 -30.42
C ALA D 140 -31.67 30.31 -30.02
N THR D 141 -31.90 29.98 -28.74
CA THR D 141 -33.27 29.93 -28.21
C THR D 141 -33.97 31.26 -28.39
N ALA D 142 -33.23 32.37 -28.30
CA ALA D 142 -33.83 33.68 -28.49
C ALA D 142 -34.34 33.84 -29.92
N LEU D 143 -33.52 33.47 -30.89
CA LEU D 143 -33.93 33.59 -32.29
C LEU D 143 -35.11 32.69 -32.58
N ALA D 144 -35.08 31.45 -32.09
CA ALA D 144 -36.21 30.56 -32.24
C ALA D 144 -37.47 31.17 -31.64
N ASN D 145 -37.34 31.76 -30.46
CA ASN D 145 -38.47 32.39 -29.78
C ASN D 145 -39.08 33.49 -30.63
N THR D 146 -38.25 34.41 -31.11
CA THR D 146 -38.79 35.57 -31.82
C THR D 146 -39.38 35.14 -33.16
N ILE D 147 -38.74 34.19 -33.86
CA ILE D 147 -39.28 33.81 -35.16
C ILE D 147 -40.60 33.06 -35.00
N GLU D 148 -40.73 32.26 -33.94
CA GLU D 148 -42.01 31.59 -33.74
C GLU D 148 -43.10 32.57 -33.34
N VAL D 149 -42.80 33.51 -32.44
CA VAL D 149 -43.80 34.51 -32.08
C VAL D 149 -44.17 35.36 -33.29
N PHE D 150 -43.22 35.55 -34.21
CA PHE D 150 -43.49 36.31 -35.43
C PHE D 150 -44.34 35.50 -36.39
N ARG D 151 -44.10 34.19 -36.47
CA ARG D 151 -44.98 33.31 -37.21
C ARG D 151 -46.40 33.41 -36.68
N SER D 152 -46.54 33.55 -35.36
CA SER D 152 -47.86 33.82 -34.79
C SER D 152 -48.35 35.20 -35.19
N ASN D 153 -47.43 36.17 -35.28
CA ASN D 153 -47.82 37.51 -35.70
C ASN D 153 -48.19 37.50 -37.18
N GLY D 154 -48.77 38.62 -37.63
CA GLY D 154 -49.14 38.76 -39.01
C GLY D 154 -48.00 38.96 -39.97
N LEU D 155 -46.77 39.11 -39.48
CA LEU D 155 -45.62 39.35 -40.33
C LEU D 155 -44.98 38.03 -40.77
N THR D 156 -44.12 38.12 -41.79
CA THR D 156 -43.61 36.94 -42.48
C THR D 156 -42.13 37.08 -42.80
N ALA D 157 -41.39 37.88 -42.03
CA ALA D 157 -40.00 38.16 -42.39
C ALA D 157 -39.06 37.04 -41.95
N ASN D 158 -39.42 36.29 -40.90
CA ASN D 158 -38.60 35.15 -40.51
C ASN D 158 -38.46 34.13 -41.63
N GLU D 159 -39.44 34.06 -42.54
CA GLU D 159 -39.32 33.21 -43.70
C GLU D 159 -38.46 33.85 -44.78
N SER D 160 -38.33 35.18 -44.76
CA SER D 160 -37.59 35.88 -45.81
C SER D 160 -36.12 35.49 -45.80
N GLY D 161 -35.53 35.34 -44.62
CA GLY D 161 -34.11 35.07 -44.48
C GLY D 161 -33.24 36.30 -44.43
N ARG D 162 -33.67 37.39 -45.05
CA ARG D 162 -32.97 38.67 -44.92
C ARG D 162 -33.20 39.25 -43.53
N LEU D 163 -32.60 40.41 -43.28
CA LEU D 163 -32.46 40.94 -41.93
C LEU D 163 -33.10 42.30 -41.72
N ILE D 164 -33.04 43.20 -42.71
CA ILE D 164 -33.57 44.53 -42.48
C ILE D 164 -35.09 44.51 -42.58
N ASP D 165 -35.63 43.72 -43.50
CA ASP D 165 -37.06 43.41 -43.48
C ASP D 165 -37.45 42.77 -42.16
N PHE D 166 -36.57 41.94 -41.60
CA PHE D 166 -36.86 41.33 -40.30
C PHE D 166 -36.97 42.40 -39.23
N LEU D 167 -36.00 43.32 -39.17
CA LEU D 167 -36.06 44.42 -38.21
C LEU D 167 -37.30 45.27 -38.45
N LYS D 168 -37.65 45.50 -39.71
CA LYS D 168 -38.81 46.32 -40.04
C LYS D 168 -40.09 45.68 -39.54
N ASP D 169 -40.23 44.37 -39.71
CA ASP D 169 -41.44 43.69 -39.29
C ASP D 169 -41.47 43.50 -37.78
N VAL D 170 -40.29 43.36 -37.16
CA VAL D 170 -40.18 43.47 -35.71
C VAL D 170 -40.83 44.78 -35.29
N MET D 171 -40.47 45.86 -35.98
CA MET D 171 -41.00 47.18 -35.64
C MET D 171 -42.51 47.23 -35.87
N GLU D 172 -42.98 46.66 -36.97
CA GLU D 172 -44.40 46.71 -37.31
C GLU D 172 -45.24 46.02 -36.24
N SER D 173 -44.93 44.75 -35.96
CA SER D 173 -45.68 44.06 -34.90
C SER D 173 -45.38 44.64 -33.53
N MET D 174 -44.23 45.29 -33.36
CA MET D 174 -43.95 45.99 -32.12
C MET D 174 -44.92 47.15 -31.93
N ASP D 175 -45.38 47.73 -33.03
CA ASP D 175 -46.41 48.76 -32.96
C ASP D 175 -47.81 48.18 -32.78
N LYS D 176 -47.98 46.86 -32.87
CA LYS D 176 -49.27 46.24 -32.64
C LYS D 176 -49.67 46.40 -31.17
N GLU D 177 -50.98 46.36 -30.93
CA GLU D 177 -51.55 46.54 -29.60
C GLU D 177 -51.72 45.23 -28.84
N GLU D 178 -51.33 44.10 -29.41
CA GLU D 178 -51.54 42.80 -28.79
C GLU D 178 -50.74 41.77 -29.57
N MET D 179 -50.27 40.75 -28.86
CA MET D 179 -49.45 39.70 -29.45
C MET D 179 -50.14 38.35 -29.33
N ARG D 211 -50.08 38.08 -26.25
CA ARG D 211 -51.21 38.27 -25.35
C ARG D 211 -50.90 39.43 -24.41
N VAL D 212 -50.26 40.47 -24.94
CA VAL D 212 -49.70 41.54 -24.14
C VAL D 212 -50.04 42.88 -24.78
N ASN D 213 -50.68 43.75 -24.02
CA ASN D 213 -51.15 45.02 -24.55
C ASN D 213 -49.98 45.91 -24.97
N LYS D 214 -50.31 47.02 -25.63
CA LYS D 214 -49.30 47.87 -26.27
C LYS D 214 -48.36 48.48 -25.25
N ARG D 215 -48.90 49.08 -24.19
CA ARG D 215 -48.06 49.73 -23.19
C ARG D 215 -47.18 48.72 -22.48
N SER D 216 -47.78 47.64 -21.99
CA SER D 216 -46.99 46.59 -21.35
C SER D 216 -45.98 46.01 -22.32
N TYR D 217 -46.33 45.91 -23.61
CA TYR D 217 -45.41 45.31 -24.55
C TYR D 217 -44.24 46.22 -24.87
N LEU D 218 -44.48 47.54 -24.96
CA LEU D 218 -43.37 48.45 -25.22
C LEU D 218 -42.47 48.57 -24.01
N ILE D 219 -43.03 48.42 -22.81
CA ILE D 219 -42.18 48.36 -21.64
C ILE D 219 -41.40 47.04 -21.59
N ARG D 220 -41.98 45.97 -22.13
CA ARG D 220 -41.33 44.66 -22.10
C ARG D 220 -40.27 44.54 -23.18
N ALA D 221 -40.41 45.25 -24.29
CA ALA D 221 -39.43 45.16 -25.36
C ALA D 221 -38.22 46.03 -25.06
N LEU D 222 -38.45 47.21 -24.50
CA LEU D 222 -37.36 48.09 -24.11
C LEU D 222 -36.66 47.65 -22.84
N THR D 223 -37.15 46.59 -22.19
CA THR D 223 -36.60 46.19 -20.91
C THR D 223 -35.19 45.63 -21.06
N LEU D 224 -34.35 45.90 -20.06
CA LEU D 224 -32.94 45.52 -20.09
C LEU D 224 -32.56 44.99 -18.72
N ASN D 225 -32.14 43.73 -18.68
CA ASN D 225 -31.77 43.06 -17.44
C ASN D 225 -30.64 43.83 -16.75
N THR D 226 -30.56 43.65 -15.42
CA THR D 226 -29.60 44.39 -14.61
C THR D 226 -28.29 43.63 -14.45
N MET D 227 -28.34 42.43 -13.87
CA MET D 227 -27.29 41.41 -14.04
C MET D 227 -25.91 41.93 -13.62
N THR D 228 -25.72 42.01 -12.30
CA THR D 228 -24.51 42.55 -11.67
C THR D 228 -23.23 42.16 -12.37
N LYS D 229 -22.25 43.05 -12.39
CA LYS D 229 -21.01 42.73 -13.08
C LYS D 229 -20.27 41.66 -12.31
N ASP D 230 -19.65 40.75 -13.05
CA ASP D 230 -18.78 39.73 -12.51
C ASP D 230 -17.42 39.87 -13.17
N ALA D 231 -16.39 39.60 -12.40
CA ALA D 231 -15.00 39.67 -12.84
C ALA D 231 -14.52 41.09 -13.05
N GLU D 232 -15.15 42.07 -12.42
CA GLU D 232 -14.65 43.44 -12.51
C GLU D 232 -13.36 43.53 -11.72
N ARG D 233 -12.25 43.55 -12.42
CA ARG D 233 -10.93 43.57 -11.83
C ARG D 233 -10.49 45.03 -11.68
N GLY D 234 -10.26 45.44 -10.43
CA GLY D 234 -9.62 46.71 -10.15
C GLY D 234 -10.53 47.73 -9.49
N LYS D 235 -11.48 47.25 -8.70
CA LYS D 235 -12.41 48.13 -7.99
C LYS D 235 -12.65 47.55 -6.60
N LEU D 236 -13.61 48.16 -5.91
CA LEU D 236 -14.09 47.71 -4.61
C LEU D 236 -15.58 47.43 -4.60
N LYS D 237 -16.36 48.31 -5.23
CA LYS D 237 -17.79 48.13 -5.44
C LYS D 237 -18.01 47.86 -6.92
N ARG D 238 -19.25 47.52 -7.26
CA ARG D 238 -19.55 46.87 -8.52
C ARG D 238 -20.34 47.78 -9.44
N ARG D 239 -20.05 47.67 -10.73
CA ARG D 239 -20.59 48.54 -11.75
C ARG D 239 -21.99 48.16 -12.18
N ALA D 240 -22.36 46.89 -12.03
CA ALA D 240 -23.68 46.40 -12.43
C ALA D 240 -23.92 46.62 -13.93
N ILE D 241 -23.14 45.88 -14.72
CA ILE D 241 -23.30 45.90 -16.17
C ILE D 241 -24.69 45.39 -16.51
N ALA D 242 -25.46 46.20 -17.22
CA ALA D 242 -26.74 45.78 -17.75
C ALA D 242 -26.62 45.54 -19.24
N THR D 243 -27.39 44.57 -19.72
CA THR D 243 -27.24 44.02 -21.06
C THR D 243 -28.54 44.18 -21.85
N PRO D 244 -28.47 44.35 -23.19
CA PRO D 244 -29.69 44.53 -23.97
C PRO D 244 -30.29 43.23 -24.45
N GLY D 245 -31.41 43.34 -25.16
CA GLY D 245 -32.06 42.20 -25.78
C GLY D 245 -31.74 42.11 -27.27
N MET D 246 -32.18 41.00 -27.85
CA MET D 246 -31.89 40.71 -29.25
C MET D 246 -32.47 41.75 -30.20
N GLN D 247 -33.64 42.30 -29.87
CA GLN D 247 -34.38 43.11 -30.83
C GLN D 247 -33.63 44.39 -31.16
N ILE D 248 -32.98 44.98 -30.16
CA ILE D 248 -32.12 46.14 -30.37
C ILE D 248 -30.73 45.73 -30.84
N ARG D 249 -30.41 44.43 -30.75
CA ARG D 249 -29.05 43.98 -31.01
C ARG D 249 -28.67 44.19 -32.47
N GLY D 250 -29.61 43.99 -33.39
CA GLY D 250 -29.30 44.17 -34.79
C GLY D 250 -29.11 45.63 -35.14
N PHE D 251 -29.89 46.52 -34.51
CA PHE D 251 -29.72 47.94 -34.75
C PHE D 251 -28.35 48.40 -34.28
N VAL D 252 -27.96 47.98 -33.07
CA VAL D 252 -26.63 48.33 -32.61
C VAL D 252 -25.57 47.64 -33.46
N TYR D 253 -25.89 46.48 -34.03
CA TYR D 253 -24.95 45.80 -34.90
C TYR D 253 -24.68 46.63 -36.15
N PHE D 254 -25.73 47.14 -36.77
CA PHE D 254 -25.57 47.96 -37.97
C PHE D 254 -24.80 49.24 -37.65
N VAL D 255 -25.20 49.93 -36.58
CA VAL D 255 -24.55 51.20 -36.29
C VAL D 255 -23.11 50.97 -35.84
N GLU D 256 -22.83 49.86 -35.18
CA GLU D 256 -21.47 49.54 -34.80
C GLU D 256 -20.66 49.10 -36.00
N THR D 257 -21.31 48.55 -37.02
CA THR D 257 -20.59 48.26 -38.26
C THR D 257 -20.19 49.55 -38.95
N LEU D 258 -21.09 50.54 -38.97
CA LEU D 258 -20.72 51.86 -39.45
C LEU D 258 -19.56 52.42 -38.65
N ALA D 259 -19.65 52.28 -37.33
CA ALA D 259 -18.60 52.81 -36.46
C ALA D 259 -17.29 52.10 -36.71
N ARG D 260 -17.34 50.81 -36.96
CA ARG D 260 -16.13 50.05 -37.24
C ARG D 260 -15.51 50.51 -38.55
N SER D 261 -16.35 50.76 -39.56
CA SER D 261 -15.84 51.25 -40.83
C SER D 261 -15.19 52.62 -40.66
N ILE D 262 -15.93 53.54 -40.05
CA ILE D 262 -15.45 54.92 -39.95
C ILE D 262 -14.22 55.00 -39.05
N CYS D 263 -14.15 54.15 -38.02
CA CYS D 263 -12.98 54.13 -37.16
C CYS D 263 -11.81 53.44 -37.82
N GLU D 264 -12.08 52.47 -38.69
CA GLU D 264 -11.00 51.86 -39.46
C GLU D 264 -10.38 52.88 -40.40
N LYS D 265 -11.20 53.69 -41.05
CA LYS D 265 -10.67 54.77 -41.86
C LYS D 265 -10.12 55.92 -41.01
N LEU D 266 -10.43 55.96 -39.72
CA LEU D 266 -9.81 56.92 -38.83
C LEU D 266 -8.43 56.42 -38.41
N GLU D 267 -7.68 57.35 -37.82
CA GLU D 267 -6.34 57.09 -37.33
C GLU D 267 -6.22 57.30 -35.83
N GLN D 268 -7.27 57.80 -35.18
CA GLN D 268 -7.26 58.12 -33.77
C GLN D 268 -8.04 57.12 -32.92
N SER D 269 -8.80 56.23 -33.52
CA SER D 269 -9.50 55.22 -32.75
C SER D 269 -8.51 54.25 -32.12
N GLY D 270 -8.95 53.58 -31.07
CA GLY D 270 -8.15 52.59 -30.38
C GLY D 270 -8.81 51.23 -30.28
N LEU D 271 -10.15 51.19 -30.35
CA LEU D 271 -10.85 49.92 -30.15
C LEU D 271 -10.72 49.00 -31.35
N PRO D 272 -11.18 49.37 -32.55
CA PRO D 272 -11.14 48.38 -33.65
C PRO D 272 -9.73 48.10 -34.11
N VAL D 273 -8.87 49.13 -34.14
CA VAL D 273 -7.46 48.89 -34.31
C VAL D 273 -6.98 48.07 -33.11
N GLY D 274 -6.15 47.07 -33.36
CA GLY D 274 -5.80 46.14 -32.32
C GLY D 274 -4.50 45.43 -32.62
N GLY D 275 -4.10 44.61 -31.65
CA GLY D 275 -2.85 43.90 -31.76
C GLY D 275 -1.67 44.84 -31.85
N ASN D 276 -0.63 44.36 -32.52
CA ASN D 276 0.59 45.15 -32.65
C ASN D 276 0.39 46.35 -33.56
N GLU D 277 -0.62 46.33 -34.43
CA GLU D 277 -0.96 47.52 -35.20
C GLU D 277 -1.44 48.64 -34.28
N LYS D 278 -2.34 48.32 -33.34
CA LYS D 278 -2.72 49.27 -32.31
C LYS D 278 -1.51 49.72 -31.48
N LYS D 279 -0.67 48.76 -31.10
CA LYS D 279 0.54 49.05 -30.36
C LYS D 279 1.39 50.08 -31.10
N ALA D 280 1.46 49.96 -32.41
CA ALA D 280 2.20 50.91 -33.23
C ALA D 280 1.45 52.22 -33.39
N LYS D 281 0.12 52.18 -33.37
CA LYS D 281 -0.66 53.40 -33.56
C LYS D 281 -0.45 54.35 -32.40
N LEU D 282 -0.42 53.80 -31.19
CA LEU D 282 -0.09 54.58 -30.00
C LEU D 282 1.23 55.32 -30.19
N ALA D 283 2.28 54.55 -30.48
CA ALA D 283 3.61 55.12 -30.68
C ALA D 283 3.62 56.11 -31.83
N ASN D 284 2.79 55.89 -32.85
CA ASN D 284 2.80 56.75 -34.02
C ASN D 284 2.17 58.10 -33.72
N VAL D 285 1.08 58.12 -32.96
CA VAL D 285 0.47 59.41 -32.65
C VAL D 285 1.38 60.21 -31.72
N VAL D 286 2.01 59.53 -30.75
CA VAL D 286 2.93 60.28 -29.91
C VAL D 286 4.13 60.75 -30.70
N ARG D 287 4.55 59.97 -31.70
CA ARG D 287 5.59 60.45 -32.60
C ARG D 287 5.15 61.71 -33.32
N LYS D 288 3.96 61.67 -33.90
CA LYS D 288 3.47 62.76 -34.74
C LYS D 288 3.33 64.05 -33.96
N MET D 289 2.99 63.95 -32.68
CA MET D 289 2.74 65.15 -31.86
C MET D 289 3.91 65.54 -30.97
N MET D 290 4.84 64.61 -30.70
CA MET D 290 5.97 64.90 -29.82
C MET D 290 7.10 65.59 -30.57
N THR D 291 7.19 65.36 -31.88
CA THR D 291 8.11 66.12 -32.72
C THR D 291 7.86 67.61 -32.52
N ASN D 292 8.88 68.28 -31.98
CA ASN D 292 8.75 69.65 -31.49
C ASN D 292 9.64 70.54 -32.35
N SER D 293 9.09 70.96 -33.48
CA SER D 293 9.74 71.95 -34.32
C SER D 293 9.58 73.32 -33.66
N GLN D 294 10.68 74.07 -33.61
CA GLN D 294 10.70 75.35 -32.90
C GLN D 294 10.31 75.15 -31.44
N ASP D 295 11.02 74.25 -30.77
CA ASP D 295 10.65 73.87 -29.41
C ASP D 295 11.01 74.96 -28.41
N THR D 296 10.34 76.10 -28.50
CA THR D 296 10.39 77.14 -27.48
C THR D 296 9.26 76.99 -26.47
N GLU D 297 8.54 75.88 -26.51
CA GLU D 297 7.32 75.69 -25.72
C GLU D 297 7.43 74.39 -24.94
N LEU D 298 7.05 74.44 -23.67
CA LEU D 298 6.99 73.22 -22.88
C LEU D 298 5.74 72.44 -23.25
N SER D 299 5.75 71.16 -22.91
CA SER D 299 4.73 70.23 -23.36
C SER D 299 4.44 69.19 -22.29
N PHE D 300 3.16 69.00 -22.01
CA PHE D 300 2.69 67.94 -21.13
C PHE D 300 1.69 67.08 -21.91
N THR D 301 1.48 65.85 -21.43
CA THR D 301 0.72 64.85 -22.17
C THR D 301 -0.13 64.06 -21.18
N ILE D 302 -1.39 64.46 -21.04
CA ILE D 302 -2.27 63.86 -20.05
C ILE D 302 -2.55 62.41 -20.40
N THR D 303 -2.84 61.61 -19.39
CA THR D 303 -3.56 60.36 -19.51
C THR D 303 -4.69 60.34 -18.50
N GLY D 304 -5.39 59.23 -18.42
CA GLY D 304 -6.34 59.03 -17.33
C GLY D 304 -7.50 58.16 -17.75
N ASP D 305 -8.62 58.41 -17.10
CA ASP D 305 -9.85 57.63 -17.27
C ASP D 305 -10.99 58.60 -17.06
N ASN D 306 -11.87 58.69 -18.05
CA ASN D 306 -12.98 59.63 -18.01
C ASN D 306 -14.10 58.96 -17.23
N THR D 307 -14.27 59.38 -15.97
CA THR D 307 -15.26 58.76 -15.11
C THR D 307 -16.65 58.93 -15.68
N LYS D 308 -17.54 58.03 -15.27
CA LYS D 308 -18.96 58.15 -15.54
C LYS D 308 -19.24 58.21 -17.04
N TRP D 309 -18.43 57.47 -17.80
CA TRP D 309 -18.59 57.44 -19.25
C TRP D 309 -19.95 56.91 -19.63
N ASN D 310 -20.36 55.82 -19.00
CA ASN D 310 -21.64 55.21 -19.33
C ASN D 310 -22.82 55.98 -18.75
N GLU D 311 -22.57 57.02 -17.95
CA GLU D 311 -23.62 57.78 -17.31
C GLU D 311 -23.82 59.15 -17.93
N ASN D 312 -22.75 59.95 -18.00
CA ASN D 312 -22.90 61.33 -18.41
C ASN D 312 -23.13 61.49 -19.90
N GLN D 313 -22.85 60.47 -20.70
CA GLN D 313 -23.18 60.52 -22.12
C GLN D 313 -24.70 60.34 -22.28
N ASN D 314 -25.16 60.33 -23.52
CA ASN D 314 -26.58 60.41 -23.79
C ASN D 314 -26.85 59.90 -25.20
N PRO D 315 -28.03 59.35 -25.47
CA PRO D 315 -28.34 58.93 -26.85
C PRO D 315 -28.77 60.06 -27.75
N ARG D 316 -29.17 61.20 -27.20
CA ARG D 316 -29.57 62.33 -28.04
C ARG D 316 -28.41 62.80 -28.89
N MET D 317 -27.24 62.94 -28.29
CA MET D 317 -26.04 63.30 -29.04
C MET D 317 -25.73 62.26 -30.09
N PHE D 318 -25.98 60.98 -29.77
CA PHE D 318 -25.73 59.92 -30.74
C PHE D 318 -26.66 60.04 -31.93
N LEU D 319 -27.94 60.32 -31.68
CA LEU D 319 -28.88 60.48 -32.77
C LEU D 319 -28.51 61.67 -33.64
N ALA D 320 -28.09 62.76 -33.01
CA ALA D 320 -27.68 63.94 -33.76
C ALA D 320 -26.47 63.61 -34.63
N MET D 321 -25.48 62.95 -34.05
CA MET D 321 -24.31 62.50 -34.80
C MET D 321 -24.74 61.65 -35.98
N ILE D 322 -25.64 60.69 -35.74
CA ILE D 322 -26.07 59.78 -36.79
C ILE D 322 -26.70 60.55 -37.93
N THR D 323 -27.58 61.49 -37.59
CA THR D 323 -28.24 62.30 -38.62
C THR D 323 -27.21 63.08 -39.42
N TYR D 324 -26.15 63.56 -38.77
CA TYR D 324 -25.14 64.31 -39.50
C TYR D 324 -24.22 63.40 -40.31
N ILE D 325 -24.09 62.14 -39.91
CA ILE D 325 -23.05 61.29 -40.48
C ILE D 325 -23.47 60.77 -41.84
N THR D 326 -24.75 60.42 -41.98
CA THR D 326 -25.27 59.87 -43.23
C THR D 326 -25.97 60.94 -44.06
N LYS D 327 -25.39 62.14 -44.09
CA LYS D 327 -25.83 63.20 -44.98
C LYS D 327 -25.83 62.72 -46.42
N ASN D 328 -26.86 63.11 -47.17
CA ASN D 328 -26.94 62.86 -48.61
C ASN D 328 -26.95 61.37 -48.91
N GLN D 329 -27.93 60.66 -48.35
CA GLN D 329 -28.01 59.22 -48.43
C GLN D 329 -29.46 58.76 -48.57
N PRO D 330 -29.70 57.47 -48.82
CA PRO D 330 -31.10 56.99 -48.85
C PRO D 330 -31.79 57.21 -47.52
N GLU D 331 -32.97 57.83 -47.58
CA GLU D 331 -33.68 58.23 -46.37
C GLU D 331 -34.00 57.04 -45.48
N TRP D 332 -34.38 55.92 -46.10
CA TRP D 332 -34.68 54.70 -45.34
C TRP D 332 -33.47 54.24 -44.54
N PHE D 333 -32.27 54.38 -45.10
CA PHE D 333 -31.08 54.03 -44.33
C PHE D 333 -30.90 54.96 -43.14
N ARG D 334 -31.17 56.25 -43.33
CA ARG D 334 -31.13 57.22 -42.23
C ARG D 334 -32.02 56.75 -41.10
N ASN D 335 -33.23 56.30 -41.45
CA ASN D 335 -34.19 55.92 -40.42
C ASN D 335 -33.77 54.63 -39.72
N VAL D 336 -33.43 53.60 -40.50
CA VAL D 336 -33.12 52.31 -39.93
C VAL D 336 -31.81 52.34 -39.15
N LEU D 337 -31.00 53.40 -39.29
CA LEU D 337 -29.84 53.58 -38.43
C LEU D 337 -30.05 54.60 -37.33
N SER D 338 -31.09 55.43 -37.42
CA SER D 338 -31.45 56.30 -36.31
C SER D 338 -32.30 55.60 -35.26
N ILE D 339 -32.84 54.43 -35.57
CA ILE D 339 -33.74 53.78 -34.62
C ILE D 339 -33.02 53.31 -33.35
N ALA D 340 -31.69 53.20 -33.34
CA ALA D 340 -31.06 52.69 -32.12
C ALA D 340 -31.01 53.77 -31.03
N PRO D 341 -30.46 54.97 -31.30
CA PRO D 341 -30.40 55.98 -30.25
C PRO D 341 -31.75 56.40 -29.68
N ILE D 342 -32.86 56.23 -30.41
CA ILE D 342 -34.14 56.66 -29.86
C ILE D 342 -34.60 55.70 -28.76
N MET D 343 -34.46 54.39 -29.01
CA MET D 343 -34.83 53.43 -27.99
C MET D 343 -33.78 53.36 -26.90
N PHE D 344 -32.56 53.80 -27.18
CA PHE D 344 -31.67 54.17 -26.09
C PHE D 344 -32.28 55.32 -25.30
N SER D 345 -32.83 56.30 -26.00
CA SER D 345 -33.38 57.52 -25.41
C SER D 345 -34.61 57.26 -24.55
N ASN D 346 -35.18 56.07 -24.61
CA ASN D 346 -36.18 55.70 -23.63
C ASN D 346 -36.03 54.22 -23.34
N LYS D 347 -35.66 53.89 -22.11
CA LYS D 347 -35.44 52.51 -21.72
C LYS D 347 -35.82 52.36 -20.26
N MET D 348 -36.48 51.24 -19.96
CA MET D 348 -36.88 50.89 -18.60
C MET D 348 -36.20 49.58 -18.24
N ALA D 349 -34.98 49.67 -17.71
CA ALA D 349 -34.32 48.49 -17.21
C ALA D 349 -35.00 48.01 -15.94
N ARG D 350 -34.83 46.72 -15.66
CA ARG D 350 -35.36 46.12 -14.46
C ARG D 350 -34.49 46.56 -13.28
N LEU D 351 -34.74 45.96 -12.12
CA LEU D 351 -33.91 46.15 -10.94
C LEU D 351 -33.17 44.88 -10.53
N GLY D 352 -33.70 43.72 -10.85
CA GLY D 352 -33.02 42.46 -10.59
C GLY D 352 -33.97 41.50 -9.91
N LYS D 353 -33.42 40.73 -8.97
CA LYS D 353 -34.23 39.79 -8.21
C LYS D 353 -35.08 40.51 -7.17
N GLY D 354 -34.43 41.26 -6.29
CA GLY D 354 -35.06 41.82 -5.11
C GLY D 354 -34.14 41.61 -3.93
N TYR D 355 -34.71 41.39 -2.75
CA TYR D 355 -33.95 41.21 -1.52
C TYR D 355 -34.34 39.89 -0.88
N MET D 356 -33.71 39.59 0.25
CA MET D 356 -34.01 38.41 1.06
C MET D 356 -34.03 38.84 2.52
N PHE D 357 -35.22 39.16 3.02
CA PHE D 357 -35.34 39.60 4.40
C PHE D 357 -35.17 38.40 5.32
N GLU D 358 -34.93 38.67 6.60
CA GLU D 358 -34.67 37.61 7.56
C GLU D 358 -35.12 38.02 8.95
N SER D 359 -35.68 37.07 9.68
CA SER D 359 -36.01 37.26 11.08
C SER D 359 -34.78 36.98 11.93
N LYS D 360 -34.57 37.79 12.96
CA LYS D 360 -33.44 37.59 13.85
C LYS D 360 -33.80 36.60 14.96
N SER D 361 -34.89 36.87 15.68
CA SER D 361 -35.29 36.02 16.79
C SER D 361 -35.83 34.69 16.27
N MET D 362 -36.92 34.74 15.49
CA MET D 362 -37.52 33.51 15.00
C MET D 362 -36.65 32.81 13.97
N LYS D 363 -35.71 33.52 13.36
CA LYS D 363 -34.74 32.94 12.44
C LYS D 363 -35.43 32.28 11.24
N LEU D 364 -36.03 33.14 10.42
CA LEU D 364 -36.69 32.72 9.19
C LEU D 364 -36.52 33.80 8.13
N ARG D 365 -36.39 33.38 6.87
CA ARG D 365 -36.04 34.27 5.78
C ARG D 365 -36.92 33.99 4.57
N THR D 366 -37.00 34.99 3.69
CA THR D 366 -37.71 34.86 2.43
C THR D 366 -37.17 35.86 1.43
N GLN D 367 -37.24 35.50 0.15
CA GLN D 367 -36.94 36.42 -0.92
C GLN D 367 -38.16 37.28 -1.23
N ILE D 368 -37.91 38.57 -1.45
CA ILE D 368 -38.95 39.53 -1.79
C ILE D 368 -38.67 40.06 -3.19
N PRO D 369 -39.36 39.56 -4.22
CA PRO D 369 -39.24 40.19 -5.54
C PRO D 369 -39.60 41.66 -5.48
N ALA D 370 -38.71 42.49 -6.01
CA ALA D 370 -38.87 43.94 -5.93
C ALA D 370 -39.98 44.49 -6.83
N GLU D 371 -40.69 43.64 -7.57
CA GLU D 371 -41.83 44.13 -8.34
C GLU D 371 -42.88 44.79 -7.45
N MET D 372 -42.97 44.36 -6.18
CA MET D 372 -43.83 44.99 -5.20
C MET D 372 -43.15 46.11 -4.43
N LEU D 373 -41.91 46.47 -4.78
CA LEU D 373 -41.16 47.44 -4.00
C LEU D 373 -41.82 48.81 -4.00
N ALA D 374 -42.63 49.13 -5.00
CA ALA D 374 -43.39 50.37 -5.01
C ALA D 374 -44.64 50.31 -4.14
N SER D 375 -44.78 49.29 -3.30
CA SER D 375 -45.89 49.18 -2.36
C SER D 375 -45.45 49.01 -0.91
N ILE D 376 -44.27 48.43 -0.67
CA ILE D 376 -43.89 48.03 0.67
C ILE D 376 -43.56 49.25 1.53
N ASP D 377 -43.79 49.11 2.83
CA ASP D 377 -43.36 50.09 3.80
C ASP D 377 -41.85 50.29 3.76
N LEU D 378 -41.41 51.35 4.43
CA LEU D 378 -40.01 51.79 4.44
C LEU D 378 -39.41 51.63 5.83
N LYS D 379 -39.66 50.48 6.45
CA LYS D 379 -39.19 50.17 7.80
C LYS D 379 -38.43 48.86 7.90
N TYR D 380 -38.81 47.84 7.13
CA TYR D 380 -38.06 46.59 7.13
C TYR D 380 -36.63 46.76 6.64
N PHE D 381 -36.34 47.83 5.90
CA PHE D 381 -35.11 47.93 5.15
C PHE D 381 -33.98 48.57 5.97
N ASN D 382 -32.80 48.56 5.38
CA ASN D 382 -31.65 49.28 5.90
C ASN D 382 -31.76 50.76 5.53
N GLU D 383 -31.17 51.63 6.36
CA GLU D 383 -31.40 53.06 6.23
C GLU D 383 -30.85 53.63 4.93
N SER D 384 -29.63 53.25 4.56
CA SER D 384 -29.10 53.65 3.26
C SER D 384 -29.99 53.13 2.15
N THR D 385 -30.39 51.87 2.28
CA THR D 385 -31.35 51.28 1.36
C THR D 385 -32.64 52.07 1.35
N ARG D 386 -33.14 52.44 2.53
CA ARG D 386 -34.40 53.19 2.63
C ARG D 386 -34.34 54.48 1.83
N LYS D 387 -33.30 55.28 2.08
CA LYS D 387 -33.19 56.55 1.38
C LYS D 387 -33.07 56.34 -0.12
N LYS D 388 -32.35 55.28 -0.53
CA LYS D 388 -32.32 54.95 -1.95
C LYS D 388 -33.72 54.65 -2.49
N ILE D 389 -34.52 53.90 -1.74
CA ILE D 389 -35.86 53.54 -2.23
C ILE D 389 -36.68 54.79 -2.44
N GLU D 390 -36.73 55.66 -1.43
CA GLU D 390 -37.55 56.87 -1.59
C GLU D 390 -37.02 57.76 -2.71
N LYS D 391 -35.73 57.66 -3.03
CA LYS D 391 -35.24 58.38 -4.20
C LYS D 391 -35.76 57.77 -5.49
N ILE D 392 -35.87 56.44 -5.55
CA ILE D 392 -36.27 55.77 -6.78
C ILE D 392 -37.76 55.48 -6.84
N ARG D 393 -38.40 55.26 -5.70
CA ARG D 393 -39.81 54.89 -5.60
C ARG D 393 -40.71 55.80 -6.42
N PRO D 394 -40.45 57.11 -6.52
CA PRO D 394 -41.16 57.90 -7.53
C PRO D 394 -40.90 57.43 -8.95
N LEU D 395 -39.69 56.98 -9.23
CA LEU D 395 -39.27 56.58 -10.56
C LEU D 395 -39.42 55.08 -10.76
N LEU D 396 -40.64 54.58 -10.57
CA LEU D 396 -40.92 53.15 -10.72
C LEU D 396 -42.28 52.97 -11.34
N ILE D 397 -42.30 52.32 -12.50
CA ILE D 397 -43.48 52.13 -13.33
C ILE D 397 -43.46 50.70 -13.81
N ASP D 398 -44.44 49.90 -13.39
CA ASP D 398 -44.41 48.45 -13.52
C ASP D 398 -43.26 47.84 -12.71
N GLY D 399 -42.72 48.58 -11.75
CA GLY D 399 -41.62 48.12 -10.92
C GLY D 399 -40.24 48.30 -11.52
N THR D 400 -40.14 48.29 -12.85
CA THR D 400 -38.86 48.42 -13.52
C THR D 400 -38.51 49.89 -13.65
N ALA D 401 -37.27 50.23 -13.32
CA ALA D 401 -36.85 51.63 -13.27
C ALA D 401 -36.70 52.18 -14.67
N SER D 402 -37.19 53.40 -14.86
CA SER D 402 -37.08 54.10 -16.12
C SER D 402 -36.04 55.20 -16.04
N LEU D 403 -35.29 55.36 -17.11
CA LEU D 403 -34.25 56.37 -17.20
C LEU D 403 -33.75 56.47 -18.62
N SER D 404 -33.51 57.68 -19.09
CA SER D 404 -32.68 57.84 -20.27
C SER D 404 -31.99 59.20 -20.31
N PRO D 405 -31.21 59.56 -19.27
CA PRO D 405 -30.22 60.63 -19.45
C PRO D 405 -28.85 60.04 -19.76
N GLY D 406 -28.71 58.73 -19.66
CA GLY D 406 -27.42 58.10 -19.58
C GLY D 406 -27.37 56.81 -20.38
N MET D 407 -26.17 56.50 -20.85
CA MET D 407 -25.92 55.32 -21.66
C MET D 407 -26.11 54.07 -20.82
N MET D 408 -26.36 52.95 -21.50
CA MET D 408 -26.47 51.68 -20.84
C MET D 408 -25.10 51.17 -20.44
N MET D 409 -25.00 50.66 -19.21
CA MET D 409 -23.73 50.28 -18.66
C MET D 409 -23.11 49.13 -19.43
N GLY D 410 -21.93 49.39 -19.99
CA GLY D 410 -21.07 48.32 -20.46
C GLY D 410 -21.32 47.81 -21.86
N MET D 411 -21.85 48.66 -22.75
CA MET D 411 -21.99 48.29 -24.15
C MET D 411 -20.73 48.69 -24.90
N PHE D 412 -20.45 47.98 -25.98
CA PHE D 412 -19.25 48.22 -26.80
C PHE D 412 -19.61 49.22 -27.89
N ASN D 413 -20.06 50.39 -27.46
CA ASN D 413 -20.66 51.35 -28.38
C ASN D 413 -19.67 51.84 -29.42
N MET D 414 -18.61 52.53 -28.97
CA MET D 414 -17.48 52.96 -29.79
C MET D 414 -17.82 54.13 -30.72
N LEU D 415 -19.10 54.42 -30.90
CA LEU D 415 -19.51 55.70 -31.44
C LEU D 415 -19.29 56.80 -30.42
N SER D 416 -19.23 56.43 -29.14
CA SER D 416 -18.77 57.36 -28.13
C SER D 416 -17.32 57.72 -28.35
N THR D 417 -16.52 56.80 -28.86
CA THR D 417 -15.16 57.16 -29.23
C THR D 417 -15.16 58.07 -30.44
N VAL D 418 -16.07 57.79 -31.39
CA VAL D 418 -16.21 58.70 -32.53
C VAL D 418 -16.57 60.10 -32.06
N LEU D 419 -17.33 60.19 -30.98
CA LEU D 419 -17.63 61.49 -30.39
C LEU D 419 -16.38 62.11 -29.79
N GLY D 420 -15.82 61.44 -28.80
CA GLY D 420 -14.77 62.04 -28.00
C GLY D 420 -13.51 62.33 -28.78
N VAL D 421 -13.28 61.59 -29.86
CA VAL D 421 -12.11 61.82 -30.67
C VAL D 421 -12.23 63.14 -31.43
N SER D 422 -13.46 63.57 -31.69
CA SER D 422 -13.67 64.87 -32.32
C SER D 422 -13.12 65.98 -31.45
N ILE D 423 -13.20 65.82 -30.14
CA ILE D 423 -12.63 66.79 -29.22
C ILE D 423 -11.15 66.90 -29.47
N LEU D 424 -10.49 65.76 -29.58
CA LEU D 424 -9.06 65.73 -29.86
C LEU D 424 -8.77 66.32 -31.22
N ASN D 425 -9.71 66.20 -32.15
CA ASN D 425 -9.54 66.77 -33.47
C ASN D 425 -9.66 68.29 -33.44
N LEU D 426 -10.41 68.82 -32.48
CA LEU D 426 -10.52 70.27 -32.36
C LEU D 426 -9.18 70.93 -32.12
N GLY D 427 -8.25 70.21 -31.51
CA GLY D 427 -6.93 70.75 -31.26
C GLY D 427 -6.00 70.68 -32.45
N GLN D 428 -6.54 70.76 -33.66
CA GLN D 428 -5.75 71.16 -34.80
C GLN D 428 -5.61 72.67 -34.76
N LYS D 429 -4.39 73.14 -34.99
CA LYS D 429 -4.07 74.55 -34.77
C LYS D 429 -4.88 75.48 -35.68
N ARG D 430 -5.48 74.95 -36.74
CA ARG D 430 -6.37 75.74 -37.56
C ARG D 430 -7.63 76.15 -36.80
N TYR D 431 -8.02 75.37 -35.80
CA TYR D 431 -9.38 75.35 -35.29
C TYR D 431 -9.49 75.67 -33.81
N THR D 432 -8.51 75.29 -33.00
CA THR D 432 -8.35 75.91 -31.70
C THR D 432 -8.07 77.40 -31.83
N LYS D 433 -7.51 77.81 -32.97
CA LYS D 433 -7.27 79.21 -33.34
C LYS D 433 -6.57 79.96 -32.21
N THR D 434 -5.50 79.36 -31.70
CA THR D 434 -4.66 79.98 -30.70
C THR D 434 -3.28 79.31 -30.76
N THR D 435 -2.44 79.63 -29.78
CA THR D 435 -1.08 79.11 -29.77
C THR D 435 -1.03 77.65 -29.35
N TYR D 436 -1.86 77.27 -28.39
CA TYR D 436 -1.85 75.91 -27.86
C TYR D 436 -2.85 75.04 -28.58
N TRP D 437 -2.69 73.73 -28.41
CA TRP D 437 -3.48 72.80 -29.20
C TRP D 437 -3.24 71.38 -28.71
N TRP D 438 -4.29 70.55 -28.77
CA TRP D 438 -4.28 69.19 -28.27
C TRP D 438 -4.46 68.19 -29.41
N ASP D 439 -4.17 66.93 -29.11
CA ASP D 439 -4.37 65.80 -30.01
C ASP D 439 -3.98 64.53 -29.26
N GLY D 440 -4.47 63.39 -29.75
CA GLY D 440 -4.10 62.12 -29.17
C GLY D 440 -4.94 60.96 -29.66
N LEU D 441 -5.47 60.16 -28.74
CA LEU D 441 -6.36 59.07 -29.06
C LEU D 441 -7.26 58.82 -27.86
N GLN D 442 -8.32 58.05 -28.09
CA GLN D 442 -9.33 57.87 -27.06
C GLN D 442 -10.16 56.64 -27.35
N SER D 443 -10.02 55.61 -26.53
CA SER D 443 -10.90 54.45 -26.53
C SER D 443 -12.11 54.76 -25.65
N SER D 444 -12.90 53.72 -25.34
CA SER D 444 -14.23 53.94 -24.79
C SER D 444 -14.23 54.65 -23.45
N ASP D 445 -13.19 54.49 -22.65
CA ASP D 445 -13.11 55.14 -21.34
C ASP D 445 -11.77 55.81 -21.08
N ASP D 446 -10.69 55.36 -21.69
CA ASP D 446 -9.38 55.95 -21.51
C ASP D 446 -9.18 57.05 -22.54
N PHE D 447 -8.17 57.86 -22.31
CA PHE D 447 -7.90 59.02 -23.15
C PHE D 447 -6.51 59.54 -22.84
N ALA D 448 -5.85 60.07 -23.86
CA ALA D 448 -4.47 60.51 -23.73
C ALA D 448 -4.25 61.71 -24.65
N LEU D 449 -4.37 62.91 -24.08
CA LEU D 449 -4.09 64.12 -24.82
C LEU D 449 -2.59 64.38 -24.92
N ILE D 450 -2.24 65.23 -25.88
CA ILE D 450 -0.88 65.70 -26.07
C ILE D 450 -0.99 67.17 -26.46
N VAL D 451 -0.44 68.06 -25.64
CA VAL D 451 -0.61 69.50 -25.80
C VAL D 451 0.73 70.18 -25.97
N ASN D 452 0.66 71.47 -26.29
CA ASN D 452 1.82 72.34 -26.35
C ASN D 452 1.39 73.75 -26.03
N ALA D 453 2.23 74.48 -25.31
CA ALA D 453 2.04 75.90 -25.06
C ALA D 453 3.33 76.45 -24.49
N PRO D 454 3.54 77.77 -24.59
CA PRO D 454 4.87 78.33 -24.33
C PRO D 454 5.30 78.31 -22.87
N ASN D 455 4.48 77.80 -21.96
CA ASN D 455 4.77 77.90 -20.55
C ASN D 455 3.78 77.05 -19.77
N HIS D 456 4.08 76.84 -18.49
CA HIS D 456 3.14 76.16 -17.60
C HIS D 456 1.81 76.90 -17.57
N GLU D 457 1.86 78.23 -17.63
CA GLU D 457 0.65 79.03 -17.61
C GLU D 457 -0.19 78.79 -18.86
N GLY D 458 0.47 78.76 -20.02
CA GLY D 458 -0.26 78.55 -21.26
C GLY D 458 -0.83 77.15 -21.36
N ILE D 459 -0.09 76.16 -20.85
CA ILE D 459 -0.60 74.80 -20.87
C ILE D 459 -1.77 74.66 -19.92
N GLN D 460 -1.67 75.30 -18.75
CA GLN D 460 -2.80 75.32 -17.83
C GLN D 460 -4.00 75.99 -18.48
N ALA D 461 -3.77 77.07 -19.22
CA ALA D 461 -4.85 77.75 -19.90
C ALA D 461 -5.53 76.82 -20.90
N GLY D 462 -4.72 76.18 -21.74
CA GLY D 462 -5.29 75.34 -22.79
C GLY D 462 -5.92 74.08 -22.26
N VAL D 463 -5.40 73.53 -21.18
CA VAL D 463 -5.97 72.30 -20.64
C VAL D 463 -7.26 72.62 -19.87
N ASP D 464 -7.31 73.77 -19.20
CA ASP D 464 -8.58 74.17 -18.61
C ASP D 464 -9.61 74.41 -19.70
N ARG D 465 -9.19 75.01 -20.82
CA ARG D 465 -10.07 75.17 -21.96
C ARG D 465 -10.57 73.81 -22.46
N PHE D 466 -9.68 72.83 -22.55
CA PHE D 466 -10.08 71.51 -23.01
C PHE D 466 -11.08 70.88 -22.07
N TYR D 467 -10.76 70.87 -20.78
CA TYR D 467 -11.64 70.27 -19.79
C TYR D 467 -13.01 70.91 -19.83
N ARG D 468 -13.03 72.23 -19.98
CA ARG D 468 -14.31 72.92 -20.12
C ARG D 468 -15.04 72.46 -21.36
N THR D 469 -14.36 72.47 -22.52
CA THR D 469 -14.96 72.02 -23.77
C THR D 469 -15.52 70.62 -23.65
N CYS D 470 -14.71 69.73 -23.08
CA CYS D 470 -15.08 68.34 -22.94
C CYS D 470 -16.29 68.18 -22.05
N LYS D 471 -16.48 69.11 -21.12
CA LYS D 471 -17.71 69.12 -20.34
C LYS D 471 -18.85 69.75 -21.12
N LEU D 472 -18.56 70.70 -22.00
CA LEU D 472 -19.61 71.32 -22.79
C LEU D 472 -20.21 70.33 -23.77
N VAL D 473 -19.50 69.26 -24.10
CA VAL D 473 -20.08 68.16 -24.87
C VAL D 473 -20.66 67.07 -23.98
N GLY D 474 -20.55 67.19 -22.66
CA GLY D 474 -21.10 66.20 -21.77
C GLY D 474 -20.20 65.01 -21.59
N ILE D 475 -18.90 65.27 -21.39
CA ILE D 475 -17.92 64.24 -21.12
C ILE D 475 -17.11 64.73 -19.94
N ASN D 476 -17.00 63.92 -18.89
CA ASN D 476 -16.56 64.37 -17.58
C ASN D 476 -15.25 63.70 -17.21
N MET D 477 -14.17 64.43 -17.44
CA MET D 477 -12.85 63.99 -17.02
C MET D 477 -12.69 64.10 -15.51
N SER D 478 -12.48 62.96 -14.85
CA SER D 478 -12.34 62.95 -13.41
C SER D 478 -11.06 63.67 -12.99
N LYS D 479 -11.14 64.29 -11.82
CA LYS D 479 -10.03 64.99 -11.22
C LYS D 479 -9.38 64.20 -10.09
N LYS D 480 -9.85 62.99 -9.82
CA LYS D 480 -9.33 62.19 -8.72
C LYS D 480 -8.26 61.22 -9.20
N LYS D 481 -8.63 60.31 -10.10
CA LYS D 481 -7.76 59.21 -10.50
C LYS D 481 -7.11 59.44 -11.85
N SER D 482 -6.83 60.70 -12.19
CA SER D 482 -6.15 61.06 -13.40
C SER D 482 -4.95 61.91 -13.05
N TYR D 483 -4.12 62.17 -14.04
CA TYR D 483 -2.89 62.90 -13.80
C TYR D 483 -2.35 63.39 -15.12
N ILE D 484 -1.12 63.89 -15.09
CA ILE D 484 -0.57 64.69 -16.17
C ILE D 484 0.94 64.72 -15.99
N ASN D 485 1.66 64.84 -17.08
CA ASN D 485 3.11 64.75 -17.01
C ASN D 485 3.73 65.26 -18.29
N ARG D 486 5.04 65.44 -18.23
CA ARG D 486 5.82 65.71 -19.43
C ARG D 486 5.67 64.56 -20.41
N THR D 487 6.04 64.83 -21.64
CA THR D 487 5.95 63.81 -22.67
C THR D 487 6.94 62.69 -22.37
N GLY D 488 6.64 61.51 -22.92
CA GLY D 488 7.48 60.35 -22.79
C GLY D 488 6.80 59.21 -22.08
N THR D 489 6.09 59.51 -20.99
CA THR D 489 5.38 58.51 -20.20
C THR D 489 3.91 58.86 -20.15
N PHE D 490 3.07 57.93 -20.58
CA PHE D 490 1.64 58.11 -20.45
C PHE D 490 0.93 56.76 -20.59
N GLU D 491 -0.01 56.52 -19.70
CA GLU D 491 -0.85 55.34 -19.75
C GLU D 491 -1.96 55.51 -20.77
N PHE D 492 -2.39 54.38 -21.34
CA PHE D 492 -3.61 54.35 -22.12
C PHE D 492 -4.06 52.91 -22.35
N THR D 493 -5.27 52.58 -21.88
CA THR D 493 -5.86 51.27 -22.08
C THR D 493 -4.95 50.15 -21.55
N SER D 494 -4.12 50.49 -20.57
CA SER D 494 -3.12 49.62 -19.97
C SER D 494 -1.95 49.31 -20.88
N PHE D 495 -1.95 49.80 -22.12
CA PHE D 495 -0.77 49.73 -22.99
C PHE D 495 0.19 50.84 -22.58
N PHE D 496 0.83 50.63 -21.43
CA PHE D 496 1.70 51.65 -20.87
C PHE D 496 2.83 52.00 -21.83
N TYR D 497 2.99 53.30 -22.09
CA TYR D 497 4.02 53.80 -23.00
C TYR D 497 4.96 54.69 -22.21
N ARG D 498 6.07 54.11 -21.76
CA ARG D 498 7.24 54.89 -21.42
C ARG D 498 7.87 55.35 -22.75
N TYR D 499 8.97 56.13 -22.65
CA TYR D 499 9.55 56.91 -23.75
C TYR D 499 9.45 56.25 -25.12
N GLY D 500 9.89 55.01 -25.22
CA GLY D 500 9.70 54.22 -26.42
C GLY D 500 9.17 52.83 -26.13
N PHE D 501 9.16 52.43 -24.87
CA PHE D 501 8.73 51.10 -24.49
C PHE D 501 7.21 51.06 -24.31
N VAL D 502 6.61 49.96 -24.75
CA VAL D 502 5.19 49.88 -25.03
C VAL D 502 4.58 48.65 -24.35
N ALA D 503 5.06 48.34 -23.14
CA ALA D 503 4.53 47.21 -22.38
C ALA D 503 3.01 47.27 -22.27
N ASN D 504 2.39 46.09 -22.22
CA ASN D 504 0.95 45.95 -22.28
C ASN D 504 0.49 44.86 -21.33
N PHE D 505 -0.62 45.13 -20.64
CA PHE D 505 -1.23 44.18 -19.70
C PHE D 505 -2.74 44.23 -19.86
N SER D 506 -3.19 44.17 -21.12
CA SER D 506 -4.61 44.35 -21.44
C SER D 506 -5.46 43.26 -20.77
N MET D 507 -5.21 42.00 -21.12
CA MET D 507 -5.98 40.86 -20.65
C MET D 507 -5.07 39.97 -19.82
N GLU D 508 -5.57 38.82 -19.41
CA GLU D 508 -4.77 37.94 -18.57
C GLU D 508 -4.69 36.54 -19.16
N LEU D 509 -3.62 35.82 -18.84
CA LEU D 509 -3.44 34.47 -19.35
C LEU D 509 -4.61 33.65 -18.83
N PRO D 510 -5.28 32.88 -19.70
CA PRO D 510 -6.41 32.15 -19.11
C PRO D 510 -6.28 30.63 -19.04
N SER D 511 -6.31 30.05 -17.84
CA SER D 511 -6.33 28.60 -17.59
C SER D 511 -5.13 27.72 -17.97
N PHE D 512 -4.80 27.66 -19.27
CA PHE D 512 -3.72 26.80 -19.79
C PHE D 512 -3.94 25.34 -19.40
N GLY D 513 -5.18 24.91 -19.59
CA GLY D 513 -5.64 23.58 -19.25
C GLY D 513 -6.45 23.05 -20.42
N VAL D 514 -6.74 21.76 -20.40
CA VAL D 514 -7.46 21.12 -21.47
C VAL D 514 -8.90 21.63 -21.64
N SER D 515 -9.41 21.50 -22.86
CA SER D 515 -10.76 21.90 -23.22
C SER D 515 -11.78 20.83 -22.91
N GLY D 516 -11.35 19.58 -22.78
CA GLY D 516 -12.20 18.53 -22.27
C GLY D 516 -13.12 17.90 -23.28
N ILE D 517 -12.60 17.47 -24.43
CA ILE D 517 -13.38 16.89 -25.51
C ILE D 517 -12.86 15.53 -25.92
N ASN D 518 -11.56 15.41 -26.14
CA ASN D 518 -10.96 14.18 -26.64
C ASN D 518 -9.46 14.37 -26.73
N GLU D 519 -8.74 13.26 -26.78
CA GLU D 519 -7.29 13.34 -26.86
C GLU D 519 -6.79 13.80 -28.22
N SER D 520 -7.67 13.94 -29.21
CA SER D 520 -7.24 14.32 -30.55
C SER D 520 -7.23 15.82 -30.73
N ALA D 521 -8.26 16.51 -30.25
CA ALA D 521 -8.44 17.92 -30.49
C ALA D 521 -8.18 18.80 -29.29
N ASP D 522 -8.20 18.22 -28.09
CA ASP D 522 -7.94 19.01 -26.89
C ASP D 522 -6.53 19.53 -26.98
N MET D 523 -5.61 18.69 -27.42
CA MET D 523 -4.23 19.12 -27.56
C MET D 523 -4.15 20.21 -28.63
N SER D 524 -4.87 19.99 -29.72
CA SER D 524 -4.88 20.96 -30.82
C SER D 524 -5.48 22.27 -30.33
N ILE D 525 -6.57 22.17 -29.58
CA ILE D 525 -7.20 23.38 -29.09
C ILE D 525 -6.25 24.14 -28.18
N GLY D 526 -5.56 23.42 -27.29
CA GLY D 526 -4.65 24.10 -26.41
C GLY D 526 -3.53 24.79 -27.15
N VAL D 527 -2.94 24.11 -28.13
CA VAL D 527 -1.85 24.74 -28.85
C VAL D 527 -2.36 25.96 -29.62
N THR D 528 -3.54 25.86 -30.22
CA THR D 528 -4.07 26.99 -30.97
C THR D 528 -4.34 28.18 -30.03
N VAL D 529 -4.84 27.91 -28.82
CA VAL D 529 -5.10 28.95 -27.86
C VAL D 529 -3.80 29.64 -27.48
N ILE D 530 -2.74 28.87 -27.30
CA ILE D 530 -1.45 29.47 -26.96
C ILE D 530 -0.96 30.37 -28.08
N LYS D 531 -1.19 29.94 -29.32
CA LYS D 531 -0.73 30.65 -30.51
C LYS D 531 -1.44 32.00 -30.61
N ASN D 532 -2.75 32.00 -30.40
CA ASN D 532 -3.51 33.23 -30.46
C ASN D 532 -3.08 34.21 -29.38
N ASN D 533 -2.68 33.70 -28.22
CA ASN D 533 -2.37 34.57 -27.09
C ASN D 533 -0.89 34.96 -27.02
N MET D 534 -0.04 34.33 -27.83
CA MET D 534 1.32 34.82 -28.03
C MET D 534 1.39 35.76 -29.23
N ILE D 535 0.53 35.55 -30.22
CA ILE D 535 0.57 36.38 -31.42
C ILE D 535 -0.20 37.68 -31.19
N ASN D 536 -1.31 37.61 -30.46
CA ASN D 536 -2.09 38.82 -30.17
C ASN D 536 -1.53 39.55 -28.96
N ASN D 537 -1.58 38.91 -27.79
CA ASN D 537 -1.21 39.54 -26.54
C ASN D 537 0.29 39.35 -26.31
N ASP D 538 0.74 39.69 -25.11
CA ASP D 538 2.17 39.70 -24.78
C ASP D 538 2.59 38.46 -24.02
N LEU D 539 2.04 37.30 -24.36
CA LEU D 539 2.57 36.05 -23.84
C LEU D 539 3.94 35.85 -24.46
N GLY D 540 4.98 36.13 -23.69
CA GLY D 540 6.31 35.89 -24.15
C GLY D 540 6.53 34.41 -24.38
N PRO D 541 7.43 34.04 -25.30
CA PRO D 541 7.69 32.61 -25.48
C PRO D 541 8.25 31.95 -24.25
N ALA D 542 8.99 32.70 -23.43
CA ALA D 542 9.59 32.15 -22.22
C ALA D 542 8.53 31.59 -21.28
N THR D 543 7.35 32.21 -21.26
CA THR D 543 6.25 31.69 -20.47
C THR D 543 5.40 30.73 -21.26
N ALA D 544 5.43 30.82 -22.58
CA ALA D 544 4.57 29.98 -23.41
C ALA D 544 5.08 28.55 -23.52
N GLN D 545 6.40 28.36 -23.57
CA GLN D 545 6.93 27.01 -23.45
C GLN D 545 6.52 26.39 -22.12
N MET D 546 6.63 27.15 -21.04
CA MET D 546 6.21 26.68 -19.73
C MET D 546 4.70 26.44 -19.70
N ALA D 547 3.94 27.21 -20.47
CA ALA D 547 2.50 27.00 -20.52
C ALA D 547 2.19 25.69 -21.21
N LEU D 548 2.83 25.45 -22.34
CA LEU D 548 2.68 24.17 -23.04
C LEU D 548 3.13 23.03 -22.14
N GLN D 549 4.14 23.28 -21.30
CA GLN D 549 4.65 22.27 -20.38
C GLN D 549 3.59 21.91 -19.35
N LEU D 550 2.99 22.92 -18.72
CA LEU D 550 1.88 22.66 -17.81
C LEU D 550 0.73 22.02 -18.54
N PHE D 551 0.52 22.38 -19.80
CA PHE D 551 -0.61 21.86 -20.54
C PHE D 551 -0.45 20.38 -20.79
N ILE D 552 0.75 19.97 -21.18
CA ILE D 552 0.96 18.56 -21.48
C ILE D 552 0.96 17.76 -20.20
N LYS D 553 1.48 18.34 -19.11
CA LYS D 553 1.35 17.70 -17.82
C LYS D 553 -0.10 17.43 -17.48
N ASP D 554 -0.96 18.42 -17.68
CA ASP D 554 -2.37 18.25 -17.38
C ASP D 554 -3.01 17.26 -18.33
N TYR D 555 -2.58 17.28 -19.59
CA TYR D 555 -3.10 16.35 -20.59
C TYR D 555 -2.86 14.92 -20.17
N ARG D 556 -1.62 14.65 -19.75
CA ARG D 556 -1.26 13.29 -19.39
C ARG D 556 -1.91 12.87 -18.08
N TYR D 557 -1.87 13.75 -17.09
CA TYR D 557 -2.49 13.42 -15.81
C TYR D 557 -3.99 13.23 -15.93
N THR D 558 -4.62 13.83 -16.93
CA THR D 558 -6.05 13.66 -17.11
C THR D 558 -6.35 12.37 -17.86
N TYR D 559 -5.69 12.16 -18.99
CA TYR D 559 -5.86 10.93 -19.76
C TYR D 559 -4.86 9.85 -19.35
N ARG D 560 -4.20 10.02 -18.21
CA ARG D 560 -3.39 8.97 -17.57
C ARG D 560 -2.16 8.59 -18.37
N CYS D 561 -1.99 9.16 -19.57
CA CYS D 561 -1.10 8.61 -20.58
C CYS D 561 0.24 9.33 -20.53
N HIS D 562 1.05 8.90 -19.58
CA HIS D 562 2.39 9.44 -19.45
C HIS D 562 3.25 8.83 -20.55
N ARG D 563 4.54 9.07 -20.50
CA ARG D 563 5.44 8.51 -21.50
C ARG D 563 5.43 7.00 -21.41
N GLY D 564 5.69 6.35 -22.52
CA GLY D 564 6.00 4.94 -22.48
C GLY D 564 7.19 4.73 -21.57
N ASP D 565 8.36 5.22 -21.98
CA ASP D 565 9.57 5.01 -21.21
C ASP D 565 9.55 5.81 -19.91
N THR D 566 8.77 5.32 -18.94
CA THR D 566 8.62 5.97 -17.65
C THR D 566 8.63 4.94 -16.53
N GLN D 567 8.25 5.38 -15.32
CA GLN D 567 8.07 4.49 -14.18
C GLN D 567 6.77 4.74 -13.44
N ILE D 568 5.91 5.63 -13.93
CA ILE D 568 4.65 5.94 -13.26
C ILE D 568 3.61 4.93 -13.67
N GLN D 569 2.73 4.60 -12.72
CA GLN D 569 1.71 3.58 -12.87
C GLN D 569 0.35 4.22 -13.03
N THR D 570 -0.53 3.48 -13.69
CA THR D 570 -1.93 3.83 -13.84
C THR D 570 -2.64 2.63 -14.45
N ARG D 571 -3.90 2.82 -14.80
CA ARG D 571 -4.65 1.83 -15.56
C ARG D 571 -3.96 1.52 -16.88
N ARG D 572 -3.68 2.55 -17.66
CA ARG D 572 -3.38 2.37 -19.07
C ARG D 572 -1.99 1.85 -19.31
N SER D 573 -1.04 2.15 -18.43
CA SER D 573 0.39 2.07 -18.72
C SER D 573 0.88 0.72 -19.25
N PHE D 574 0.08 -0.33 -19.04
CA PHE D 574 0.33 -1.61 -19.68
C PHE D 574 0.51 -1.45 -21.18
N GLU D 575 -0.51 -0.93 -21.86
CA GLU D 575 -0.48 -0.92 -23.30
C GLU D 575 0.55 0.06 -23.82
N LEU D 576 0.83 1.11 -23.06
CA LEU D 576 1.86 2.06 -23.47
C LEU D 576 3.24 1.42 -23.41
N LYS D 577 3.53 0.73 -22.31
CA LYS D 577 4.80 0.01 -22.23
C LYS D 577 4.86 -1.16 -23.18
N LYS D 578 3.70 -1.58 -23.72
CA LYS D 578 3.64 -2.62 -24.72
C LYS D 578 3.96 -2.05 -26.10
N LEU D 579 3.17 -1.06 -26.52
CA LEU D 579 3.37 -0.43 -27.82
C LEU D 579 4.74 0.21 -27.91
N TRP D 580 5.25 0.74 -26.80
CA TRP D 580 6.49 1.51 -26.83
C TRP D 580 7.66 0.65 -27.26
N GLU D 581 7.64 -0.64 -26.94
CA GLU D 581 8.62 -1.58 -27.48
C GLU D 581 8.15 -2.14 -28.81
N GLN D 582 6.84 -2.22 -29.03
CA GLN D 582 6.29 -2.71 -30.28
C GLN D 582 6.73 -1.89 -31.49
N THR D 583 7.10 -0.63 -31.30
CA THR D 583 7.32 0.28 -32.41
C THR D 583 8.59 -0.08 -33.18
N ARG D 584 8.85 0.72 -34.22
CA ARG D 584 10.13 0.77 -34.91
C ARG D 584 10.81 2.12 -34.74
N SER D 585 10.06 3.20 -34.91
CA SER D 585 10.51 4.55 -34.62
C SER D 585 9.87 4.97 -33.29
N LYS D 586 10.71 5.25 -32.30
CA LYS D 586 10.21 5.38 -30.94
C LYS D 586 9.71 6.80 -30.64
N ALA D 587 10.52 7.82 -30.93
CA ALA D 587 10.10 9.18 -30.62
C ALA D 587 9.00 9.67 -31.56
N GLY D 588 8.84 9.04 -32.71
CA GLY D 588 7.81 9.42 -33.64
C GLY D 588 6.48 8.81 -33.28
N LEU D 589 5.91 9.22 -32.14
CA LEU D 589 4.62 8.73 -31.68
C LEU D 589 3.79 9.88 -31.15
N LEU D 590 2.48 9.79 -31.37
CA LEU D 590 1.56 10.76 -30.82
C LEU D 590 1.55 10.66 -29.30
N VAL D 591 1.32 11.80 -28.64
CA VAL D 591 1.60 11.87 -27.20
C VAL D 591 0.58 11.10 -26.39
N SER D 592 -0.69 11.15 -26.78
CA SER D 592 -1.74 10.48 -26.04
C SER D 592 -1.55 8.98 -25.95
N ASP D 593 -0.72 8.40 -26.82
CA ASP D 593 -0.25 7.03 -26.68
C ASP D 593 1.27 7.06 -26.57
N GLY D 594 1.75 7.33 -25.37
CA GLY D 594 3.15 7.15 -25.01
C GLY D 594 4.12 8.09 -25.67
N GLY D 595 3.65 8.98 -26.52
CA GLY D 595 4.54 9.71 -27.40
C GLY D 595 5.14 10.94 -26.75
N PRO D 596 6.23 11.44 -27.32
CA PRO D 596 6.83 12.67 -26.82
C PRO D 596 6.26 13.88 -27.57
N ASN D 597 6.40 15.04 -26.95
CA ASN D 597 5.80 16.27 -27.44
C ASN D 597 6.89 17.10 -28.10
N LEU D 598 6.94 17.03 -29.43
CA LEU D 598 7.95 17.77 -30.18
C LEU D 598 7.56 19.22 -30.42
N TYR D 599 6.42 19.67 -29.92
CA TYR D 599 6.04 21.06 -30.06
C TYR D 599 7.05 21.97 -29.37
N ASN D 600 7.11 23.19 -29.87
CA ASN D 600 7.77 24.31 -29.20
C ASN D 600 7.35 25.54 -29.97
N ILE D 601 7.89 26.70 -29.61
CA ILE D 601 7.36 27.96 -30.11
C ILE D 601 7.53 28.14 -31.62
N ARG D 602 8.32 27.28 -32.27
CA ARG D 602 8.51 27.40 -33.71
C ARG D 602 7.30 26.88 -34.48
N ASN D 603 6.67 25.80 -34.00
CA ASN D 603 5.85 24.92 -34.82
C ASN D 603 4.51 24.64 -34.15
N LEU D 604 3.84 25.70 -33.71
CA LEU D 604 2.63 25.54 -32.92
C LEU D 604 1.37 25.55 -33.77
N HIS D 605 1.35 26.29 -34.87
CA HIS D 605 0.15 26.37 -35.69
C HIS D 605 -0.17 25.03 -36.34
N ILE D 606 0.86 24.28 -36.70
CA ILE D 606 0.69 23.00 -37.37
C ILE D 606 0.01 22.03 -36.41
N PRO D 607 -0.65 20.99 -36.89
CA PRO D 607 -1.08 19.94 -35.97
C PRO D 607 0.08 19.04 -35.59
N GLU D 608 -0.22 17.96 -34.87
CA GLU D 608 0.79 17.12 -34.27
C GLU D 608 1.24 16.01 -35.22
N VAL D 609 0.28 15.36 -35.87
CA VAL D 609 0.63 14.18 -36.64
C VAL D 609 1.28 14.59 -37.95
N CYS D 610 1.10 15.83 -38.39
CA CYS D 610 1.90 16.31 -39.51
C CYS D 610 3.36 16.38 -39.11
N LEU D 611 3.65 16.76 -37.87
CA LEU D 611 5.02 16.82 -37.42
C LEU D 611 5.59 15.44 -37.16
N LYS D 612 4.74 14.42 -36.99
CA LYS D 612 5.21 13.07 -36.71
C LYS D 612 5.14 12.12 -37.90
N TRP D 613 4.38 12.46 -38.94
CA TRP D 613 3.90 11.48 -39.93
C TRP D 613 5.00 10.64 -40.53
N GLU D 614 5.90 11.29 -41.25
CA GLU D 614 6.97 10.57 -41.92
C GLU D 614 8.08 10.15 -40.97
N LEU D 615 7.99 10.53 -39.69
CA LEU D 615 8.78 9.92 -38.63
C LEU D 615 8.13 8.66 -38.06
N MET D 616 7.06 8.17 -38.66
CA MET D 616 6.35 6.98 -38.22
C MET D 616 6.42 5.90 -39.29
N ASP D 617 6.35 4.66 -38.85
CA ASP D 617 6.42 3.50 -39.72
C ASP D 617 5.02 3.07 -40.14
N GLU D 618 4.96 2.33 -41.26
CA GLU D 618 3.69 2.13 -41.96
C GLU D 618 2.70 1.34 -41.13
N ASP D 619 3.16 0.51 -40.21
CA ASP D 619 2.23 -0.21 -39.34
C ASP D 619 1.39 0.77 -38.53
N TYR D 620 2.06 1.68 -37.81
CA TYR D 620 1.36 2.64 -36.98
C TYR D 620 0.54 3.58 -37.84
N GLN D 621 1.12 4.09 -38.91
CA GLN D 621 0.43 5.05 -39.76
C GLN D 621 -0.79 4.42 -40.42
N GLY D 622 -0.71 3.14 -40.76
CA GLY D 622 -1.81 2.44 -41.37
C GLY D 622 -2.90 2.18 -40.36
N ARG D 623 -2.51 1.85 -39.13
CA ARG D 623 -3.48 1.72 -38.06
C ARG D 623 -4.17 3.04 -37.74
N LEU D 624 -3.50 4.16 -38.01
CA LEU D 624 -4.06 5.45 -37.62
C LEU D 624 -5.11 5.92 -38.61
N CYS D 625 -4.71 6.17 -39.85
CA CYS D 625 -5.61 6.69 -40.87
C CYS D 625 -6.25 5.51 -41.59
N ASN D 626 -7.48 5.17 -41.20
CA ASN D 626 -8.17 4.00 -41.71
C ASN D 626 -9.67 4.17 -41.49
N PRO D 627 -10.52 4.06 -42.51
CA PRO D 627 -11.95 4.24 -42.27
C PRO D 627 -12.58 3.16 -41.43
N LEU D 628 -11.89 2.03 -41.23
CA LEU D 628 -12.44 0.95 -40.43
C LEU D 628 -12.61 1.36 -38.97
N ASN D 629 -11.92 2.39 -38.53
CA ASN D 629 -12.06 2.86 -37.16
C ASN D 629 -13.50 3.35 -36.94
N PRO D 630 -14.13 3.02 -35.80
CA PRO D 630 -15.35 3.75 -35.42
C PRO D 630 -15.07 5.17 -35.00
N PHE D 631 -13.81 5.50 -34.75
CA PHE D 631 -13.45 6.80 -34.23
C PHE D 631 -13.67 7.89 -35.27
N VAL D 632 -13.56 7.54 -36.54
CA VAL D 632 -14.00 8.39 -37.64
C VAL D 632 -14.64 7.50 -38.71
N THR D 662 -7.25 10.44 -37.50
CA THR D 662 -8.32 10.97 -36.66
C THR D 662 -8.89 9.89 -35.72
N THR D 663 -8.18 8.77 -35.59
CA THR D 663 -8.69 7.67 -34.79
C THR D 663 -8.74 8.01 -33.31
N HIS D 664 -7.92 8.96 -32.88
CA HIS D 664 -7.94 9.39 -31.47
C HIS D 664 -9.22 10.16 -31.16
N SER D 665 -9.93 10.64 -32.18
CA SER D 665 -11.11 11.46 -31.96
C SER D 665 -12.32 10.59 -31.60
N TRP D 666 -13.25 11.16 -30.83
CA TRP D 666 -14.46 10.42 -30.49
C TRP D 666 -15.43 11.33 -29.77
N ILE D 667 -16.61 10.78 -29.47
CA ILE D 667 -17.64 11.45 -28.71
C ILE D 667 -17.71 10.79 -27.33
N PRO D 668 -17.65 11.54 -26.23
CA PRO D 668 -17.88 10.91 -24.92
C PRO D 668 -19.35 10.75 -24.62
N LYS D 669 -19.64 9.78 -23.76
CA LYS D 669 -21.01 9.56 -23.33
C LYS D 669 -21.47 10.74 -22.47
N ARG D 670 -22.66 11.25 -22.78
CA ARG D 670 -23.23 12.35 -22.02
C ARG D 670 -23.44 11.93 -20.57
N ASN D 671 -23.52 12.91 -19.69
CA ASN D 671 -23.73 12.68 -18.26
C ASN D 671 -24.70 13.70 -17.69
N LYS E 54 -14.67 4.99 -15.48
CA LYS E 54 -14.10 4.38 -16.67
C LYS E 54 -15.07 4.52 -17.83
N TYR E 55 -14.68 4.01 -18.99
CA TYR E 55 -15.45 4.11 -20.22
C TYR E 55 -15.85 5.55 -20.55
N PRO E 56 -14.88 6.41 -20.83
CA PRO E 56 -15.25 7.75 -21.33
C PRO E 56 -15.74 7.73 -22.77
N ILE E 57 -15.22 6.83 -23.59
CA ILE E 57 -15.41 6.91 -25.03
C ILE E 57 -16.67 6.14 -25.42
N THR E 58 -17.36 6.65 -26.44
CA THR E 58 -18.51 6.00 -27.06
C THR E 58 -18.15 5.64 -28.49
N ALA E 59 -18.68 4.52 -28.98
CA ALA E 59 -18.47 4.11 -30.35
C ALA E 59 -19.42 2.98 -30.69
N ASP E 60 -19.44 2.62 -31.96
CA ASP E 60 -20.50 1.77 -32.49
C ASP E 60 -20.32 0.31 -32.08
N LYS E 61 -21.22 -0.53 -32.59
CA LYS E 61 -21.13 -1.97 -32.38
C LYS E 61 -20.16 -2.64 -33.36
N ARG E 62 -19.77 -1.95 -34.43
CA ARG E 62 -18.91 -2.56 -35.44
C ARG E 62 -17.55 -2.93 -34.86
N ILE E 63 -17.09 -2.17 -33.86
CA ILE E 63 -15.78 -2.45 -33.25
C ILE E 63 -15.79 -3.78 -32.55
N THR E 64 -16.95 -4.25 -32.12
CA THR E 64 -17.03 -5.46 -31.30
C THR E 64 -16.44 -6.67 -32.02
N GLU E 65 -16.55 -6.70 -33.34
CA GLU E 65 -16.02 -7.85 -34.09
C GLU E 65 -14.51 -7.81 -34.15
N MET E 66 -13.92 -6.63 -34.31
CA MET E 66 -12.52 -6.53 -34.66
C MET E 66 -11.63 -6.87 -33.46
N VAL E 67 -12.06 -6.52 -32.26
CA VAL E 67 -11.20 -6.53 -31.09
C VAL E 67 -11.91 -7.21 -29.93
N PRO E 68 -11.18 -7.76 -28.96
CA PRO E 68 -11.82 -8.56 -27.92
C PRO E 68 -12.45 -7.70 -26.85
N GLU E 69 -13.12 -8.38 -25.92
CA GLU E 69 -13.72 -7.69 -24.78
C GLU E 69 -12.68 -7.43 -23.70
N ARG E 70 -11.59 -8.19 -23.70
CA ARG E 70 -10.53 -8.03 -22.71
C ARG E 70 -9.19 -8.23 -23.38
N ASN E 71 -8.17 -7.66 -22.78
CA ASN E 71 -6.81 -7.76 -23.28
C ASN E 71 -6.09 -8.87 -22.53
N GLU E 72 -4.77 -8.96 -22.73
CA GLU E 72 -3.99 -10.03 -22.12
C GLU E 72 -4.06 -9.96 -20.60
N GLN E 73 -3.98 -8.76 -20.04
CA GLN E 73 -4.12 -8.61 -18.60
C GLN E 73 -5.56 -8.85 -18.16
N GLY E 74 -6.51 -8.73 -19.07
CA GLY E 74 -7.91 -8.97 -18.76
C GLY E 74 -8.73 -7.73 -18.59
N GLN E 75 -8.12 -6.57 -18.40
CA GLN E 75 -8.88 -5.34 -18.22
C GLN E 75 -9.60 -5.00 -19.52
N THR E 76 -10.83 -4.52 -19.38
CA THR E 76 -11.81 -4.56 -20.45
C THR E 76 -11.69 -3.36 -21.38
N LEU E 77 -11.99 -3.60 -22.66
CA LEU E 77 -11.97 -2.54 -23.66
C LEU E 77 -13.36 -2.01 -23.96
N TRP E 78 -14.38 -2.88 -23.90
CA TRP E 78 -15.73 -2.46 -24.20
C TRP E 78 -16.73 -3.33 -23.46
N SER E 79 -17.84 -2.72 -23.08
CA SER E 79 -18.89 -3.41 -22.34
C SER E 79 -20.24 -2.78 -22.65
N LYS E 80 -21.28 -3.61 -22.57
CA LYS E 80 -22.64 -3.15 -22.77
C LYS E 80 -23.26 -2.76 -21.43
N MET E 81 -24.47 -2.20 -21.51
CA MET E 81 -25.16 -1.68 -20.34
C MET E 81 -25.40 -2.77 -19.31
N ARG E 88 -24.82 0.57 -29.73
CA ARG E 88 -23.44 0.90 -29.43
C ARG E 88 -22.98 0.25 -28.13
N VAL E 89 -21.67 0.36 -27.88
CA VAL E 89 -21.05 -0.14 -26.67
C VAL E 89 -20.07 0.90 -26.18
N MET E 90 -19.99 1.07 -24.86
CA MET E 90 -18.95 1.93 -24.28
C MET E 90 -17.60 1.28 -24.52
N VAL E 91 -16.62 2.09 -24.90
CA VAL E 91 -15.28 1.63 -25.19
C VAL E 91 -14.32 2.36 -24.27
N SER E 92 -13.20 1.71 -23.96
CA SER E 92 -12.25 2.22 -22.99
C SER E 92 -11.07 2.82 -23.73
N PRO E 93 -10.33 3.73 -23.10
CA PRO E 93 -9.18 4.31 -23.80
C PRO E 93 -8.11 3.28 -24.07
N LEU E 94 -8.03 2.24 -23.24
CA LEU E 94 -7.16 1.11 -23.51
C LEU E 94 -7.46 0.51 -24.87
N ALA E 95 -8.73 0.55 -25.28
CA ALA E 95 -9.12 -0.01 -26.56
C ALA E 95 -8.35 0.67 -27.70
N VAL E 96 -8.11 1.97 -27.56
CA VAL E 96 -7.36 2.69 -28.58
C VAL E 96 -5.95 2.16 -28.66
N THR E 97 -5.26 2.11 -27.52
CA THR E 97 -3.87 1.70 -27.50
C THR E 97 -3.72 0.21 -27.83
N TRP E 98 -4.83 -0.53 -27.88
CA TRP E 98 -4.79 -1.89 -28.40
C TRP E 98 -4.85 -1.88 -29.92
N TRP E 99 -5.62 -0.95 -30.50
CA TRP E 99 -5.59 -0.80 -31.95
C TRP E 99 -4.18 -0.50 -32.42
N ASN E 100 -3.52 0.47 -31.79
CA ASN E 100 -2.29 0.99 -32.35
C ASN E 100 -1.12 0.02 -32.17
N ARG E 101 -1.28 -0.99 -31.31
CA ARG E 101 -0.27 -2.05 -31.22
C ARG E 101 -0.47 -3.07 -32.34
N ASN E 102 -1.72 -3.48 -32.55
CA ASN E 102 -2.05 -4.48 -33.57
C ASN E 102 -3.31 -4.04 -34.28
N GLY E 103 -3.22 -3.93 -35.60
CA GLY E 103 -4.31 -3.52 -36.44
C GLY E 103 -3.89 -3.64 -37.89
N PRO E 104 -4.83 -3.43 -38.81
CA PRO E 104 -4.50 -3.57 -40.23
C PRO E 104 -3.53 -2.50 -40.68
N MET E 105 -2.44 -2.94 -41.31
CA MET E 105 -1.42 -2.05 -41.84
C MET E 105 -1.62 -1.91 -43.35
N THR E 106 -1.75 -0.67 -43.82
CA THR E 106 -2.06 -0.39 -45.21
C THR E 106 -1.31 0.86 -45.64
N SER E 107 -0.61 0.77 -46.76
CA SER E 107 0.30 1.81 -47.23
C SER E 107 -0.40 2.88 -48.06
N THR E 108 -1.70 3.07 -47.89
CA THR E 108 -2.42 4.07 -48.67
C THR E 108 -2.07 5.48 -48.21
N VAL E 109 -2.05 6.40 -49.17
CA VAL E 109 -1.73 7.80 -48.97
C VAL E 109 -2.91 8.68 -49.40
N HIS E 110 -4.13 8.21 -49.17
CA HIS E 110 -5.30 9.02 -49.48
C HIS E 110 -5.53 10.10 -48.43
N TYR E 111 -5.22 9.79 -47.16
CA TYR E 111 -5.53 10.73 -46.08
C TYR E 111 -4.71 12.02 -46.16
N PRO E 112 -3.51 12.00 -46.76
CA PRO E 112 -2.87 13.27 -47.12
C PRO E 112 -3.46 13.97 -48.35
N LYS E 113 -4.67 13.57 -48.77
CA LYS E 113 -5.48 14.36 -49.68
C LYS E 113 -5.44 15.85 -49.36
N VAL E 114 -5.70 16.19 -48.10
CA VAL E 114 -5.65 17.56 -47.61
C VAL E 114 -4.64 17.75 -46.50
N TYR E 115 -4.25 16.67 -45.80
CA TYR E 115 -3.25 16.80 -44.76
C TYR E 115 -1.85 17.02 -45.29
N LYS E 116 -1.62 16.74 -46.58
CA LYS E 116 -0.33 17.07 -47.18
C LYS E 116 -0.13 18.58 -47.32
N THR E 117 -1.18 19.39 -47.11
CA THR E 117 -1.03 20.84 -47.14
C THR E 117 -0.10 21.32 -46.04
N TYR E 118 -0.27 20.77 -44.83
CA TYR E 118 0.51 21.23 -43.70
C TYR E 118 1.99 20.90 -43.87
N PHE E 119 2.31 19.84 -44.62
CA PHE E 119 3.70 19.52 -44.90
C PHE E 119 4.36 20.63 -45.71
N GLU E 120 3.61 21.22 -46.65
CA GLU E 120 4.13 22.34 -47.43
C GLU E 120 4.51 23.50 -46.54
N LYS E 121 3.69 23.78 -45.53
CA LYS E 121 3.98 24.87 -44.61
C LYS E 121 5.22 24.57 -43.78
N VAL E 122 5.51 23.30 -43.53
CA VAL E 122 6.68 22.94 -42.76
C VAL E 122 7.93 22.98 -43.63
N GLU E 123 7.81 22.71 -44.93
CA GLU E 123 8.95 22.85 -45.82
C GLU E 123 9.41 24.30 -45.89
N ARG E 124 8.50 25.25 -45.71
CA ARG E 124 8.90 26.66 -45.63
C ARG E 124 9.76 26.91 -44.41
N LEU E 125 9.47 26.23 -43.29
CA LEU E 125 10.26 26.40 -42.07
C LEU E 125 11.64 25.77 -42.22
N LYS E 126 11.68 24.47 -42.42
CA LYS E 126 12.93 23.74 -42.50
C LYS E 126 13.59 23.90 -43.87
N GLU G 203 -10.87 -60.73 53.81
CA GLU G 203 -11.42 -61.37 52.62
C GLU G 203 -11.77 -60.33 51.58
N ARG G 204 -11.25 -60.51 50.36
CA ARG G 204 -11.46 -59.61 49.25
C ARG G 204 -11.97 -60.29 47.99
N PHE G 205 -11.52 -61.53 47.72
CA PHE G 205 -11.83 -62.18 46.46
C PHE G 205 -13.32 -62.45 46.35
N GLU G 206 -13.90 -62.06 45.20
CA GLU G 206 -15.33 -62.12 44.92
C GLU G 206 -15.54 -62.73 43.54
N ILE G 207 -14.93 -63.89 43.32
CA ILE G 207 -14.69 -64.39 41.97
C ILE G 207 -15.99 -64.80 41.28
N THR G 208 -16.99 -65.24 42.05
CA THR G 208 -18.31 -65.64 41.55
C THR G 208 -18.29 -66.94 40.76
N GLY G 209 -17.17 -67.65 40.69
CA GLY G 209 -17.15 -68.96 40.04
C GLY G 209 -17.17 -68.96 38.53
N THR G 210 -18.10 -68.21 37.93
CA THR G 210 -18.09 -68.06 36.47
C THR G 210 -16.75 -67.56 35.97
N MET G 211 -16.07 -66.73 36.75
CA MET G 211 -14.71 -66.40 36.39
C MET G 211 -13.79 -67.59 36.62
N ARG G 212 -14.10 -68.41 37.62
CA ARG G 212 -13.35 -69.66 37.75
C ARG G 212 -13.65 -70.58 36.58
N ARG G 213 -14.87 -70.51 36.03
CA ARG G 213 -15.18 -71.28 34.83
C ARG G 213 -14.32 -70.80 33.67
N LEU G 214 -14.37 -69.50 33.37
CA LEU G 214 -13.57 -68.93 32.30
C LEU G 214 -12.09 -69.21 32.51
N ALA G 215 -11.63 -69.11 33.76
CA ALA G 215 -10.24 -69.35 34.06
C ALA G 215 -9.85 -70.78 33.73
N ASP G 216 -10.61 -71.75 34.26
CA ASP G 216 -10.33 -73.15 33.99
C ASP G 216 -10.39 -73.45 32.50
N GLN G 217 -11.15 -72.67 31.74
CA GLN G 217 -11.15 -72.82 30.29
C GLN G 217 -9.99 -72.11 29.63
N SER G 218 -9.36 -71.15 30.32
CA SER G 218 -8.25 -70.41 29.76
C SER G 218 -6.91 -71.15 29.87
N LEU G 219 -6.84 -72.19 30.68
CA LEU G 219 -5.56 -72.80 31.01
C LEU G 219 -5.09 -73.69 29.87
N PRO G 220 -3.88 -74.23 29.96
CA PRO G 220 -3.43 -75.17 28.95
C PRO G 220 -4.23 -76.46 29.02
N PRO G 221 -4.15 -77.31 27.99
CA PRO G 221 -4.98 -78.52 27.98
C PRO G 221 -4.66 -79.51 29.08
N ASN G 222 -3.40 -79.61 29.50
CA ASN G 222 -3.01 -80.63 30.47
C ASN G 222 -3.76 -80.48 31.78
N PHE G 223 -3.94 -79.24 32.23
CA PHE G 223 -4.58 -78.94 33.51
C PHE G 223 -5.97 -78.39 33.22
N SER G 224 -6.96 -78.90 33.93
CA SER G 224 -8.36 -78.60 33.66
C SER G 224 -9.00 -77.69 34.70
N CYS G 225 -8.27 -77.29 35.73
CA CYS G 225 -8.83 -76.46 36.80
C CYS G 225 -7.82 -75.40 37.21
N LEU G 226 -8.33 -74.34 37.82
CA LEU G 226 -7.46 -73.31 38.37
C LEU G 226 -6.72 -73.84 39.59
N GLU G 227 -7.41 -74.62 40.41
CA GLU G 227 -6.83 -75.03 41.68
C GLU G 227 -5.70 -76.02 41.48
N ASN G 228 -5.87 -76.98 40.57
CA ASN G 228 -4.77 -77.91 40.30
C ASN G 228 -3.59 -77.16 39.70
N PHE G 229 -3.87 -76.16 38.86
CA PHE G 229 -2.82 -75.31 38.32
C PHE G 229 -2.05 -74.61 39.44
N ARG G 230 -2.78 -73.97 40.35
CA ARG G 230 -2.14 -73.24 41.44
C ARG G 230 -1.33 -74.18 42.32
N ALA G 231 -1.86 -75.36 42.60
CA ALA G 231 -1.13 -76.32 43.43
C ALA G 231 0.12 -76.81 42.71
N TYR G 232 0.03 -77.03 41.40
CA TYR G 232 1.19 -77.44 40.63
C TYR G 232 2.27 -76.37 40.67
N VAL G 233 1.88 -75.13 40.45
CA VAL G 233 2.86 -74.03 40.43
C VAL G 233 3.47 -73.85 41.81
N ASP G 234 2.63 -73.76 42.84
CA ASP G 234 3.14 -73.55 44.19
C ASP G 234 3.99 -74.73 44.63
N GLY G 235 3.65 -75.93 44.19
CA GLY G 235 4.44 -77.10 44.48
C GLY G 235 5.43 -77.43 43.39
N PHE G 236 5.79 -76.44 42.57
CA PHE G 236 6.65 -76.69 41.43
C PHE G 236 8.12 -76.63 41.83
N GLU G 237 8.94 -77.32 41.06
CA GLU G 237 10.39 -77.24 41.13
C GLU G 237 10.94 -77.49 39.74
N PRO G 238 12.15 -77.00 39.44
CA PRO G 238 12.77 -77.31 38.15
C PRO G 238 13.50 -78.64 38.21
N ASN G 239 13.35 -79.43 37.14
CA ASN G 239 13.97 -80.75 37.05
C ASN G 239 14.78 -80.92 35.77
N GLY G 240 15.21 -79.81 35.17
CA GLY G 240 15.97 -79.91 33.94
C GLY G 240 15.16 -80.37 32.75
N TYR G 241 13.92 -79.88 32.64
CA TYR G 241 13.08 -80.25 31.51
C TYR G 241 13.63 -79.69 30.21
N ILE G 242 14.30 -78.54 30.29
CA ILE G 242 14.67 -77.77 29.12
C ILE G 242 15.60 -78.57 28.21
N GLU G 243 16.49 -79.36 28.79
CA GLU G 243 17.42 -80.14 27.97
C GLU G 243 16.68 -81.24 27.24
N GLY G 244 15.70 -81.87 27.90
CA GLY G 244 14.88 -82.84 27.22
C GLY G 244 14.09 -82.23 26.10
N LYS G 245 13.58 -81.01 26.30
CA LYS G 245 12.86 -80.31 25.23
C LYS G 245 13.77 -80.05 24.05
N LEU G 246 15.00 -79.59 24.32
CA LEU G 246 15.93 -79.26 23.26
C LEU G 246 16.30 -80.50 22.45
N SER G 247 16.76 -81.55 23.14
CA SER G 247 17.11 -82.79 22.46
C SER G 247 15.91 -83.38 21.73
N GLN G 248 14.71 -83.16 22.27
CA GLN G 248 13.49 -83.65 21.63
C GLN G 248 13.25 -82.95 20.30
N MET G 249 13.73 -81.72 20.15
CA MET G 249 13.27 -80.87 19.06
C MET G 249 13.88 -81.29 17.73
N SER G 250 13.15 -80.97 16.67
CA SER G 250 13.68 -81.07 15.32
C SER G 250 14.90 -80.16 15.18
N LYS G 251 15.91 -80.66 14.48
CA LYS G 251 17.09 -79.85 14.23
C LYS G 251 16.84 -78.83 13.12
N GLU G 252 15.79 -79.02 12.34
CA GLU G 252 15.42 -78.04 11.33
C GLU G 252 15.19 -76.67 11.95
N VAL G 253 14.58 -76.64 13.14
CA VAL G 253 14.22 -75.40 13.79
C VAL G 253 15.45 -74.85 14.52
N ASN G 254 16.24 -74.05 13.82
CA ASN G 254 17.46 -73.50 14.38
C ASN G 254 18.00 -72.44 13.45
N ALA G 255 18.52 -71.37 14.05
CA ALA G 255 18.96 -70.18 13.33
C ALA G 255 20.45 -70.25 13.11
N LYS G 256 20.84 -70.44 11.87
CA LYS G 256 22.22 -70.69 11.51
C LYS G 256 22.86 -69.41 11.01
N ILE G 257 24.01 -69.04 11.60
CA ILE G 257 24.71 -67.84 11.17
C ILE G 257 25.44 -68.12 9.87
N GLU G 258 25.84 -67.04 9.20
CA GLU G 258 26.61 -67.13 7.98
C GLU G 258 27.54 -65.93 7.90
N PRO G 259 28.59 -66.00 7.08
CA PRO G 259 29.47 -64.84 6.94
C PRO G 259 28.89 -63.87 5.92
N PHE G 260 28.49 -62.69 6.38
CA PHE G 260 27.97 -61.66 5.51
C PHE G 260 29.15 -61.10 4.73
N LEU G 261 29.50 -61.80 3.66
CA LEU G 261 30.78 -61.59 3.04
C LEU G 261 30.81 -60.29 2.26
N LYS G 262 32.03 -59.86 1.93
CA LYS G 262 32.26 -58.62 1.20
C LYS G 262 31.54 -58.63 -0.14
N THR G 263 31.70 -59.69 -0.92
CA THR G 263 31.08 -59.79 -2.24
C THR G 263 29.63 -60.24 -2.21
N THR G 264 29.08 -60.56 -1.05
CA THR G 264 27.73 -61.08 -0.99
C THR G 264 26.68 -60.06 -1.42
N PRO G 265 26.60 -58.86 -0.84
CA PRO G 265 25.44 -58.00 -1.12
C PRO G 265 25.44 -57.48 -2.55
N ARG G 266 24.54 -58.04 -3.36
CA ARG G 266 24.39 -57.62 -4.74
C ARG G 266 23.87 -56.19 -4.78
N PRO G 267 24.07 -55.47 -5.88
CA PRO G 267 23.46 -54.15 -6.00
C PRO G 267 21.95 -54.28 -6.02
N ILE G 268 21.30 -53.55 -5.11
CA ILE G 268 19.85 -53.54 -5.07
C ILE G 268 19.32 -53.05 -6.41
N ARG G 269 18.43 -53.82 -7.00
CA ARG G 269 17.87 -53.51 -8.30
C ARG G 269 16.68 -52.59 -8.11
N LEU G 270 16.78 -51.41 -8.71
CA LEU G 270 15.68 -50.48 -8.69
C LEU G 270 14.54 -51.04 -9.54
N PRO G 271 13.29 -50.72 -9.22
CA PRO G 271 12.19 -51.19 -10.07
C PRO G 271 12.29 -50.58 -11.45
N ASP G 272 11.69 -51.26 -12.41
CA ASP G 272 11.63 -50.81 -13.79
C ASP G 272 10.18 -50.64 -14.21
N GLY G 273 9.95 -49.79 -15.20
CA GLY G 273 8.63 -49.36 -15.54
C GLY G 273 8.69 -47.99 -16.19
N PRO G 274 7.59 -47.23 -16.15
CA PRO G 274 7.62 -45.88 -16.71
C PRO G 274 8.61 -45.00 -15.98
N PRO G 275 8.93 -43.82 -16.52
CA PRO G 275 9.81 -42.90 -15.79
C PRO G 275 9.16 -42.31 -14.56
N CYS G 276 9.99 -41.96 -13.58
CA CYS G 276 9.50 -41.29 -12.39
C CYS G 276 9.05 -39.88 -12.73
N PHE G 277 7.98 -39.42 -12.07
CA PHE G 277 7.38 -38.13 -12.34
C PHE G 277 7.25 -37.34 -11.05
N GLN G 278 7.40 -36.01 -11.17
CA GLN G 278 7.34 -35.13 -10.02
C GLN G 278 5.91 -35.05 -9.47
N ARG G 279 5.82 -34.85 -8.16
CA ARG G 279 4.54 -34.69 -7.48
C ARG G 279 4.56 -33.59 -6.43
N SER G 280 5.58 -32.74 -6.43
CA SER G 280 5.67 -31.70 -5.42
C SER G 280 4.53 -30.71 -5.58
N LYS G 281 4.16 -30.10 -4.47
CA LYS G 281 3.04 -29.17 -4.49
C LYS G 281 3.42 -27.86 -5.14
N PHE G 282 4.71 -27.64 -5.35
CA PHE G 282 5.20 -26.46 -6.00
C PHE G 282 6.58 -26.78 -6.55
N LEU G 283 6.78 -26.49 -7.82
CA LEU G 283 8.08 -26.72 -8.42
C LEU G 283 9.16 -25.93 -7.72
N LEU G 284 10.39 -26.34 -7.94
CA LEU G 284 11.47 -26.09 -7.02
C LEU G 284 12.68 -25.41 -7.65
N MET G 285 13.07 -25.82 -8.85
CA MET G 285 14.21 -25.20 -9.52
C MET G 285 13.75 -24.18 -10.54
N ASP G 286 12.69 -24.50 -11.28
CA ASP G 286 12.34 -23.71 -12.44
C ASP G 286 11.49 -22.50 -12.09
N ALA G 287 11.00 -22.42 -10.85
CA ALA G 287 10.18 -21.28 -10.48
C ALA G 287 11.00 -20.01 -10.43
N LEU G 288 10.31 -18.88 -10.45
CA LEU G 288 10.90 -17.57 -10.31
C LEU G 288 9.92 -16.69 -9.56
N LYS G 289 10.41 -15.53 -9.11
CA LYS G 289 9.68 -14.67 -8.21
C LYS G 289 9.69 -13.23 -8.72
N LEU G 290 8.49 -12.67 -8.87
CA LEU G 290 8.35 -11.27 -9.20
C LEU G 290 8.50 -10.42 -7.95
N SER G 291 9.65 -9.78 -7.81
CA SER G 291 9.95 -9.00 -6.63
C SER G 291 8.96 -7.85 -6.47
N ILE G 292 9.02 -7.23 -5.29
CA ILE G 292 8.25 -6.03 -4.99
C ILE G 292 9.13 -4.77 -5.01
N GLU G 293 10.46 -4.95 -5.02
CA GLU G 293 11.41 -3.84 -5.01
C GLU G 293 11.32 -3.04 -3.70
N ASP G 294 11.42 -3.75 -2.58
CA ASP G 294 11.79 -3.17 -1.30
C ASP G 294 10.84 -2.07 -0.82
N PRO G 295 9.64 -2.43 -0.39
CA PRO G 295 8.71 -1.44 0.18
C PRO G 295 9.21 -0.88 1.51
N SER G 296 8.39 0.01 2.05
CA SER G 296 8.71 0.66 3.32
C SER G 296 8.58 -0.33 4.47
N HIS G 297 8.84 0.16 5.67
CA HIS G 297 8.85 -0.69 6.85
C HIS G 297 7.57 -0.59 7.67
N GLU G 298 6.83 0.51 7.54
CA GLU G 298 5.58 0.67 8.27
C GLU G 298 4.36 0.18 7.51
N GLY G 299 4.45 0.05 6.20
CA GLY G 299 3.30 -0.33 5.41
C GLY G 299 3.07 -1.81 5.41
N GLU G 300 2.12 -2.26 6.23
CA GLU G 300 1.68 -3.63 6.17
C GLU G 300 0.90 -3.84 4.88
N GLY G 301 0.72 -5.11 4.50
CA GLY G 301 0.00 -5.42 3.29
C GLY G 301 -0.80 -6.69 3.37
N ILE G 302 -2.10 -6.57 3.12
CA ILE G 302 -2.90 -7.76 2.86
C ILE G 302 -2.36 -8.40 1.59
N PRO G 303 -2.01 -9.70 1.60
CA PRO G 303 -1.03 -10.20 0.63
C PRO G 303 -1.44 -10.05 -0.83
N LEU G 304 -2.75 -10.05 -1.10
CA LEU G 304 -3.21 -9.92 -2.48
C LEU G 304 -2.66 -8.67 -3.12
N TYR G 305 -2.62 -7.56 -2.38
CA TYR G 305 -2.22 -6.30 -2.98
C TYR G 305 -0.72 -6.28 -3.25
N ASP G 306 0.07 -6.91 -2.39
CA ASP G 306 1.50 -7.03 -2.67
C ASP G 306 1.73 -7.89 -3.91
N ALA G 307 1.01 -9.00 -4.00
CA ALA G 307 1.08 -9.83 -5.20
C ALA G 307 0.71 -9.03 -6.43
N ILE G 308 -0.45 -8.40 -6.41
CA ILE G 308 -0.96 -7.62 -7.52
C ILE G 308 0.04 -6.56 -7.93
N LYS G 309 0.66 -5.90 -6.96
CA LYS G 309 1.69 -4.94 -7.25
C LYS G 309 2.83 -5.59 -8.01
N CYS G 310 3.17 -6.83 -7.65
CA CYS G 310 4.30 -7.48 -8.30
C CYS G 310 3.93 -7.99 -9.68
N MET G 311 2.70 -8.49 -9.84
CA MET G 311 2.24 -8.89 -11.16
C MET G 311 2.08 -7.68 -12.06
N ARG G 312 1.68 -6.56 -11.46
CA ARG G 312 1.60 -5.29 -12.18
C ARG G 312 2.96 -4.82 -12.62
N THR G 313 4.02 -5.24 -11.92
CA THR G 313 5.36 -4.81 -12.28
C THR G 313 5.80 -5.39 -13.62
N PHE G 314 5.37 -6.62 -13.93
CA PHE G 314 5.89 -7.32 -15.09
C PHE G 314 5.02 -7.08 -16.32
N PHE G 315 5.68 -6.79 -17.44
CA PHE G 315 5.06 -6.74 -18.76
C PHE G 315 5.85 -7.66 -19.68
N GLY G 316 5.16 -8.22 -20.65
CA GLY G 316 5.67 -9.39 -21.36
C GLY G 316 4.69 -10.52 -21.45
N TRP G 317 3.41 -10.18 -21.43
CA TRP G 317 2.32 -11.14 -21.48
C TRP G 317 1.85 -11.30 -22.92
N LYS G 318 2.19 -12.43 -23.53
CA LYS G 318 1.64 -12.78 -24.83
C LYS G 318 0.26 -13.40 -24.66
N GLU G 319 -0.36 -13.73 -25.78
CA GLU G 319 -1.60 -14.46 -25.74
C GLU G 319 -1.34 -15.86 -25.18
N PRO G 320 -2.26 -16.42 -24.40
CA PRO G 320 -2.06 -17.79 -23.91
C PRO G 320 -2.39 -18.83 -24.96
N TYR G 321 -1.40 -19.67 -25.27
CA TYR G 321 -1.61 -20.88 -26.03
C TYR G 321 -0.77 -22.00 -25.43
N ILE G 322 -1.37 -23.17 -25.25
CA ILE G 322 -0.72 -24.27 -24.56
C ILE G 322 0.53 -24.68 -25.30
N VAL G 323 1.53 -25.09 -24.53
CA VAL G 323 2.81 -25.54 -25.06
C VAL G 323 3.05 -27.02 -24.86
N LYS G 324 2.41 -27.63 -23.87
CA LYS G 324 2.57 -29.05 -23.56
C LYS G 324 1.21 -29.70 -23.69
N PRO G 325 1.04 -30.75 -24.50
CA PRO G 325 -0.22 -31.50 -24.44
C PRO G 325 -0.28 -32.30 -23.15
N HIS G 326 -1.31 -32.04 -22.35
CA HIS G 326 -1.50 -32.80 -21.12
C HIS G 326 -1.58 -34.30 -21.40
N GLU G 327 -2.17 -34.69 -22.53
CA GLU G 327 -2.46 -36.06 -22.93
C GLU G 327 -3.62 -36.67 -22.14
N LYS G 328 -4.17 -35.95 -21.17
CA LYS G 328 -5.33 -36.37 -20.41
C LYS G 328 -6.03 -35.10 -19.94
N GLY G 329 -7.27 -35.22 -19.53
CA GLY G 329 -7.97 -34.01 -19.15
C GLY G 329 -8.22 -33.13 -20.38
N ILE G 330 -8.31 -31.82 -20.14
CA ILE G 330 -8.63 -30.84 -21.17
C ILE G 330 -7.80 -29.59 -20.97
N ASN G 331 -6.73 -29.46 -21.77
CA ASN G 331 -5.84 -28.31 -21.69
C ASN G 331 -6.52 -26.95 -21.89
N PRO G 332 -7.41 -26.77 -22.88
CA PRO G 332 -8.06 -25.45 -23.04
C PRO G 332 -8.75 -24.96 -21.79
N ASN G 333 -9.28 -25.87 -20.98
CA ASN G 333 -10.03 -25.45 -19.82
C ASN G 333 -9.11 -24.80 -18.79
N TYR G 334 -7.89 -25.30 -18.67
CA TYR G 334 -6.94 -24.69 -17.74
C TYR G 334 -6.46 -23.34 -18.28
N LEU G 335 -6.30 -23.24 -19.60
CA LEU G 335 -6.03 -21.95 -20.20
C LEU G 335 -7.08 -20.92 -19.81
N LEU G 336 -8.36 -21.28 -19.96
CA LEU G 336 -9.42 -20.32 -19.66
C LEU G 336 -9.51 -20.07 -18.16
N SER G 337 -9.09 -21.04 -17.33
CA SER G 337 -8.98 -20.79 -15.89
C SER G 337 -8.01 -19.66 -15.61
N TRP G 338 -6.80 -19.75 -16.17
CA TRP G 338 -5.81 -18.69 -16.00
C TRP G 338 -6.35 -17.35 -16.50
N LYS G 339 -7.07 -17.37 -17.62
CA LYS G 339 -7.71 -16.16 -18.12
C LYS G 339 -8.65 -15.57 -17.08
N GLN G 340 -9.50 -16.41 -16.49
CA GLN G 340 -10.41 -15.96 -15.45
C GLN G 340 -9.65 -15.33 -14.32
N VAL G 341 -8.49 -15.89 -13.98
CA VAL G 341 -7.70 -15.35 -12.87
C VAL G 341 -7.29 -13.92 -13.16
N LEU G 342 -6.60 -13.72 -14.28
CA LEU G 342 -6.12 -12.38 -14.63
C LEU G 342 -7.28 -11.39 -14.69
N ALA G 343 -8.39 -11.80 -15.30
CA ALA G 343 -9.51 -10.89 -15.46
C ALA G 343 -10.10 -10.53 -14.12
N GLU G 344 -10.28 -11.52 -13.24
CA GLU G 344 -10.84 -11.28 -11.92
C GLU G 344 -9.97 -10.32 -11.14
N LEU G 345 -8.65 -10.49 -11.24
CA LEU G 345 -7.75 -9.66 -10.46
C LEU G 345 -7.78 -8.21 -10.93
N GLN G 346 -7.68 -7.99 -12.24
CA GLN G 346 -7.73 -6.62 -12.73
C GLN G 346 -9.08 -5.99 -12.41
N ASP G 347 -10.15 -6.77 -12.50
CA ASP G 347 -11.49 -6.21 -12.35
C ASP G 347 -11.77 -5.85 -10.90
N ILE G 348 -11.37 -6.71 -9.96
CA ILE G 348 -11.60 -6.39 -8.56
C ILE G 348 -10.81 -5.14 -8.18
N GLU G 349 -9.52 -5.11 -8.51
CA GLU G 349 -8.68 -4.07 -7.93
C GLU G 349 -8.95 -2.71 -8.55
N ASN G 350 -9.26 -2.68 -9.85
CA ASN G 350 -9.44 -1.39 -10.49
C ASN G 350 -10.73 -0.71 -10.02
N GLU G 351 -11.81 -1.47 -9.87
CA GLU G 351 -13.16 -0.89 -9.74
C GLU G 351 -14.00 -1.56 -8.66
N GLU G 352 -13.42 -1.80 -7.48
CA GLU G 352 -14.22 -2.22 -6.33
C GLU G 352 -13.59 -1.63 -5.07
N LYS G 353 -14.27 -1.83 -3.94
CA LYS G 353 -13.86 -1.22 -2.67
C LYS G 353 -12.78 -2.04 -1.95
N ILE G 354 -11.76 -2.44 -2.69
CA ILE G 354 -10.53 -3.00 -2.12
C ILE G 354 -10.83 -4.17 -1.19
N PRO G 355 -11.37 -5.29 -1.67
CA PRO G 355 -11.60 -6.42 -0.76
C PRO G 355 -10.29 -7.05 -0.31
N ARG G 356 -10.20 -7.33 0.99
CA ARG G 356 -8.98 -7.91 1.55
C ARG G 356 -8.64 -9.23 0.90
N THR G 357 -9.62 -10.12 0.81
CA THR G 357 -9.46 -11.44 0.21
C THR G 357 -10.53 -11.65 -0.84
N LYS G 358 -10.12 -12.21 -1.98
CA LYS G 358 -11.00 -12.42 -3.12
C LYS G 358 -11.17 -13.90 -3.37
N ASN G 359 -12.41 -14.31 -3.56
CA ASN G 359 -12.74 -15.66 -3.97
C ASN G 359 -13.31 -15.63 -5.38
N MET G 360 -12.84 -16.54 -6.21
CA MET G 360 -13.15 -16.49 -7.63
C MET G 360 -14.63 -16.70 -7.89
N LYS G 361 -15.01 -16.55 -9.16
CA LYS G 361 -16.37 -16.84 -9.59
C LYS G 361 -16.44 -18.26 -10.14
N LYS G 362 -17.55 -18.94 -9.85
CA LYS G 362 -17.75 -20.30 -10.34
C LYS G 362 -17.87 -20.31 -11.85
N THR G 363 -17.17 -21.24 -12.49
CA THR G 363 -17.12 -21.34 -13.94
C THR G 363 -17.04 -22.79 -14.34
N SER G 364 -17.12 -23.02 -15.65
CA SER G 364 -16.86 -24.35 -16.17
C SER G 364 -15.42 -24.76 -15.90
N GLN G 365 -14.50 -23.82 -16.00
CA GLN G 365 -13.08 -24.17 -15.96
C GLN G 365 -12.68 -24.68 -14.60
N LEU G 366 -12.82 -23.83 -13.58
CA LEU G 366 -12.36 -24.20 -12.26
C LEU G 366 -13.19 -25.34 -11.70
N LYS G 367 -14.50 -25.28 -11.90
CA LYS G 367 -15.37 -26.34 -11.40
C LYS G 367 -15.06 -27.67 -12.06
N TRP G 368 -14.55 -27.65 -13.30
CA TRP G 368 -14.03 -28.87 -13.90
C TRP G 368 -12.75 -29.30 -13.21
N ALA G 369 -11.82 -28.38 -13.05
CA ALA G 369 -10.50 -28.71 -12.52
C ALA G 369 -10.51 -29.06 -11.04
N LEU G 370 -11.64 -28.89 -10.37
CA LEU G 370 -11.81 -29.32 -8.98
C LEU G 370 -12.94 -30.30 -8.76
N GLY G 371 -13.84 -30.46 -9.74
CA GLY G 371 -14.80 -31.54 -9.71
C GLY G 371 -15.76 -31.46 -8.55
N GLU G 372 -16.49 -30.35 -8.45
CA GLU G 372 -17.51 -30.23 -7.43
C GLU G 372 -18.68 -31.16 -7.71
N ASN G 373 -18.78 -31.66 -8.95
CA ASN G 373 -19.78 -32.68 -9.27
C ASN G 373 -19.22 -34.09 -9.14
N MET G 374 -17.90 -34.23 -8.95
CA MET G 374 -17.28 -35.56 -8.99
C MET G 374 -17.68 -36.41 -7.79
N ALA G 375 -18.28 -35.82 -6.78
CA ALA G 375 -18.60 -36.56 -5.57
C ALA G 375 -19.75 -37.53 -5.83
N PRO G 376 -19.66 -38.78 -5.37
CA PRO G 376 -20.87 -39.59 -5.17
C PRO G 376 -21.41 -39.37 -3.77
N GLU G 377 -22.58 -39.94 -3.52
CA GLU G 377 -23.35 -39.66 -2.32
C GLU G 377 -23.53 -40.91 -1.48
N LYS G 378 -23.53 -40.73 -0.17
CA LYS G 378 -23.83 -41.83 0.74
C LYS G 378 -25.24 -42.34 0.50
N VAL G 379 -25.42 -43.64 0.69
CA VAL G 379 -26.71 -44.31 0.57
C VAL G 379 -26.70 -45.54 1.46
N ASP G 380 -27.88 -46.10 1.69
CA ASP G 380 -27.98 -47.31 2.49
C ASP G 380 -27.61 -48.54 1.65
N PHE G 381 -27.40 -49.66 2.33
CA PHE G 381 -26.95 -50.87 1.64
C PHE G 381 -28.08 -51.53 0.88
N ASP G 382 -29.27 -51.60 1.48
CA ASP G 382 -30.35 -52.40 0.90
C ASP G 382 -30.75 -51.90 -0.47
N ASN G 383 -30.66 -50.60 -0.70
CA ASN G 383 -31.15 -50.02 -1.95
C ASN G 383 -30.18 -50.27 -3.09
N CYS G 384 -28.90 -50.51 -2.78
CA CYS G 384 -27.85 -50.66 -3.78
C CYS G 384 -27.32 -52.09 -3.89
N ARG G 385 -27.62 -52.95 -2.92
CA ARG G 385 -27.18 -54.33 -2.97
C ARG G 385 -27.70 -55.03 -4.23
N ASP G 386 -28.87 -54.61 -4.70
CA ASP G 386 -29.41 -55.12 -5.96
C ASP G 386 -28.46 -54.84 -7.12
N VAL G 387 -27.69 -53.75 -7.04
CA VAL G 387 -26.78 -53.40 -8.11
C VAL G 387 -25.57 -54.33 -8.06
N SER G 388 -25.06 -54.70 -9.23
CA SER G 388 -23.87 -55.54 -9.36
C SER G 388 -22.64 -54.76 -9.81
N ASP G 389 -22.79 -53.47 -10.17
CA ASP G 389 -21.64 -52.68 -10.56
C ASP G 389 -20.70 -52.41 -9.39
N LEU G 390 -21.20 -52.57 -8.17
CA LEU G 390 -20.45 -52.14 -7.00
C LEU G 390 -19.20 -52.98 -6.78
N LYS G 391 -18.17 -52.33 -6.27
CA LYS G 391 -16.95 -52.98 -5.82
C LYS G 391 -16.54 -52.33 -4.50
N GLN G 392 -15.83 -53.11 -3.67
CA GLN G 392 -15.34 -52.57 -2.41
C GLN G 392 -14.49 -51.34 -2.65
N TYR G 393 -13.36 -51.51 -3.32
CA TYR G 393 -12.60 -50.41 -3.89
C TYR G 393 -11.47 -51.01 -4.72
N ASP G 394 -10.96 -50.21 -5.64
CA ASP G 394 -9.71 -50.52 -6.35
C ASP G 394 -8.53 -50.31 -5.39
N SER G 395 -8.47 -51.19 -4.40
CA SER G 395 -7.43 -51.18 -3.38
C SER G 395 -6.34 -52.15 -3.81
N ASP G 396 -5.30 -51.62 -4.47
CA ASP G 396 -4.26 -52.46 -5.02
C ASP G 396 -3.00 -51.63 -5.13
N GLU G 397 -1.89 -52.30 -5.44
CA GLU G 397 -0.64 -51.59 -5.61
C GLU G 397 -0.74 -50.67 -6.83
N PRO G 398 -0.02 -49.55 -6.84
CA PRO G 398 -0.06 -48.68 -8.01
C PRO G 398 1.01 -49.05 -9.01
N GLU G 399 1.09 -48.23 -10.06
CA GLU G 399 2.03 -48.49 -11.14
C GLU G 399 3.46 -48.31 -10.66
N LEU G 400 4.32 -49.22 -11.09
CA LEU G 400 5.75 -49.07 -10.87
C LEU G 400 6.27 -47.81 -11.54
N ARG G 401 7.45 -47.36 -11.09
CA ARG G 401 8.14 -46.28 -11.75
C ARG G 401 9.64 -46.56 -11.76
N SER G 402 10.31 -45.99 -12.75
CA SER G 402 11.75 -46.10 -12.90
C SER G 402 12.42 -44.79 -12.52
N LEU G 403 13.63 -44.90 -12.00
CA LEU G 403 14.42 -43.72 -11.71
C LEU G 403 14.80 -43.03 -13.01
N SER G 404 14.90 -41.71 -12.95
CA SER G 404 15.37 -40.91 -14.05
C SER G 404 16.29 -39.83 -13.50
N SER G 405 16.77 -38.97 -14.38
CA SER G 405 17.77 -37.97 -14.02
C SER G 405 17.17 -36.69 -13.48
N TRP G 406 15.87 -36.44 -13.69
CA TRP G 406 15.31 -35.13 -13.41
C TRP G 406 15.41 -34.78 -11.93
N ILE G 407 15.03 -35.71 -11.06
CA ILE G 407 15.02 -35.43 -9.63
C ILE G 407 16.43 -35.17 -9.13
N GLN G 408 17.42 -35.82 -9.73
CA GLN G 408 18.79 -35.56 -9.34
C GLN G 408 19.17 -34.11 -9.65
N ASN G 409 18.72 -33.62 -10.82
CA ASN G 409 19.01 -32.25 -11.18
C ASN G 409 18.29 -31.29 -10.24
N GLU G 410 17.04 -31.60 -9.93
CA GLU G 410 16.28 -30.76 -9.00
C GLU G 410 16.98 -30.68 -7.65
N PHE G 411 17.52 -31.81 -7.19
CA PHE G 411 18.20 -31.81 -5.90
C PHE G 411 19.48 -30.99 -5.96
N ASN G 412 20.30 -31.23 -6.98
CA ASN G 412 21.53 -30.48 -7.16
C ASN G 412 21.26 -28.98 -7.16
N LYS G 413 20.24 -28.53 -7.90
CA LYS G 413 19.87 -27.13 -7.86
C LYS G 413 19.41 -26.72 -6.48
N ALA G 414 18.80 -27.64 -5.73
CA ALA G 414 18.14 -27.28 -4.49
C ALA G 414 19.11 -27.25 -3.31
N CYS G 415 20.27 -27.87 -3.47
CA CYS G 415 21.33 -27.70 -2.49
C CYS G 415 22.09 -26.40 -2.72
N GLU G 416 22.04 -25.86 -3.94
CA GLU G 416 22.89 -24.75 -4.33
C GLU G 416 22.52 -23.48 -3.57
N LEU G 417 23.50 -22.58 -3.46
CA LEU G 417 23.31 -21.31 -2.78
C LEU G 417 22.51 -20.35 -3.65
N THR G 418 21.41 -19.85 -3.12
CA THR G 418 20.79 -18.66 -3.66
C THR G 418 21.51 -17.44 -3.06
N ASP G 419 21.15 -16.26 -3.53
CA ASP G 419 21.91 -15.07 -3.20
C ASP G 419 21.44 -14.41 -1.91
N SER G 420 20.12 -14.35 -1.69
CA SER G 420 19.57 -13.60 -0.59
C SER G 420 19.89 -14.29 0.75
N THR G 421 19.34 -13.71 1.82
CA THR G 421 19.58 -14.15 3.18
C THR G 421 18.46 -15.06 3.70
N TRP G 422 17.21 -14.74 3.40
CA TRP G 422 16.07 -15.65 3.54
C TRP G 422 15.64 -15.94 4.97
N ILE G 423 16.40 -15.50 5.96
CA ILE G 423 15.97 -15.71 7.34
C ILE G 423 16.78 -14.81 8.26
N GLU G 424 16.10 -14.19 9.20
CA GLU G 424 16.72 -13.41 10.27
C GLU G 424 16.71 -14.22 11.55
N LEU G 425 17.34 -13.66 12.59
CA LEU G 425 17.33 -14.32 13.87
C LEU G 425 17.66 -13.30 14.96
N ASP G 426 16.86 -13.31 16.02
CA ASP G 426 16.86 -12.27 17.03
C ASP G 426 17.81 -12.62 18.17
N GLU G 427 17.71 -11.87 19.26
CA GLU G 427 18.60 -12.00 20.41
C GLU G 427 17.92 -12.75 21.54
N ILE G 428 18.77 -13.25 22.43
CA ILE G 428 18.38 -14.06 23.58
C ILE G 428 19.28 -13.63 24.73
N GLY G 429 18.90 -14.00 25.95
CA GLY G 429 19.66 -13.70 27.14
C GLY G 429 21.15 -13.97 27.01
N GLU G 430 21.94 -13.24 27.79
CA GLU G 430 23.37 -13.22 27.61
C GLU G 430 23.96 -14.59 27.94
N ASP G 431 25.28 -14.69 27.79
CA ASP G 431 26.01 -15.94 27.89
C ASP G 431 27.09 -15.80 28.94
N VAL G 432 26.98 -16.59 30.02
CA VAL G 432 27.92 -16.59 31.13
C VAL G 432 28.55 -17.96 31.31
N ALA G 433 27.74 -18.99 31.47
CA ALA G 433 28.26 -20.33 31.64
C ALA G 433 28.92 -20.82 30.36
N PRO G 434 29.76 -21.86 30.44
CA PRO G 434 30.49 -22.30 29.23
C PRO G 434 29.58 -22.84 28.15
N ILE G 435 28.74 -23.80 28.53
CA ILE G 435 27.87 -24.51 27.60
C ILE G 435 27.01 -23.52 26.82
N GLU G 436 26.69 -22.39 27.43
CA GLU G 436 26.00 -21.32 26.71
C GLU G 436 26.82 -20.82 25.54
N TYR G 437 28.11 -20.56 25.75
CA TYR G 437 28.96 -20.07 24.66
C TYR G 437 29.06 -21.10 23.55
N ILE G 438 29.22 -22.38 23.92
CA ILE G 438 29.35 -23.41 22.90
C ILE G 438 28.05 -23.50 22.08
N ALA G 439 26.90 -23.46 22.74
CA ALA G 439 25.64 -23.46 22.02
C ALA G 439 25.52 -22.26 21.10
N SER G 440 25.92 -21.08 21.59
CA SER G 440 25.83 -19.86 20.80
C SER G 440 26.66 -19.97 19.54
N MET G 441 27.91 -20.39 19.67
CA MET G 441 28.78 -20.43 18.49
C MET G 441 28.29 -21.47 17.51
N ARG G 442 27.82 -22.61 18.00
CA ARG G 442 27.33 -23.65 17.09
C ARG G 442 26.12 -23.16 16.31
N ARG G 443 25.15 -22.55 16.99
CA ARG G 443 23.95 -22.12 16.29
C ARG G 443 24.25 -20.97 15.34
N ASN G 444 25.18 -20.08 15.70
CA ASN G 444 25.52 -18.99 14.81
C ASN G 444 26.15 -19.49 13.52
N TYR G 445 27.17 -20.33 13.66
CA TYR G 445 27.74 -21.02 12.49
C TYR G 445 26.64 -21.64 11.65
N PHE G 446 25.73 -22.35 12.31
CA PHE G 446 24.73 -23.12 11.59
C PHE G 446 23.81 -22.21 10.79
N THR G 447 23.19 -21.24 11.44
CA THR G 447 22.20 -20.42 10.76
C THR G 447 22.86 -19.57 9.69
N ALA G 448 24.08 -19.11 9.93
CA ALA G 448 24.76 -18.30 8.92
C ALA G 448 25.03 -19.14 7.69
N GLU G 449 25.37 -20.42 7.89
CA GLU G 449 25.63 -21.27 6.74
C GLU G 449 24.34 -21.63 6.01
N VAL G 450 23.24 -21.76 6.76
CA VAL G 450 22.01 -22.29 6.19
C VAL G 450 21.25 -21.20 5.44
N SER G 451 21.34 -19.97 5.94
CA SER G 451 20.38 -18.94 5.53
C SER G 451 20.44 -18.66 4.04
N HIS G 452 21.61 -18.82 3.43
CA HIS G 452 21.74 -18.54 2.00
C HIS G 452 21.37 -19.74 1.14
N CYS G 453 20.69 -20.73 1.70
CA CYS G 453 20.26 -21.89 0.93
C CYS G 453 19.09 -21.52 0.02
N ARG G 454 18.84 -22.41 -0.95
CA ARG G 454 17.55 -22.46 -1.63
C ARG G 454 16.60 -23.43 -0.92
N ALA G 455 17.15 -24.32 -0.11
CA ALA G 455 16.32 -25.14 0.75
C ALA G 455 15.53 -24.28 1.71
N THR G 456 16.20 -23.34 2.37
CA THR G 456 15.50 -22.45 3.29
C THR G 456 14.49 -21.60 2.56
N GLU G 457 14.76 -21.29 1.30
CA GLU G 457 13.77 -20.62 0.48
C GLU G 457 12.52 -21.49 0.35
N TYR G 458 12.71 -22.76 0.00
CA TYR G 458 11.59 -23.68 -0.06
C TYR G 458 10.89 -23.75 1.29
N ILE G 459 11.65 -23.64 2.36
CA ILE G 459 11.09 -23.77 3.70
C ILE G 459 10.11 -22.65 3.97
N MET G 460 10.57 -21.41 3.85
CA MET G 460 9.69 -20.29 4.16
C MET G 460 8.53 -20.24 3.17
N LYS G 461 8.80 -20.59 1.93
CA LYS G 461 7.74 -20.65 0.92
C LYS G 461 6.67 -21.64 1.34
N GLY G 462 7.09 -22.84 1.72
CA GLY G 462 6.15 -23.86 2.11
C GLY G 462 5.38 -23.47 3.34
N VAL G 463 6.07 -22.87 4.31
CA VAL G 463 5.41 -22.49 5.55
C VAL G 463 4.33 -21.46 5.29
N TYR G 464 4.65 -20.44 4.49
CA TYR G 464 3.67 -19.40 4.22
C TYR G 464 2.51 -19.96 3.43
N ILE G 465 2.81 -20.84 2.46
CA ILE G 465 1.77 -21.44 1.65
C ILE G 465 0.81 -22.25 2.52
N ASN G 466 1.37 -23.08 3.40
CA ASN G 466 0.53 -23.96 4.19
C ASN G 466 -0.25 -23.19 5.24
N THR G 467 0.38 -22.19 5.86
CA THR G 467 -0.33 -21.35 6.81
C THR G 467 -1.50 -20.66 6.13
N ALA G 468 -1.27 -20.11 4.95
CA ALA G 468 -2.33 -19.43 4.24
C ALA G 468 -3.46 -20.39 3.92
N LEU G 469 -3.11 -21.59 3.45
CA LEU G 469 -4.14 -22.55 3.09
C LEU G 469 -4.93 -23.01 4.30
N LEU G 470 -4.26 -23.18 5.44
CA LEU G 470 -4.95 -23.67 6.62
C LEU G 470 -5.84 -22.58 7.21
N ASN G 471 -5.34 -21.35 7.23
CA ASN G 471 -6.17 -20.21 7.60
C ASN G 471 -7.42 -20.18 6.74
N ALA G 472 -7.26 -20.32 5.43
CA ALA G 472 -8.40 -20.27 4.52
C ALA G 472 -9.36 -21.41 4.80
N SER G 473 -8.85 -22.64 4.83
CA SER G 473 -9.71 -23.81 4.91
C SER G 473 -10.47 -23.85 6.24
N CYS G 474 -9.78 -23.56 7.34
CA CYS G 474 -10.49 -23.47 8.62
C CYS G 474 -11.45 -22.31 8.64
N ALA G 475 -11.14 -21.24 7.88
CA ALA G 475 -11.94 -20.04 7.86
C ALA G 475 -12.83 -19.91 6.63
N ALA G 476 -12.65 -20.76 5.62
CA ALA G 476 -13.39 -20.61 4.38
C ALA G 476 -13.33 -21.91 3.60
N MET G 477 -14.50 -22.46 3.32
CA MET G 477 -14.62 -23.77 2.68
C MET G 477 -15.38 -23.70 1.35
N ASP G 478 -16.47 -22.94 1.30
CA ASP G 478 -17.40 -23.08 0.19
C ASP G 478 -16.99 -22.24 -1.01
N ASP G 479 -15.79 -21.65 -0.98
CA ASP G 479 -15.43 -20.59 -1.92
C ASP G 479 -14.05 -20.83 -2.52
N PHE G 480 -13.99 -20.89 -3.85
CA PHE G 480 -12.71 -20.89 -4.54
C PHE G 480 -11.96 -19.62 -4.19
N GLN G 481 -10.82 -19.78 -3.52
CA GLN G 481 -10.03 -18.67 -3.05
C GLN G 481 -8.81 -18.49 -3.92
N LEU G 482 -8.42 -17.25 -4.14
CA LEU G 482 -7.12 -16.91 -4.70
C LEU G 482 -6.21 -16.65 -3.53
N ILE G 483 -5.02 -17.22 -3.59
CA ILE G 483 -3.97 -16.95 -2.62
C ILE G 483 -2.66 -16.90 -3.40
N PRO G 484 -1.72 -16.04 -3.04
CA PRO G 484 -0.39 -16.13 -3.62
C PRO G 484 0.51 -17.09 -2.87
N MET G 485 1.57 -17.54 -3.54
CA MET G 485 2.64 -18.29 -2.90
C MET G 485 3.66 -17.31 -2.33
N ILE G 486 3.17 -16.37 -1.55
CA ILE G 486 3.92 -15.19 -1.16
C ILE G 486 4.81 -15.51 0.02
N SER G 487 6.00 -14.93 0.02
CA SER G 487 7.00 -15.15 1.04
C SER G 487 7.76 -13.86 1.31
N LYS G 488 8.10 -13.64 2.58
CA LYS G 488 8.80 -12.44 3.00
C LYS G 488 10.28 -12.74 3.15
N CYS G 489 11.11 -12.03 2.39
CA CYS G 489 12.55 -12.19 2.44
C CYS G 489 13.22 -10.83 2.54
N ARG G 490 14.17 -10.71 3.46
CA ARG G 490 14.97 -9.51 3.54
C ARG G 490 16.15 -9.60 2.60
N THR G 491 16.30 -8.58 1.76
CA THR G 491 17.47 -8.49 0.91
C THR G 491 18.71 -8.33 1.76
N LYS G 492 19.81 -8.90 1.27
CA LYS G 492 21.09 -8.81 1.99
C LYS G 492 21.54 -7.37 2.17
N GLU G 493 21.09 -6.46 1.31
CA GLU G 493 21.58 -5.09 1.24
C GLU G 493 20.49 -4.05 1.18
N GLY G 494 19.21 -4.45 1.24
CA GLY G 494 18.10 -3.51 1.18
C GLY G 494 17.06 -3.71 2.26
N ARG G 495 15.79 -3.63 1.87
CA ARG G 495 14.66 -3.74 2.77
C ARG G 495 14.01 -5.11 2.63
N ARG G 496 13.04 -5.35 3.49
CA ARG G 496 12.17 -6.52 3.37
C ARG G 496 11.52 -6.57 2.01
N LYS G 497 11.50 -7.75 1.41
CA LYS G 497 10.96 -7.98 0.07
C LYS G 497 9.94 -9.10 0.12
N THR G 498 8.71 -8.78 -0.27
CA THR G 498 7.66 -9.76 -0.47
C THR G 498 7.74 -10.28 -1.89
N ASN G 499 8.23 -11.50 -2.05
CA ASN G 499 8.28 -12.13 -3.36
C ASN G 499 6.97 -12.82 -3.68
N LEU G 500 6.55 -12.69 -4.94
CA LEU G 500 5.39 -13.40 -5.49
C LEU G 500 5.94 -14.54 -6.32
N TYR G 501 5.87 -15.73 -5.76
CA TYR G 501 6.24 -16.93 -6.50
C TYR G 501 5.17 -17.28 -7.51
N GLY G 502 3.95 -17.48 -7.05
CA GLY G 502 2.89 -17.91 -7.93
C GLY G 502 1.56 -17.84 -7.25
N PHE G 503 0.53 -17.76 -8.08
CA PHE G 503 -0.84 -17.71 -7.61
C PHE G 503 -1.31 -19.10 -7.24
N ILE G 504 -2.37 -19.16 -6.45
CA ILE G 504 -3.05 -20.40 -6.11
C ILE G 504 -4.53 -20.17 -6.29
N ILE G 505 -5.24 -21.19 -6.75
CA ILE G 505 -6.69 -21.22 -6.73
C ILE G 505 -7.12 -22.38 -5.86
N LYS G 506 -7.39 -22.08 -4.60
CA LYS G 506 -7.74 -23.09 -3.62
C LYS G 506 -9.11 -23.66 -3.93
N GLY G 507 -9.25 -24.97 -3.82
CA GLY G 507 -10.53 -25.61 -4.00
C GLY G 507 -11.23 -25.86 -2.68
N ARG G 508 -12.54 -26.05 -2.77
CA ARG G 508 -13.38 -26.03 -1.59
C ARG G 508 -13.01 -27.16 -0.63
N SER G 509 -13.11 -26.87 0.66
CA SER G 509 -12.44 -27.63 1.70
C SER G 509 -13.29 -27.70 2.95
N HIS G 510 -14.06 -28.77 3.10
CA HIS G 510 -14.74 -29.11 4.34
C HIS G 510 -14.07 -30.35 4.90
N LEU G 511 -13.36 -30.18 6.01
CA LEU G 511 -12.51 -31.22 6.57
C LEU G 511 -13.22 -31.84 7.77
N ARG G 512 -14.03 -32.87 7.51
CA ARG G 512 -14.67 -33.59 8.59
C ARG G 512 -13.63 -34.35 9.41
N ASN G 513 -12.54 -34.75 8.77
CA ASN G 513 -11.38 -35.30 9.44
C ASN G 513 -10.13 -34.64 8.89
N ASP G 514 -9.07 -34.65 9.70
CA ASP G 514 -7.81 -34.04 9.29
C ASP G 514 -7.18 -34.82 8.14
N THR G 515 -7.45 -36.11 8.05
CA THR G 515 -6.80 -36.94 7.03
C THR G 515 -7.25 -36.56 5.62
N ASP G 516 -8.45 -35.99 5.50
CA ASP G 516 -9.09 -35.76 4.21
C ASP G 516 -8.21 -34.93 3.28
N VAL G 517 -8.32 -35.23 1.98
CA VAL G 517 -7.62 -34.42 0.97
C VAL G 517 -8.46 -33.21 0.63
N VAL G 518 -7.76 -32.13 0.32
CA VAL G 518 -8.33 -30.95 -0.31
C VAL G 518 -7.62 -30.78 -1.62
N ASN G 519 -8.37 -30.49 -2.68
CA ASN G 519 -7.80 -30.34 -4.01
C ASN G 519 -7.80 -28.88 -4.41
N PHE G 520 -6.93 -28.55 -5.34
CA PHE G 520 -6.83 -27.17 -5.80
C PHE G 520 -6.03 -27.11 -7.10
N VAL G 521 -5.80 -25.89 -7.54
CA VAL G 521 -5.00 -25.59 -8.72
C VAL G 521 -3.91 -24.63 -8.31
N SER G 522 -2.76 -24.73 -8.98
CA SER G 522 -1.58 -23.99 -8.61
C SER G 522 -0.90 -23.43 -9.85
N MET G 523 -0.62 -22.14 -9.83
CA MET G 523 0.03 -21.44 -10.93
C MET G 523 1.32 -20.85 -10.41
N GLU G 524 2.43 -21.37 -10.91
CA GLU G 524 3.75 -20.89 -10.56
C GLU G 524 4.51 -20.63 -11.85
N PHE G 525 5.01 -19.42 -12.00
CA PHE G 525 5.61 -18.99 -13.24
C PHE G 525 6.88 -19.76 -13.51
N SER G 526 7.38 -19.70 -14.74
CA SER G 526 8.52 -20.51 -15.14
C SER G 526 9.17 -19.95 -16.39
N LEU G 527 10.51 -19.90 -16.36
CA LEU G 527 11.29 -19.49 -17.52
C LEU G 527 11.65 -20.68 -18.39
N THR G 528 12.27 -21.70 -17.80
CA THR G 528 12.79 -22.83 -18.55
C THR G 528 11.67 -23.54 -19.29
N ASP G 529 11.95 -23.86 -20.53
CA ASP G 529 10.90 -24.44 -21.33
C ASP G 529 10.62 -25.86 -20.90
N PRO G 530 9.43 -26.39 -21.16
CA PRO G 530 9.26 -27.84 -21.18
C PRO G 530 9.91 -28.43 -22.41
N ARG G 531 9.60 -29.70 -22.65
CA ARG G 531 10.00 -30.56 -23.77
C ARG G 531 11.51 -30.85 -23.77
N LEU G 532 12.27 -30.24 -22.87
CA LEU G 532 13.63 -30.65 -22.57
C LEU G 532 13.61 -31.90 -21.69
N GLU G 533 12.60 -32.02 -20.84
CA GLU G 533 12.46 -33.11 -19.88
C GLU G 533 10.97 -33.39 -19.73
N PRO G 534 10.31 -33.85 -20.79
CA PRO G 534 8.85 -34.06 -20.69
C PRO G 534 8.47 -35.20 -19.78
N HIS G 535 9.43 -36.01 -19.36
CA HIS G 535 9.16 -37.07 -18.41
C HIS G 535 8.93 -36.50 -17.02
N LYS G 536 9.58 -35.37 -16.70
CA LYS G 536 9.50 -34.81 -15.35
C LYS G 536 8.07 -34.47 -14.96
N TRP G 537 7.26 -34.06 -15.93
CA TRP G 537 5.85 -33.79 -15.73
C TRP G 537 5.08 -34.56 -16.79
N GLU G 538 4.24 -35.47 -16.33
CA GLU G 538 3.13 -35.95 -17.15
C GLU G 538 1.84 -35.30 -16.69
N LYS G 539 1.96 -34.31 -15.81
CA LYS G 539 0.83 -33.84 -15.01
C LYS G 539 0.57 -32.37 -15.21
N TYR G 540 1.62 -31.60 -15.50
CA TYR G 540 1.50 -30.17 -15.69
C TYR G 540 0.62 -29.88 -16.90
N CYS G 541 0.26 -28.61 -17.08
CA CYS G 541 -0.44 -28.13 -18.26
C CYS G 541 0.15 -26.78 -18.63
N VAL G 542 1.17 -26.79 -19.46
CA VAL G 542 1.97 -25.60 -19.64
C VAL G 542 1.34 -24.64 -20.63
N LEU G 543 1.27 -23.38 -20.24
CA LEU G 543 0.82 -22.29 -21.08
C LEU G 543 2.05 -21.50 -21.52
N GLU G 544 1.87 -20.67 -22.54
CA GLU G 544 2.83 -19.65 -22.89
C GLU G 544 2.28 -18.30 -22.45
N ILE G 545 3.12 -17.48 -21.85
CA ILE G 545 2.74 -16.17 -21.37
C ILE G 545 3.75 -15.13 -21.84
N GLY G 546 4.43 -15.42 -22.92
CA GLY G 546 5.25 -14.40 -23.57
C GLY G 546 6.62 -14.33 -23.01
N ASP G 547 7.24 -13.18 -23.17
CA ASP G 547 8.66 -13.00 -22.94
C ASP G 547 8.89 -12.30 -21.61
N MET G 548 10.03 -12.57 -21.02
CA MET G 548 10.58 -11.75 -19.95
C MET G 548 11.98 -11.38 -20.37
N LEU G 549 12.32 -10.10 -20.22
CA LEU G 549 13.53 -9.56 -20.80
C LEU G 549 14.60 -9.60 -19.72
N LEU G 550 15.19 -10.78 -19.54
CA LEU G 550 16.31 -10.93 -18.62
C LEU G 550 17.53 -10.19 -19.16
N ARG G 551 18.36 -9.69 -18.25
CA ARG G 551 19.57 -8.95 -18.56
C ARG G 551 20.77 -9.74 -18.10
N SER G 552 21.56 -10.23 -19.07
CA SER G 552 22.82 -10.87 -18.80
C SER G 552 23.95 -9.85 -18.95
N ALA G 553 25.19 -10.29 -18.75
CA ALA G 553 26.32 -9.38 -18.79
C ALA G 553 26.46 -8.73 -20.16
N ILE G 554 26.14 -9.46 -21.23
CA ILE G 554 26.16 -8.94 -22.59
C ILE G 554 24.74 -9.09 -23.16
N GLY G 555 24.25 -8.03 -23.78
CA GLY G 555 22.98 -8.07 -24.46
C GLY G 555 21.79 -8.27 -23.52
N GLN G 556 20.79 -8.97 -24.06
CA GLN G 556 19.54 -9.22 -23.38
C GLN G 556 19.01 -10.56 -23.85
N MET G 557 18.51 -11.36 -22.90
CA MET G 557 18.19 -12.75 -23.22
C MET G 557 16.86 -12.86 -23.95
N SER G 558 15.81 -12.23 -23.42
CA SER G 558 14.49 -12.24 -24.04
C SER G 558 13.98 -13.66 -24.24
N ARG G 559 14.09 -14.47 -23.20
CA ARG G 559 13.56 -15.82 -23.24
C ARG G 559 12.05 -15.78 -23.07
N PRO G 560 11.32 -16.76 -23.60
CA PRO G 560 9.88 -16.78 -23.37
C PRO G 560 9.58 -17.08 -21.93
N MET G 561 8.30 -17.01 -21.60
CA MET G 561 7.80 -17.26 -20.26
C MET G 561 6.65 -18.23 -20.40
N PHE G 562 6.73 -19.32 -19.64
CA PHE G 562 5.67 -20.31 -19.60
C PHE G 562 5.17 -20.43 -18.18
N LEU G 563 3.99 -21.01 -18.05
CA LEU G 563 3.30 -21.12 -16.79
C LEU G 563 2.90 -22.58 -16.63
N TYR G 564 2.99 -23.09 -15.41
CA TYR G 564 2.66 -24.50 -15.14
C TYR G 564 1.43 -24.53 -14.27
N VAL G 565 0.27 -24.45 -14.90
CA VAL G 565 -0.99 -24.56 -14.18
C VAL G 565 -1.32 -26.03 -14.06
N ARG G 566 -0.68 -26.65 -13.09
CA ARG G 566 -1.06 -27.99 -12.70
C ARG G 566 -2.18 -27.91 -11.68
N THR G 567 -2.76 -29.06 -11.40
CA THR G 567 -3.71 -29.22 -10.31
C THR G 567 -3.07 -30.08 -9.24
N ASN G 568 -3.77 -30.25 -8.13
CA ASN G 568 -3.20 -30.94 -6.99
C ASN G 568 -4.25 -31.20 -5.92
N GLY G 569 -3.79 -31.83 -4.85
CA GLY G 569 -4.50 -31.80 -3.59
C GLY G 569 -3.66 -32.31 -2.45
N THR G 570 -3.55 -31.54 -1.36
CA THR G 570 -2.57 -31.88 -0.34
C THR G 570 -3.15 -32.63 0.86
N SER G 571 -3.78 -31.93 1.81
CA SER G 571 -4.34 -32.52 3.02
C SER G 571 -4.66 -31.42 4.01
N LYS G 572 -5.15 -31.78 5.19
CA LYS G 572 -4.92 -30.95 6.38
C LYS G 572 -3.58 -31.28 7.02
N ILE G 573 -3.26 -32.57 7.10
CA ILE G 573 -2.12 -33.02 7.87
C ILE G 573 -0.83 -32.55 7.24
N LYS G 574 -0.69 -32.79 5.94
CA LYS G 574 0.52 -32.38 5.24
C LYS G 574 0.69 -30.88 5.29
N MET G 575 -0.41 -30.14 5.36
CA MET G 575 -0.32 -28.70 5.52
C MET G 575 0.25 -28.35 6.87
N LYS G 576 -0.20 -29.04 7.93
CA LYS G 576 0.37 -28.78 9.25
C LYS G 576 1.86 -29.09 9.27
N TRP G 577 2.25 -30.21 8.69
CA TRP G 577 3.64 -30.62 8.81
C TRP G 577 4.53 -29.86 7.84
N GLY G 578 3.93 -29.21 6.86
CA GLY G 578 4.68 -28.27 6.04
C GLY G 578 4.74 -26.90 6.69
N MET G 579 3.81 -26.63 7.62
CA MET G 579 3.93 -25.43 8.43
C MET G 579 5.10 -25.58 9.39
N GLU G 580 5.30 -26.77 9.90
CA GLU G 580 6.34 -27.03 10.89
C GLU G 580 7.61 -27.57 10.26
N MET G 581 8.16 -26.87 9.27
CA MET G 581 9.47 -27.20 8.74
C MET G 581 10.60 -26.43 9.41
N ARG G 582 10.28 -25.43 10.22
CA ARG G 582 11.33 -24.84 11.03
C ARG G 582 11.89 -25.89 11.99
N ARG G 583 11.03 -26.81 12.42
CA ARG G 583 11.48 -27.99 13.14
C ARG G 583 12.46 -28.80 12.32
N CYS G 584 12.27 -28.85 11.00
CA CYS G 584 13.14 -29.66 10.17
C CYS G 584 14.53 -29.06 10.06
N LEU G 585 14.60 -27.74 9.91
CA LEU G 585 15.85 -27.01 10.05
C LEU G 585 16.53 -27.33 11.39
N LEU G 586 15.78 -27.18 12.48
CA LEU G 586 16.27 -27.52 13.81
C LEU G 586 16.81 -28.94 13.87
N GLN G 587 16.13 -29.86 13.19
CA GLN G 587 16.52 -31.26 13.23
C GLN G 587 17.85 -31.48 12.51
N SER G 588 18.07 -30.74 11.43
CA SER G 588 19.37 -30.78 10.79
C SER G 588 20.46 -30.33 11.75
N LEU G 589 20.18 -29.27 12.51
CA LEU G 589 21.13 -28.82 13.52
C LEU G 589 21.39 -29.90 14.55
N GLN G 590 20.32 -30.54 15.01
CA GLN G 590 20.43 -31.63 15.98
C GLN G 590 21.37 -32.72 15.45
N GLN G 591 21.25 -33.05 14.17
CA GLN G 591 22.07 -34.11 13.61
C GLN G 591 23.54 -33.71 13.57
N ILE G 592 23.82 -32.51 13.10
CA ILE G 592 25.21 -32.05 13.04
C ILE G 592 25.81 -32.00 14.44
N GLU G 593 25.05 -31.50 15.41
CA GLU G 593 25.53 -31.44 16.77
C GLU G 593 25.79 -32.83 17.32
N SER G 594 24.97 -33.80 16.92
CA SER G 594 25.20 -35.17 17.34
C SER G 594 26.50 -35.71 16.78
N MET G 595 26.75 -35.44 15.50
CA MET G 595 28.03 -35.81 14.90
C MET G 595 29.20 -35.23 15.69
N ILE G 596 29.09 -33.96 16.05
CA ILE G 596 30.23 -33.29 16.67
C ILE G 596 30.40 -33.77 18.11
N GLU G 597 29.31 -34.08 18.80
CA GLU G 597 29.44 -34.62 20.15
C GLU G 597 30.03 -36.01 20.11
N ALA G 598 29.75 -36.77 19.06
CA ALA G 598 30.40 -38.07 18.90
C ALA G 598 31.90 -37.88 18.72
N GLU G 599 32.28 -36.98 17.81
CA GLU G 599 33.71 -36.72 17.60
C GLU G 599 34.36 -36.14 18.86
N SER G 600 33.56 -35.52 19.74
CA SER G 600 34.07 -35.01 21.00
C SER G 600 34.21 -36.12 22.03
N SER G 601 33.42 -37.19 21.90
CA SER G 601 33.54 -38.32 22.80
C SER G 601 34.70 -39.22 22.41
N VAL G 602 34.95 -39.39 21.11
CA VAL G 602 36.06 -40.21 20.66
C VAL G 602 37.38 -39.47 20.83
N LYS G 603 37.34 -38.14 20.79
CA LYS G 603 38.50 -37.29 21.04
C LYS G 603 38.11 -36.19 22.01
N GLU G 604 38.86 -36.10 23.10
CA GLU G 604 38.55 -35.16 24.18
C GLU G 604 38.86 -33.71 23.83
N LYS G 605 39.31 -33.42 22.60
CA LYS G 605 39.50 -32.04 22.18
C LYS G 605 38.20 -31.24 22.32
N ASP G 606 37.08 -31.86 21.97
CA ASP G 606 35.75 -31.26 22.15
C ASP G 606 35.63 -29.98 21.35
N MET G 607 36.30 -29.94 20.20
CA MET G 607 36.50 -28.71 19.43
C MET G 607 35.48 -28.63 18.31
N THR G 608 34.44 -27.83 18.52
CA THR G 608 33.54 -27.46 17.43
C THR G 608 34.29 -26.71 16.33
N LYS G 609 35.08 -25.70 16.73
CA LYS G 609 35.85 -24.90 15.79
C LYS G 609 36.80 -25.75 14.94
N GLU G 610 37.11 -26.98 15.38
CA GLU G 610 37.97 -27.86 14.62
C GLU G 610 37.38 -28.17 13.24
N PHE G 611 36.05 -28.11 13.11
CA PHE G 611 35.38 -28.47 11.87
C PHE G 611 34.56 -27.33 11.28
N PHE G 612 33.99 -26.45 12.12
CA PHE G 612 32.96 -25.54 11.64
C PHE G 612 33.47 -24.59 10.56
N GLU G 613 34.74 -24.17 10.65
CA GLU G 613 35.27 -23.10 9.82
C GLU G 613 36.55 -23.42 9.06
N ASN G 614 37.27 -24.46 9.44
CA ASN G 614 38.57 -24.72 8.83
C ASN G 614 38.42 -25.11 7.37
N LYS G 615 39.39 -24.71 6.56
CA LYS G 615 39.45 -25.08 5.15
C LYS G 615 40.13 -26.44 5.10
N SER G 616 39.33 -27.50 5.17
CA SER G 616 39.84 -28.85 5.21
C SER G 616 38.86 -29.78 4.51
N GLU G 617 39.35 -30.44 3.46
CA GLU G 617 38.53 -31.37 2.69
C GLU G 617 38.40 -32.64 3.52
N THR G 618 37.26 -32.77 4.19
CA THR G 618 36.99 -33.86 5.11
C THR G 618 35.65 -34.52 4.91
N TRP G 619 34.81 -34.01 3.99
CA TRP G 619 33.46 -34.48 3.81
C TRP G 619 33.18 -34.78 2.35
N PRO G 620 32.98 -36.04 1.94
CA PRO G 620 32.56 -36.32 0.56
C PRO G 620 31.05 -36.35 0.41
N ILE G 621 30.52 -35.60 -0.55
CA ILE G 621 29.10 -35.65 -0.89
C ILE G 621 28.88 -35.72 -2.40
N GLY G 622 29.95 -35.80 -3.19
CA GLY G 622 29.85 -35.69 -4.62
C GLY G 622 30.48 -36.88 -5.32
N GLU G 623 29.75 -37.39 -6.31
CA GLU G 623 30.23 -38.43 -7.19
C GLU G 623 30.32 -37.89 -8.60
N SER G 624 31.50 -37.98 -9.19
CA SER G 624 31.81 -37.49 -10.51
C SER G 624 32.24 -38.65 -11.38
N PRO G 625 32.30 -38.46 -12.70
CA PRO G 625 32.85 -39.52 -13.56
C PRO G 625 34.29 -39.85 -13.18
N LYS G 626 34.48 -41.08 -12.70
CA LYS G 626 35.80 -41.57 -12.29
C LYS G 626 36.41 -40.70 -11.20
N GLY G 627 35.57 -40.18 -10.31
CA GLY G 627 36.05 -39.32 -9.25
C GLY G 627 35.03 -39.22 -8.14
N VAL G 628 35.53 -38.78 -6.98
CA VAL G 628 34.69 -38.44 -5.83
C VAL G 628 35.15 -37.07 -5.37
N GLU G 629 34.18 -36.17 -5.17
CA GLU G 629 34.49 -34.83 -4.70
C GLU G 629 34.38 -34.77 -3.19
N ASP G 630 35.12 -33.84 -2.61
CA ASP G 630 35.09 -33.57 -1.18
C ASP G 630 34.74 -32.11 -0.96
N GLY G 631 33.94 -31.85 0.07
CA GLY G 631 33.51 -30.51 0.39
C GLY G 631 33.68 -30.26 1.87
N SER G 632 33.35 -29.03 2.26
CA SER G 632 33.48 -28.59 3.63
C SER G 632 32.14 -28.71 4.34
N ILE G 633 32.11 -28.30 5.60
CA ILE G 633 30.90 -28.42 6.43
C ILE G 633 29.78 -27.56 5.86
N GLY G 634 30.11 -26.53 5.09
CA GLY G 634 29.07 -25.67 4.54
C GLY G 634 28.14 -26.42 3.61
N LYS G 635 28.71 -27.01 2.56
CA LYS G 635 27.93 -27.77 1.59
C LYS G 635 27.17 -28.91 2.27
N VAL G 636 27.74 -29.48 3.33
CA VAL G 636 27.16 -30.66 3.95
C VAL G 636 26.00 -30.27 4.83
N CYS G 637 26.12 -29.16 5.57
CA CYS G 637 24.98 -28.68 6.31
C CYS G 637 23.84 -28.33 5.37
N ARG G 638 24.16 -27.66 4.26
CA ARG G 638 23.16 -27.39 3.22
C ARG G 638 22.48 -28.68 2.77
N THR G 639 23.29 -29.71 2.48
CA THR G 639 22.75 -30.94 1.92
C THR G 639 21.88 -31.69 2.92
N LEU G 640 22.35 -31.83 4.15
CA LEU G 640 21.55 -32.48 5.18
C LEU G 640 20.22 -31.77 5.34
N LEU G 641 20.26 -30.43 5.32
CA LEU G 641 19.03 -29.69 5.41
C LEU G 641 18.11 -30.06 4.26
N ALA G 642 18.60 -29.95 3.02
CA ALA G 642 17.74 -30.18 1.86
C ALA G 642 17.22 -31.60 1.83
N LYS G 643 18.00 -32.55 2.32
CA LYS G 643 17.52 -33.92 2.47
C LYS G 643 16.32 -33.95 3.39
N SER G 644 16.43 -33.26 4.52
CA SER G 644 15.32 -33.27 5.46
C SER G 644 14.12 -32.54 4.89
N VAL G 645 14.36 -31.50 4.11
CA VAL G 645 13.26 -30.76 3.51
C VAL G 645 12.53 -31.64 2.50
N PHE G 646 13.27 -32.42 1.73
CA PHE G 646 12.62 -33.28 0.76
C PHE G 646 11.93 -34.42 1.45
N ASN G 647 12.48 -34.87 2.58
CA ASN G 647 11.76 -35.79 3.44
C ASN G 647 10.42 -35.18 3.85
N SER G 648 10.41 -33.87 4.07
CA SER G 648 9.19 -33.20 4.47
C SER G 648 8.27 -32.98 3.29
N LEU G 649 8.80 -33.03 2.07
CA LEU G 649 8.00 -32.78 0.89
C LEU G 649 7.52 -34.07 0.24
N TYR G 650 8.43 -35.04 0.10
CA TYR G 650 8.13 -36.35 -0.45
C TYR G 650 7.99 -37.40 0.65
N ALA G 651 7.46 -37.03 1.79
CA ALA G 651 7.18 -38.00 2.83
C ALA G 651 6.16 -38.99 2.32
N SER G 652 6.50 -40.26 2.46
CA SER G 652 5.66 -41.32 1.92
C SER G 652 6.13 -42.64 2.52
N PRO G 653 5.21 -43.54 2.86
CA PRO G 653 5.61 -44.78 3.58
C PRO G 653 6.74 -45.55 2.92
N GLN G 654 6.85 -45.42 1.60
CA GLN G 654 8.01 -45.92 0.88
C GLN G 654 9.30 -45.42 1.52
N LEU G 655 9.34 -44.12 1.83
CA LEU G 655 10.52 -43.55 2.46
C LEU G 655 10.81 -44.19 3.80
N GLU G 656 9.79 -44.38 4.62
CA GLU G 656 10.03 -44.86 5.98
C GLU G 656 10.50 -46.31 5.96
N GLY G 657 9.86 -47.13 5.14
CA GLY G 657 10.33 -48.48 4.95
C GLY G 657 11.78 -48.52 4.48
N PHE G 658 12.09 -47.76 3.43
CA PHE G 658 13.48 -47.70 2.95
C PHE G 658 14.39 -47.26 4.07
N SER G 659 13.95 -46.30 4.87
CA SER G 659 14.83 -45.73 5.88
C SER G 659 15.21 -46.79 6.89
N ALA G 660 14.22 -47.52 7.40
CA ALA G 660 14.52 -48.59 8.36
C ALA G 660 15.46 -49.63 7.74
N GLU G 661 15.19 -50.02 6.51
CA GLU G 661 15.87 -51.17 5.94
C GLU G 661 17.29 -50.82 5.49
N SER G 662 17.44 -49.69 4.82
CA SER G 662 18.76 -49.16 4.53
C SER G 662 19.53 -48.89 5.82
N ARG G 663 18.84 -48.50 6.88
CA ARG G 663 19.52 -48.24 8.15
C ARG G 663 20.15 -49.53 8.66
N LYS G 664 19.36 -50.60 8.70
CA LYS G 664 19.86 -51.86 9.22
C LYS G 664 20.99 -52.40 8.36
N LEU G 665 20.83 -52.34 7.04
CA LEU G 665 21.86 -52.89 6.17
C LEU G 665 23.13 -52.05 6.21
N LEU G 666 23.01 -50.72 6.26
CA LEU G 666 24.18 -49.87 6.34
C LEU G 666 24.91 -50.08 7.65
N LEU G 667 24.16 -50.26 8.73
CA LEU G 667 24.77 -50.59 10.00
C LEU G 667 25.56 -51.88 9.90
N VAL G 668 24.98 -52.88 9.24
CA VAL G 668 25.70 -54.14 9.02
C VAL G 668 26.94 -53.89 8.18
N VAL G 669 26.86 -52.96 7.24
CA VAL G 669 27.98 -52.74 6.33
C VAL G 669 29.10 -51.98 7.03
N GLN G 670 28.76 -51.09 7.95
CA GLN G 670 29.79 -50.48 8.78
C GLN G 670 30.42 -51.54 9.67
N ALA G 671 29.59 -52.42 10.24
CA ALA G 671 30.11 -53.51 11.04
C ALA G 671 31.06 -54.38 10.22
N LEU G 672 30.78 -54.52 8.93
CA LEU G 672 31.64 -55.30 8.06
C LEU G 672 32.93 -54.56 7.76
N ARG G 673 32.82 -53.30 7.35
CA ARG G 673 33.96 -52.56 6.85
C ARG G 673 34.99 -52.31 7.94
N ASP G 674 34.57 -52.29 9.20
CA ASP G 674 35.48 -52.18 10.34
C ASP G 674 35.93 -53.54 10.86
N ASN G 675 35.66 -54.61 10.11
CA ASN G 675 36.18 -55.94 10.42
C ASN G 675 35.63 -56.47 11.74
N LEU G 676 34.33 -56.29 11.94
CA LEU G 676 33.66 -56.72 13.16
C LEU G 676 32.90 -58.03 13.01
N GLU G 677 33.28 -58.85 12.03
CA GLU G 677 32.74 -60.19 11.78
C GLU G 677 31.22 -60.25 11.84
N PRO G 678 30.52 -59.41 11.08
CA PRO G 678 29.06 -59.41 11.18
C PRO G 678 28.45 -60.62 10.54
N GLY G 679 27.24 -60.92 10.97
CA GLY G 679 26.45 -61.99 10.38
C GLY G 679 25.02 -61.58 10.20
N THR G 680 24.36 -62.19 9.22
CA THR G 680 22.95 -62.00 8.97
C THR G 680 22.33 -63.33 8.62
N PHE G 681 21.18 -63.62 9.22
CA PHE G 681 20.56 -64.92 9.04
C PHE G 681 19.83 -64.99 7.70
N ASP G 682 18.90 -64.06 7.45
CA ASP G 682 18.17 -63.95 6.18
C ASP G 682 18.38 -62.57 5.61
N LEU G 683 18.93 -62.52 4.39
CA LEU G 683 19.33 -61.28 3.74
C LEU G 683 18.45 -60.93 2.56
N GLU G 684 18.09 -61.92 1.75
CA GLU G 684 17.20 -61.67 0.63
C GLU G 684 15.84 -61.19 1.11
N GLY G 685 15.48 -61.47 2.36
CA GLY G 685 14.34 -60.82 2.96
C GLY G 685 14.50 -59.31 3.00
N LEU G 686 15.67 -58.83 3.41
CA LEU G 686 15.93 -57.40 3.38
C LEU G 686 15.80 -56.87 1.98
N TYR G 687 16.35 -57.60 1.01
CA TYR G 687 16.36 -57.09 -0.35
C TYR G 687 14.97 -57.05 -0.95
N GLU G 688 14.18 -58.09 -0.72
CA GLU G 688 12.83 -58.09 -1.28
C GLU G 688 11.96 -57.05 -0.57
N ALA G 689 12.19 -56.82 0.73
CA ALA G 689 11.36 -55.84 1.41
C ALA G 689 11.72 -54.43 0.95
N ILE G 690 13.01 -54.16 0.77
CA ILE G 690 13.42 -52.91 0.15
C ILE G 690 12.73 -52.75 -1.19
N GLU G 691 12.86 -53.76 -2.08
CA GLU G 691 12.22 -53.71 -3.38
C GLU G 691 10.70 -53.54 -3.25
N GLU G 692 10.14 -53.99 -2.13
CA GLU G 692 8.72 -53.78 -1.88
C GLU G 692 8.45 -52.32 -1.62
N CYS G 693 9.39 -51.65 -0.95
CA CYS G 693 9.15 -50.28 -0.52
C CYS G 693 9.59 -49.26 -1.56
N LEU G 694 10.16 -49.72 -2.67
CA LEU G 694 10.67 -48.81 -3.70
C LEU G 694 9.65 -48.52 -4.78
N ILE G 695 8.36 -48.52 -4.45
CA ILE G 695 7.29 -48.66 -5.44
C ILE G 695 7.41 -47.63 -6.55
N ASN G 696 7.24 -46.35 -6.22
CA ASN G 696 7.21 -45.31 -7.25
C ASN G 696 7.87 -44.00 -6.87
N ASP G 697 8.25 -43.80 -5.62
CA ASP G 697 8.60 -42.45 -5.18
C ASP G 697 10.00 -42.09 -5.68
N PRO G 698 10.14 -41.00 -6.46
CA PRO G 698 11.47 -40.68 -7.00
C PRO G 698 12.53 -40.42 -5.94
N TRP G 699 12.15 -39.75 -4.86
CA TRP G 699 13.13 -39.49 -3.81
C TRP G 699 13.60 -40.79 -3.20
N VAL G 700 12.67 -41.70 -2.96
CA VAL G 700 13.02 -43.05 -2.52
C VAL G 700 13.97 -43.68 -3.53
N LEU G 701 13.63 -43.55 -4.81
CA LEU G 701 14.42 -44.16 -5.86
C LEU G 701 15.83 -43.61 -5.88
N LEU G 702 15.96 -42.31 -5.64
CA LEU G 702 17.27 -41.69 -5.73
C LEU G 702 18.10 -42.04 -4.51
N ASN G 703 17.45 -42.18 -3.36
CA ASN G 703 18.16 -42.67 -2.20
C ASN G 703 18.63 -44.09 -2.45
N ALA G 704 17.90 -44.83 -3.29
CA ALA G 704 18.28 -46.20 -3.58
C ALA G 704 19.43 -46.26 -4.56
N SER G 705 19.40 -45.45 -5.61
CA SER G 705 20.55 -45.39 -6.51
C SER G 705 21.77 -44.88 -5.78
N TRP G 706 21.57 -43.99 -4.81
CA TRP G 706 22.67 -43.50 -4.01
C TRP G 706 23.24 -44.61 -3.16
N PHE G 707 22.36 -45.38 -2.53
CA PHE G 707 22.78 -46.59 -1.83
C PHE G 707 23.62 -47.47 -2.74
N ASN G 708 23.14 -47.68 -3.97
CA ASN G 708 23.84 -48.57 -4.90
C ASN G 708 25.25 -48.07 -5.18
N SER G 709 25.36 -46.83 -5.63
CA SER G 709 26.67 -46.29 -5.96
C SER G 709 27.55 -46.19 -4.72
N PHE G 710 26.93 -46.09 -3.55
CA PHE G 710 27.69 -46.11 -2.31
C PHE G 710 28.31 -47.48 -2.10
N LEU G 711 27.51 -48.53 -2.27
CA LEU G 711 28.04 -49.89 -2.19
C LEU G 711 29.21 -50.05 -3.14
N THR G 712 29.07 -49.51 -4.35
CA THR G 712 30.09 -49.73 -5.36
C THR G 712 31.37 -48.99 -5.02
N HIS G 713 31.27 -47.73 -4.61
CA HIS G 713 32.47 -46.93 -4.37
C HIS G 713 33.07 -47.24 -3.02
N ALA G 714 32.25 -47.54 -2.02
CA ALA G 714 32.76 -48.13 -0.79
C ALA G 714 33.44 -49.44 -1.07
N LEU G 715 32.90 -50.22 -2.00
CA LEU G 715 33.17 -51.65 -2.15
C LEU G 715 32.85 -52.41 -0.87
N ARG G 716 31.99 -51.84 -0.02
CA ARG G 716 31.67 -52.38 1.29
C ARG G 716 32.92 -52.58 2.12
N MET H 1 27.97 -32.36 -12.56
CA MET H 1 28.32 -33.07 -11.29
C MET H 1 27.07 -33.60 -10.59
N ASP H 2 27.21 -34.80 -10.04
CA ASP H 2 26.18 -35.42 -9.22
C ASP H 2 26.53 -35.24 -7.74
N VAL H 3 25.55 -35.51 -6.89
CA VAL H 3 25.65 -35.27 -5.45
C VAL H 3 25.04 -36.44 -4.70
N ASN H 4 25.51 -36.64 -3.47
CA ASN H 4 25.05 -37.77 -2.65
C ASN H 4 25.36 -37.55 -1.17
N PRO H 5 24.40 -37.67 -0.26
CA PRO H 5 24.75 -37.73 1.17
C PRO H 5 25.18 -39.11 1.63
N THR H 6 25.06 -40.11 0.78
CA THR H 6 25.42 -41.44 1.20
C THR H 6 26.92 -41.60 1.39
N LEU H 7 27.72 -40.77 0.73
CA LEU H 7 29.17 -40.92 0.81
C LEU H 7 29.76 -40.18 2.01
N LEU H 8 29.14 -39.09 2.48
CA LEU H 8 29.44 -38.68 3.85
C LEU H 8 29.09 -39.78 4.81
N PHE H 9 28.05 -40.56 4.51
CA PHE H 9 27.76 -41.69 5.37
C PHE H 9 28.72 -42.85 5.14
N LEU H 10 29.43 -42.88 4.01
CA LEU H 10 30.47 -43.87 3.78
C LEU H 10 31.57 -43.67 4.79
N LYS H 11 32.23 -42.51 4.73
CA LYS H 11 33.38 -42.30 5.60
C LYS H 11 32.96 -42.26 7.06
N VAL H 12 31.94 -41.48 7.37
CA VAL H 12 31.59 -41.17 8.76
C VAL H 12 31.17 -42.45 9.47
N PRO H 13 31.39 -42.60 10.78
CA PRO H 13 30.87 -43.78 11.46
C PRO H 13 29.35 -43.80 11.41
N ALA H 14 28.81 -45.00 11.28
CA ALA H 14 27.39 -45.14 11.00
C ALA H 14 26.56 -44.73 12.20
N GLN H 15 26.96 -45.16 13.39
CA GLN H 15 26.14 -44.94 14.57
C GLN H 15 26.08 -43.46 14.94
N ASN H 16 27.17 -42.73 14.69
CA ASN H 16 27.17 -41.30 14.99
C ASN H 16 26.31 -40.55 13.99
N ALA H 17 26.45 -40.87 12.71
CA ALA H 17 25.69 -40.26 11.63
C ALA H 17 24.36 -40.98 11.40
N ILE H 18 23.95 -41.83 12.32
CA ILE H 18 22.78 -42.68 12.11
C ILE H 18 21.53 -41.84 11.93
N SER H 19 21.51 -40.63 12.50
CA SER H 19 20.33 -39.80 12.43
C SER H 19 20.01 -39.42 10.99
N THR H 20 21.00 -39.48 10.11
CA THR H 20 20.75 -39.23 8.69
C THR H 20 19.82 -40.28 8.11
N THR H 21 19.75 -41.46 8.73
CA THR H 21 18.72 -42.44 8.37
C THR H 21 17.50 -42.29 9.26
N PHE H 22 17.36 -41.15 9.92
CA PHE H 22 16.15 -40.84 10.66
C PHE H 22 15.40 -39.76 9.89
N PRO H 23 14.63 -40.12 8.87
CA PRO H 23 14.07 -39.09 7.98
C PRO H 23 12.85 -38.42 8.54
N TYR H 24 12.45 -38.78 9.75
CA TYR H 24 11.18 -38.30 10.31
C TYR H 24 11.33 -36.86 10.76
N THR H 25 11.26 -35.98 9.77
CA THR H 25 11.19 -34.54 9.98
C THR H 25 9.94 -33.98 9.28
N GLY H 26 8.99 -34.86 8.95
CA GLY H 26 7.79 -34.50 8.23
C GLY H 26 6.65 -35.37 8.72
N ASP H 27 5.44 -35.05 8.28
CA ASP H 27 4.26 -35.77 8.74
C ASP H 27 4.34 -37.27 8.48
N PRO H 28 3.95 -38.09 9.48
CA PRO H 28 3.89 -39.54 9.29
C PRO H 28 2.80 -39.92 8.29
N PRO H 29 2.95 -41.08 7.64
CA PRO H 29 1.98 -41.41 6.58
C PRO H 29 0.51 -41.57 6.99
N TYR H 30 0.23 -42.25 8.10
CA TYR H 30 -1.14 -42.50 8.66
C TYR H 30 -1.96 -43.53 7.83
N SER H 31 -3.19 -43.83 8.25
CA SER H 31 -4.04 -44.73 7.48
C SER H 31 -5.33 -44.00 7.12
N HIS H 32 -5.48 -43.57 5.87
CA HIS H 32 -6.69 -42.87 5.46
C HIS H 32 -7.87 -43.82 5.55
N GLY H 33 -7.65 -45.04 5.10
CA GLY H 33 -8.66 -46.08 5.09
C GLY H 33 -8.86 -46.78 6.42
N THR H 34 -10.02 -47.42 6.57
CA THR H 34 -10.34 -48.19 7.76
C THR H 34 -9.35 -49.34 7.88
N GLY H 35 -8.72 -49.42 9.06
CA GLY H 35 -7.72 -50.41 9.47
C GLY H 35 -8.22 -51.84 9.43
N THR H 36 -9.54 -52.02 9.29
CA THR H 36 -10.17 -53.33 9.40
C THR H 36 -9.49 -54.38 8.52
N GLY H 37 -9.04 -53.99 7.32
CA GLY H 37 -8.29 -54.93 6.52
C GLY H 37 -6.99 -55.34 7.17
N TYR H 38 -6.25 -54.38 7.73
CA TYR H 38 -5.02 -54.70 8.44
C TYR H 38 -5.30 -55.54 9.66
N THR H 39 -6.42 -55.28 10.34
CA THR H 39 -6.83 -56.08 11.48
C THR H 39 -7.04 -57.52 11.08
N MET H 40 -7.83 -57.72 10.02
CA MET H 40 -8.10 -59.05 9.51
C MET H 40 -6.80 -59.75 9.14
N ASP H 41 -5.86 -59.02 8.57
CA ASP H 41 -4.61 -59.65 8.17
C ASP H 41 -3.78 -60.05 9.40
N THR H 42 -3.78 -59.20 10.44
CA THR H 42 -3.06 -59.54 11.65
C THR H 42 -3.66 -60.78 12.30
N VAL H 43 -4.99 -60.85 12.36
CA VAL H 43 -5.65 -61.98 12.98
C VAL H 43 -5.39 -63.24 12.17
N ASN H 44 -5.48 -63.12 10.84
CA ASN H 44 -5.14 -64.22 9.95
C ASN H 44 -3.72 -64.70 10.20
N ARG H 45 -2.81 -63.77 10.41
CA ARG H 45 -1.40 -64.13 10.56
C ARG H 45 -1.18 -64.86 11.88
N THR H 46 -1.74 -64.35 12.97
CA THR H 46 -1.51 -65.00 14.26
C THR H 46 -2.21 -66.36 14.32
N HIS H 47 -3.42 -66.47 13.75
CA HIS H 47 -4.09 -67.76 13.76
C HIS H 47 -3.40 -68.75 12.83
N GLN H 48 -2.72 -68.24 11.81
CA GLN H 48 -1.85 -69.09 11.01
C GLN H 48 -0.60 -69.49 11.80
N TYR H 49 -0.14 -68.62 12.69
CA TYR H 49 1.06 -68.91 13.46
C TYR H 49 0.80 -70.06 14.44
N SER H 50 -0.44 -70.21 14.88
CA SER H 50 -0.83 -71.23 15.85
C SER H 50 -1.75 -72.28 15.26
N GLU H 51 -1.69 -72.50 13.94
CA GLU H 51 -2.62 -73.42 13.30
C GLU H 51 -2.44 -74.84 13.81
N LYS H 52 -1.22 -75.22 14.18
CA LYS H 52 -1.00 -76.53 14.79
C LYS H 52 -1.75 -76.64 16.10
N GLY H 53 -1.86 -75.53 16.83
CA GLY H 53 -2.56 -75.57 18.11
C GLY H 53 -4.03 -75.86 17.93
N LYS H 54 -4.55 -76.72 18.79
CA LYS H 54 -5.97 -77.00 18.83
C LYS H 54 -6.71 -75.82 19.43
N TRP H 55 -8.00 -75.76 19.14
CA TRP H 55 -8.90 -74.80 19.74
C TRP H 55 -10.16 -75.52 20.20
N THR H 56 -10.79 -75.00 21.25
CA THR H 56 -12.09 -75.45 21.71
C THR H 56 -12.96 -74.23 21.99
N THR H 57 -14.24 -74.35 21.71
CA THR H 57 -15.13 -73.21 21.87
C THR H 57 -15.29 -72.86 23.35
N ASN H 58 -15.38 -71.57 23.62
CA ASN H 58 -15.60 -71.11 24.99
C ASN H 58 -17.09 -71.18 25.32
N THR H 59 -17.38 -71.42 26.60
CA THR H 59 -18.76 -71.51 27.04
C THR H 59 -19.41 -70.13 27.03
N GLU H 60 -20.65 -70.08 26.55
CA GLU H 60 -21.51 -68.90 26.55
C GLU H 60 -21.12 -67.86 25.52
N THR H 61 -20.01 -68.05 24.81
CA THR H 61 -19.53 -67.10 23.81
C THR H 61 -19.87 -67.51 22.40
N GLY H 62 -19.78 -68.80 22.10
CA GLY H 62 -19.92 -69.29 20.74
C GLY H 62 -18.66 -69.18 19.93
N ALA H 63 -17.53 -68.87 20.56
CA ALA H 63 -16.35 -68.39 19.87
C ALA H 63 -15.22 -69.42 19.95
N PRO H 64 -14.57 -69.78 18.84
CA PRO H 64 -13.36 -70.59 18.97
C PRO H 64 -12.24 -69.80 19.61
N GLN H 65 -11.61 -70.40 20.62
CA GLN H 65 -10.42 -69.86 21.24
C GLN H 65 -9.32 -70.92 21.15
N LEU H 66 -8.16 -70.50 20.68
CA LEU H 66 -7.02 -71.38 20.46
C LEU H 66 -6.04 -71.26 21.62
N ASN H 67 -5.55 -72.40 22.09
CA ASN H 67 -4.57 -72.47 23.17
C ASN H 67 -3.29 -73.07 22.62
N PRO H 68 -2.30 -72.28 22.22
CA PRO H 68 -1.13 -72.87 21.57
C PRO H 68 -0.28 -73.69 22.53
N ILE H 69 -0.34 -73.36 23.81
CA ILE H 69 0.59 -73.97 24.77
C ILE H 69 0.25 -75.45 24.90
N ASP H 70 1.29 -76.25 25.14
CA ASP H 70 1.28 -77.71 25.01
C ASP H 70 1.04 -78.17 23.57
N GLY H 71 1.13 -77.27 22.60
CA GLY H 71 1.16 -77.68 21.23
C GLY H 71 2.46 -78.38 20.90
N PRO H 72 2.59 -78.83 19.67
CA PRO H 72 3.81 -79.53 19.27
C PRO H 72 4.99 -78.59 19.23
N LEU H 73 6.16 -79.18 19.03
CA LEU H 73 7.32 -78.37 18.71
C LEU H 73 7.22 -77.94 17.25
N PRO H 74 7.64 -76.72 16.93
CA PRO H 74 7.50 -76.24 15.55
C PRO H 74 8.31 -77.08 14.59
N GLU H 75 7.94 -77.00 13.31
CA GLU H 75 8.59 -77.83 12.30
C GLU H 75 9.72 -77.08 11.62
N ASP H 76 9.49 -75.81 11.29
CA ASP H 76 10.36 -75.03 10.42
C ASP H 76 10.75 -73.74 11.14
N ASN H 77 11.83 -73.14 10.65
CA ASN H 77 12.33 -71.91 11.24
C ASN H 77 11.38 -70.73 11.07
N GLU H 78 10.40 -70.84 10.17
CA GLU H 78 9.36 -69.84 10.10
C GLU H 78 8.72 -69.70 11.47
N PRO H 79 8.44 -68.48 11.95
CA PRO H 79 8.07 -68.33 13.36
C PRO H 79 6.73 -68.98 13.66
N SER H 80 6.49 -69.26 14.94
CA SER H 80 5.25 -69.86 15.42
C SER H 80 5.23 -69.79 16.93
N GLY H 81 4.09 -69.40 17.48
CA GLY H 81 3.97 -69.18 18.90
C GLY H 81 3.70 -70.44 19.70
N TYR H 82 4.60 -71.42 19.57
CA TYR H 82 4.51 -72.68 20.29
C TYR H 82 5.45 -72.65 21.48
N ALA H 83 4.90 -72.94 22.67
CA ALA H 83 5.68 -72.90 23.89
C ALA H 83 5.18 -73.99 24.83
N GLN H 84 5.89 -74.11 25.96
CA GLN H 84 5.58 -75.09 26.99
C GLN H 84 5.67 -74.38 28.33
N THR H 85 4.62 -74.51 29.15
CA THR H 85 4.55 -73.78 30.41
C THR H 85 5.70 -74.14 31.34
N ASP H 86 6.20 -75.38 31.25
CA ASP H 86 7.26 -75.81 32.14
C ASP H 86 8.50 -74.96 31.97
N CYS H 87 8.78 -74.57 30.72
CA CYS H 87 9.90 -73.67 30.46
C CYS H 87 9.72 -72.38 31.24
N VAL H 88 8.50 -71.85 31.22
CA VAL H 88 8.23 -70.59 31.89
C VAL H 88 8.45 -70.74 33.39
N LEU H 89 7.95 -71.84 33.94
CA LEU H 89 8.04 -72.01 35.39
C LEU H 89 9.47 -72.21 35.84
N GLU H 90 10.24 -73.02 35.12
CA GLU H 90 11.63 -73.22 35.52
C GLU H 90 12.42 -71.93 35.32
N ALA H 91 12.04 -71.13 34.31
CA ALA H 91 12.68 -69.84 34.13
C ALA H 91 12.46 -68.95 35.35
N MET H 92 11.20 -68.82 35.77
CA MET H 92 10.92 -67.98 36.93
C MET H 92 11.57 -68.54 38.19
N ALA H 93 11.70 -69.87 38.27
CA ALA H 93 12.32 -70.47 39.44
C ALA H 93 13.79 -70.10 39.49
N PHE H 94 14.49 -70.23 38.37
CA PHE H 94 15.88 -69.80 38.31
C PHE H 94 16.00 -68.31 38.59
N LEU H 95 15.00 -67.53 38.18
CA LEU H 95 15.03 -66.10 38.42
C LEU H 95 15.00 -65.80 39.92
N GLU H 96 13.99 -66.35 40.61
CA GLU H 96 13.87 -66.10 42.04
C GLU H 96 15.07 -66.67 42.80
N GLU H 97 15.61 -67.79 42.33
CA GLU H 97 16.83 -68.31 42.94
C GLU H 97 17.98 -67.32 42.74
N SER H 98 18.02 -66.66 41.59
CA SER H 98 19.06 -65.67 41.35
C SER H 98 18.82 -64.42 42.19
N HIS H 99 17.58 -63.95 42.23
CA HIS H 99 17.20 -62.70 42.89
C HIS H 99 16.31 -63.06 44.08
N PRO H 100 16.89 -63.47 45.20
CA PRO H 100 16.07 -63.87 46.35
C PRO H 100 15.43 -62.67 47.04
N GLY H 101 14.21 -62.88 47.53
CA GLY H 101 13.49 -61.86 48.27
C GLY H 101 12.86 -60.78 47.41
N ILE H 102 13.20 -60.71 46.13
CA ILE H 102 12.68 -59.66 45.26
C ILE H 102 11.18 -59.84 45.05
N PHE H 103 10.74 -61.09 44.91
CA PHE H 103 9.34 -61.35 44.63
C PHE H 103 8.47 -60.92 45.80
N GLU H 104 8.83 -61.32 47.02
CA GLU H 104 8.01 -60.99 48.18
C GLU H 104 7.98 -59.50 48.44
N ASN H 105 9.11 -58.82 48.21
CA ASN H 105 9.14 -57.38 48.44
C ASN H 105 8.25 -56.65 47.45
N SER H 106 8.34 -57.01 46.17
CA SER H 106 7.45 -56.41 45.19
C SER H 106 6.00 -56.76 45.49
N CYS H 107 5.76 -57.96 46.00
CA CYS H 107 4.40 -58.35 46.37
C CYS H 107 3.86 -57.48 47.51
N LEU H 108 4.70 -57.19 48.51
CA LEU H 108 4.27 -56.35 49.61
C LEU H 108 4.01 -54.93 49.13
N GLU H 109 4.84 -54.45 48.19
CA GLU H 109 4.59 -53.14 47.61
C GLU H 109 3.25 -53.14 46.87
N THR H 110 2.90 -54.25 46.24
CA THR H 110 1.60 -54.33 45.59
C THR H 110 0.49 -54.34 46.62
N MET H 111 0.70 -54.99 47.75
CA MET H 111 -0.30 -55.01 48.81
C MET H 111 -0.56 -53.60 49.33
N GLU H 112 0.50 -52.87 49.66
CA GLU H 112 0.31 -51.55 50.23
C GLU H 112 -0.29 -50.60 49.20
N VAL H 113 0.07 -50.73 47.93
CA VAL H 113 -0.51 -49.82 46.94
C VAL H 113 -1.98 -50.13 46.73
N VAL H 114 -2.36 -51.42 46.65
CA VAL H 114 -3.77 -51.72 46.46
C VAL H 114 -4.58 -51.28 47.67
N GLN H 115 -3.96 -51.30 48.85
CA GLN H 115 -4.68 -50.83 50.02
C GLN H 115 -4.80 -49.31 50.02
N GLN H 116 -3.80 -48.62 49.47
CA GLN H 116 -3.82 -47.15 49.49
C GLN H 116 -4.44 -46.57 48.23
N THR H 117 -4.48 -47.34 47.14
CA THR H 117 -4.92 -46.81 45.85
C THR H 117 -6.35 -46.29 45.91
N ARG H 118 -6.73 -45.52 44.89
CA ARG H 118 -8.07 -44.98 44.81
C ARG H 118 -8.45 -44.84 43.35
N VAL H 119 -9.77 -44.93 43.10
CA VAL H 119 -10.32 -44.86 41.75
C VAL H 119 -9.96 -43.57 41.04
N ASP H 120 -9.65 -42.51 41.77
CA ASP H 120 -9.45 -41.19 41.18
C ASP H 120 -8.29 -41.15 40.19
N ARG H 121 -7.37 -42.11 40.23
CA ARG H 121 -6.18 -42.02 39.39
C ARG H 121 -6.43 -42.54 37.98
N LEU H 122 -7.21 -43.61 37.83
CA LEU H 122 -7.32 -44.26 36.53
C LEU H 122 -7.98 -43.36 35.50
N THR H 123 -8.90 -42.51 35.92
CA THR H 123 -9.70 -41.73 34.98
C THR H 123 -8.87 -40.73 34.18
N GLN H 124 -7.64 -40.45 34.61
CA GLN H 124 -6.74 -39.57 33.86
C GLN H 124 -5.99 -40.41 32.83
N GLY H 125 -6.77 -40.98 31.90
CA GLY H 125 -6.23 -41.70 30.77
C GLY H 125 -6.64 -41.03 29.47
N ARG H 126 -6.35 -41.71 28.37
CA ARG H 126 -6.66 -41.23 27.03
C ARG H 126 -7.34 -42.35 26.26
N GLN H 127 -8.58 -42.10 25.86
CA GLN H 127 -9.31 -42.96 24.94
C GLN H 127 -9.37 -44.40 25.44
N THR H 128 -9.99 -44.55 26.59
CA THR H 128 -10.51 -45.85 26.99
C THR H 128 -11.81 -46.13 26.22
N TYR H 129 -12.05 -47.40 25.93
CA TYR H 129 -13.21 -47.75 25.12
C TYR H 129 -14.46 -47.85 25.99
N ASP H 130 -15.46 -47.05 25.66
CA ASP H 130 -16.78 -47.17 26.28
C ASP H 130 -17.60 -48.22 25.54
N TRP H 131 -18.55 -48.80 26.25
CA TRP H 131 -19.39 -49.87 25.71
C TRP H 131 -20.78 -49.40 25.33
N THR H 132 -21.27 -48.30 25.91
CA THR H 132 -22.60 -47.80 25.56
C THR H 132 -22.67 -47.39 24.09
N LEU H 133 -21.93 -46.34 23.72
CA LEU H 133 -21.93 -45.89 22.34
C LEU H 133 -21.20 -46.85 21.41
N ASN H 134 -20.47 -47.82 21.95
CA ASN H 134 -19.71 -48.77 21.14
C ASN H 134 -18.70 -48.02 20.26
N ARG H 135 -17.84 -47.26 20.93
CA ARG H 135 -16.86 -46.41 20.27
C ARG H 135 -15.91 -45.90 21.34
N ASN H 136 -14.67 -45.65 20.94
CA ASN H 136 -13.68 -45.16 21.88
C ASN H 136 -13.96 -43.71 22.23
N GLN H 137 -13.96 -43.41 23.52
CA GLN H 137 -14.28 -42.08 24.05
C GLN H 137 -13.33 -41.73 25.18
N PRO H 138 -13.36 -40.49 25.69
CA PRO H 138 -12.48 -40.13 26.82
C PRO H 138 -12.71 -40.96 28.07
N ALA H 139 -11.86 -40.76 29.08
CA ALA H 139 -11.88 -41.57 30.29
C ALA H 139 -12.75 -40.99 31.39
N ALA H 140 -12.87 -39.66 31.47
CA ALA H 140 -13.74 -39.07 32.48
C ALA H 140 -15.20 -39.43 32.21
N THR H 141 -15.65 -39.24 30.97
CA THR H 141 -16.96 -39.70 30.57
C THR H 141 -17.11 -41.20 30.79
N ALA H 142 -16.02 -41.95 30.61
CA ALA H 142 -16.08 -43.39 30.82
C ALA H 142 -16.36 -43.71 32.29
N LEU H 143 -15.65 -43.04 33.19
CA LEU H 143 -15.84 -43.28 34.61
C LEU H 143 -17.25 -42.88 35.03
N ALA H 144 -17.72 -41.72 34.56
CA ALA H 144 -19.10 -41.32 34.83
C ALA H 144 -20.08 -42.37 34.33
N ASN H 145 -19.85 -42.89 33.13
CA ASN H 145 -20.73 -43.90 32.55
C ASN H 145 -20.79 -45.14 33.43
N THR H 146 -19.64 -45.67 33.81
CA THR H 146 -19.66 -46.93 34.54
C THR H 146 -20.23 -46.74 35.95
N ILE H 147 -19.93 -45.61 36.60
CA ILE H 147 -20.45 -45.42 37.95
C ILE H 147 -21.96 -45.23 37.93
N GLU H 148 -22.48 -44.56 36.88
CA GLU H 148 -23.93 -44.41 36.81
C GLU H 148 -24.61 -45.73 36.50
N VAL H 149 -24.06 -46.51 35.56
CA VAL H 149 -24.64 -47.83 35.27
C VAL H 149 -24.56 -48.72 36.50
N PHE H 150 -23.53 -48.53 37.32
CA PHE H 150 -23.39 -49.31 38.54
C PHE H 150 -24.39 -48.86 39.59
N ARG H 151 -24.64 -47.56 39.68
CA ARG H 151 -25.72 -47.06 40.51
C ARG H 151 -27.05 -47.69 40.10
N SER H 152 -27.25 -47.89 38.80
CA SER H 152 -28.41 -48.64 38.35
C SER H 152 -28.31 -50.10 38.76
N ASN H 153 -27.10 -50.66 38.75
CA ASN H 153 -26.92 -52.04 39.18
C ASN H 153 -27.13 -52.14 40.69
N GLY H 154 -27.21 -53.38 41.15
CA GLY H 154 -27.37 -53.64 42.58
C GLY H 154 -26.15 -53.39 43.43
N LEU H 155 -25.01 -53.07 42.82
CA LEU H 155 -23.78 -52.85 43.56
C LEU H 155 -23.65 -51.38 43.97
N THR H 156 -22.73 -51.13 44.91
CA THR H 156 -22.63 -49.83 45.57
C THR H 156 -21.17 -49.40 45.75
N ALA H 157 -20.27 -49.88 44.91
CA ALA H 157 -18.85 -49.62 45.13
C ALA H 157 -18.43 -48.25 44.63
N ASN H 158 -19.14 -47.69 43.64
CA ASN H 158 -18.85 -46.33 43.19
C ASN H 158 -18.99 -45.32 44.32
N GLU H 159 -19.85 -45.62 45.30
CA GLU H 159 -19.96 -44.75 46.47
C GLU H 159 -18.81 -45.01 47.45
N SER H 160 -18.20 -46.20 47.40
CA SER H 160 -17.17 -46.55 48.36
C SER H 160 -15.95 -45.64 48.23
N GLY H 161 -15.57 -45.31 47.00
CA GLY H 161 -14.38 -44.53 46.75
C GLY H 161 -13.11 -45.35 46.59
N ARG H 162 -13.05 -46.51 47.23
CA ARG H 162 -11.95 -47.44 47.01
C ARG H 162 -12.07 -48.08 45.63
N LEU H 163 -11.09 -48.94 45.32
CA LEU H 163 -10.89 -49.40 43.95
C LEU H 163 -10.99 -50.90 43.77
N ILE H 164 -10.53 -51.70 44.73
CA ILE H 164 -10.54 -53.14 44.52
C ILE H 164 -11.93 -53.68 44.76
N ASP H 165 -12.64 -53.13 45.74
CA ASP H 165 -14.08 -53.38 45.85
C ASP H 165 -14.79 -52.96 44.59
N PHE H 166 -14.35 -51.86 43.96
CA PHE H 166 -14.96 -51.43 42.71
C PHE H 166 -14.76 -52.48 41.63
N LEU H 167 -13.52 -52.98 41.47
CA LEU H 167 -13.26 -54.03 40.50
C LEU H 167 -14.06 -55.28 40.83
N LYS H 168 -14.19 -55.60 42.11
CA LYS H 168 -14.91 -56.79 42.53
C LYS H 168 -16.39 -56.68 42.15
N ASP H 169 -16.99 -55.51 42.36
CA ASP H 169 -18.40 -55.34 42.07
C ASP H 169 -18.64 -55.19 40.56
N VAL H 170 -17.64 -54.64 39.85
CA VAL H 170 -17.64 -54.74 38.39
C VAL H 170 -17.78 -56.19 38.00
N MET H 171 -17.00 -57.05 38.65
CA MET H 171 -17.03 -58.47 38.32
C MET H 171 -18.37 -59.08 38.69
N GLU H 172 -18.92 -58.71 39.84
CA GLU H 172 -20.18 -59.27 40.30
C GLU H 172 -21.31 -58.96 39.33
N SER H 173 -21.54 -57.68 39.04
CA SER H 173 -22.57 -57.34 38.07
C SER H 173 -22.21 -57.79 36.67
N MET H 174 -20.91 -57.96 36.38
CA MET H 174 -20.51 -58.53 35.10
C MET H 174 -20.99 -59.96 34.98
N ASP H 175 -21.10 -60.66 36.11
CA ASP H 175 -21.67 -62.00 36.12
C ASP H 175 -23.20 -61.99 36.07
N LYS H 176 -23.84 -60.82 36.20
CA LYS H 176 -25.28 -60.74 36.09
C LYS H 176 -25.73 -61.05 34.67
N GLU H 177 -26.98 -61.51 34.55
CA GLU H 177 -27.54 -61.90 33.26
C GLU H 177 -28.27 -60.77 32.55
N GLU H 178 -28.27 -59.56 33.11
CA GLU H 178 -29.00 -58.44 32.53
C GLU H 178 -28.57 -57.18 33.25
N MET H 179 -28.59 -56.06 32.52
CA MET H 179 -28.17 -54.77 33.06
C MET H 179 -29.31 -53.78 33.03
N ARG H 211 -29.64 -53.55 29.96
CA ARG H 211 -30.69 -54.18 29.16
C ARG H 211 -30.07 -55.15 28.17
N VAL H 212 -29.05 -55.87 28.63
CA VAL H 212 -28.19 -56.66 27.75
C VAL H 212 -27.94 -58.01 28.40
N ASN H 213 -28.29 -59.08 27.69
CA ASN H 213 -28.20 -60.43 28.23
C ASN H 213 -26.75 -60.81 28.53
N LYS H 214 -26.59 -61.95 29.19
CA LYS H 214 -25.28 -62.35 29.73
C LYS H 214 -24.27 -62.59 28.62
N ARG H 215 -24.65 -63.35 27.59
CA ARG H 215 -23.71 -63.66 26.51
C ARG H 215 -23.34 -62.41 25.74
N SER H 216 -24.34 -61.64 25.33
CA SER H 216 -24.06 -60.38 24.64
C SER H 216 -23.26 -59.45 25.53
N TYR H 217 -23.50 -59.47 26.84
CA TYR H 217 -22.79 -58.55 27.72
C TYR H 217 -21.34 -58.96 27.91
N LEU H 218 -21.06 -60.27 28.00
CA LEU H 218 -19.68 -60.69 28.14
C LEU H 218 -18.92 -60.49 26.85
N ILE H 219 -19.60 -60.58 25.71
CA ILE H 219 -18.93 -60.23 24.46
C ILE H 219 -18.70 -58.73 24.38
N ARG H 220 -19.60 -57.93 24.98
CA ARG H 220 -19.48 -56.48 24.92
C ARG H 220 -18.44 -55.94 25.90
N ALA H 221 -18.22 -56.63 27.01
CA ALA H 221 -17.25 -56.18 27.99
C ALA H 221 -15.84 -56.53 27.56
N LEU H 222 -15.66 -57.73 27.01
CA LEU H 222 -14.36 -58.15 26.50
C LEU H 222 -14.00 -57.49 25.18
N THR H 223 -14.89 -56.70 24.60
CA THR H 223 -14.65 -56.15 23.28
C THR H 223 -13.54 -55.10 23.33
N LEU H 224 -12.77 -55.05 22.24
CA LEU H 224 -11.59 -54.18 22.15
C LEU H 224 -11.56 -53.56 20.77
N ASN H 225 -11.66 -52.24 20.71
CA ASN H 225 -11.66 -51.50 19.46
C ASN H 225 -10.41 -51.80 18.65
N THR H 226 -10.51 -51.63 17.33
CA THR H 226 -9.43 -51.97 16.42
C THR H 226 -8.51 -50.77 16.16
N MET H 227 -9.05 -49.69 15.60
CA MET H 227 -8.45 -48.35 15.70
C MET H 227 -7.02 -48.33 15.15
N THR H 228 -6.94 -48.36 13.82
CA THR H 228 -5.68 -48.42 13.07
C THR H 228 -4.58 -47.55 13.66
N LYS H 229 -3.33 -48.02 13.59
CA LYS H 229 -2.24 -47.25 14.16
C LYS H 229 -2.02 -45.99 13.34
N ASP H 230 -1.73 -44.92 14.05
CA ASP H 230 -1.35 -43.65 13.45
C ASP H 230 0.01 -43.26 13.99
N ALA H 231 0.80 -42.63 13.12
CA ALA H 231 2.14 -42.18 13.45
C ALA H 231 3.14 -43.31 13.58
N GLU H 232 2.87 -44.47 13.00
CA GLU H 232 3.85 -45.56 13.01
C GLU H 232 5.00 -45.17 12.10
N ARG H 233 6.10 -44.77 12.71
CA ARG H 233 7.27 -44.30 12.00
C ARG H 233 8.20 -45.49 11.78
N GLY H 234 8.46 -45.80 10.51
CA GLY H 234 9.50 -46.75 10.14
C GLY H 234 8.98 -48.04 9.56
N LYS H 235 7.85 -47.97 8.85
CA LYS H 235 7.26 -49.13 8.22
C LYS H 235 6.69 -48.72 6.87
N LEU H 236 5.97 -49.64 6.25
CA LEU H 236 5.23 -49.42 5.01
C LEU H 236 3.76 -49.73 5.14
N LYS H 237 3.42 -50.83 5.81
CA LYS H 237 2.06 -51.20 6.16
C LYS H 237 1.88 -50.99 7.66
N ARG H 238 0.64 -51.13 8.11
CA ARG H 238 0.24 -50.62 9.41
C ARG H 238 -0.07 -51.75 10.38
N ARG H 239 0.28 -51.51 11.64
CA ARG H 239 0.19 -52.51 12.68
C ARG H 239 -1.21 -52.67 13.25
N ALA H 240 -2.03 -51.63 13.16
CA ALA H 240 -3.40 -51.67 13.68
C ALA H 240 -3.41 -51.92 15.19
N ILE H 241 -2.89 -50.94 15.93
CA ILE H 241 -2.90 -51.01 17.38
C ILE H 241 -4.34 -51.04 17.86
N ALA H 242 -4.68 -52.06 18.61
CA ALA H 242 -5.98 -52.15 19.26
C ALA H 242 -5.83 -51.85 20.74
N THR H 243 -6.85 -51.23 21.31
CA THR H 243 -6.80 -50.65 22.64
C THR H 243 -7.86 -51.26 23.54
N PRO H 244 -7.61 -51.37 24.86
CA PRO H 244 -8.61 -51.98 25.74
C PRO H 244 -9.60 -50.99 26.31
N GLY H 245 -10.54 -51.50 27.11
CA GLY H 245 -11.50 -50.68 27.81
C GLY H 245 -11.10 -50.46 29.26
N MET H 246 -11.88 -49.59 29.90
CA MET H 246 -11.59 -49.17 31.27
C MET H 246 -11.65 -50.33 32.24
N GLN H 247 -12.56 -51.30 32.00
CA GLN H 247 -12.85 -52.30 33.02
C GLN H 247 -11.66 -53.21 33.26
N ILE H 248 -10.92 -53.54 32.20
CA ILE H 248 -9.68 -54.29 32.30
C ILE H 248 -8.51 -53.38 32.66
N ARG H 249 -8.70 -52.05 32.56
CA ARG H 249 -7.59 -51.12 32.71
C ARG H 249 -7.03 -51.15 34.12
N GLY H 250 -7.89 -51.31 35.12
CA GLY H 250 -7.41 -51.34 36.49
C GLY H 250 -6.65 -52.62 36.80
N PHE H 251 -7.10 -53.73 36.22
CA PHE H 251 -6.40 -54.99 36.42
C PHE H 251 -5.00 -54.91 35.83
N VAL H 252 -4.91 -54.40 34.60
CA VAL H 252 -3.59 -54.24 33.99
C VAL H 252 -2.80 -53.19 34.77
N TYR H 253 -3.48 -52.22 35.39
CA TYR H 253 -2.77 -51.22 36.19
C TYR H 253 -2.10 -51.87 37.38
N PHE H 254 -2.84 -52.73 38.10
CA PHE H 254 -2.26 -53.41 39.25
C PHE H 254 -1.11 -54.32 38.84
N VAL H 255 -1.32 -55.12 37.79
CA VAL H 255 -0.27 -56.06 37.42
C VAL H 255 0.94 -55.32 36.86
N GLU H 256 0.72 -54.19 36.18
CA GLU H 256 1.83 -53.40 35.69
C GLU H 256 2.52 -52.67 36.83
N THR H 257 1.80 -52.38 37.91
CA THR H 257 2.47 -51.83 39.09
C THR H 257 3.39 -52.87 39.71
N LEU H 258 2.92 -54.12 39.80
CA LEU H 258 3.79 -55.20 40.22
C LEU H 258 5.00 -55.30 39.31
N ALA H 259 4.76 -55.22 38.00
CA ALA H 259 5.84 -55.34 37.04
C ALA H 259 6.82 -54.18 37.17
N ARG H 260 6.30 -53.00 37.46
CA ARG H 260 7.16 -51.85 37.65
C ARG H 260 8.02 -52.01 38.88
N SER H 261 7.44 -52.55 39.95
CA SER H 261 8.20 -52.79 41.17
C SER H 261 9.29 -53.83 40.92
N ILE H 262 8.91 -54.97 40.36
CA ILE H 262 9.86 -56.07 40.19
C ILE H 262 10.93 -55.69 39.18
N CYS H 263 10.59 -54.90 38.16
CA CYS H 263 11.58 -54.46 37.21
C CYS H 263 12.48 -53.37 37.77
N GLU H 264 11.94 -52.56 38.68
CA GLU H 264 12.77 -51.58 39.37
C GLU H 264 13.81 -52.28 40.22
N LYS H 265 13.42 -53.32 40.93
CA LYS H 265 14.39 -54.12 41.66
C LYS H 265 15.24 -54.99 40.75
N LEU H 266 14.85 -55.16 39.49
CA LEU H 266 15.70 -55.83 38.53
C LEU H 266 16.75 -54.87 38.00
N GLU H 267 17.74 -55.45 37.33
CA GLU H 267 18.84 -54.73 36.72
C GLU H 267 18.89 -54.90 35.22
N GLN H 268 18.04 -55.76 34.65
CA GLN H 268 18.06 -56.07 33.25
C GLN H 268 16.88 -55.47 32.48
N SER H 269 15.90 -54.91 33.16
CA SER H 269 14.81 -54.24 32.48
C SER H 269 15.31 -52.98 31.79
N GLY H 270 14.55 -52.54 30.79
CA GLY H 270 14.87 -51.33 30.05
C GLY H 270 13.74 -50.31 30.04
N LEU H 271 12.50 -50.78 30.23
CA LEU H 271 11.36 -49.87 30.11
C LEU H 271 11.24 -48.94 31.32
N PRO H 272 11.06 -49.44 32.55
CA PRO H 272 10.82 -48.50 33.65
C PRO H 272 12.07 -47.70 33.99
N VAL H 273 13.24 -48.33 33.92
CA VAL H 273 14.48 -47.58 33.97
C VAL H 273 14.51 -46.68 32.75
N GLY H 274 14.92 -45.43 32.95
CA GLY H 274 14.81 -44.44 31.90
C GLY H 274 15.76 -43.29 32.09
N GLY H 275 15.75 -42.40 31.11
CA GLY H 275 16.64 -41.27 31.11
C GLY H 275 18.09 -41.71 31.08
N ASN H 276 18.94 -40.86 31.67
CA ASN H 276 20.37 -41.14 31.67
C ASN H 276 20.71 -42.32 32.57
N GLU H 277 19.85 -42.65 33.53
CA GLU H 277 20.05 -43.88 34.30
C GLU H 277 19.94 -45.11 33.41
N LYS H 278 18.91 -45.16 32.56
CA LYS H 278 18.82 -46.21 31.55
C LYS H 278 20.02 -46.19 30.61
N LYS H 279 20.40 -44.99 30.17
CA LYS H 279 21.57 -44.82 29.32
C LYS H 279 22.80 -45.44 29.96
N ALA H 280 22.94 -45.28 31.27
CA ALA H 280 24.05 -45.88 32.00
C ALA H 280 23.87 -47.36 32.20
N LYS H 281 22.62 -47.83 32.30
CA LYS H 281 22.38 -49.24 32.53
C LYS H 281 22.81 -50.07 31.34
N LEU H 282 22.52 -49.57 30.14
CA LEU H 282 23.02 -50.18 28.92
C LEU H 282 24.53 -50.38 28.98
N ALA H 283 25.25 -49.27 29.18
CA ALA H 283 26.69 -49.30 29.25
C ALA H 283 27.18 -50.20 30.37
N ASN H 284 26.42 -50.29 31.47
CA ASN H 284 26.86 -51.06 32.62
C ASN H 284 26.75 -52.56 32.34
N VAL H 285 25.69 -52.99 31.69
CA VAL H 285 25.57 -54.41 31.41
C VAL H 285 26.61 -54.83 30.39
N VAL H 286 26.86 -53.98 29.38
CA VAL H 286 27.92 -54.36 28.43
C VAL H 286 29.28 -54.33 29.12
N ARG H 287 29.47 -53.43 30.09
CA ARG H 287 30.68 -53.47 30.89
C ARG H 287 30.81 -54.80 31.61
N LYS H 288 29.75 -55.19 32.31
CA LYS H 288 29.77 -56.38 33.16
C LYS H 288 30.06 -57.63 32.37
N MET H 289 29.59 -57.70 31.12
CA MET H 289 29.74 -58.91 30.32
C MET H 289 30.88 -58.84 29.31
N MET H 290 31.37 -57.65 28.98
CA MET H 290 32.44 -57.51 28.00
C MET H 290 33.81 -57.71 28.64
N THR H 291 33.92 -57.45 29.93
CA THR H 291 35.13 -57.80 30.68
C THR H 291 35.45 -59.27 30.47
N ASN H 292 36.58 -59.53 29.83
CA ASN H 292 36.93 -60.86 29.33
C ASN H 292 38.16 -61.33 30.09
N SER H 293 37.92 -61.91 31.25
CA SER H 293 38.96 -62.57 32.01
C SER H 293 39.25 -63.91 31.34
N GLN H 294 40.54 -64.20 31.17
CA GLN H 294 40.98 -65.39 30.44
C GLN H 294 40.41 -65.37 29.03
N ASP H 295 40.66 -64.28 28.31
CA ASP H 295 40.07 -64.09 27.00
C ASP H 295 40.72 -64.98 25.95
N THR H 296 40.53 -66.29 26.09
CA THR H 296 40.87 -67.25 25.04
C THR H 296 39.68 -67.56 24.14
N GLU H 297 38.60 -66.79 24.26
CA GLU H 297 37.34 -67.08 23.59
C GLU H 297 36.88 -65.85 22.83
N LEU H 298 36.44 -66.05 21.60
CA LEU H 298 35.86 -64.97 20.83
C LEU H 298 34.45 -64.69 21.34
N SER H 299 33.95 -63.50 21.01
CA SER H 299 32.70 -63.01 21.58
C SER H 299 31.95 -62.18 20.55
N PHE H 300 30.67 -62.47 20.39
CA PHE H 300 29.75 -61.68 19.58
C PHE H 300 28.59 -61.25 20.45
N THR H 301 27.90 -60.20 20.03
CA THR H 301 26.88 -59.54 20.85
C THR H 301 25.72 -59.13 19.95
N ILE H 302 24.68 -59.98 19.92
CA ILE H 302 23.56 -59.76 19.03
C ILE H 302 22.79 -58.52 19.43
N THR H 303 22.13 -57.90 18.45
CA THR H 303 21.02 -57.00 18.68
C THR H 303 19.89 -57.43 17.76
N GLY H 304 18.81 -56.66 17.76
CA GLY H 304 17.77 -56.85 16.78
C GLY H 304 16.40 -56.46 17.31
N ASP H 305 15.40 -57.12 16.75
CA ASP H 305 14.00 -56.86 17.05
C ASP H 305 13.28 -58.18 16.93
N ASN H 306 12.59 -58.58 18.00
CA ASN H 306 11.91 -59.85 18.04
C ASN H 306 10.55 -59.68 17.36
N THR H 307 10.44 -60.14 16.12
CA THR H 307 9.22 -59.95 15.37
C THR H 307 8.05 -60.62 16.05
N LYS H 308 6.85 -60.12 15.74
CA LYS H 308 5.61 -60.76 16.14
C LYS H 308 5.51 -60.89 17.65
N TRP H 309 6.05 -59.90 18.34
CA TRP H 309 6.03 -59.90 19.80
C TRP H 309 4.60 -59.91 20.32
N ASN H 310 3.76 -59.07 19.75
CA ASN H 310 2.38 -58.97 20.20
C ASN H 310 1.53 -60.13 19.72
N GLU H 311 2.07 -61.01 18.88
CA GLU H 311 1.32 -62.12 18.32
C GLU H 311 1.71 -63.46 18.93
N ASN H 312 3.00 -63.80 18.88
CA ASN H 312 3.42 -65.14 19.28
C ASN H 312 3.40 -65.34 20.79
N GLN H 313 3.35 -64.28 21.57
CA GLN H 313 3.19 -64.43 23.01
C GLN H 313 1.74 -64.82 23.31
N ASN H 314 1.43 -64.97 24.60
CA ASN H 314 0.16 -65.56 25.00
C ASN H 314 -0.15 -65.18 26.43
N PRO H 315 -1.43 -65.09 26.81
CA PRO H 315 -1.74 -64.80 28.22
C PRO H 315 -1.63 -65.99 29.13
N ARG H 316 -1.63 -67.20 28.60
CA ARG H 316 -1.50 -68.39 29.45
C ARG H 316 -0.18 -68.38 30.19
N MET H 317 0.89 -68.07 29.48
CA MET H 317 2.20 -67.96 30.11
C MET H 317 2.20 -66.87 31.15
N PHE H 318 1.47 -65.78 30.87
CA PHE H 318 1.39 -64.68 31.83
C PHE H 318 0.68 -65.13 33.11
N LEU H 319 -0.42 -65.86 32.97
CA LEU H 319 -1.14 -66.34 34.13
C LEU H 319 -0.27 -67.29 34.94
N ALA H 320 0.47 -68.16 34.26
CA ALA H 320 1.35 -69.08 34.95
C ALA H 320 2.43 -68.33 35.72
N MET H 321 3.05 -67.35 35.06
CA MET H 321 4.02 -66.48 35.71
C MET H 321 3.42 -65.83 36.94
N ILE H 322 2.21 -65.29 36.80
CA ILE H 322 1.56 -64.59 37.90
C ILE H 322 1.37 -65.52 39.08
N THR H 323 0.87 -66.72 38.80
CA THR H 323 0.67 -67.70 39.86
C THR H 323 1.98 -68.02 40.56
N TYR H 324 3.07 -68.09 39.81
CA TYR H 324 4.35 -68.39 40.43
C TYR H 324 4.94 -67.20 41.16
N ILE H 325 4.56 -65.98 40.79
CA ILE H 325 5.25 -64.81 41.27
C ILE H 325 4.79 -64.45 42.68
N THR H 326 3.50 -64.59 42.93
CA THR H 326 2.92 -64.27 44.23
C THR H 326 2.75 -65.51 45.11
N LYS H 327 3.73 -66.41 45.05
CA LYS H 327 3.80 -67.54 45.97
C LYS H 327 3.75 -67.07 47.42
N ASN H 328 3.01 -67.80 48.24
CA ASN H 328 2.97 -67.58 49.68
C ASN H 328 2.43 -66.19 50.02
N GLN H 329 1.21 -65.92 49.56
CA GLN H 329 0.61 -64.60 49.68
C GLN H 329 -0.88 -64.71 49.95
N PRO H 330 -1.57 -63.61 50.25
CA PRO H 330 -3.03 -63.67 50.41
C PRO H 330 -3.71 -64.16 49.14
N GLU H 331 -4.56 -65.17 49.29
CA GLU H 331 -5.19 -65.83 48.14
C GLU H 331 -6.01 -64.86 47.31
N TRP H 332 -6.71 -63.94 47.99
CA TRP H 332 -7.50 -62.95 47.28
C TRP H 332 -6.63 -62.08 46.39
N PHE H 333 -5.42 -61.75 46.83
CA PHE H 333 -4.52 -60.99 45.97
C PHE H 333 -4.13 -61.81 44.75
N ARG H 334 -3.87 -63.11 44.93
CA ARG H 334 -3.57 -64.00 43.82
C ARG H 334 -4.68 -63.92 42.79
N ASN H 335 -5.93 -63.95 43.25
CA ASN H 335 -7.05 -63.96 42.31
C ASN H 335 -7.20 -62.62 41.60
N VAL H 336 -7.20 -61.54 42.38
CA VAL H 336 -7.45 -60.22 41.79
C VAL H 336 -6.30 -59.78 40.91
N LEU H 337 -5.15 -60.46 40.95
CA LEU H 337 -4.08 -60.20 39.98
C LEU H 337 -3.99 -61.25 38.89
N SER H 338 -4.64 -62.40 39.05
CA SER H 338 -4.74 -63.36 37.97
C SER H 338 -5.87 -63.05 37.01
N ILE H 339 -6.80 -62.16 37.39
CA ILE H 339 -7.94 -61.90 36.53
C ILE H 339 -7.57 -61.22 35.21
N ALA H 340 -6.39 -60.63 35.08
CA ALA H 340 -6.10 -59.95 33.83
C ALA H 340 -5.76 -60.93 32.72
N PRO H 341 -4.78 -61.84 32.92
CA PRO H 341 -4.44 -62.77 31.84
C PRO H 341 -5.58 -63.68 31.40
N ILE H 342 -6.60 -63.92 32.22
CA ILE H 342 -7.68 -64.80 31.77
C ILE H 342 -8.55 -64.10 30.75
N MET H 343 -8.89 -62.84 31.00
CA MET H 343 -9.69 -62.10 30.04
C MET H 343 -8.84 -61.66 28.86
N PHE H 344 -7.52 -61.60 29.03
CA PHE H 344 -6.66 -61.64 27.85
C PHE H 344 -6.86 -62.94 27.09
N SER H 345 -6.95 -64.05 27.82
CA SER H 345 -7.06 -65.39 27.26
C SER H 345 -8.36 -65.62 26.53
N ASN H 346 -9.33 -64.73 26.66
CA ASN H 346 -10.48 -64.77 25.77
C ASN H 346 -10.93 -63.34 25.51
N LYS H 347 -10.81 -62.92 24.26
CA LYS H 347 -11.15 -61.57 23.85
C LYS H 347 -11.70 -61.58 22.45
N MET H 348 -12.75 -60.80 22.23
CA MET H 348 -13.36 -60.65 20.92
C MET H 348 -13.26 -59.18 20.53
N ALA H 349 -12.15 -58.83 19.89
CA ALA H 349 -12.02 -57.48 19.35
C ALA H 349 -12.93 -57.31 18.16
N ARG H 350 -13.28 -56.06 17.89
CA ARG H 350 -14.11 -55.72 16.75
C ARG H 350 -13.26 -55.83 15.50
N LEU H 351 -13.81 -55.38 14.37
CA LEU H 351 -13.07 -55.26 13.12
C LEU H 351 -12.89 -53.82 12.67
N GLY H 352 -13.79 -52.93 13.04
CA GLY H 352 -13.66 -51.52 12.76
C GLY H 352 -14.96 -50.99 12.17
N LYS H 353 -14.82 -50.08 11.20
CA LYS H 353 -15.99 -49.52 10.54
C LYS H 353 -16.60 -50.53 9.57
N GLY H 354 -15.79 -51.00 8.62
CA GLY H 354 -16.28 -51.76 7.49
C GLY H 354 -15.61 -51.26 6.24
N TYR H 355 -16.33 -51.28 5.12
CA TYR H 355 -15.80 -50.84 3.83
C TYR H 355 -16.71 -49.78 3.26
N MET H 356 -16.34 -49.28 2.08
CA MET H 356 -17.13 -48.31 1.32
C MET H 356 -17.12 -48.74 -0.14
N PHE H 357 -18.14 -49.49 -0.54
CA PHE H 357 -18.21 -49.95 -1.91
C PHE H 357 -18.59 -48.79 -2.82
N GLU H 358 -18.39 -48.98 -4.13
CA GLU H 358 -18.63 -47.91 -5.08
C GLU H 358 -19.01 -48.49 -6.43
N SER H 359 -19.95 -47.82 -7.10
CA SER H 359 -20.30 -48.15 -8.47
C SER H 359 -19.35 -47.44 -9.40
N LYS H 360 -18.95 -48.13 -10.46
CA LYS H 360 -18.06 -47.54 -11.46
C LYS H 360 -18.86 -46.78 -12.50
N SER H 361 -19.84 -47.44 -13.12
CA SER H 361 -20.63 -46.82 -14.18
C SER H 361 -21.58 -45.78 -13.59
N MET H 362 -22.48 -46.22 -12.72
CA MET H 362 -23.46 -45.29 -12.16
C MET H 362 -22.83 -44.30 -11.19
N LYS H 363 -21.63 -44.60 -10.68
CA LYS H 363 -20.87 -43.68 -9.85
C LYS H 363 -21.65 -43.32 -8.58
N LEU H 364 -21.81 -44.33 -7.72
CA LEU H 364 -22.45 -44.16 -6.43
C LEU H 364 -21.80 -45.08 -5.41
N ARG H 365 -21.72 -44.62 -4.16
CA ARG H 365 -20.97 -45.29 -3.12
C ARG H 365 -21.77 -45.35 -1.82
N THR H 366 -21.41 -46.30 -0.97
CA THR H 366 -22.00 -46.42 0.36
C THR H 366 -21.03 -47.13 1.28
N GLN H 367 -21.12 -46.80 2.57
CA GLN H 367 -20.39 -47.53 3.60
C GLN H 367 -21.18 -48.78 3.99
N ILE H 368 -20.46 -49.87 4.17
CA ILE H 368 -21.03 -51.14 4.58
C ILE H 368 -20.44 -51.51 5.94
N PRO H 369 -21.17 -51.29 7.04
CA PRO H 369 -20.71 -51.80 8.32
C PRO H 369 -20.51 -53.31 8.28
N ALA H 370 -19.32 -53.74 8.70
CA ALA H 370 -18.94 -55.14 8.62
C ALA H 370 -19.67 -56.05 9.59
N GLU H 371 -20.58 -55.52 10.41
CA GLU H 371 -21.39 -56.38 11.28
C GLU H 371 -22.18 -57.40 10.46
N MET H 372 -22.53 -57.06 9.22
CA MET H 372 -23.20 -57.98 8.31
C MET H 372 -22.22 -58.78 7.46
N LEU H 373 -20.91 -58.63 7.69
CA LEU H 373 -19.93 -59.27 6.83
C LEU H 373 -20.01 -60.79 6.86
N ALA H 374 -20.56 -61.37 7.93
CA ALA H 374 -20.80 -62.80 7.98
C ALA H 374 -22.05 -63.24 7.23
N SER H 375 -22.64 -62.36 6.41
CA SER H 375 -23.79 -62.67 5.58
C SER H 375 -23.57 -62.38 4.11
N ILE H 376 -22.73 -61.41 3.78
CA ILE H 376 -22.64 -60.91 2.42
C ILE H 376 -21.96 -61.93 1.51
N ASP H 377 -22.33 -61.90 0.23
CA ASP H 377 -21.67 -62.68 -0.79
C ASP H 377 -20.19 -62.30 -0.88
N LEU H 378 -19.45 -63.12 -1.62
CA LEU H 378 -18.01 -63.02 -1.76
C LEU H 378 -17.63 -62.67 -3.20
N LYS H 379 -18.34 -61.70 -3.77
CA LYS H 379 -18.15 -61.27 -5.15
C LYS H 379 -17.94 -59.77 -5.29
N TYR H 380 -18.60 -58.95 -4.47
CA TYR H 380 -18.37 -57.51 -4.52
C TYR H 380 -16.94 -57.12 -4.16
N PHE H 381 -16.21 -57.99 -3.47
CA PHE H 381 -14.96 -57.62 -2.83
C PHE H 381 -13.77 -57.80 -3.76
N ASN H 382 -12.62 -57.34 -3.28
CA ASN H 382 -11.34 -57.60 -3.91
C ASN H 382 -10.85 -59.01 -3.56
N GLU H 383 -10.06 -59.60 -4.46
CA GLU H 383 -9.74 -61.01 -4.34
C GLU H 383 -8.89 -61.32 -3.10
N SER H 384 -7.87 -60.50 -2.84
CA SER H 384 -7.11 -60.65 -1.60
C SER H 384 -8.04 -60.49 -0.40
N THR H 385 -8.89 -59.47 -0.48
CA THR H 385 -9.90 -59.27 0.54
C THR H 385 -10.81 -60.48 0.66
N ARG H 386 -11.24 -61.03 -0.49
CA ARG H 386 -12.14 -62.20 -0.48
C ARG H 386 -11.52 -63.35 0.28
N LYS H 387 -10.29 -63.71 -0.08
CA LYS H 387 -9.65 -64.84 0.59
C LYS H 387 -9.49 -64.57 2.07
N LYS H 388 -9.18 -63.33 2.44
CA LYS H 388 -9.14 -62.99 3.86
C LYS H 388 -10.50 -63.22 4.52
N ILE H 389 -11.59 -62.82 3.86
CA ILE H 389 -12.91 -62.99 4.48
C ILE H 389 -13.19 -64.45 4.73
N GLU H 390 -13.00 -65.30 3.72
CA GLU H 390 -13.29 -66.71 3.92
C GLU H 390 -12.38 -67.32 4.98
N LYS H 391 -11.18 -66.75 5.19
CA LYS H 391 -10.36 -67.22 6.29
C LYS H 391 -10.94 -66.82 7.64
N ILE H 392 -11.54 -65.63 7.73
CA ILE H 392 -12.04 -65.13 9.00
C ILE H 392 -13.53 -65.43 9.20
N ARG H 393 -14.31 -65.47 8.12
CA ARG H 393 -15.75 -65.65 8.17
C ARG H 393 -16.17 -66.83 9.04
N PRO H 394 -15.43 -67.94 9.10
CA PRO H 394 -15.71 -68.93 10.16
C PRO H 394 -15.51 -68.36 11.55
N LEU H 395 -14.53 -67.49 11.72
CA LEU H 395 -14.18 -66.95 13.03
C LEU H 395 -14.86 -65.60 13.25
N LEU H 396 -16.19 -65.61 13.19
CA LEU H 396 -16.96 -64.38 13.39
C LEU H 396 -18.24 -64.71 14.14
N ILE H 397 -18.38 -64.09 15.30
CA ILE H 397 -19.48 -64.35 16.23
C ILE H 397 -19.95 -63.00 16.74
N ASP H 398 -21.19 -62.64 16.42
CA ASP H 398 -21.69 -61.26 16.58
C ASP H 398 -20.93 -60.29 15.68
N GLY H 399 -20.23 -60.79 14.66
CA GLY H 399 -19.47 -59.97 13.75
C GLY H 399 -18.08 -59.61 14.22
N THR H 400 -17.86 -59.55 15.53
CA THR H 400 -16.57 -59.18 16.08
C THR H 400 -15.68 -60.41 16.16
N ALA H 401 -14.45 -60.26 15.71
CA ALA H 401 -13.55 -61.40 15.60
C ALA H 401 -13.08 -61.84 16.97
N SER H 402 -13.05 -63.15 17.17
CA SER H 402 -12.59 -63.74 18.41
C SER H 402 -11.22 -64.38 18.21
N LEU H 403 -10.37 -64.23 19.22
CA LEU H 403 -9.03 -64.78 19.18
C LEU H 403 -8.39 -64.66 20.56
N SER H 404 -7.69 -65.69 20.98
CA SER H 404 -6.75 -65.51 22.08
C SER H 404 -5.61 -66.51 22.02
N PRO H 405 -4.84 -66.58 20.91
CA PRO H 405 -3.51 -67.18 21.00
C PRO H 405 -2.43 -66.13 21.18
N GLY H 406 -2.81 -64.86 21.09
CA GLY H 406 -1.85 -63.79 20.92
C GLY H 406 -2.22 -62.57 21.72
N MET H 407 -1.18 -61.83 22.09
CA MET H 407 -1.32 -60.63 22.90
C MET H 407 -2.04 -59.54 22.11
N MET H 408 -2.62 -58.60 22.84
CA MET H 408 -3.27 -57.46 22.21
C MET H 408 -2.21 -56.49 21.69
N MET H 409 -2.42 -56.00 20.48
CA MET H 409 -1.44 -55.18 19.81
C MET H 409 -1.23 -53.88 20.55
N GLY H 410 0.02 -53.66 21.00
CA GLY H 410 0.46 -52.34 21.41
C GLY H 410 0.16 -51.95 22.84
N MET H 411 0.06 -52.91 23.75
CA MET H 411 -0.08 -52.61 25.17
C MET H 411 1.30 -52.50 25.79
N PHE H 412 1.39 -51.71 26.86
CA PHE H 412 2.66 -51.47 27.56
C PHE H 412 2.80 -52.51 28.66
N ASN H 413 2.79 -53.78 28.24
CA ASN H 413 2.66 -54.87 29.20
C ASN H 413 3.86 -54.95 30.13
N MET H 414 5.05 -55.20 29.59
CA MET H 414 6.33 -55.17 30.29
C MET H 414 6.54 -56.37 31.22
N LEU H 415 5.48 -57.10 31.51
CA LEU H 415 5.62 -58.43 32.06
C LEU H 415 6.15 -59.39 31.01
N SER H 416 5.95 -59.05 29.74
CA SER H 416 6.62 -59.76 28.67
C SER H 416 8.12 -59.55 28.75
N THR H 417 8.57 -58.38 29.20
CA THR H 417 9.99 -58.20 29.45
C THR H 417 10.43 -59.03 30.64
N VAL H 418 9.58 -59.11 31.67
CA VAL H 418 9.89 -59.97 32.80
C VAL H 418 10.03 -61.41 32.34
N LEU H 419 9.27 -61.81 31.32
CA LEU H 419 9.42 -63.13 30.74
C LEU H 419 10.75 -63.25 30.02
N GLY H 420 10.94 -62.42 28.99
CA GLY H 420 12.06 -62.61 28.09
C GLY H 420 13.40 -62.41 28.76
N VAL H 421 13.43 -61.61 29.82
CA VAL H 421 14.68 -61.38 30.53
C VAL H 421 15.12 -62.62 31.27
N SER H 422 14.16 -63.48 31.62
CA SER H 422 14.51 -64.75 32.25
C SER H 422 15.36 -65.60 31.32
N ILE H 423 15.10 -65.50 30.01
CA ILE H 423 15.91 -66.21 29.03
C ILE H 423 17.34 -65.75 29.14
N LEU H 424 17.54 -64.43 29.22
CA LEU H 424 18.86 -63.88 29.36
C LEU H 424 19.48 -64.29 30.69
N ASN H 425 18.64 -64.51 31.70
CA ASN H 425 19.14 -64.96 32.99
C ASN H 425 19.59 -66.41 32.94
N LEU H 426 19.02 -67.21 32.04
CA LEU H 426 19.44 -68.60 31.90
C LEU H 426 20.90 -68.71 31.52
N GLY H 427 21.44 -67.70 30.85
CA GLY H 427 22.84 -67.72 30.47
C GLY H 427 23.78 -67.28 31.58
N GLN H 428 23.41 -67.54 32.82
CA GLN H 428 24.40 -67.60 33.88
C GLN H 428 25.09 -68.96 33.81
N LYS H 429 26.41 -68.93 33.92
CA LYS H 429 27.21 -70.13 33.65
C LYS H 429 26.88 -71.27 34.60
N ARG H 430 26.23 -70.99 35.72
CA ARG H 430 25.77 -72.04 36.61
C ARG H 430 24.70 -72.90 35.95
N TYR H 431 23.96 -72.33 35.00
CA TYR H 431 22.65 -72.83 34.62
C TYR H 431 22.54 -73.20 33.14
N THR H 432 23.23 -72.48 32.27
CA THR H 432 23.48 -73.03 30.94
C THR H 432 24.30 -74.30 31.02
N LYS H 433 25.08 -74.46 32.10
CA LYS H 433 25.85 -75.66 32.41
C LYS H 433 26.68 -76.12 31.22
N THR H 434 27.40 -75.17 30.62
CA THR H 434 28.32 -75.44 29.54
C THR H 434 29.34 -74.31 29.48
N THR H 435 30.15 -74.31 28.42
CA THR H 435 31.22 -73.32 28.31
C THR H 435 30.68 -71.96 27.91
N TYR H 436 29.68 -71.93 27.03
CA TYR H 436 29.14 -70.67 26.53
C TYR H 436 27.96 -70.22 27.36
N TRP H 437 27.60 -68.95 27.20
CA TRP H 437 26.60 -68.36 28.08
C TRP H 437 26.24 -66.96 27.59
N TRP H 438 24.97 -66.59 27.77
CA TRP H 438 24.42 -65.33 27.30
C TRP H 438 24.00 -64.45 28.45
N ASP H 439 23.76 -63.18 28.16
CA ASP H 439 23.24 -62.19 29.09
C ASP H 439 23.07 -60.88 28.34
N GLY H 440 22.23 -60.00 28.88
CA GLY H 440 22.04 -58.70 28.30
C GLY H 440 20.88 -57.91 28.89
N LEU H 441 20.02 -57.39 28.02
CA LEU H 441 18.81 -56.71 28.45
C LEU H 441 17.78 -56.82 27.35
N GLN H 442 16.54 -56.50 27.68
CA GLN H 442 15.44 -56.73 26.75
C GLN H 442 14.24 -55.88 27.14
N SER H 443 13.92 -54.89 26.32
CA SER H 443 12.67 -54.14 26.43
C SER H 443 11.59 -54.89 25.65
N SER H 444 10.45 -54.25 25.43
CA SER H 444 9.24 -54.95 25.01
C SER H 444 9.39 -55.63 23.65
N ASP H 445 10.23 -55.10 22.77
CA ASP H 445 10.42 -55.70 21.45
C ASP H 445 11.88 -55.82 21.05
N ASP H 446 12.77 -54.99 21.57
CA ASP H 446 14.17 -55.06 21.27
C ASP H 446 14.87 -55.99 22.26
N PHE H 447 16.09 -56.37 21.92
CA PHE H 447 16.83 -57.33 22.71
C PHE H 447 18.29 -57.29 22.26
N ALA H 448 19.18 -57.53 23.21
CA ALA H 448 20.61 -57.42 22.95
C ALA H 448 21.34 -58.44 23.81
N LEU H 449 21.64 -59.59 23.24
CA LEU H 449 22.41 -60.61 23.94
C LEU H 449 23.89 -60.29 23.89
N ILE H 450 24.63 -60.93 24.81
CA ILE H 450 26.08 -60.87 24.86
C ILE H 450 26.56 -62.26 25.24
N VAL H 451 27.33 -62.89 24.35
CA VAL H 451 27.70 -64.29 24.50
C VAL H 451 29.22 -64.42 24.53
N ASN H 452 29.66 -65.63 24.84
CA ASN H 452 31.07 -66.01 24.78
C ASN H 452 31.15 -67.49 24.46
N ALA H 453 32.15 -67.86 23.67
CA ALA H 453 32.48 -69.26 23.41
C ALA H 453 33.82 -69.30 22.71
N PRO H 454 34.52 -70.44 22.77
CA PRO H 454 35.93 -70.47 22.37
C PRO H 454 36.19 -70.31 20.88
N ASN H 455 35.15 -70.16 20.06
CA ASN H 455 35.35 -70.16 18.62
C ASN H 455 34.03 -69.76 17.96
N HIS H 456 34.12 -69.48 16.66
CA HIS H 456 32.92 -69.21 15.87
C HIS H 456 31.96 -70.39 15.94
N GLU H 457 32.52 -71.60 15.98
CA GLU H 457 31.68 -72.80 16.05
C GLU H 457 30.95 -72.87 17.37
N GLY H 458 31.64 -72.56 18.47
CA GLY H 458 30.99 -72.63 19.77
C GLY H 458 29.96 -71.54 19.94
N ILE H 459 30.22 -70.35 19.40
CA ILE H 459 29.25 -69.27 19.49
C ILE H 459 28.04 -69.61 18.64
N GLN H 460 28.26 -70.17 17.46
CA GLN H 460 27.14 -70.64 16.65
C GLN H 460 26.34 -71.68 17.38
N ALA H 461 27.03 -72.60 18.08
CA ALA H 461 26.33 -73.62 18.85
C ALA H 461 25.46 -72.99 19.92
N GLY H 462 26.03 -72.08 20.70
CA GLY H 462 25.30 -71.50 21.80
C GLY H 462 24.18 -70.58 21.36
N VAL H 463 24.38 -69.88 20.24
CA VAL H 463 23.34 -68.97 19.78
C VAL H 463 22.20 -69.75 19.13
N ASP H 464 22.52 -70.86 18.45
CA ASP H 464 21.44 -71.71 17.97
C ASP H 464 20.68 -72.31 19.13
N ARG H 465 21.39 -72.68 20.20
CA ARG H 465 20.74 -73.13 21.42
C ARG H 465 19.82 -72.06 21.97
N PHE H 466 20.29 -70.81 22.00
CA PHE H 466 19.47 -69.73 22.53
C PHE H 466 18.22 -69.53 21.70
N TYR H 467 18.40 -69.43 20.38
CA TYR H 467 17.27 -69.20 19.48
C TYR H 467 16.25 -70.31 19.63
N ARG H 468 16.73 -71.55 19.76
CA ARG H 468 15.83 -72.66 20.00
C ARG H 468 15.09 -72.48 21.31
N THR H 469 15.82 -72.22 22.40
CA THR H 469 15.21 -72.01 23.71
C THR H 469 14.16 -70.92 23.67
N CYS H 470 14.53 -69.81 23.05
CA CYS H 470 13.66 -68.65 22.96
C CYS H 470 12.41 -68.97 22.19
N LYS H 471 12.49 -69.91 21.26
CA LYS H 471 11.28 -70.39 20.60
C LYS H 471 10.53 -71.39 21.46
N LEU H 472 11.24 -72.15 22.29
CA LEU H 472 10.57 -73.11 23.16
C LEU H 472 9.73 -72.40 24.22
N VAL H 473 10.03 -71.12 24.49
CA VAL H 473 9.15 -70.31 25.33
C VAL H 473 8.12 -69.54 24.52
N GLY H 474 8.15 -69.63 23.20
CA GLY H 474 7.19 -68.93 22.38
C GLY H 474 7.57 -67.48 22.14
N ILE H 475 8.84 -67.25 21.83
CA ILE H 475 9.34 -65.92 21.48
C ILE H 475 10.18 -66.10 20.22
N ASN H 476 9.87 -65.33 19.19
CA ASN H 476 10.34 -65.60 17.83
C ASN H 476 11.26 -64.50 17.36
N MET H 477 12.55 -64.77 17.47
CA MET H 477 13.57 -63.87 16.95
C MET H 477 13.62 -63.95 15.44
N SER H 478 13.32 -62.82 14.79
CA SER H 478 13.33 -62.78 13.33
C SER H 478 14.73 -62.97 12.78
N LYS H 479 14.79 -63.60 11.61
CA LYS H 479 16.02 -63.84 10.90
C LYS H 479 16.23 -62.89 9.74
N LYS H 480 15.32 -61.95 9.52
CA LYS H 480 15.40 -61.02 8.41
C LYS H 480 16.08 -59.72 8.81
N LYS H 481 15.48 -59.00 9.76
CA LYS H 481 15.89 -57.65 10.09
C LYS H 481 16.70 -57.60 11.38
N SER H 482 17.46 -58.66 11.66
CA SER H 482 18.34 -58.72 12.81
C SER H 482 19.73 -59.07 12.33
N TYR H 483 20.68 -58.98 13.24
CA TYR H 483 22.07 -59.21 12.87
C TYR H 483 22.88 -59.44 14.14
N ILE H 484 24.20 -59.44 13.98
CA ILE H 484 25.10 -59.96 14.99
C ILE H 484 26.48 -59.43 14.67
N ASN H 485 27.30 -59.26 15.71
CA ASN H 485 28.58 -58.63 15.50
C ASN H 485 29.47 -58.86 16.70
N ARG H 486 30.75 -58.54 16.53
CA ARG H 486 31.66 -58.48 17.65
C ARG H 486 31.20 -57.45 18.66
N THR H 487 31.74 -57.55 19.86
CA THR H 487 31.38 -56.61 20.91
C THR H 487 31.84 -55.21 20.54
N GLY H 488 31.17 -54.22 21.14
CA GLY H 488 31.51 -52.82 20.96
C GLY H 488 30.38 -52.04 20.32
N THR H 489 29.75 -52.60 19.29
CA THR H 489 28.66 -51.95 18.59
C THR H 489 27.41 -52.83 18.66
N PHE H 490 26.34 -52.26 19.19
CA PHE H 490 25.07 -52.96 19.18
C PHE H 490 23.93 -51.98 19.41
N GLU H 491 22.89 -52.12 18.61
CA GLU H 491 21.68 -51.33 18.76
C GLU H 491 20.80 -51.88 19.87
N PHE H 492 20.03 -51.00 20.50
CA PHE H 492 18.97 -51.41 21.38
C PHE H 492 18.04 -50.25 21.68
N THR H 493 16.76 -50.40 21.33
CA THR H 493 15.74 -49.39 21.61
C THR H 493 16.12 -48.02 21.03
N SER H 494 16.92 -48.03 19.97
CA SER H 494 17.47 -46.86 19.29
C SER H 494 18.52 -46.14 20.11
N PHE H 495 18.81 -46.57 21.33
CA PHE H 495 19.95 -46.05 22.09
C PHE H 495 21.21 -46.73 21.57
N PHE H 496 21.63 -46.32 20.38
CA PHE H 496 22.76 -46.96 19.72
C PHE H 496 24.02 -46.84 20.57
N TYR H 497 24.68 -47.97 20.78
CA TYR H 497 25.89 -48.05 21.59
C TYR H 497 27.01 -48.53 20.70
N ARG H 498 27.79 -47.59 20.16
CA ARG H 498 29.13 -47.88 19.71
C ARG H 498 30.00 -48.05 20.97
N TYR H 499 31.30 -48.36 20.75
CA TYR H 499 32.24 -48.85 21.78
C TYR H 499 32.02 -48.27 23.17
N GLY H 500 31.97 -46.95 23.26
CA GLY H 500 31.61 -46.26 24.48
C GLY H 500 30.58 -45.17 24.27
N PHE H 501 30.30 -44.82 23.02
CA PHE H 501 29.37 -43.76 22.70
C PHE H 501 27.94 -44.29 22.66
N VAL H 502 27.02 -43.49 23.19
CA VAL H 502 25.70 -43.94 23.59
C VAL H 502 24.61 -43.03 22.98
N ALA H 503 24.83 -42.58 21.74
CA ALA H 503 23.85 -41.74 21.06
C ALA H 503 22.47 -42.37 21.08
N ASN H 504 21.45 -41.51 21.11
CA ASN H 504 20.06 -41.91 21.30
C ASN H 504 19.15 -41.09 20.41
N PHE H 505 18.17 -41.75 19.81
CA PHE H 505 17.16 -41.13 18.96
C PHE H 505 15.80 -41.73 19.26
N SER H 506 15.47 -41.84 20.55
CA SER H 506 14.27 -42.50 20.99
C SER H 506 13.02 -41.83 20.42
N MET H 507 12.82 -40.56 20.76
CA MET H 507 11.67 -39.81 20.28
C MET H 507 12.06 -38.50 19.59
N GLU H 508 11.35 -38.13 18.53
CA GLU H 508 11.63 -36.90 17.79
C GLU H 508 11.21 -35.65 18.56
N LEU H 509 11.84 -34.53 18.24
CA LEU H 509 11.54 -33.26 18.90
C LEU H 509 10.09 -32.90 18.57
N PRO H 510 9.31 -32.40 19.57
CA PRO H 510 7.93 -32.12 19.16
C PRO H 510 7.47 -30.64 19.12
N SER H 511 7.07 -30.14 17.95
CA SER H 511 6.46 -28.81 17.75
C SER H 511 7.26 -27.53 18.01
N PHE H 512 7.69 -27.32 19.25
CA PHE H 512 8.41 -26.09 19.66
C PHE H 512 7.61 -24.84 19.29
N GLY H 513 6.32 -24.89 19.62
CA GLY H 513 5.39 -23.82 19.34
C GLY H 513 4.55 -23.56 20.56
N VAL H 514 3.81 -22.46 20.57
CA VAL H 514 2.99 -22.07 21.70
C VAL H 514 1.86 -23.05 22.00
N SER H 515 1.45 -23.08 23.26
CA SER H 515 0.39 -23.95 23.73
C SER H 515 -1.00 -23.34 23.53
N GLY H 516 -1.07 -22.02 23.39
CA GLY H 516 -2.29 -21.37 22.98
C GLY H 516 -3.29 -21.11 24.09
N ILE H 517 -2.85 -20.50 25.19
CA ILE H 517 -3.70 -20.25 26.34
C ILE H 517 -3.69 -18.77 26.73
N ASN H 518 -2.51 -18.17 26.84
CA ASN H 518 -2.37 -16.80 27.31
C ASN H 518 -0.91 -16.42 27.26
N GLU H 519 -0.65 -15.12 27.26
CA GLU H 519 0.73 -14.65 27.21
C GLU H 519 1.48 -14.88 28.51
N SER H 520 0.80 -15.30 29.58
CA SER H 520 1.47 -15.48 30.87
C SER H 520 2.06 -16.87 31.02
N ALA H 521 1.31 -17.90 30.61
CA ALA H 521 1.69 -19.28 30.85
C ALA H 521 2.16 -20.00 29.60
N ASP H 522 1.79 -19.50 28.42
CA ASP H 522 2.21 -20.14 27.19
C ASP H 522 3.72 -20.08 27.13
N MET H 523 4.29 -18.95 27.51
CA MET H 523 5.73 -18.81 27.52
C MET H 523 6.31 -19.78 28.54
N SER H 524 5.67 -19.83 29.71
CA SER H 524 6.13 -20.71 30.77
C SER H 524 6.02 -22.15 30.32
N ILE H 525 4.90 -22.50 29.68
CA ILE H 525 4.73 -23.86 29.22
C ILE H 525 5.81 -24.22 28.22
N GLY H 526 6.09 -23.31 27.29
CA GLY H 526 7.10 -23.60 26.30
C GLY H 526 8.46 -23.80 26.94
N VAL H 527 8.84 -22.93 27.87
CA VAL H 527 10.15 -23.10 28.46
C VAL H 527 10.22 -24.40 29.26
N THR H 528 9.15 -24.75 29.98
CA THR H 528 9.17 -25.98 30.76
C THR H 528 9.29 -27.19 29.83
N VAL H 529 8.61 -27.17 28.68
CA VAL H 529 8.68 -28.26 27.74
C VAL H 529 10.10 -28.38 27.22
N ILE H 530 10.73 -27.26 26.91
CA ILE H 530 12.09 -27.30 26.43
C ILE H 530 13.02 -27.88 27.49
N LYS H 531 12.82 -27.51 28.75
CA LYS H 531 13.64 -28.01 29.83
C LYS H 531 13.48 -29.54 30.00
N ASN H 532 12.26 -30.02 29.88
CA ASN H 532 11.98 -31.45 30.04
C ASN H 532 12.67 -32.32 28.98
N ASN H 533 12.69 -31.80 27.77
CA ASN H 533 13.21 -32.51 26.60
C ASN H 533 14.70 -32.32 26.40
N MET H 534 15.33 -31.41 27.14
CA MET H 534 16.78 -31.37 27.20
C MET H 534 17.30 -32.18 28.36
N ILE H 535 16.52 -32.29 29.44
CA ILE H 535 16.97 -33.03 30.61
C ILE H 535 16.73 -34.52 30.43
N ASN H 536 15.61 -34.90 29.80
CA ASN H 536 15.31 -36.30 29.55
C ASN H 536 16.00 -36.79 28.29
N ASN H 537 15.60 -36.24 27.15
CA ASN H 537 16.07 -36.70 25.86
C ASN H 537 17.36 -35.97 25.49
N ASP H 538 17.80 -36.13 24.24
CA ASP H 538 19.08 -35.63 23.80
C ASP H 538 18.95 -34.32 23.03
N LEU H 539 18.03 -33.45 23.43
CA LEU H 539 18.02 -32.10 22.89
C LEU H 539 19.26 -31.39 23.40
N GLY H 540 20.26 -31.27 22.52
CA GLY H 540 21.44 -30.55 22.87
C GLY H 540 21.11 -29.10 23.11
N PRO H 541 21.88 -28.40 23.94
CA PRO H 541 21.62 -26.97 24.13
C PRO H 541 21.78 -26.18 22.87
N ALA H 542 22.66 -26.62 21.97
CA ALA H 542 22.90 -25.89 20.72
C ALA H 542 21.64 -25.78 19.90
N THR H 543 20.78 -26.79 19.96
CA THR H 543 19.49 -26.74 19.29
C THR H 543 18.41 -26.15 20.17
N ALA H 544 18.59 -26.20 21.49
CA ALA H 544 17.57 -25.72 22.40
C ALA H 544 17.51 -24.21 22.49
N GLN H 545 18.66 -23.54 22.42
CA GLN H 545 18.65 -22.09 22.28
C GLN H 545 17.91 -21.69 21.01
N MET H 546 18.20 -22.38 19.92
CA MET H 546 17.52 -22.13 18.66
C MET H 546 16.04 -22.45 18.77
N ALA H 547 15.68 -23.44 19.58
CA ALA H 547 14.29 -23.79 19.76
C ALA H 547 13.56 -22.67 20.50
N LEU H 548 14.17 -22.20 21.58
CA LEU H 548 13.63 -21.05 22.30
C LEU H 548 13.52 -19.83 21.39
N GLN H 549 14.48 -19.70 20.47
CA GLN H 549 14.49 -18.60 19.53
C GLN H 549 13.29 -18.66 18.60
N LEU H 550 13.05 -19.84 18.00
CA LEU H 550 11.85 -20.03 17.21
C LEU H 550 10.61 -19.84 18.04
N PHE H 551 10.67 -20.24 19.32
CA PHE H 551 9.50 -20.17 20.16
C PHE H 551 9.11 -18.73 20.42
N ILE H 552 10.11 -17.90 20.71
CA ILE H 552 9.81 -16.51 21.02
C ILE H 552 9.39 -15.78 19.76
N LYS H 553 9.98 -16.15 18.61
CA LYS H 553 9.52 -15.62 17.35
C LYS H 553 8.04 -15.91 17.15
N ASP H 554 7.65 -17.15 17.40
CA ASP H 554 6.24 -17.52 17.23
C ASP H 554 5.37 -16.82 18.26
N TYR H 555 5.89 -16.67 19.48
CA TYR H 555 5.15 -15.98 20.53
C TYR H 555 4.81 -14.58 20.11
N ARG H 556 5.80 -13.87 19.60
CA ARG H 556 5.61 -12.47 19.24
C ARG H 556 4.74 -12.35 18.00
N TYR H 557 5.00 -13.17 16.99
CA TYR H 557 4.19 -13.11 15.77
C TYR H 557 2.76 -13.49 16.03
N THR H 558 2.49 -14.28 17.08
CA THR H 558 1.12 -14.65 17.38
C THR H 558 0.43 -13.54 18.18
N TYR H 559 1.05 -13.09 19.25
CA TYR H 559 0.51 -12.00 20.05
C TYR H 559 0.99 -10.64 19.58
N ARG H 560 1.57 -10.56 18.38
CA ARG H 560 1.86 -9.29 17.70
C ARG H 560 2.93 -8.47 18.39
N CYS H 561 3.41 -8.91 19.55
CA CYS H 561 4.12 -8.06 20.49
C CYS H 561 5.61 -8.22 20.31
N HIS H 562 6.12 -7.54 19.30
CA HIS H 562 7.54 -7.54 19.04
C HIS H 562 8.22 -6.65 20.08
N ARG H 563 9.49 -6.38 19.90
CA ARG H 563 10.20 -5.52 20.83
C ARG H 563 9.63 -4.12 20.76
N GLY H 564 9.72 -3.39 21.87
CA GLY H 564 9.48 -1.97 21.82
C GLY H 564 10.42 -1.35 20.80
N ASP H 565 11.71 -1.37 21.10
CA ASP H 565 12.69 -0.74 20.23
C ASP H 565 12.85 -1.50 18.93
N THR H 566 11.86 -1.36 18.04
CA THR H 566 11.84 -2.03 16.75
C THR H 566 11.37 -1.09 15.65
N GLN H 567 11.08 -1.65 14.48
CA GLN H 567 10.48 -0.92 13.38
C GLN H 567 9.29 -1.65 12.75
N ILE H 568 8.88 -2.79 13.30
CA ILE H 568 7.77 -3.55 12.74
C ILE H 568 6.46 -2.99 13.26
N GLN H 569 5.46 -3.03 12.40
CA GLN H 569 4.15 -2.46 12.66
C GLN H 569 3.14 -3.56 12.93
N THR H 570 2.13 -3.20 13.67
CA THR H 570 0.96 -4.04 13.94
C THR H 570 -0.08 -3.18 14.65
N ARG H 571 -1.15 -3.83 15.10
CA ARG H 571 -2.14 -3.16 15.93
C ARG H 571 -1.50 -2.60 17.20
N ARG H 572 -0.79 -3.44 17.93
CA ARG H 572 -0.45 -3.15 19.31
C ARG H 572 0.66 -2.12 19.43
N SER H 573 1.58 -2.07 18.47
CA SER H 573 2.89 -1.46 18.63
C SER H 573 2.89 -0.03 19.14
N PHE H 574 1.74 0.65 19.02
CA PHE H 574 1.55 1.95 19.67
C PHE H 574 1.91 1.88 21.14
N GLU H 575 1.23 1.04 21.89
CA GLU H 575 1.39 1.05 23.33
C GLU H 575 2.75 0.53 23.73
N LEU H 576 3.34 -0.34 22.93
CA LEU H 576 4.67 -0.83 23.23
C LEU H 576 5.70 0.28 23.06
N LYS H 577 5.62 1.01 21.95
CA LYS H 577 6.51 2.15 21.77
C LYS H 577 6.21 3.27 22.74
N LYS H 578 5.04 3.24 23.37
CA LYS H 578 4.69 4.20 24.41
C LYS H 578 5.31 3.80 25.74
N LEU H 579 5.00 2.60 26.21
CA LEU H 579 5.54 2.12 27.47
C LEU H 579 7.05 2.03 27.43
N TRP H 580 7.61 1.71 26.26
CA TRP H 580 9.05 1.46 26.16
C TRP H 580 9.85 2.70 26.52
N GLU H 581 9.32 3.88 26.21
CA GLU H 581 9.92 5.12 26.69
C GLU H 581 9.41 5.50 28.07
N GLN H 582 8.18 5.08 28.41
CA GLN H 582 7.60 5.35 29.71
C GLN H 582 8.41 4.78 30.86
N THR H 583 9.22 3.75 30.61
CA THR H 583 9.87 3.00 31.67
C THR H 583 10.97 3.82 32.34
N ARG H 584 11.59 3.19 33.33
CA ARG H 584 12.86 3.63 33.91
C ARG H 584 13.97 2.63 33.66
N SER H 585 13.69 1.34 33.88
CA SER H 585 14.60 0.25 33.51
C SER H 585 14.05 -0.39 32.25
N LYS H 586 14.83 -0.36 31.17
CA LYS H 586 14.29 -0.69 29.86
C LYS H 586 14.34 -2.19 29.59
N ALA H 587 15.49 -2.83 29.77
CA ALA H 587 15.57 -4.26 29.48
C ALA H 587 14.83 -5.10 30.50
N GLY H 588 14.55 -4.55 31.67
CA GLY H 588 13.82 -5.28 32.69
C GLY H 588 12.33 -5.22 32.45
N LEU H 589 11.86 -5.83 31.37
CA LEU H 589 10.45 -5.86 31.03
C LEU H 589 10.05 -7.24 30.56
N LEU H 590 8.83 -7.65 30.90
CA LEU H 590 8.30 -8.91 30.41
C LEU H 590 8.11 -8.84 28.90
N VAL H 591 8.26 -9.99 28.23
CA VAL H 591 8.42 -9.97 26.79
C VAL H 591 7.11 -9.65 26.09
N SER H 592 6.00 -10.17 26.59
CA SER H 592 4.71 -9.95 25.96
C SER H 592 4.33 -8.48 25.89
N ASP H 593 4.96 -7.63 26.68
CA ASP H 593 4.86 -6.17 26.52
C ASP H 593 6.27 -5.64 26.28
N GLY H 594 6.71 -5.73 25.03
CA GLY H 594 7.89 -5.05 24.55
C GLY H 594 9.20 -5.55 25.10
N GLY H 595 9.18 -6.54 25.98
CA GLY H 595 10.35 -6.86 26.75
C GLY H 595 11.31 -7.79 26.04
N PRO H 596 12.55 -7.85 26.49
CA PRO H 596 13.51 -8.77 25.93
C PRO H 596 13.51 -10.08 26.69
N ASN H 597 14.01 -11.12 26.03
CA ASN H 597 13.95 -12.48 26.56
C ASN H 597 15.33 -12.84 27.11
N LEU H 598 15.48 -12.74 28.43
CA LEU H 598 16.75 -13.03 29.07
C LEU H 598 16.96 -14.52 29.31
N TYR H 599 16.02 -15.37 28.90
CA TYR H 599 16.20 -16.79 29.06
C TYR H 599 17.42 -17.28 28.27
N ASN H 600 17.97 -18.38 28.73
CA ASN H 600 18.93 -19.18 27.98
C ASN H 600 19.07 -20.46 28.77
N ILE H 601 19.98 -21.36 28.35
CA ILE H 601 19.99 -22.71 28.86
C ILE H 601 20.36 -22.79 30.34
N ARG H 602 20.81 -21.69 30.94
CA ARG H 602 21.16 -21.70 32.35
C ARG H 602 19.93 -21.65 33.25
N ASN H 603 18.91 -20.91 32.84
CA ASN H 603 17.88 -20.38 33.75
C ASN H 603 16.49 -20.63 33.20
N LEU H 604 16.23 -21.86 32.81
CA LEU H 604 14.99 -22.19 32.14
C LEU H 604 13.89 -22.64 33.09
N HIS H 605 14.25 -23.32 34.18
CA HIS H 605 13.24 -23.83 35.09
C HIS H 605 12.52 -22.70 35.80
N ILE H 606 13.21 -21.61 36.07
CA ILE H 606 12.64 -20.47 36.78
C ILE H 606 11.56 -19.84 35.90
N PRO H 607 10.61 -19.11 36.46
CA PRO H 607 9.73 -18.32 35.60
C PRO H 607 10.44 -17.05 35.14
N GLU H 608 9.70 -16.19 34.47
CA GLU H 608 10.27 -15.03 33.80
C GLU H 608 10.35 -13.82 34.72
N VAL H 609 9.28 -13.57 35.46
CA VAL H 609 9.23 -12.34 36.23
C VAL H 609 10.11 -12.45 37.47
N CYS H 610 10.44 -13.66 37.90
CA CYS H 610 11.46 -13.79 38.93
C CYS H 610 12.80 -13.30 38.40
N LEU H 611 13.09 -13.59 37.13
CA LEU H 611 14.34 -13.13 36.55
C LEU H 611 14.33 -11.64 36.28
N LYS H 612 13.15 -11.01 36.20
CA LYS H 612 13.05 -9.60 35.90
C LYS H 612 12.75 -8.72 37.11
N TRP H 613 12.26 -9.29 38.21
CA TRP H 613 11.54 -8.56 39.25
C TRP H 613 12.31 -7.35 39.77
N GLU H 614 13.44 -7.61 40.40
CA GLU H 614 14.21 -6.52 40.99
C GLU H 614 15.00 -5.74 39.94
N LEU H 615 14.94 -6.15 38.67
CA LEU H 615 15.36 -5.30 37.56
C LEU H 615 14.24 -4.39 37.07
N MET H 616 13.11 -4.33 37.78
CA MET H 616 11.98 -3.49 37.42
C MET H 616 11.75 -2.44 38.50
N ASP H 617 11.17 -1.32 38.09
CA ASP H 617 10.88 -0.20 38.97
C ASP H 617 9.47 -0.32 39.53
N GLU H 618 9.24 0.35 40.66
CA GLU H 618 8.06 0.07 41.48
C GLU H 618 6.77 0.42 40.76
N ASP H 619 6.80 1.35 39.81
CA ASP H 619 5.60 1.66 39.05
C ASP H 619 5.11 0.43 38.28
N TYR H 620 6.00 -0.17 37.50
CA TYR H 620 5.65 -1.34 36.72
C TYR H 620 5.31 -2.51 37.63
N GLN H 621 6.14 -2.74 38.63
CA GLN H 621 5.92 -3.88 39.53
C GLN H 621 4.62 -3.74 40.30
N GLY H 622 4.25 -2.51 40.65
CA GLY H 622 3.03 -2.26 41.38
C GLY H 622 1.84 -2.45 40.48
N ARG H 623 1.97 -2.02 39.21
CA ARG H 623 0.92 -2.28 38.24
C ARG H 623 0.75 -3.76 37.97
N LEU H 624 1.81 -4.55 38.15
CA LEU H 624 1.75 -5.95 37.79
C LEU H 624 1.03 -6.77 38.85
N CYS H 625 1.61 -6.83 40.05
CA CYS H 625 1.06 -7.63 41.14
C CYS H 625 0.09 -6.76 41.93
N ASN H 626 -1.19 -6.92 41.66
CA ASN H 626 -2.22 -6.08 42.25
C ASN H 626 -3.57 -6.80 42.17
N PRO H 627 -4.30 -6.99 43.26
CA PRO H 627 -5.58 -7.71 43.16
C PRO H 627 -6.64 -6.95 42.38
N LEU H 628 -6.44 -5.65 42.14
CA LEU H 628 -7.42 -4.86 41.41
C LEU H 628 -7.57 -5.32 39.97
N ASN H 629 -6.57 -6.04 39.45
CA ASN H 629 -6.66 -6.54 38.10
C ASN H 629 -7.82 -7.54 37.99
N PRO H 630 -8.63 -7.48 36.92
CA PRO H 630 -9.52 -8.61 36.63
C PRO H 630 -8.77 -9.84 36.17
N PHE H 631 -7.50 -9.68 35.79
CA PHE H 631 -6.73 -10.76 35.23
C PHE H 631 -6.44 -11.84 36.26
N VAL H 632 -6.36 -11.45 37.52
CA VAL H 632 -6.35 -12.39 38.64
C VAL H 632 -7.18 -11.79 39.77
N THR H 662 0.65 -11.64 37.71
CA THR H 662 -0.22 -12.53 36.96
C THR H 662 -1.23 -11.77 36.11
N THR H 663 -1.02 -10.46 35.94
CA THR H 663 -2.00 -9.63 35.22
C THR H 663 -2.05 -9.99 33.74
N HIS H 664 -0.97 -10.56 33.21
CA HIS H 664 -0.98 -10.99 31.81
C HIS H 664 -1.89 -12.19 31.58
N SER H 665 -2.27 -12.89 32.66
CA SER H 665 -3.06 -14.09 32.52
C SER H 665 -4.53 -13.74 32.30
N TRP H 666 -5.26 -14.63 31.62
CA TRP H 666 -6.68 -14.40 31.41
C TRP H 666 -7.30 -15.63 30.76
N ILE H 667 -8.62 -15.56 30.59
CA ILE H 667 -9.40 -16.58 29.91
C ILE H 667 -9.85 -16.00 28.56
N PRO H 668 -9.62 -16.70 27.44
CA PRO H 668 -10.19 -16.21 26.17
C PRO H 668 -11.63 -16.62 26.02
N LYS H 669 -12.35 -15.84 25.22
CA LYS H 669 -13.74 -16.16 24.91
C LYS H 669 -13.80 -17.42 24.08
N ARG H 670 -14.67 -18.35 24.49
CA ARG H 670 -14.86 -19.58 23.74
C ARG H 670 -15.36 -19.29 22.33
N ASN H 671 -15.15 -20.24 21.44
CA ASN H 671 -15.57 -20.13 20.05
C ASN H 671 -16.14 -21.44 19.55
N LYS I 54 -10.15 -9.79 16.52
CA LYS I 54 -9.76 -9.00 17.68
C LYS I 54 -10.50 -9.49 18.90
N TYR I 55 -10.23 -8.84 20.03
CA TYR I 55 -10.81 -9.21 21.32
C TYR I 55 -10.60 -10.68 21.66
N PRO I 56 -9.35 -11.12 21.84
CA PRO I 56 -9.13 -12.49 22.35
C PRO I 56 -9.48 -12.64 23.81
N ILE I 57 -9.27 -11.60 24.61
CA ILE I 57 -9.30 -11.73 26.05
C ILE I 57 -10.71 -11.48 26.58
N THR I 58 -11.06 -12.21 27.63
CA THR I 58 -12.32 -12.04 28.35
C THR I 58 -12.00 -11.55 29.76
N ALA I 59 -12.88 -10.71 30.30
CA ALA I 59 -12.72 -10.23 31.67
C ALA I 59 -14.01 -9.55 32.10
N ASP I 60 -14.05 -9.20 33.38
CA ASP I 60 -15.31 -8.82 34.02
C ASP I 60 -15.73 -7.40 33.62
N LYS I 61 -16.84 -6.95 34.22
CA LYS I 61 -17.31 -5.59 34.03
C LYS I 61 -16.59 -4.59 34.92
N ARG I 62 -15.89 -5.06 35.96
CA ARG I 62 -15.24 -4.15 36.90
C ARG I 62 -14.18 -3.30 36.22
N ILE I 63 -13.55 -3.84 35.17
CA ILE I 63 -12.51 -3.11 34.47
C ILE I 63 -13.07 -1.87 33.78
N THR I 64 -14.36 -1.89 33.46
CA THR I 64 -14.96 -0.82 32.68
C THR I 64 -14.82 0.54 33.37
N GLU I 65 -14.82 0.55 34.71
CA GLU I 65 -14.71 1.81 35.42
C GLU I 65 -13.29 2.36 35.35
N MET I 66 -12.30 1.49 35.45
CA MET I 66 -10.93 1.94 35.66
C MET I 66 -10.34 2.57 34.42
N VAL I 67 -10.70 2.07 33.25
CA VAL I 67 -10.01 2.38 32.00
C VAL I 67 -11.02 2.73 30.92
N PRO I 68 -10.65 3.51 29.91
CA PRO I 68 -11.64 3.99 28.95
C PRO I 68 -11.98 2.94 27.91
N GLU I 69 -12.93 3.29 27.06
CA GLU I 69 -13.30 2.42 25.95
C GLU I 69 -12.35 2.55 24.79
N ARG I 70 -11.63 3.67 24.71
CA ARG I 70 -10.69 3.91 23.64
C ARG I 70 -9.47 4.63 24.19
N ASN I 71 -8.36 4.47 23.49
CA ASN I 71 -7.10 5.08 23.88
C ASN I 71 -6.92 6.38 23.10
N GLU I 72 -5.73 6.97 23.19
CA GLU I 72 -5.47 8.25 22.54
C GLU I 72 -5.62 8.15 21.03
N GLN I 73 -5.16 7.05 20.45
CA GLN I 73 -5.35 6.84 19.02
C GLN I 73 -6.80 6.51 18.69
N GLY I 74 -7.55 6.04 19.69
CA GLY I 74 -8.96 5.73 19.51
C GLY I 74 -9.26 4.27 19.38
N GLN I 75 -8.27 3.43 19.11
CA GLN I 75 -8.51 2.00 18.98
C GLN I 75 -8.93 1.43 20.32
N THR I 76 -9.90 0.52 20.27
CA THR I 76 -10.73 0.18 21.42
C THR I 76 -10.08 -0.86 22.32
N LEU I 77 -10.35 -0.74 23.62
CA LEU I 77 -9.83 -1.69 24.59
C LEU I 77 -10.90 -2.70 24.99
N TRP I 78 -12.16 -2.29 25.04
CA TRP I 78 -13.22 -3.19 25.45
C TRP I 78 -14.54 -2.78 24.80
N SER I 79 -15.36 -3.77 24.49
CA SER I 79 -16.65 -3.55 23.86
C SER I 79 -17.63 -4.63 24.27
N LYS I 80 -18.91 -4.27 24.31
CA LYS I 80 -19.97 -5.21 24.61
C LYS I 80 -20.51 -5.82 23.32
N MET I 81 -21.39 -6.80 23.48
CA MET I 81 -21.94 -7.56 22.36
C MET I 81 -22.67 -6.65 21.37
N ARG I 88 -20.00 -9.21 31.76
CA ARG I 88 -18.62 -9.00 31.33
C ARG I 88 -18.55 -8.26 30.01
N VAL I 89 -17.33 -7.86 29.65
CA VAL I 89 -17.06 -7.18 28.38
C VAL I 89 -15.79 -7.79 27.79
N MET I 90 -15.78 -7.94 26.46
CA MET I 90 -14.55 -8.34 25.79
C MET I 90 -13.53 -7.23 25.91
N VAL I 91 -12.29 -7.61 26.18
CA VAL I 91 -11.20 -6.67 26.37
C VAL I 91 -10.12 -7.00 25.34
N SER I 92 -9.36 -5.99 24.96
CA SER I 92 -8.38 -6.11 23.90
C SER I 92 -7.00 -6.21 24.52
N PRO I 93 -6.03 -6.78 23.80
CA PRO I 93 -4.69 -6.87 24.38
C PRO I 93 -4.07 -5.51 24.58
N LEU I 94 -4.46 -4.54 23.76
CA LEU I 94 -4.05 -3.15 23.97
C LEU I 94 -4.44 -2.70 25.37
N ALA I 95 -5.56 -3.20 25.89
CA ALA I 95 -6.01 -2.81 27.22
C ALA I 95 -4.96 -3.13 28.26
N VAL I 96 -4.26 -4.24 28.09
CA VAL I 96 -3.19 -4.62 29.01
C VAL I 96 -2.08 -3.59 28.98
N THR I 97 -1.58 -3.30 27.79
CA THR I 97 -0.45 -2.39 27.66
C THR I 97 -0.83 -0.96 27.99
N TRP I 98 -2.14 -0.69 28.16
CA TRP I 98 -2.57 0.59 28.68
C TRP I 98 -2.48 0.59 30.21
N TRP I 99 -2.78 -0.55 30.84
CA TRP I 99 -2.57 -0.66 32.28
C TRP I 99 -1.12 -0.40 32.62
N ASN I 100 -0.21 -1.05 31.91
CA ASN I 100 1.18 -1.07 32.34
C ASN I 100 1.87 0.27 32.07
N ARG I 101 1.27 1.13 31.25
CA ARG I 101 1.79 2.49 31.11
C ARG I 101 1.32 3.38 32.25
N ASN I 102 0.04 3.29 32.58
CA ASN I 102 -0.55 4.10 33.64
C ASN I 102 -1.50 3.24 34.45
N GLY I 103 -1.25 3.19 35.76
CA GLY I 103 -2.02 2.41 36.68
C GLY I 103 -1.55 2.70 38.09
N PRO I 104 -2.25 2.17 39.09
CA PRO I 104 -1.87 2.45 40.48
C PRO I 104 -0.53 1.82 40.82
N MET I 105 0.36 2.65 41.36
CA MET I 105 1.69 2.23 41.78
C MET I 105 1.69 2.05 43.29
N THR I 106 2.08 0.87 43.75
CA THR I 106 2.03 0.51 45.17
C THR I 106 3.22 -0.37 45.49
N SER I 107 3.93 0.00 46.55
CA SER I 107 5.21 -0.61 46.92
C SER I 107 5.04 -1.85 47.80
N THR I 108 3.89 -2.53 47.73
CA THR I 108 3.68 -3.70 48.55
C THR I 108 4.49 -4.89 48.04
N VAL I 109 4.94 -5.71 48.98
CA VAL I 109 5.75 -6.89 48.72
C VAL I 109 5.03 -8.14 49.24
N HIS I 110 3.71 -8.17 49.13
CA HIS I 110 2.97 -9.36 49.53
C HIS I 110 3.07 -10.45 48.47
N TYR I 111 3.12 -10.09 47.20
CA TYR I 111 3.09 -11.08 46.13
C TYR I 111 4.33 -11.97 46.11
N PRO I 112 5.50 -11.50 46.60
CA PRO I 112 6.60 -12.42 46.88
C PRO I 112 6.43 -13.27 48.14
N LYS I 113 5.20 -13.34 48.67
CA LYS I 113 4.82 -14.37 49.64
C LYS I 113 5.40 -15.74 49.29
N VAL I 114 5.16 -16.17 48.05
CA VAL I 114 5.69 -17.43 47.54
C VAL I 114 6.59 -17.24 46.33
N TYR I 115 6.48 -16.11 45.62
CA TYR I 115 7.36 -15.87 44.48
C TYR I 115 8.79 -15.54 44.90
N LYS I 116 9.01 -15.17 46.16
CA LYS I 116 10.38 -14.99 46.64
C LYS I 116 11.14 -16.31 46.73
N THR I 117 10.46 -17.45 46.60
CA THR I 117 11.15 -18.74 46.60
C THR I 117 12.08 -18.84 45.40
N TYR I 118 11.61 -18.42 44.22
CA TYR I 118 12.40 -18.56 43.02
C TYR I 118 13.66 -17.71 43.07
N PHE I 119 13.62 -16.60 43.81
CA PHE I 119 14.81 -15.77 43.96
C PHE I 119 15.91 -16.54 44.70
N GLU I 120 15.52 -17.36 45.68
CA GLU I 120 16.50 -18.16 46.40
C GLU I 120 17.20 -19.12 45.46
N LYS I 121 16.45 -19.70 44.52
CA LYS I 121 17.05 -20.62 43.55
C LYS I 121 18.01 -19.89 42.61
N VAL I 122 17.77 -18.61 42.36
CA VAL I 122 18.65 -17.84 41.49
C VAL I 122 19.90 -17.40 42.25
N GLU I 123 19.79 -17.18 43.56
CA GLU I 123 20.98 -16.86 44.36
C GLU I 123 21.97 -18.02 44.35
N ARG I 124 21.47 -19.25 44.24
CA ARG I 124 22.36 -20.40 44.10
C ARG I 124 23.13 -20.33 42.79
N LEU I 125 22.51 -19.83 41.73
CA LEU I 125 23.19 -19.72 40.44
C LEU I 125 24.24 -18.61 40.48
N LYS I 126 23.80 -17.38 40.69
CA LYS I 126 24.69 -16.23 40.67
C LYS I 126 25.48 -16.11 41.97
#